data_5UX7
#
_entry.id   5UX7
#
_cell.length_a   192.993
_cell.length_b   204.322
_cell.length_c   206.674
_cell.angle_alpha   90.00
_cell.angle_beta   90.00
_cell.angle_gamma   90.00
#
_symmetry.space_group_name_H-M   'I 2 2 2'
#
loop_
_entity.id
_entity.type
_entity.pdbx_description
1 polymer 'Glycogen [starch] synthase isoform 2'
2 non-polymer "URIDINE-5'-DIPHOSPHATE"
3 non-polymer 6-O-phosphono-alpha-D-glucopyranose
4 non-polymer "URIDINE-5'-DIPHOSPHATE-XYLOPYRANOSE"
5 water water
#
_entity_poly.entity_id   1
_entity_poly.type   'polypeptide(L)'
_entity_poly.pdbx_seq_one_letter_code
;MGSSHHHHHHSSGLVPRGSHMSRDLQNHLLFETATEVANRVGGIYSVLKSKAPITVAQYKDHYHLIGPLNKATYQNEVDI
LDWKKPEAFSDEMRPVQHALQTMESRGVHFVYGRWLIEGAPKVILFDLDSVRGYSNEWKGDLWSLVGIPSPENDFETNDA
ILLGYTVAWFLGEVAHLDSQHAIVAHFHEWLAGVALPLCRKRRIDVVTIFTTHATLLGRYLCASGSFDFYNCLESVDVDH
EAGRFGIYHRYCIERAAAHSADVFTTVSQITAFEAEHLLKRKPDGILPNGLNVIKFQAFHEFQNLHALKKEKINDFVRGH
FHGCFDFDLDNTLYFFIAGRYEYKNKGADMFIEALARLNYRLKVSGSKKTVVAFIVMPAKNNSFTVEALKGQAEVRALEN
TVHEVTTSIGKRIFDHAIRYPHNGLTTELPTDLGELLKSSDKVMLKRRILALRRPEGQLPPIVTHNMVDDANDLILNKIR
QVQLFNSPSDRVKMIFHPEFLNANNPILGLDYDEFVRGCHLGVFPSYYEPWGYTPAECTVMGVPSITTNVSGFGSYMEDL
IETNQAKDYGIYIVDRRFKAPDESVEQLVDYMEEFVKKTRRQRINQRNRTERLSDLLDWKRMGLEYVKARQLALRRGYPD
QFRELVGEELNDSNMDALAGGKKLKVARPLSVPGSPRDLRSNSTVYMTPGDLGTLQEVNNADDYFSLGVNPAADDDDDGP
;
_entity_poly.pdbx_strand_id   A,B,C,D
#
loop_
_chem_comp.id
_chem_comp.type
_chem_comp.name
_chem_comp.formula
G6P D-saccharide, alpha linking 6-O-phosphono-alpha-D-glucopyranose 'C6 H13 O9 P'
UDP RNA linking URIDINE-5'-DIPHOSPHATE 'C9 H14 N2 O12 P2'
UDX non-polymer URIDINE-5'-DIPHOSPHATE-XYLOPYRANOSE 'C14 H22 N2 O16 P2'
#
# COMPACT_ATOMS: atom_id res chain seq x y z
N SER A 22 31.54 -63.06 -20.66
CA SER A 22 30.35 -62.84 -21.55
C SER A 22 29.65 -61.51 -21.28
N ARG A 23 29.36 -61.25 -20.01
CA ARG A 23 28.64 -60.04 -19.58
C ARG A 23 29.49 -58.77 -19.67
N ASP A 24 28.88 -57.70 -20.18
CA ASP A 24 29.56 -56.43 -20.40
C ASP A 24 29.50 -55.60 -19.13
N LEU A 25 30.68 -55.17 -18.65
CA LEU A 25 30.80 -54.42 -17.40
C LEU A 25 30.53 -52.91 -17.52
N GLN A 26 30.92 -52.30 -18.65
CA GLN A 26 30.67 -50.87 -18.89
C GLN A 26 29.19 -50.55 -19.13
N ASN A 27 28.59 -51.16 -20.15
CA ASN A 27 27.15 -51.08 -20.36
C ASN A 27 26.50 -52.09 -19.42
N HIS A 28 26.13 -51.63 -18.22
CA HIS A 28 25.54 -52.49 -17.19
C HIS A 28 24.24 -51.91 -16.65
N LEU A 29 23.50 -52.75 -15.95
CA LEU A 29 22.21 -52.41 -15.37
C LEU A 29 22.36 -52.07 -13.89
N LEU A 30 21.52 -51.14 -13.42
CA LEU A 30 21.45 -50.78 -12.01
C LEU A 30 20.02 -50.97 -11.53
N PHE A 31 19.86 -51.73 -10.44
CA PHE A 31 18.58 -51.88 -9.76
C PHE A 31 18.78 -51.48 -8.30
N GLU A 32 18.10 -50.42 -7.86
CA GLU A 32 18.31 -49.87 -6.53
C GLU A 32 17.06 -50.11 -5.70
N THR A 33 17.21 -50.86 -4.61
CA THR A 33 16.07 -51.33 -3.83
C THR A 33 16.03 -50.66 -2.45
N ALA A 34 14.83 -50.19 -2.06
CA ALA A 34 14.59 -49.67 -0.70
C ALA A 34 13.11 -49.72 -0.31
N THR A 35 12.85 -49.74 1.00
CA THR A 35 11.50 -49.56 1.54
C THR A 35 10.85 -48.26 1.07
N GLU A 36 11.65 -47.20 0.97
CA GLU A 36 11.14 -45.83 0.93
C GLU A 36 11.13 -45.23 -0.47
N VAL A 37 10.78 -46.03 -1.48
CA VAL A 37 10.79 -45.60 -2.87
C VAL A 37 9.63 -44.63 -3.15
N ALA A 38 8.41 -45.15 -3.20
CA ALA A 38 7.24 -44.33 -3.55
C ALA A 38 6.56 -43.68 -2.33
N ASN A 39 7.29 -43.54 -1.22
CA ASN A 39 6.68 -43.12 0.04
C ASN A 39 7.71 -42.66 1.07
N ARG A 40 7.47 -41.50 1.67
CA ARG A 40 8.31 -40.99 2.74
C ARG A 40 8.00 -41.74 4.04
N VAL A 41 8.96 -42.53 4.51
CA VAL A 41 8.96 -43.05 5.87
C VAL A 41 10.02 -42.29 6.66
N GLY A 42 11.23 -42.24 6.13
CA GLY A 42 12.35 -41.50 6.72
C GLY A 42 13.21 -40.83 5.67
N GLY A 43 14.43 -40.53 6.05
CA GLY A 43 15.39 -39.80 5.22
C GLY A 43 15.93 -40.53 3.99
N ILE A 44 15.95 -41.86 4.00
CA ILE A 44 16.37 -42.64 2.81
C ILE A 44 15.58 -42.20 1.55
N TYR A 45 14.31 -41.82 1.74
CA TYR A 45 13.48 -41.22 0.68
C TYR A 45 14.16 -40.03 0.03
N SER A 46 14.56 -39.05 0.85
CA SER A 46 15.18 -37.83 0.34
C SER A 46 16.56 -38.11 -0.27
N VAL A 47 17.25 -39.14 0.24
CA VAL A 47 18.49 -39.63 -0.37
C VAL A 47 18.18 -40.16 -1.77
N LEU A 48 17.28 -41.14 -1.88
CA LEU A 48 16.96 -41.70 -3.21
C LEU A 48 16.40 -40.67 -4.19
N LYS A 49 15.62 -39.71 -3.67
CA LYS A 49 15.02 -38.63 -4.46
C LYS A 49 16.06 -37.62 -4.94
N SER A 50 16.79 -37.01 -4.01
CA SER A 50 17.77 -35.98 -4.39
C SER A 50 18.89 -36.52 -5.28
N LYS A 51 19.22 -37.80 -5.09
CA LYS A 51 20.21 -38.53 -5.89
C LYS A 51 19.74 -38.95 -7.30
N ALA A 52 18.45 -38.88 -7.57
CA ALA A 52 17.92 -39.36 -8.85
C ALA A 52 18.47 -38.67 -10.11
N PRO A 53 18.59 -37.33 -10.12
CA PRO A 53 19.11 -36.68 -11.33
C PRO A 53 20.52 -37.14 -11.78
N ILE A 54 21.49 -37.17 -10.85
CA ILE A 54 22.85 -37.66 -11.17
C ILE A 54 22.87 -39.16 -11.55
N THR A 55 21.96 -39.95 -10.98
CA THR A 55 21.81 -41.36 -11.32
C THR A 55 21.21 -41.58 -12.72
N VAL A 56 20.10 -40.90 -13.01
CA VAL A 56 19.44 -40.96 -14.33
C VAL A 56 20.36 -40.41 -15.42
N ALA A 57 21.01 -39.29 -15.13
CA ALA A 57 22.02 -38.73 -16.03
C ALA A 57 23.06 -39.78 -16.49
N GLN A 58 23.52 -40.61 -15.57
CA GLN A 58 24.55 -41.61 -15.87
C GLN A 58 24.00 -42.87 -16.57
N TYR A 59 22.82 -43.34 -16.13
CA TYR A 59 22.26 -44.63 -16.56
C TYR A 59 21.13 -44.57 -17.60
N LYS A 60 20.38 -43.46 -17.65
CA LYS A 60 19.24 -43.30 -18.57
C LYS A 60 18.15 -44.38 -18.37
N ASP A 61 17.91 -45.26 -19.34
CA ASP A 61 16.85 -46.29 -19.24
C ASP A 61 17.36 -47.60 -18.60
N HIS A 62 18.62 -47.61 -18.15
CA HIS A 62 19.25 -48.78 -17.53
C HIS A 62 19.02 -48.81 -15.99
N TYR A 63 18.61 -47.67 -15.43
CA TYR A 63 18.32 -47.53 -14.01
C TYR A 63 16.84 -47.83 -13.70
N HIS A 64 16.63 -48.51 -12.57
CA HIS A 64 15.30 -48.77 -12.02
C HIS A 64 15.37 -48.76 -10.51
N LEU A 65 14.48 -47.99 -9.88
CA LEU A 65 14.24 -48.16 -8.45
C LEU A 65 13.23 -49.28 -8.24
N ILE A 66 13.37 -49.98 -7.12
CA ILE A 66 12.49 -51.11 -6.75
C ILE A 66 12.08 -50.91 -5.29
N GLY A 67 10.79 -51.08 -4.99
CA GLY A 67 10.30 -50.97 -3.61
C GLY A 67 9.00 -51.71 -3.37
N PRO A 68 8.46 -51.62 -2.15
CA PRO A 68 7.12 -52.10 -1.89
C PRO A 68 6.09 -51.09 -2.39
N LEU A 69 4.96 -51.58 -2.92
CA LEU A 69 3.86 -50.71 -3.36
C LEU A 69 3.02 -50.25 -2.17
N ASN A 70 2.93 -48.93 -1.99
CA ASN A 70 2.07 -48.34 -0.97
C ASN A 70 0.73 -47.96 -1.63
N LYS A 71 -0.23 -48.88 -1.50
CA LYS A 71 -1.59 -48.73 -2.09
C LYS A 71 -2.20 -47.35 -1.84
N ALA A 72 -2.07 -46.86 -0.60
CA ALA A 72 -2.64 -45.59 -0.18
C ALA A 72 -2.04 -44.37 -0.89
N THR A 73 -0.71 -44.26 -0.87
CA THR A 73 -0.03 -43.01 -1.27
C THR A 73 0.80 -43.07 -2.57
N TYR A 74 0.77 -44.19 -3.29
CA TYR A 74 1.45 -44.27 -4.59
C TYR A 74 0.67 -43.53 -5.71
N GLN A 75 -0.57 -43.14 -5.42
CA GLN A 75 -1.43 -42.40 -6.36
C GLN A 75 -0.84 -41.06 -6.84
N ASN A 76 -0.43 -40.22 -5.89
CA ASN A 76 -0.02 -38.84 -6.19
C ASN A 76 1.46 -38.59 -6.52
N GLU A 77 2.32 -39.62 -6.39
CA GLU A 77 3.76 -39.51 -6.73
C GLU A 77 4.22 -40.30 -7.97
N VAL A 78 3.41 -41.24 -8.46
CA VAL A 78 3.83 -42.15 -9.54
C VAL A 78 3.01 -41.92 -10.81
N ASP A 79 3.71 -41.59 -11.89
CA ASP A 79 3.12 -41.47 -13.22
C ASP A 79 2.97 -42.90 -13.76
N ILE A 80 1.80 -43.50 -13.56
CA ILE A 80 1.59 -44.94 -13.81
C ILE A 80 1.60 -45.23 -15.32
N LEU A 81 2.72 -45.80 -15.80
CA LEU A 81 2.93 -46.11 -17.23
C LEU A 81 2.51 -47.54 -17.56
N ASP A 82 2.14 -47.79 -18.81
CA ASP A 82 1.75 -49.13 -19.29
C ASP A 82 2.99 -49.90 -19.77
N TRP A 83 3.40 -50.88 -18.97
CA TRP A 83 4.59 -51.70 -19.28
C TRP A 83 4.40 -52.73 -20.40
N LYS A 84 3.15 -53.04 -20.74
CA LYS A 84 2.85 -54.04 -21.76
C LYS A 84 3.22 -53.59 -23.19
N LYS A 85 3.08 -52.29 -23.49
CA LYS A 85 3.41 -51.75 -24.82
C LYS A 85 4.89 -51.96 -25.16
N PRO A 86 5.22 -52.28 -26.43
CA PRO A 86 6.62 -52.49 -26.83
C PRO A 86 7.46 -51.21 -26.92
N GLU A 87 6.83 -50.03 -26.86
CA GLU A 87 7.52 -48.75 -26.81
C GLU A 87 8.14 -48.48 -25.42
N ALA A 88 7.66 -49.18 -24.39
CA ALA A 88 8.15 -49.01 -23.02
C ALA A 88 9.63 -49.37 -22.82
N PHE A 89 10.12 -50.35 -23.59
CA PHE A 89 11.52 -50.79 -23.51
C PHE A 89 12.20 -50.78 -24.87
N SER A 90 13.51 -50.51 -24.85
CA SER A 90 14.34 -50.63 -26.04
C SER A 90 14.62 -52.10 -26.35
N ASP A 91 15.28 -52.33 -27.48
CA ASP A 91 15.62 -53.69 -27.91
C ASP A 91 16.68 -54.33 -26.99
N GLU A 92 17.68 -53.56 -26.56
CA GLU A 92 18.68 -54.05 -25.58
C GLU A 92 18.11 -54.21 -24.16
N MET A 93 17.16 -53.36 -23.79
CA MET A 93 16.45 -53.47 -22.49
C MET A 93 15.24 -54.41 -22.52
N ARG A 94 15.04 -55.11 -23.63
CA ARG A 94 13.96 -56.11 -23.79
C ARG A 94 13.87 -57.15 -22.66
N PRO A 95 15.00 -57.70 -22.16
CA PRO A 95 14.95 -58.69 -21.08
C PRO A 95 14.21 -58.27 -19.80
N VAL A 96 14.16 -56.97 -19.53
CA VAL A 96 13.43 -56.45 -18.36
C VAL A 96 11.91 -56.58 -18.56
N GLN A 97 11.45 -56.40 -19.80
CA GLN A 97 10.03 -56.57 -20.16
C GLN A 97 9.57 -58.01 -19.99
N HIS A 98 10.37 -58.95 -20.51
CA HIS A 98 10.12 -60.40 -20.38
C HIS A 98 10.14 -60.89 -18.93
N ALA A 99 11.05 -60.34 -18.12
CA ALA A 99 11.15 -60.71 -16.70
C ALA A 99 9.89 -60.31 -15.95
N LEU A 100 9.42 -59.09 -16.19
CA LEU A 100 8.15 -58.60 -15.65
C LEU A 100 6.94 -59.40 -16.17
N GLN A 101 7.01 -59.85 -17.42
CA GLN A 101 5.99 -60.75 -18.01
C GLN A 101 5.95 -62.13 -17.34
N THR A 102 7.11 -62.68 -17.00
CA THR A 102 7.20 -63.96 -16.27
C THR A 102 6.71 -63.81 -14.81
N MET A 103 6.96 -62.65 -14.22
CA MET A 103 6.42 -62.32 -12.89
C MET A 103 4.88 -62.15 -12.96
N GLU A 104 4.40 -61.59 -14.07
CA GLU A 104 2.96 -61.49 -14.33
C GLU A 104 2.31 -62.85 -14.59
N SER A 105 3.02 -63.76 -15.26
CA SER A 105 2.55 -65.14 -15.51
C SER A 105 2.18 -65.92 -14.24
N ARG A 106 2.86 -65.65 -13.13
CA ARG A 106 2.55 -66.25 -11.84
C ARG A 106 1.79 -65.28 -10.90
N GLY A 107 1.01 -64.38 -11.50
CA GLY A 107 0.06 -63.54 -10.76
C GLY A 107 0.62 -62.47 -9.83
N VAL A 108 1.91 -62.17 -9.91
CA VAL A 108 2.54 -61.16 -9.05
C VAL A 108 2.19 -59.78 -9.62
N HIS A 109 1.24 -59.10 -8.98
CA HIS A 109 0.85 -57.74 -9.37
C HIS A 109 1.93 -56.75 -8.94
N PHE A 110 2.26 -55.81 -9.83
CA PHE A 110 3.24 -54.74 -9.58
C PHE A 110 2.84 -53.48 -10.33
N VAL A 111 3.60 -52.40 -10.15
CA VAL A 111 3.37 -51.14 -10.85
C VAL A 111 4.67 -50.61 -11.47
N TYR A 112 4.72 -50.59 -12.80
CA TYR A 112 5.77 -49.89 -13.54
C TYR A 112 5.37 -48.42 -13.68
N GLY A 113 6.36 -47.54 -13.77
CA GLY A 113 6.10 -46.10 -13.99
C GLY A 113 7.29 -45.19 -13.77
N ARG A 114 7.06 -43.89 -13.92
CA ARG A 114 8.04 -42.85 -13.55
C ARG A 114 7.67 -42.31 -12.19
N TRP A 115 8.70 -41.88 -11.45
CA TRP A 115 8.51 -41.26 -10.15
C TRP A 115 8.48 -39.75 -10.39
N LEU A 116 7.40 -39.08 -9.94
CA LEU A 116 7.20 -37.64 -10.20
C LEU A 116 8.12 -36.73 -9.37
N ILE A 117 9.42 -36.82 -9.67
CA ILE A 117 10.47 -35.98 -9.08
C ILE A 117 11.44 -35.64 -10.20
N GLU A 118 12.34 -34.70 -9.94
CA GLU A 118 13.37 -34.33 -10.91
C GLU A 118 14.18 -35.58 -11.31
N GLY A 119 14.51 -35.69 -12.59
CA GLY A 119 15.20 -36.85 -13.14
C GLY A 119 14.28 -37.87 -13.80
N ALA A 120 13.10 -38.06 -13.23
CA ALA A 120 12.07 -38.98 -13.77
C ALA A 120 12.54 -40.45 -13.92
N PRO A 121 12.93 -41.09 -12.79
CA PRO A 121 13.45 -42.45 -12.84
C PRO A 121 12.34 -43.50 -12.84
N LYS A 122 12.59 -44.61 -13.52
CA LYS A 122 11.63 -45.71 -13.61
C LYS A 122 11.55 -46.44 -12.26
N VAL A 123 10.35 -46.81 -11.82
CA VAL A 123 10.16 -47.61 -10.59
C VAL A 123 9.49 -48.95 -10.88
N ILE A 124 9.72 -49.93 -10.00
CA ILE A 124 9.01 -51.21 -10.03
C ILE A 124 8.52 -51.49 -8.61
N LEU A 125 7.30 -51.05 -8.33
CA LEU A 125 6.70 -51.19 -7.01
C LEU A 125 5.89 -52.48 -6.96
N PHE A 126 6.44 -53.50 -6.29
CA PHE A 126 5.77 -54.80 -6.16
C PHE A 126 4.67 -54.74 -5.09
N ASP A 127 3.51 -55.32 -5.41
CA ASP A 127 2.40 -55.45 -4.46
C ASP A 127 2.67 -56.65 -3.56
N LEU A 128 2.93 -56.38 -2.28
CA LEU A 128 3.25 -57.43 -1.30
C LEU A 128 2.02 -58.26 -0.92
N ASP A 129 0.83 -57.70 -1.10
CA ASP A 129 -0.43 -58.44 -0.90
C ASP A 129 -0.57 -59.59 -1.88
N SER A 130 -0.01 -59.43 -3.09
CA SER A 130 -0.07 -60.46 -4.13
C SER A 130 0.90 -61.64 -3.98
N VAL A 131 1.63 -61.72 -2.86
CA VAL A 131 2.50 -62.88 -2.53
C VAL A 131 2.41 -63.39 -1.07
N ARG A 132 1.52 -62.84 -0.25
CA ARG A 132 1.48 -63.16 1.19
C ARG A 132 0.97 -64.58 1.48
N GLY A 133 0.44 -65.27 0.47
CA GLY A 133 0.22 -66.72 0.54
C GLY A 133 1.52 -67.50 0.73
N TYR A 134 2.58 -67.07 0.04
CA TYR A 134 3.91 -67.68 0.18
C TYR A 134 4.63 -67.38 1.49
N SER A 135 4.14 -66.40 2.25
CA SER A 135 4.72 -65.98 3.54
C SER A 135 5.22 -67.13 4.44
N ASN A 136 4.46 -68.23 4.53
CA ASN A 136 4.87 -69.39 5.33
C ASN A 136 6.04 -70.17 4.73
N GLU A 137 5.97 -70.46 3.44
CA GLU A 137 7.06 -71.12 2.72
C GLU A 137 8.38 -70.34 2.81
N TRP A 138 8.29 -69.02 2.64
CA TRP A 138 9.47 -68.16 2.58
C TRP A 138 10.11 -67.92 3.95
N LYS A 139 9.30 -67.63 4.98
CA LYS A 139 9.81 -67.54 6.37
C LYS A 139 10.49 -68.84 6.83
N GLY A 140 9.95 -69.97 6.40
CA GLY A 140 10.54 -71.29 6.64
C GLY A 140 11.80 -71.56 5.84
N ASP A 141 11.83 -71.14 4.56
CA ASP A 141 13.04 -71.22 3.74
C ASP A 141 14.15 -70.31 4.28
N LEU A 142 13.76 -69.15 4.82
CA LEU A 142 14.73 -68.20 5.37
C LEU A 142 15.37 -68.67 6.67
N TRP A 143 14.65 -69.45 7.49
CA TRP A 143 15.28 -70.10 8.65
C TRP A 143 16.32 -71.11 8.17
N SER A 144 15.87 -72.22 7.60
CA SER A 144 16.76 -73.27 7.14
C SER A 144 17.40 -72.82 5.83
N LEU A 145 18.57 -72.20 5.95
CA LEU A 145 19.30 -71.42 4.91
C LEU A 145 19.44 -70.00 5.47
N VAL A 146 20.42 -69.81 6.35
CA VAL A 146 20.84 -68.51 6.99
C VAL A 146 20.53 -68.41 8.50
N GLY A 147 19.36 -68.88 8.92
CA GLY A 147 19.04 -69.02 10.36
C GLY A 147 18.31 -67.85 11.01
N ILE A 148 17.52 -67.13 10.22
CA ILE A 148 16.81 -65.93 10.68
C ILE A 148 15.40 -66.26 11.16
N PRO A 149 15.08 -66.04 12.46
CA PRO A 149 13.70 -66.23 12.92
C PRO A 149 12.78 -65.08 12.48
N SER A 150 11.49 -65.24 12.72
CA SER A 150 10.51 -64.23 12.30
C SER A 150 9.16 -64.39 13.02
N PRO A 151 9.04 -63.84 14.24
CA PRO A 151 7.75 -63.74 14.94
C PRO A 151 6.68 -63.07 14.08
N GLU A 152 5.47 -63.63 14.08
CA GLU A 152 4.40 -63.23 13.16
C GLU A 152 3.78 -61.86 13.50
N ASN A 153 3.88 -61.44 14.76
CA ASN A 153 3.34 -60.14 15.20
C ASN A 153 4.10 -58.91 14.67
N ASP A 154 5.29 -59.12 14.10
CA ASP A 154 6.06 -58.08 13.44
C ASP A 154 5.55 -57.85 12.01
N PHE A 155 4.60 -56.92 11.86
CA PHE A 155 4.08 -56.47 10.54
C PHE A 155 5.21 -56.24 9.53
N GLU A 156 6.21 -55.48 9.97
CA GLU A 156 7.21 -54.87 9.08
C GLU A 156 8.29 -55.86 8.60
N THR A 157 8.67 -56.81 9.45
CA THR A 157 9.62 -57.87 9.09
C THR A 157 9.02 -58.83 8.06
N ASN A 158 7.74 -59.14 8.21
CA ASN A 158 7.01 -59.96 7.22
C ASN A 158 7.09 -59.31 5.85
N ASP A 159 6.76 -58.02 5.80
CA ASP A 159 6.84 -57.21 4.56
C ASP A 159 8.25 -57.12 3.99
N ALA A 160 9.26 -57.03 4.86
CA ALA A 160 10.67 -57.08 4.44
C ALA A 160 11.03 -58.42 3.78
N ILE A 161 10.49 -59.50 4.31
CA ILE A 161 10.71 -60.86 3.78
C ILE A 161 10.00 -61.07 2.45
N LEU A 162 8.78 -60.58 2.33
CA LEU A 162 8.03 -60.66 1.07
C LEU A 162 8.72 -59.87 -0.03
N LEU A 163 9.18 -58.66 0.30
CA LEU A 163 9.91 -57.82 -0.65
C LEU A 163 11.24 -58.47 -1.08
N GLY A 164 11.93 -59.12 -0.15
CA GLY A 164 13.22 -59.75 -0.43
C GLY A 164 13.13 -60.92 -1.39
N TYR A 165 12.23 -61.85 -1.10
CA TYR A 165 12.01 -63.02 -1.95
C TYR A 165 11.42 -62.66 -3.32
N THR A 166 10.60 -61.60 -3.37
CA THR A 166 10.02 -61.10 -4.63
C THR A 166 11.09 -60.48 -5.55
N VAL A 167 11.98 -59.66 -4.96
CA VAL A 167 13.08 -59.03 -5.70
C VAL A 167 14.16 -60.06 -6.08
N ALA A 168 14.48 -60.99 -5.18
CA ALA A 168 15.43 -62.09 -5.47
C ALA A 168 14.96 -62.94 -6.65
N TRP A 169 13.67 -63.28 -6.65
CA TRP A 169 12.98 -63.97 -7.76
C TRP A 169 13.12 -63.16 -9.05
N PHE A 170 12.81 -61.87 -8.96
CA PHE A 170 12.85 -60.93 -10.10
C PHE A 170 14.26 -60.76 -10.68
N LEU A 171 15.27 -60.58 -9.83
CA LEU A 171 16.67 -60.43 -10.27
C LEU A 171 17.24 -61.74 -10.84
N GLY A 172 16.78 -62.88 -10.34
CA GLY A 172 17.12 -64.18 -10.91
C GLY A 172 16.58 -64.39 -12.31
N GLU A 173 15.36 -63.91 -12.56
CA GLU A 173 14.73 -63.92 -13.89
C GLU A 173 15.43 -62.99 -14.89
N VAL A 174 15.87 -61.82 -14.43
CA VAL A 174 16.60 -60.89 -15.30
C VAL A 174 17.98 -61.46 -15.63
N ALA A 175 18.65 -62.04 -14.64
CA ALA A 175 19.95 -62.71 -14.86
C ALA A 175 19.85 -63.85 -15.88
N HIS A 176 18.74 -64.59 -15.84
CA HIS A 176 18.44 -65.65 -16.81
C HIS A 176 18.23 -65.09 -18.22
N LEU A 177 17.29 -64.15 -18.34
CA LEU A 177 16.84 -63.64 -19.65
C LEU A 177 17.80 -62.64 -20.32
N ASP A 178 18.32 -61.69 -19.54
CA ASP A 178 19.36 -60.78 -20.03
C ASP A 178 20.68 -61.54 -20.01
N SER A 179 21.31 -61.66 -21.17
CA SER A 179 22.66 -62.22 -21.29
C SER A 179 23.69 -61.22 -21.84
N GLN A 180 23.29 -59.97 -22.05
CA GLN A 180 24.17 -58.93 -22.57
C GLN A 180 24.88 -58.11 -21.47
N HIS A 181 24.14 -57.79 -20.41
CA HIS A 181 24.57 -56.81 -19.41
C HIS A 181 24.98 -57.44 -18.09
N ALA A 182 25.98 -56.82 -17.45
CA ALA A 182 26.21 -57.01 -16.03
C ALA A 182 25.08 -56.33 -15.27
N ILE A 183 24.76 -56.83 -14.08
CA ILE A 183 23.60 -56.38 -13.31
C ILE A 183 24.01 -56.01 -11.88
N VAL A 184 24.01 -54.71 -11.58
CA VAL A 184 24.29 -54.22 -10.23
C VAL A 184 22.98 -54.07 -9.45
N ALA A 185 22.97 -54.62 -8.24
CA ALA A 185 21.80 -54.59 -7.37
C ALA A 185 22.19 -53.96 -6.02
N HIS A 186 21.83 -52.70 -5.85
CA HIS A 186 22.12 -51.92 -4.66
C HIS A 186 20.92 -52.06 -3.72
N PHE A 187 21.18 -52.21 -2.43
CA PHE A 187 20.11 -52.27 -1.42
C PHE A 187 20.38 -51.32 -0.26
N HIS A 188 19.33 -50.63 0.19
CA HIS A 188 19.43 -49.68 1.31
C HIS A 188 18.65 -50.18 2.52
N GLU A 189 19.32 -50.24 3.67
CA GLU A 189 18.73 -50.61 4.97
C GLU A 189 18.20 -52.05 5.07
N TRP A 190 18.21 -52.59 6.29
CA TRP A 190 17.84 -53.98 6.54
C TRP A 190 16.44 -54.36 6.06
N LEU A 191 15.52 -53.40 6.03
CA LEU A 191 14.15 -53.64 5.54
C LEU A 191 14.09 -54.11 4.08
N ALA A 192 14.99 -53.60 3.25
CA ALA A 192 15.11 -54.04 1.85
C ALA A 192 16.27 -55.01 1.61
N GLY A 193 16.80 -55.62 2.67
CA GLY A 193 18.03 -56.41 2.61
C GLY A 193 17.89 -57.93 2.66
N VAL A 194 16.66 -58.42 2.61
CA VAL A 194 16.39 -59.88 2.66
C VAL A 194 16.87 -60.57 1.37
N ALA A 195 16.79 -59.87 0.25
CA ALA A 195 17.25 -60.40 -1.04
C ALA A 195 18.77 -60.69 -1.13
N LEU A 196 19.55 -60.12 -0.22
CA LEU A 196 21.01 -60.20 -0.28
C LEU A 196 21.60 -61.58 0.05
N PRO A 197 21.17 -62.21 1.17
CA PRO A 197 21.52 -63.61 1.40
C PRO A 197 20.92 -64.61 0.40
N LEU A 198 19.81 -64.26 -0.24
CA LEU A 198 19.23 -65.09 -1.30
C LEU A 198 20.09 -65.05 -2.55
N CYS A 199 20.39 -63.85 -3.04
CA CYS A 199 21.33 -63.70 -4.15
C CYS A 199 22.67 -64.42 -3.92
N ARG A 200 23.17 -64.40 -2.68
CA ARG A 200 24.43 -65.05 -2.31
C ARG A 200 24.32 -66.59 -2.29
N LYS A 201 23.33 -67.13 -1.56
CA LYS A 201 23.15 -68.59 -1.45
C LYS A 201 22.69 -69.24 -2.77
N ARG A 202 21.88 -68.52 -3.56
CA ARG A 202 21.45 -68.96 -4.91
C ARG A 202 22.47 -68.72 -6.04
N ARG A 203 23.63 -68.12 -5.74
CA ARG A 203 24.64 -67.75 -6.75
C ARG A 203 24.03 -67.11 -8.02
N ILE A 204 23.09 -66.18 -7.81
CA ILE A 204 22.40 -65.46 -8.90
C ILE A 204 23.40 -64.50 -9.51
N ASP A 205 23.38 -64.39 -10.84
CA ASP A 205 24.43 -63.65 -11.56
C ASP A 205 24.16 -62.13 -11.62
N VAL A 206 24.10 -61.54 -10.44
CA VAL A 206 24.09 -60.09 -10.23
C VAL A 206 25.17 -59.80 -9.21
N VAL A 207 25.68 -58.57 -9.24
CA VAL A 207 26.56 -58.10 -8.17
C VAL A 207 25.74 -57.21 -7.23
N THR A 208 26.13 -57.23 -5.96
CA THR A 208 25.32 -56.67 -4.90
C THR A 208 26.07 -55.64 -4.03
N ILE A 209 25.38 -54.56 -3.70
CA ILE A 209 25.84 -53.57 -2.74
C ILE A 209 24.78 -53.46 -1.64
N PHE A 210 25.24 -53.42 -0.40
CA PHE A 210 24.37 -53.08 0.72
C PHE A 210 24.87 -51.79 1.36
N THR A 211 23.95 -50.85 1.53
CA THR A 211 24.22 -49.65 2.30
C THR A 211 23.29 -49.66 3.50
N THR A 212 23.86 -49.56 4.69
CA THR A 212 23.10 -49.34 5.91
C THR A 212 23.27 -47.87 6.35
N HIS A 213 22.14 -47.21 6.56
CA HIS A 213 22.08 -45.79 6.98
C HIS A 213 22.05 -45.61 8.48
N ALA A 214 22.01 -46.72 9.20
CA ALA A 214 22.24 -46.76 10.63
C ALA A 214 22.59 -48.20 11.01
N THR A 215 22.64 -48.49 12.30
CA THR A 215 22.57 -49.86 12.76
C THR A 215 21.46 -49.92 13.79
N LEU A 216 20.78 -51.06 13.85
CA LEU A 216 19.69 -51.25 14.77
C LEU A 216 20.19 -51.09 16.20
N LEU A 217 21.17 -51.90 16.59
CA LEU A 217 21.77 -51.81 17.93
C LEU A 217 22.36 -50.43 18.26
N GLY A 218 22.85 -49.71 17.25
CA GLY A 218 23.33 -48.34 17.44
C GLY A 218 22.28 -47.37 17.99
N ARG A 219 21.10 -47.36 17.37
CA ARG A 219 19.99 -46.47 17.78
C ARG A 219 19.47 -46.81 19.15
N TYR A 220 19.26 -48.10 19.39
CA TYR A 220 18.66 -48.57 20.63
C TYR A 220 19.58 -48.34 21.84
N LEU A 221 20.86 -48.69 21.69
CA LEU A 221 21.84 -48.48 22.77
C LEU A 221 22.04 -47.01 23.17
N CYS A 222 21.78 -46.07 22.26
CA CYS A 222 22.07 -44.64 22.49
C CYS A 222 20.92 -43.84 23.13
N ALA A 223 19.69 -44.36 23.02
CA ALA A 223 18.54 -43.86 23.78
C ALA A 223 18.47 -44.41 25.22
N SER A 224 19.48 -45.19 25.66
CA SER A 224 19.55 -45.73 27.03
C SER A 224 20.17 -44.74 28.02
N GLY A 225 19.75 -43.47 27.94
CA GLY A 225 20.35 -42.39 28.73
C GLY A 225 21.86 -42.35 28.55
N SER A 226 22.57 -42.99 29.48
CA SER A 226 24.04 -43.10 29.43
C SER A 226 24.52 -44.55 29.48
N PHE A 227 24.47 -45.20 28.32
CA PHE A 227 25.36 -46.29 27.98
C PHE A 227 26.45 -45.59 27.18
N ASP A 228 27.71 -45.68 27.62
CA ASP A 228 28.81 -44.97 26.95
C ASP A 228 29.18 -45.64 25.62
N PHE A 229 28.31 -45.46 24.63
CA PHE A 229 28.31 -46.21 23.37
C PHE A 229 29.63 -46.15 22.60
N TYR A 230 30.19 -44.96 22.45
CA TYR A 230 31.33 -44.78 21.53
C TYR A 230 32.68 -45.26 22.06
N ASN A 231 32.77 -45.57 23.36
CA ASN A 231 33.98 -46.18 23.97
C ASN A 231 33.78 -47.66 24.34
N CYS A 232 32.65 -47.99 24.98
CA CYS A 232 32.32 -49.38 25.33
C CYS A 232 31.60 -50.12 24.19
N LEU A 233 32.06 -49.91 22.95
CA LEU A 233 31.43 -50.48 21.76
C LEU A 233 31.99 -51.84 21.46
N GLU A 234 33.32 -51.95 21.53
CA GLU A 234 34.05 -53.20 21.31
C GLU A 234 33.66 -54.30 22.31
N SER A 235 33.12 -53.90 23.47
CA SER A 235 32.67 -54.82 24.52
C SER A 235 31.15 -54.90 24.65
N VAL A 236 30.44 -55.10 23.54
CA VAL A 236 29.00 -55.38 23.59
C VAL A 236 28.76 -56.80 23.14
N ASP A 237 27.95 -57.53 23.91
CA ASP A 237 27.43 -58.80 23.48
C ASP A 237 26.24 -58.43 22.61
N VAL A 238 26.41 -58.53 21.29
CA VAL A 238 25.37 -58.14 20.33
C VAL A 238 24.09 -58.96 20.45
N ASP A 239 24.23 -60.26 20.71
CA ASP A 239 23.08 -61.16 20.81
C ASP A 239 22.23 -60.81 22.03
N HIS A 240 22.89 -60.59 23.17
CA HIS A 240 22.22 -60.22 24.42
C HIS A 240 21.47 -58.90 24.34
N GLU A 241 22.12 -57.90 23.75
CA GLU A 241 21.54 -56.55 23.62
C GLU A 241 20.38 -56.53 22.61
N ALA A 242 20.56 -57.23 21.48
CA ALA A 242 19.49 -57.36 20.48
C ALA A 242 18.24 -57.99 21.07
N GLY A 243 18.44 -59.08 21.81
CA GLY A 243 17.38 -59.73 22.60
C GLY A 243 16.77 -58.82 23.66
N ARG A 244 17.61 -58.09 24.40
CA ARG A 244 17.13 -57.17 25.44
C ARG A 244 16.15 -56.11 24.91
N PHE A 245 16.42 -55.58 23.71
CA PHE A 245 15.54 -54.60 23.07
C PHE A 245 14.43 -55.24 22.18
N GLY A 246 14.34 -56.57 22.16
CA GLY A 246 13.31 -57.28 21.41
C GLY A 246 13.46 -57.24 19.89
N ILE A 247 14.69 -56.98 19.40
CA ILE A 247 14.95 -56.76 17.97
C ILE A 247 15.92 -57.80 17.40
N TYR A 248 15.94 -59.00 17.95
CA TYR A 248 16.96 -59.98 17.57
C TYR A 248 16.81 -60.42 16.12
N HIS A 249 15.62 -60.91 15.78
CA HIS A 249 15.28 -61.31 14.40
C HIS A 249 15.57 -60.22 13.36
N ARG A 250 15.39 -58.95 13.76
CA ARG A 250 15.70 -57.80 12.92
C ARG A 250 17.22 -57.61 12.74
N TYR A 251 17.94 -57.67 13.86
CA TYR A 251 19.41 -57.59 13.85
C TYR A 251 20.05 -58.64 12.92
N CYS A 252 19.45 -59.83 12.83
CA CYS A 252 19.95 -60.91 11.97
C CYS A 252 19.83 -60.60 10.49
N ILE A 253 18.78 -59.88 10.10
CA ILE A 253 18.59 -59.50 8.69
C ILE A 253 19.60 -58.41 8.30
N GLU A 254 19.77 -57.42 9.17
CA GLU A 254 20.77 -56.36 9.00
C GLU A 254 22.16 -56.94 8.88
N ARG A 255 22.51 -57.87 9.76
CA ARG A 255 23.81 -58.53 9.73
C ARG A 255 23.99 -59.37 8.47
N ALA A 256 23.00 -60.21 8.17
CA ALA A 256 23.04 -61.06 6.98
C ALA A 256 23.15 -60.24 5.69
N ALA A 257 22.46 -59.10 5.64
CA ALA A 257 22.55 -58.19 4.49
C ALA A 257 23.96 -57.65 4.33
N ALA A 258 24.58 -57.28 5.44
CA ALA A 258 25.95 -56.79 5.44
C ALA A 258 26.96 -57.87 4.98
N HIS A 259 26.81 -59.10 5.45
CA HIS A 259 27.77 -60.18 5.12
C HIS A 259 27.53 -60.82 3.74
N SER A 260 26.27 -60.90 3.31
CA SER A 260 25.94 -61.46 1.99
C SER A 260 26.33 -60.59 0.81
N ALA A 261 26.30 -59.26 1.01
CA ALA A 261 26.56 -58.33 -0.08
C ALA A 261 28.03 -58.37 -0.52
N ASP A 262 28.26 -58.19 -1.82
CA ASP A 262 29.61 -58.16 -2.36
C ASP A 262 30.34 -56.93 -1.81
N VAL A 263 29.66 -55.78 -1.85
CA VAL A 263 30.16 -54.54 -1.24
C VAL A 263 29.25 -54.08 -0.08
N PHE A 264 29.87 -53.66 1.02
CA PHE A 264 29.16 -53.21 2.21
C PHE A 264 29.59 -51.77 2.52
N THR A 265 28.60 -50.87 2.59
CA THR A 265 28.82 -49.43 2.77
C THR A 265 27.95 -48.84 3.88
N THR A 266 28.38 -47.70 4.41
CA THR A 266 27.58 -46.88 5.32
C THR A 266 27.68 -45.40 4.90
N VAL A 267 26.86 -44.58 5.54
CA VAL A 267 26.77 -43.16 5.22
C VAL A 267 27.87 -42.30 5.83
N SER A 268 28.72 -42.85 6.69
CA SER A 268 29.80 -42.05 7.30
C SER A 268 30.83 -42.91 8.04
N GLN A 269 31.98 -42.32 8.31
CA GLN A 269 33.04 -42.94 9.07
C GLN A 269 32.67 -43.33 10.50
N ILE A 270 31.80 -42.56 11.14
CA ILE A 270 31.38 -42.88 12.52
C ILE A 270 30.46 -44.10 12.54
N THR A 271 29.59 -44.19 11.54
CA THR A 271 28.71 -45.34 11.37
C THR A 271 29.51 -46.55 10.89
N ALA A 272 30.56 -46.31 10.08
CA ALA A 272 31.46 -47.39 9.65
C ALA A 272 32.18 -48.05 10.83
N PHE A 273 32.71 -47.23 11.73
CA PHE A 273 33.30 -47.70 12.98
C PHE A 273 32.31 -48.55 13.77
N GLU A 274 31.08 -48.08 13.83
CA GLU A 274 30.02 -48.74 14.58
C GLU A 274 29.60 -50.06 13.94
N ALA A 275 29.46 -50.07 12.62
CA ALA A 275 29.00 -51.25 11.90
C ALA A 275 30.04 -52.36 11.86
N GLU A 276 31.33 -52.01 11.99
CA GLU A 276 32.41 -52.98 12.04
C GLU A 276 32.24 -53.86 13.27
N HIS A 277 32.00 -53.22 14.39
CA HIS A 277 31.93 -53.89 15.68
C HIS A 277 30.55 -54.50 16.00
N LEU A 278 29.47 -53.93 15.45
CA LEU A 278 28.12 -54.41 15.74
C LEU A 278 27.56 -55.39 14.70
N LEU A 279 27.89 -55.18 13.43
CA LEU A 279 27.49 -56.11 12.37
C LEU A 279 28.64 -57.01 11.91
N LYS A 280 29.82 -56.83 12.51
CA LYS A 280 30.96 -57.74 12.35
C LYS A 280 31.54 -57.79 10.93
N ARG A 281 31.38 -56.70 10.17
CA ARG A 281 32.08 -56.53 8.90
C ARG A 281 32.52 -55.08 8.73
N LYS A 282 33.80 -54.87 8.46
CA LYS A 282 34.33 -53.56 8.18
C LYS A 282 33.80 -53.14 6.81
N PRO A 283 33.16 -51.96 6.73
CA PRO A 283 32.68 -51.54 5.42
C PRO A 283 33.80 -51.22 4.44
N ASP A 284 33.49 -51.39 3.16
CA ASP A 284 34.42 -51.15 2.06
C ASP A 284 34.61 -49.68 1.72
N GLY A 285 33.87 -48.81 2.39
CA GLY A 285 33.92 -47.37 2.16
C GLY A 285 32.60 -46.73 2.55
N ILE A 286 32.55 -45.41 2.42
CA ILE A 286 31.38 -44.65 2.80
C ILE A 286 30.72 -43.98 1.60
N LEU A 287 29.39 -43.95 1.65
CA LEU A 287 28.55 -43.25 0.71
C LEU A 287 27.83 -42.09 1.42
N PRO A 288 28.55 -40.97 1.63
CA PRO A 288 27.89 -39.81 2.24
C PRO A 288 26.66 -39.33 1.45
N ASN A 289 25.68 -38.78 2.17
CA ASN A 289 24.45 -38.27 1.54
C ASN A 289 24.62 -36.84 1.01
N GLY A 290 24.45 -36.69 -0.30
CA GLY A 290 24.42 -35.39 -0.95
C GLY A 290 23.04 -34.74 -1.02
N LEU A 291 23.04 -33.52 -1.55
CA LEU A 291 21.85 -32.77 -1.85
C LEU A 291 21.83 -32.30 -3.29
N ASN A 292 20.64 -31.95 -3.75
CA ASN A 292 20.46 -31.31 -5.05
C ASN A 292 20.45 -29.80 -4.76
N VAL A 293 21.62 -29.18 -4.86
CA VAL A 293 21.83 -27.82 -4.35
C VAL A 293 21.24 -26.77 -5.30
N ILE A 294 20.27 -25.99 -4.83
CA ILE A 294 19.69 -24.86 -5.59
C ILE A 294 20.63 -23.65 -5.55
N LYS A 295 21.25 -23.32 -6.70
CA LYS A 295 22.11 -22.13 -6.81
C LYS A 295 21.30 -20.88 -7.19
N PHE A 296 21.85 -19.71 -6.86
CA PHE A 296 21.24 -18.43 -7.26
C PHE A 296 22.08 -17.70 -8.30
N GLN A 297 21.39 -16.94 -9.13
CA GLN A 297 22.05 -16.23 -10.22
C GLN A 297 23.04 -15.18 -9.69
N ALA A 298 22.64 -14.47 -8.64
CA ALA A 298 23.54 -13.65 -7.85
C ALA A 298 23.93 -14.44 -6.62
N PHE A 299 25.23 -14.50 -6.31
CA PHE A 299 25.71 -15.23 -5.13
C PHE A 299 25.12 -14.65 -3.85
N HIS A 300 25.05 -13.32 -3.79
CA HIS A 300 24.56 -12.61 -2.61
C HIS A 300 23.04 -12.71 -2.34
N GLU A 301 22.26 -13.19 -3.31
CA GLU A 301 20.82 -13.35 -3.13
C GLU A 301 20.39 -14.11 -1.85
N PHE A 302 21.17 -15.12 -1.42
CA PHE A 302 20.87 -15.82 -0.16
C PHE A 302 20.96 -14.91 1.10
N GLN A 303 21.78 -13.87 1.06
CA GLN A 303 21.84 -12.88 2.15
C GLN A 303 20.57 -12.06 2.17
N ASN A 304 20.08 -11.67 1.00
CA ASN A 304 18.82 -10.91 0.91
C ASN A 304 17.67 -11.73 1.49
N LEU A 305 17.64 -13.02 1.14
CA LEU A 305 16.66 -13.95 1.69
C LEU A 305 16.80 -14.07 3.19
N HIS A 306 18.02 -14.10 3.71
CA HIS A 306 18.19 -14.14 5.16
C HIS A 306 17.49 -12.97 5.88
N ALA A 307 17.77 -11.76 5.43
CA ALA A 307 17.12 -10.55 5.93
C ALA A 307 15.60 -10.55 5.79
N LEU A 308 15.11 -11.06 4.66
CA LEU A 308 13.70 -11.11 4.34
C LEU A 308 12.97 -12.12 5.23
N LYS A 309 13.56 -13.30 5.41
CA LYS A 309 12.96 -14.31 6.29
C LYS A 309 13.12 -13.95 7.77
N LYS A 310 14.26 -13.37 8.13
CA LYS A 310 14.46 -12.88 9.50
C LYS A 310 13.38 -11.88 9.90
N GLU A 311 12.91 -11.08 8.96
CA GLU A 311 11.86 -10.13 9.28
C GLU A 311 10.56 -10.81 9.66
N LYS A 312 10.28 -11.98 9.08
CA LYS A 312 9.09 -12.75 9.45
C LYS A 312 9.21 -13.41 10.80
N ILE A 313 10.42 -13.80 11.20
CA ILE A 313 10.67 -14.27 12.56
C ILE A 313 10.53 -13.09 13.54
N ASN A 314 11.08 -11.93 13.18
CA ASN A 314 10.91 -10.74 14.00
C ASN A 314 9.43 -10.46 14.29
N ASP A 315 8.58 -10.56 13.27
CA ASP A 315 7.16 -10.31 13.46
C ASP A 315 6.53 -11.30 14.45
N PHE A 316 6.85 -12.58 14.29
CA PHE A 316 6.39 -13.61 15.23
C PHE A 316 6.86 -13.30 16.65
N VAL A 317 8.11 -12.88 16.78
CA VAL A 317 8.75 -12.70 18.09
C VAL A 317 8.13 -11.54 18.85
N ARG A 318 7.75 -10.47 18.16
CA ARG A 318 7.08 -9.35 18.82
C ARG A 318 5.73 -9.81 19.36
N GLY A 319 5.04 -10.66 18.60
CA GLY A 319 3.78 -11.26 19.04
C GLY A 319 3.96 -12.08 20.29
N HIS A 320 4.88 -13.03 20.20
CA HIS A 320 5.17 -13.93 21.29
C HIS A 320 5.51 -13.20 22.58
N PHE A 321 6.32 -12.13 22.44
CA PHE A 321 6.75 -11.32 23.59
C PHE A 321 5.90 -10.07 23.82
N HIS A 322 4.62 -10.09 23.43
CA HIS A 322 3.80 -8.87 23.57
C HIS A 322 3.68 -8.47 25.03
N GLY A 323 3.96 -7.20 25.34
CA GLY A 323 3.91 -6.69 26.70
C GLY A 323 5.13 -7.01 27.55
N CYS A 324 6.15 -7.67 26.98
CA CYS A 324 7.41 -7.98 27.68
C CYS A 324 8.58 -7.82 26.71
N PHE A 325 8.48 -6.82 25.84
CA PHE A 325 9.40 -6.64 24.74
C PHE A 325 10.44 -5.62 25.17
N ASP A 326 11.50 -6.09 25.81
CA ASP A 326 12.52 -5.21 26.40
C ASP A 326 13.92 -5.36 25.77
N PHE A 327 13.99 -5.95 24.57
CA PHE A 327 15.27 -6.13 23.87
C PHE A 327 15.17 -5.64 22.44
N ASP A 328 16.33 -5.44 21.85
CA ASP A 328 16.46 -4.87 20.50
C ASP A 328 16.71 -5.97 19.45
N LEU A 329 15.73 -6.20 18.58
CA LEU A 329 15.82 -7.25 17.52
C LEU A 329 16.98 -7.08 16.55
N ASP A 330 17.47 -5.86 16.44
CA ASP A 330 18.67 -5.57 15.65
C ASP A 330 19.95 -6.08 16.31
N ASN A 331 19.88 -6.40 17.61
CA ASN A 331 20.98 -6.97 18.39
C ASN A 331 20.53 -8.32 19.00
N THR A 332 19.65 -9.03 18.30
CA THR A 332 19.12 -10.33 18.72
C THR A 332 19.54 -11.41 17.73
N LEU A 333 19.82 -12.61 18.23
CA LEU A 333 20.25 -13.73 17.42
C LEU A 333 19.31 -14.90 17.61
N TYR A 334 19.08 -15.65 16.54
CA TYR A 334 18.07 -16.71 16.47
C TYR A 334 18.77 -18.05 16.29
N PHE A 335 18.81 -18.82 17.37
CA PHE A 335 19.40 -20.16 17.39
C PHE A 335 18.25 -21.13 17.23
N PHE A 336 18.48 -22.26 16.58
CA PHE A 336 17.45 -23.28 16.51
C PHE A 336 18.02 -24.70 16.47
N ILE A 337 17.28 -25.63 17.08
CA ILE A 337 17.45 -27.06 16.85
C ILE A 337 16.15 -27.52 16.18
N ALA A 338 16.25 -28.53 15.33
CA ALA A 338 15.08 -29.04 14.63
C ALA A 338 15.28 -30.45 14.16
N GLY A 339 14.18 -31.19 14.07
CA GLY A 339 14.21 -32.58 13.62
C GLY A 339 13.19 -33.44 14.34
N ARG A 340 13.39 -34.76 14.27
CA ARG A 340 12.50 -35.72 14.95
C ARG A 340 12.63 -35.52 16.45
N TYR A 341 11.54 -35.73 17.18
CA TYR A 341 11.58 -35.64 18.63
C TYR A 341 12.32 -36.87 19.17
N GLU A 342 13.64 -36.75 19.21
CA GLU A 342 14.51 -37.69 19.87
C GLU A 342 15.35 -36.92 20.87
N TYR A 343 14.81 -36.80 22.08
CA TYR A 343 15.42 -36.01 23.17
C TYR A 343 16.91 -36.25 23.30
N LYS A 344 17.30 -37.52 23.39
CA LYS A 344 18.68 -37.88 23.70
C LYS A 344 19.56 -37.92 22.45
N ASN A 345 19.08 -38.62 21.42
CA ASN A 345 19.88 -38.85 20.21
C ASN A 345 20.18 -37.62 19.39
N LYS A 346 19.27 -36.64 19.36
CA LYS A 346 19.47 -35.40 18.60
C LYS A 346 20.10 -34.25 19.40
N GLY A 347 20.24 -34.42 20.71
CA GLY A 347 20.97 -33.46 21.55
C GLY A 347 20.17 -32.35 22.20
N ALA A 348 18.85 -32.51 22.28
CA ALA A 348 18.01 -31.50 22.89
C ALA A 348 18.36 -31.28 24.38
N ASP A 349 18.73 -32.36 25.08
CA ASP A 349 19.17 -32.26 26.47
C ASP A 349 20.43 -31.40 26.62
N MET A 350 21.42 -31.61 25.76
CA MET A 350 22.62 -30.77 25.76
C MET A 350 22.28 -29.33 25.34
N PHE A 351 21.47 -29.20 24.30
CA PHE A 351 21.14 -27.90 23.73
C PHE A 351 20.57 -26.96 24.77
N ILE A 352 19.61 -27.47 25.54
CA ILE A 352 18.92 -26.68 26.55
C ILE A 352 19.84 -26.37 27.71
N GLU A 353 20.56 -27.38 28.22
CA GLU A 353 21.53 -27.21 29.32
C GLU A 353 22.58 -26.16 28.96
N ALA A 354 23.13 -26.26 27.75
CA ALA A 354 24.14 -25.31 27.27
C ALA A 354 23.61 -23.89 27.16
N LEU A 355 22.37 -23.73 26.74
CA LEU A 355 21.75 -22.40 26.67
C LEU A 355 21.63 -21.76 28.04
N ALA A 356 21.23 -22.54 29.04
CA ALA A 356 21.16 -22.06 30.42
C ALA A 356 22.52 -21.62 30.95
N ARG A 357 23.58 -22.31 30.52
CA ARG A 357 24.94 -21.91 30.85
C ARG A 357 25.40 -20.71 30.05
N LEU A 358 25.02 -20.65 28.78
CA LEU A 358 25.26 -19.46 27.97
C LEU A 358 24.57 -18.24 28.60
N ASN A 359 23.34 -18.43 29.04
CA ASN A 359 22.56 -17.41 29.75
C ASN A 359 23.30 -16.80 30.92
N TYR A 360 23.83 -17.67 31.78
CA TYR A 360 24.65 -17.27 32.92
C TYR A 360 25.89 -16.51 32.45
N ARG A 361 26.62 -17.11 31.51
CA ARG A 361 27.82 -16.52 30.95
C ARG A 361 27.63 -15.11 30.41
N LEU A 362 26.48 -14.86 29.77
CA LEU A 362 26.16 -13.54 29.19
C LEU A 362 25.79 -12.49 30.26
N LYS A 363 24.95 -12.90 31.21
CA LYS A 363 24.64 -12.06 32.39
C LYS A 363 25.93 -11.64 33.12
N VAL A 364 26.84 -12.58 33.35
CA VAL A 364 28.13 -12.33 33.99
C VAL A 364 28.97 -11.31 33.19
N SER A 365 29.13 -11.56 31.89
CA SER A 365 29.91 -10.67 31.02
C SER A 365 29.22 -9.32 30.71
N GLY A 366 27.93 -9.20 31.05
CA GLY A 366 27.20 -7.96 30.88
C GLY A 366 26.88 -7.66 29.43
N SER A 367 26.66 -8.72 28.65
CA SER A 367 26.43 -8.61 27.21
C SER A 367 25.10 -7.89 26.91
N LYS A 368 25.07 -7.11 25.83
CA LYS A 368 23.82 -6.47 25.35
C LYS A 368 23.04 -7.35 24.36
N LYS A 369 23.62 -8.49 23.98
CA LYS A 369 23.01 -9.39 22.99
C LYS A 369 21.89 -10.18 23.61
N THR A 370 20.96 -10.63 22.79
CA THR A 370 19.86 -11.49 23.21
C THR A 370 19.80 -12.68 22.26
N VAL A 371 19.56 -13.86 22.79
CA VAL A 371 19.42 -15.07 21.98
C VAL A 371 18.02 -15.62 22.16
N VAL A 372 17.21 -15.63 21.10
CA VAL A 372 15.97 -16.40 21.08
C VAL A 372 16.32 -17.78 20.48
N ALA A 373 16.03 -18.83 21.24
CA ALA A 373 16.40 -20.20 20.88
C ALA A 373 15.14 -20.97 20.55
N PHE A 374 15.07 -21.53 19.36
CA PHE A 374 13.88 -22.21 18.88
C PHE A 374 14.08 -23.72 18.92
N ILE A 375 13.06 -24.46 19.36
CA ILE A 375 13.03 -25.92 19.22
C ILE A 375 11.87 -26.36 18.34
N VAL A 376 12.20 -26.89 17.18
CA VAL A 376 11.21 -27.34 16.20
C VAL A 376 11.24 -28.87 16.10
N MET A 377 10.48 -29.52 17.01
CA MET A 377 10.36 -30.97 17.06
C MET A 377 8.92 -31.38 17.30
N PRO A 378 8.35 -32.31 16.50
CA PRO A 378 6.92 -32.66 16.67
C PRO A 378 6.63 -33.44 17.94
N ALA A 379 5.68 -32.97 18.72
CA ALA A 379 5.19 -33.67 19.91
C ALA A 379 3.68 -33.70 19.83
N LYS A 380 3.05 -34.61 20.57
CA LYS A 380 1.59 -34.70 20.58
C LYS A 380 1.02 -33.39 21.12
N ASN A 381 0.06 -32.81 20.39
CA ASN A 381 -0.52 -31.51 20.79
C ASN A 381 -1.97 -31.27 20.35
N ASN A 382 -2.61 -30.31 20.99
CA ASN A 382 -3.97 -29.88 20.62
C ASN A 382 -3.91 -28.49 19.97
N SER A 383 -3.01 -28.33 19.00
CA SER A 383 -2.86 -27.10 18.22
C SER A 383 -2.37 -25.91 19.08
N PHE A 384 -2.39 -24.73 18.45
CA PHE A 384 -1.82 -23.50 19.03
C PHE A 384 -2.62 -23.01 20.23
N THR A 385 -1.93 -22.35 21.15
CA THR A 385 -2.60 -21.75 22.31
C THR A 385 -3.43 -20.54 21.86
N VAL A 386 -4.49 -20.24 22.59
CA VAL A 386 -5.23 -19.01 22.36
C VAL A 386 -4.28 -17.80 22.45
N GLU A 387 -3.37 -17.82 23.43
CA GLU A 387 -2.41 -16.74 23.65
C GLU A 387 -1.44 -16.45 22.47
N ALA A 388 -0.96 -17.51 21.82
CA ALA A 388 -0.05 -17.38 20.68
C ALA A 388 -0.71 -16.67 19.50
N LEU A 389 -1.97 -17.04 19.21
CA LEU A 389 -2.75 -16.44 18.13
C LEU A 389 -3.28 -15.05 18.47
N LYS A 390 -3.64 -14.86 19.74
CA LYS A 390 -4.20 -13.60 20.23
C LYS A 390 -3.13 -12.50 20.22
N GLY A 391 -1.95 -12.85 20.72
CA GLY A 391 -0.79 -11.98 20.72
C GLY A 391 -0.49 -11.51 19.31
N GLN A 392 -0.40 -12.48 18.39
CA GLN A 392 -0.17 -12.18 16.97
C GLN A 392 -1.15 -11.17 16.38
N ALA A 393 -2.45 -11.36 16.65
CA ALA A 393 -3.50 -10.46 16.16
C ALA A 393 -3.45 -9.07 16.77
N GLU A 394 -3.09 -8.99 18.05
CA GLU A 394 -2.93 -7.69 18.71
C GLU A 394 -1.79 -6.91 18.10
N VAL A 395 -0.65 -7.56 17.86
CA VAL A 395 0.47 -6.92 17.16
C VAL A 395 0.05 -6.43 15.78
N ARG A 396 -0.71 -7.26 15.06
CA ARG A 396 -1.19 -6.88 13.74
C ARG A 396 -2.12 -5.66 13.77
N ALA A 397 -2.98 -5.64 14.78
CA ALA A 397 -3.91 -4.54 15.00
C ALA A 397 -3.17 -3.23 15.29
N LEU A 398 -2.10 -3.28 16.07
CA LEU A 398 -1.25 -2.09 16.26
C LEU A 398 -0.66 -1.59 14.95
N GLU A 399 -0.13 -2.48 14.10
CA GLU A 399 0.43 -2.07 12.82
C GLU A 399 -0.62 -1.34 11.98
N ASN A 400 -1.82 -1.89 11.88
CA ASN A 400 -2.87 -1.25 11.07
C ASN A 400 -3.20 0.12 11.62
N THR A 401 -3.30 0.21 12.96
CA THR A 401 -3.60 1.48 13.62
C THR A 401 -2.47 2.48 13.36
N VAL A 402 -1.21 2.05 13.46
CA VAL A 402 -0.06 2.91 13.14
C VAL A 402 -0.12 3.42 11.68
N HIS A 403 -0.50 2.56 10.75
CA HIS A 403 -0.61 2.93 9.34
C HIS A 403 -1.72 3.95 9.09
N GLU A 404 -2.80 3.91 9.87
CA GLU A 404 -3.84 4.97 9.81
C GLU A 404 -3.35 6.30 10.36
N VAL A 405 -2.64 6.25 11.48
CA VAL A 405 -2.08 7.46 12.06
C VAL A 405 -1.00 8.11 11.17
N THR A 406 -0.11 7.32 10.56
CA THR A 406 0.91 7.89 9.65
C THR A 406 0.30 8.50 8.37
N THR A 407 -0.82 7.94 7.92
CA THR A 407 -1.51 8.52 6.77
C THR A 407 -2.01 9.93 7.12
N SER A 408 -2.51 10.14 8.34
CA SER A 408 -2.95 11.47 8.77
C SER A 408 -1.76 12.39 8.94
N ILE A 409 -0.71 11.86 9.57
CA ILE A 409 0.55 12.60 9.74
C ILE A 409 1.00 13.15 8.37
N GLY A 410 0.98 12.28 7.37
CA GLY A 410 1.40 12.62 6.04
C GLY A 410 0.64 13.76 5.43
N LYS A 411 -0.68 13.72 5.56
CA LYS A 411 -1.49 14.84 5.06
C LYS A 411 -1.11 16.16 5.71
N ARG A 412 -0.75 16.13 6.99
CA ARG A 412 -0.36 17.32 7.74
C ARG A 412 1.05 17.80 7.40
N ILE A 413 1.98 16.87 7.24
CA ILE A 413 3.32 17.21 6.76
C ILE A 413 3.20 17.85 5.38
N PHE A 414 2.50 17.16 4.49
CA PHE A 414 2.21 17.65 3.15
C PHE A 414 1.58 19.06 3.12
N ASP A 415 0.57 19.32 3.95
CA ASP A 415 -0.12 20.61 3.87
C ASP A 415 0.85 21.72 4.24
N HIS A 416 1.62 21.48 5.29
CA HIS A 416 2.66 22.41 5.69
C HIS A 416 3.67 22.61 4.56
N ALA A 417 4.18 21.51 4.03
CA ALA A 417 5.17 21.57 2.94
C ALA A 417 4.72 22.45 1.77
N ILE A 418 3.47 22.28 1.35
CA ILE A 418 2.94 22.88 0.13
C ILE A 418 2.56 24.35 0.33
N ARG A 419 2.32 24.72 1.57
CA ARG A 419 1.79 26.04 1.96
C ARG A 419 2.93 26.99 2.38
N TYR A 420 4.03 26.44 2.87
CA TYR A 420 5.15 27.24 3.33
C TYR A 420 5.64 28.13 2.21
N PRO A 421 5.91 29.41 2.44
CA PRO A 421 5.94 30.07 3.75
C PRO A 421 4.69 30.97 4.02
N HIS A 422 3.52 30.57 3.54
CA HIS A 422 2.33 31.38 3.66
C HIS A 422 1.52 31.03 4.89
N ASN A 423 0.56 31.90 5.20
CA ASN A 423 -0.38 31.73 6.31
C ASN A 423 0.34 31.59 7.64
N GLY A 424 1.39 32.39 7.82
CA GLY A 424 2.18 32.37 9.05
C GLY A 424 3.06 31.15 9.33
N LEU A 425 3.27 30.29 8.34
CA LEU A 425 4.23 29.19 8.50
C LEU A 425 5.65 29.75 8.35
N THR A 426 6.40 29.75 9.46
CA THR A 426 7.73 30.38 9.53
C THR A 426 8.87 29.36 9.35
N THR A 427 8.62 28.10 9.65
CA THR A 427 9.55 27.03 9.34
C THR A 427 9.08 26.19 8.16
N GLU A 428 10.02 25.67 7.35
CA GLU A 428 9.71 24.77 6.22
C GLU A 428 8.93 23.53 6.63
N LEU A 429 9.21 23.01 7.83
CA LEU A 429 8.56 21.81 8.32
C LEU A 429 7.85 22.06 9.64
N PRO A 430 6.94 21.15 9.99
CA PRO A 430 6.43 21.15 11.35
C PRO A 430 7.57 20.92 12.33
N THR A 431 7.57 21.68 13.43
CA THR A 431 8.54 21.52 14.51
C THR A 431 7.95 20.89 15.76
N ASP A 432 6.64 21.06 15.97
CA ASP A 432 5.96 20.56 17.13
C ASP A 432 5.16 19.29 16.76
N LEU A 433 5.33 18.23 17.53
CA LEU A 433 4.60 16.96 17.29
C LEU A 433 3.06 17.11 17.33
N GLY A 434 2.57 18.04 18.13
CA GLY A 434 1.14 18.31 18.21
C GLY A 434 0.49 18.78 16.92
N GLU A 435 1.28 19.33 15.99
CA GLU A 435 0.78 19.67 14.63
C GLU A 435 0.37 18.44 13.82
N LEU A 436 0.98 17.29 14.11
CA LEU A 436 0.84 16.07 13.32
C LEU A 436 0.09 14.96 14.05
N LEU A 437 0.34 14.82 15.34
CA LEU A 437 -0.32 13.81 16.13
C LEU A 437 -1.46 14.43 16.98
N LYS A 438 -2.68 14.21 16.52
CA LYS A 438 -3.87 14.77 17.16
C LYS A 438 -4.42 13.86 18.29
N SER A 439 -5.51 14.30 18.90
CA SER A 439 -6.10 13.63 20.04
C SER A 439 -6.63 12.23 19.73
N SER A 440 -7.46 12.13 18.68
CA SER A 440 -8.11 10.84 18.36
C SER A 440 -7.08 9.78 17.94
N ASP A 441 -5.98 10.23 17.31
CA ASP A 441 -4.85 9.37 16.94
C ASP A 441 -4.19 8.78 18.19
N LYS A 442 -3.91 9.63 19.17
CA LYS A 442 -3.37 9.17 20.45
C LYS A 442 -4.31 8.19 21.18
N VAL A 443 -5.62 8.39 21.08
CA VAL A 443 -6.58 7.49 21.75
C VAL A 443 -6.54 6.07 21.20
N MET A 444 -6.60 5.93 19.87
CA MET A 444 -6.58 4.60 19.25
C MET A 444 -5.25 3.85 19.49
N LEU A 445 -4.11 4.56 19.42
CA LEU A 445 -2.81 3.94 19.69
C LEU A 445 -2.66 3.42 21.13
N LYS A 446 -3.15 4.20 22.09
CA LYS A 446 -3.13 3.78 23.50
C LYS A 446 -4.00 2.52 23.73
N ARG A 447 -5.14 2.44 23.04
CA ARG A 447 -6.00 1.25 23.10
C ARG A 447 -5.31 0.01 22.54
N ARG A 448 -4.56 0.21 21.46
CA ARG A 448 -3.77 -0.87 20.89
C ARG A 448 -2.66 -1.32 21.82
N ILE A 449 -2.04 -0.36 22.52
CA ILE A 449 -1.00 -0.67 23.51
C ILE A 449 -1.56 -1.42 24.73
N LEU A 450 -2.73 -1.00 25.21
CA LEU A 450 -3.42 -1.66 26.32
C LEU A 450 -3.71 -3.13 26.02
N ALA A 451 -4.17 -3.40 24.81
CA ALA A 451 -4.50 -4.75 24.36
C ALA A 451 -3.29 -5.68 24.35
N LEU A 452 -2.09 -5.12 24.22
CA LEU A 452 -0.83 -5.86 24.27
C LEU A 452 -0.29 -6.09 25.67
N ARG A 453 -0.71 -5.26 26.63
CA ARG A 453 -0.31 -5.41 28.05
C ARG A 453 -0.61 -6.84 28.51
N ARG A 454 0.32 -7.43 29.26
CA ARG A 454 0.02 -8.72 29.84
C ARG A 454 -0.05 -8.68 31.38
N PRO A 455 -0.83 -9.61 31.99
CA PRO A 455 -1.06 -9.61 33.43
C PRO A 455 0.19 -9.46 34.31
N GLU A 456 -0.03 -8.96 35.52
CA GLU A 456 1.02 -8.83 36.53
C GLU A 456 1.83 -10.13 36.65
N GLY A 457 3.12 -10.05 36.32
CA GLY A 457 4.02 -11.18 36.45
C GLY A 457 3.80 -12.36 35.51
N GLN A 458 3.07 -12.16 34.41
CA GLN A 458 2.97 -13.17 33.34
C GLN A 458 4.19 -13.00 32.43
N LEU A 459 4.90 -14.10 32.19
CA LEU A 459 6.05 -14.11 31.32
C LEU A 459 5.66 -14.71 29.96
N PRO A 460 6.40 -14.36 28.89
CA PRO A 460 6.19 -14.94 27.57
C PRO A 460 6.35 -16.45 27.62
N PRO A 461 5.41 -17.21 27.04
CA PRO A 461 5.49 -18.66 27.20
C PRO A 461 6.74 -19.33 26.64
N ILE A 462 7.09 -20.49 27.19
CA ILE A 462 8.12 -21.37 26.63
C ILE A 462 7.57 -22.32 25.56
N VAL A 463 6.27 -22.24 25.25
CA VAL A 463 5.67 -23.12 24.25
C VAL A 463 4.49 -22.42 23.55
N THR A 464 4.35 -22.74 22.26
CA THR A 464 3.37 -22.10 21.37
C THR A 464 2.04 -22.86 21.28
N HIS A 465 2.05 -24.13 21.68
CA HIS A 465 0.91 -25.04 21.57
C HIS A 465 0.45 -25.53 22.95
N ASN A 466 -0.79 -26.01 22.98
CA ASN A 466 -1.32 -26.76 24.13
C ASN A 466 -0.89 -28.20 23.95
N MET A 467 -0.11 -28.70 24.91
CA MET A 467 0.44 -30.04 24.83
C MET A 467 -0.60 -31.04 25.34
N VAL A 468 -0.57 -32.24 24.76
CA VAL A 468 -1.41 -33.35 25.23
C VAL A 468 -0.97 -33.72 26.65
N ASP A 469 0.32 -34.04 26.80
CA ASP A 469 0.91 -34.41 28.09
C ASP A 469 2.07 -33.47 28.43
N ASP A 470 1.72 -32.32 28.99
CA ASP A 470 2.69 -31.26 29.30
C ASP A 470 3.65 -31.62 30.45
N ALA A 471 3.11 -32.18 31.53
CA ALA A 471 3.89 -32.50 32.73
C ALA A 471 4.97 -33.58 32.53
N ASN A 472 4.76 -34.48 31.56
CA ASN A 472 5.74 -35.52 31.24
C ASN A 472 6.53 -35.32 29.95
N ASP A 473 6.43 -34.14 29.34
CA ASP A 473 7.20 -33.84 28.12
C ASP A 473 8.67 -33.55 28.46
N LEU A 474 9.57 -34.19 27.71
CA LEU A 474 11.00 -34.17 28.06
C LEU A 474 11.64 -32.82 27.83
N ILE A 475 11.28 -32.17 26.73
CA ILE A 475 11.83 -30.85 26.36
C ILE A 475 11.39 -29.82 27.39
N LEU A 476 10.08 -29.78 27.62
CA LEU A 476 9.51 -28.82 28.56
C LEU A 476 10.01 -29.03 29.99
N ASN A 477 10.07 -30.28 30.45
CA ASN A 477 10.60 -30.57 31.78
C ASN A 477 12.05 -30.11 31.94
N LYS A 478 12.85 -30.24 30.89
CA LYS A 478 14.25 -29.85 30.94
C LYS A 478 14.41 -28.33 31.00
N ILE A 479 13.59 -27.61 30.23
CA ILE A 479 13.56 -26.14 30.29
C ILE A 479 13.19 -25.68 31.71
N ARG A 480 12.13 -26.26 32.27
CA ARG A 480 11.70 -25.93 33.64
C ARG A 480 12.78 -26.20 34.69
N GLN A 481 13.49 -27.32 34.49
CA GLN A 481 14.60 -27.70 35.37
C GLN A 481 15.78 -26.72 35.33
N VAL A 482 16.13 -26.22 34.15
CA VAL A 482 17.23 -25.21 34.00
C VAL A 482 16.75 -23.77 34.19
N GLN A 483 15.43 -23.59 34.27
CA GLN A 483 14.78 -22.36 34.71
C GLN A 483 14.99 -21.23 33.72
N LEU A 484 14.65 -21.53 32.47
CA LEU A 484 14.59 -20.56 31.40
C LEU A 484 13.11 -20.28 31.14
N PHE A 485 12.55 -19.37 31.95
CA PHE A 485 11.14 -19.01 31.90
C PHE A 485 10.88 -17.71 31.14
N ASN A 486 11.91 -17.21 30.45
CA ASN A 486 11.83 -16.00 29.63
C ASN A 486 11.55 -14.77 30.46
N SER A 487 12.33 -14.59 31.52
CA SER A 487 12.24 -13.37 32.31
C SER A 487 13.00 -12.25 31.56
N PRO A 488 12.70 -10.98 31.88
CA PRO A 488 13.42 -9.86 31.25
C PRO A 488 14.95 -9.94 31.39
N SER A 489 15.41 -10.42 32.55
CA SER A 489 16.84 -10.52 32.85
C SER A 489 17.56 -11.73 32.21
N ASP A 490 16.79 -12.67 31.67
CA ASP A 490 17.37 -13.73 30.86
C ASP A 490 17.81 -13.18 29.49
N ARG A 491 19.10 -13.31 29.18
CA ARG A 491 19.60 -12.99 27.83
C ARG A 491 19.34 -14.10 26.79
N VAL A 492 18.81 -15.25 27.23
CA VAL A 492 18.60 -16.40 26.36
C VAL A 492 17.15 -16.74 26.58
N LYS A 493 16.37 -16.68 25.51
CA LYS A 493 14.94 -16.95 25.56
C LYS A 493 14.74 -18.31 24.94
N MET A 494 13.59 -18.91 25.22
CA MET A 494 13.34 -20.29 24.87
C MET A 494 11.93 -20.40 24.32
N ILE A 495 11.80 -20.91 23.09
CA ILE A 495 10.48 -21.11 22.48
C ILE A 495 10.42 -22.48 21.83
N PHE A 496 9.66 -23.37 22.44
CA PHE A 496 9.44 -24.71 21.92
C PHE A 496 8.24 -24.65 21.01
N HIS A 497 8.45 -25.03 19.76
CA HIS A 497 7.40 -25.07 18.74
C HIS A 497 7.23 -26.53 18.31
N PRO A 498 6.28 -27.26 18.94
CA PRO A 498 6.25 -28.73 18.85
C PRO A 498 5.59 -29.27 17.59
N GLU A 499 5.98 -28.79 16.42
CA GLU A 499 5.26 -29.07 15.18
C GLU A 499 6.16 -28.65 14.03
N PHE A 500 6.02 -29.32 12.90
CA PHE A 500 6.83 -28.98 11.75
C PHE A 500 6.31 -27.70 11.12
N LEU A 501 7.23 -26.82 10.74
CA LEU A 501 6.92 -25.50 10.21
C LEU A 501 6.25 -25.60 8.86
N ASN A 502 5.35 -24.69 8.56
CA ASN A 502 4.63 -24.67 7.31
C ASN A 502 4.20 -23.25 7.03
N ALA A 503 4.28 -22.83 5.78
CA ALA A 503 3.85 -21.48 5.39
C ALA A 503 2.42 -21.13 5.78
N ASN A 504 1.55 -22.14 5.93
CA ASN A 504 0.14 -21.95 6.33
C ASN A 504 -0.06 -21.78 7.83
N ASN A 505 0.98 -22.04 8.61
CA ASN A 505 0.95 -21.79 10.05
C ASN A 505 0.46 -20.36 10.32
N PRO A 506 -0.56 -20.20 11.19
CA PRO A 506 -1.08 -18.87 11.51
C PRO A 506 -0.17 -17.92 12.31
N ILE A 507 0.79 -18.42 13.08
CA ILE A 507 1.67 -17.54 13.92
C ILE A 507 3.05 -17.28 13.32
N LEU A 508 3.59 -18.26 12.61
CA LEU A 508 4.93 -18.18 12.04
C LEU A 508 4.85 -18.73 10.62
N GLY A 509 4.44 -17.88 9.68
CA GLY A 509 4.05 -18.31 8.34
C GLY A 509 5.20 -18.58 7.38
N LEU A 510 6.06 -19.50 7.77
CA LEU A 510 7.27 -19.86 7.06
C LEU A 510 7.32 -21.37 6.89
N ASP A 511 7.73 -21.80 5.72
CA ASP A 511 8.24 -23.16 5.52
C ASP A 511 9.59 -23.31 6.22
N TYR A 512 9.93 -24.55 6.52
CA TYR A 512 11.15 -24.86 7.28
C TYR A 512 12.42 -24.32 6.61
N ASP A 513 12.52 -24.47 5.29
CA ASP A 513 13.67 -23.91 4.56
C ASP A 513 13.77 -22.38 4.79
N GLU A 514 12.66 -21.67 4.66
CA GLU A 514 12.61 -20.20 4.87
C GLU A 514 13.02 -19.79 6.30
N PHE A 515 12.52 -20.52 7.28
CA PHE A 515 12.86 -20.27 8.69
C PHE A 515 14.36 -20.46 8.95
N VAL A 516 14.94 -21.54 8.40
CA VAL A 516 16.37 -21.81 8.50
C VAL A 516 17.14 -20.61 7.96
N ARG A 517 16.77 -20.17 6.77
CA ARG A 517 17.44 -19.01 6.11
C ARG A 517 17.48 -17.79 7.02
N GLY A 518 16.39 -17.57 7.75
CA GLY A 518 16.26 -16.40 8.63
C GLY A 518 16.99 -16.47 9.96
N CYS A 519 17.35 -17.67 10.40
CA CYS A 519 18.07 -17.82 11.66
C CYS A 519 19.54 -17.42 11.51
N HIS A 520 20.27 -17.44 12.61
CA HIS A 520 21.67 -17.07 12.63
C HIS A 520 22.61 -18.25 12.80
N LEU A 521 22.16 -19.26 13.56
CA LEU A 521 22.97 -20.42 13.92
C LEU A 521 22.09 -21.64 14.18
N GLY A 522 22.34 -22.73 13.44
CA GLY A 522 21.78 -24.04 13.78
C GLY A 522 22.61 -24.67 14.88
N VAL A 523 22.00 -25.42 15.78
CA VAL A 523 22.69 -26.08 16.90
C VAL A 523 22.09 -27.47 17.04
N PHE A 524 22.83 -28.47 16.56
CA PHE A 524 22.38 -29.86 16.47
C PHE A 524 23.40 -30.78 17.14
N PRO A 525 23.43 -30.78 18.49
CA PRO A 525 24.50 -31.45 19.23
C PRO A 525 24.17 -32.93 19.43
N SER A 526 24.14 -33.65 18.31
CA SER A 526 23.65 -35.02 18.27
C SER A 526 24.55 -36.01 19.03
N TYR A 527 23.93 -37.04 19.62
CA TYR A 527 24.64 -38.18 20.17
C TYR A 527 24.65 -39.35 19.19
N TYR A 528 23.49 -39.67 18.61
CA TYR A 528 23.38 -40.67 17.54
C TYR A 528 22.72 -40.07 16.30
N GLU A 529 23.49 -39.97 15.22
CA GLU A 529 23.05 -39.37 13.96
C GLU A 529 23.98 -39.89 12.84
N PRO A 530 23.59 -40.98 12.16
CA PRO A 530 24.41 -41.56 11.10
C PRO A 530 24.77 -40.61 9.95
N TRP A 531 23.82 -39.82 9.47
CA TRP A 531 24.18 -38.70 8.57
C TRP A 531 23.94 -37.30 9.20
N GLY A 532 22.70 -36.84 9.22
CA GLY A 532 22.45 -35.48 9.66
C GLY A 532 22.15 -34.58 8.48
N TYR A 533 20.97 -34.81 7.92
CA TYR A 533 20.42 -33.95 6.90
C TYR A 533 20.18 -32.53 7.39
N THR A 534 19.92 -32.37 8.67
CA THR A 534 19.63 -31.07 9.27
C THR A 534 20.82 -30.09 9.11
N PRO A 535 22.00 -30.38 9.70
CA PRO A 535 23.16 -29.49 9.47
C PRO A 535 23.65 -29.43 8.01
N ALA A 536 23.40 -30.46 7.22
CA ALA A 536 23.72 -30.40 5.79
C ALA A 536 22.84 -29.33 5.12
N GLU A 537 21.53 -29.38 5.42
CA GLU A 537 20.56 -28.45 4.85
C GLU A 537 20.86 -27.01 5.26
N CYS A 538 21.05 -26.84 6.57
CA CYS A 538 21.42 -25.59 7.20
C CYS A 538 22.69 -25.00 6.53
N THR A 539 23.67 -25.86 6.26
CA THR A 539 24.89 -25.45 5.56
C THR A 539 24.60 -24.95 4.13
N VAL A 540 23.75 -25.69 3.41
CA VAL A 540 23.30 -25.32 2.04
C VAL A 540 22.59 -23.97 1.97
N MET A 541 21.82 -23.63 3.01
CA MET A 541 21.13 -22.33 3.14
C MET A 541 22.08 -21.19 3.60
N GLY A 542 23.38 -21.47 3.72
CA GLY A 542 24.34 -20.45 4.13
C GLY A 542 24.24 -20.05 5.59
N VAL A 543 23.80 -20.98 6.44
CA VAL A 543 23.68 -20.75 7.87
C VAL A 543 24.70 -21.59 8.59
N PRO A 544 25.60 -20.97 9.39
CA PRO A 544 26.51 -21.79 10.17
C PRO A 544 25.79 -22.68 11.17
N SER A 545 26.47 -23.72 11.65
CA SER A 545 25.86 -24.70 12.55
C SER A 545 26.88 -25.32 13.46
N ILE A 546 26.38 -25.80 14.60
CA ILE A 546 27.14 -26.59 15.53
C ILE A 546 26.62 -28.01 15.40
N THR A 547 27.55 -28.95 15.28
CA THR A 547 27.24 -30.38 15.17
C THR A 547 28.25 -31.13 16.03
N THR A 548 28.22 -32.47 15.98
CA THR A 548 29.14 -33.28 16.78
C THR A 548 29.96 -34.23 15.92
N ASN A 549 31.12 -34.62 16.46
CA ASN A 549 32.00 -35.59 15.82
C ASN A 549 31.51 -37.04 15.93
N VAL A 550 30.33 -37.27 16.52
CA VAL A 550 29.65 -38.57 16.42
C VAL A 550 28.46 -38.54 15.46
N SER A 551 28.26 -37.39 14.79
CA SER A 551 27.32 -37.26 13.67
C SER A 551 28.07 -37.55 12.36
N GLY A 552 27.40 -38.23 11.42
CA GLY A 552 27.98 -38.50 10.12
C GLY A 552 28.45 -37.22 9.47
N PHE A 553 27.56 -36.24 9.41
CA PHE A 553 27.83 -34.92 8.83
C PHE A 553 29.06 -34.29 9.46
N GLY A 554 29.09 -34.24 10.79
CA GLY A 554 30.23 -33.70 11.53
C GLY A 554 31.50 -34.49 11.28
N SER A 555 31.40 -35.82 11.27
CA SER A 555 32.56 -36.68 10.99
C SER A 555 33.10 -36.42 9.58
N TYR A 556 32.19 -36.28 8.61
CA TYR A 556 32.56 -36.01 7.23
C TYR A 556 33.23 -34.64 7.05
N MET A 557 32.75 -33.64 7.77
CA MET A 557 33.32 -32.28 7.71
C MET A 557 34.63 -32.15 8.47
N GLU A 558 34.82 -33.01 9.48
CA GLU A 558 36.07 -33.09 10.22
C GLU A 558 37.22 -33.53 9.30
N ASP A 559 36.98 -34.56 8.48
CA ASP A 559 38.00 -35.02 7.51
C ASP A 559 38.30 -34.03 6.39
N LEU A 560 37.30 -33.23 6.02
CA LEU A 560 37.38 -32.41 4.83
C LEU A 560 38.08 -31.07 5.05
N ILE A 561 38.03 -30.55 6.27
CA ILE A 561 38.62 -29.26 6.62
C ILE A 561 39.46 -29.43 7.87
N GLU A 562 40.59 -28.73 7.97
CA GLU A 562 41.34 -28.69 9.23
C GLU A 562 40.43 -28.10 10.33
N THR A 563 40.28 -28.81 11.44
CA THR A 563 39.17 -28.57 12.40
C THR A 563 39.09 -27.16 13.02
N ASN A 564 40.23 -26.50 13.21
CA ASN A 564 40.24 -25.09 13.61
C ASN A 564 39.87 -24.14 12.45
N GLN A 565 40.22 -24.52 11.22
CA GLN A 565 39.75 -23.79 10.02
C GLN A 565 38.21 -23.90 9.81
N ALA A 566 37.61 -25.01 10.22
CA ALA A 566 36.16 -25.23 10.05
C ALA A 566 35.25 -24.13 10.67
N LYS A 567 35.69 -23.53 11.78
CA LYS A 567 34.97 -22.42 12.42
C LYS A 567 34.91 -21.16 11.55
N ASP A 568 35.87 -21.01 10.65
CA ASP A 568 35.87 -19.89 9.69
C ASP A 568 34.91 -20.15 8.51
N TYR A 569 34.64 -21.43 8.22
CA TYR A 569 33.57 -21.83 7.31
C TYR A 569 32.19 -22.07 7.97
N GLY A 570 32.03 -21.64 9.22
CA GLY A 570 30.77 -21.78 9.94
C GLY A 570 30.36 -23.18 10.37
N ILE A 571 31.31 -24.12 10.39
CA ILE A 571 31.06 -25.49 10.83
C ILE A 571 31.70 -25.68 12.20
N TYR A 572 30.90 -25.67 13.25
CA TYR A 572 31.39 -25.88 14.60
C TYR A 572 31.17 -27.35 14.92
N ILE A 573 32.22 -28.05 15.37
CA ILE A 573 32.13 -29.49 15.68
C ILE A 573 32.47 -29.74 17.14
N VAL A 574 31.46 -30.12 17.94
CA VAL A 574 31.67 -30.44 19.35
C VAL A 574 32.19 -31.86 19.47
N ASP A 575 33.16 -32.05 20.36
CA ASP A 575 33.73 -33.36 20.68
C ASP A 575 32.81 -34.07 21.68
N ARG A 576 32.07 -35.08 21.20
CA ARG A 576 31.25 -35.95 22.05
C ARG A 576 31.77 -37.40 22.14
N ARG A 577 32.94 -37.68 21.53
CA ARG A 577 33.51 -39.03 21.49
C ARG A 577 34.59 -39.23 22.57
N PHE A 578 35.58 -38.34 22.58
CA PHE A 578 36.75 -38.46 23.47
C PHE A 578 36.74 -37.51 24.68
N LYS A 579 35.61 -36.82 24.92
CA LYS A 579 35.44 -35.91 26.06
C LYS A 579 34.26 -36.37 26.90
N ALA A 580 34.33 -36.08 28.21
CA ALA A 580 33.25 -36.38 29.14
C ALA A 580 32.04 -35.49 28.85
N PRO A 581 30.81 -35.98 29.11
CA PRO A 581 29.62 -35.17 28.87
C PRO A 581 29.67 -33.72 29.35
N ASP A 582 30.23 -33.46 30.54
CA ASP A 582 30.31 -32.07 31.04
C ASP A 582 31.33 -31.20 30.29
N GLU A 583 32.39 -31.83 29.76
CA GLU A 583 33.36 -31.12 28.92
C GLU A 583 32.79 -30.77 27.52
N SER A 584 31.86 -31.61 27.03
CA SER A 584 31.17 -31.38 25.75
C SER A 584 30.22 -30.17 25.82
N VAL A 585 29.46 -30.10 26.91
CA VAL A 585 28.54 -29.00 27.17
C VAL A 585 29.32 -27.68 27.25
N GLU A 586 30.43 -27.66 27.99
CA GLU A 586 31.26 -26.45 28.06
C GLU A 586 31.85 -26.02 26.72
N GLN A 587 32.15 -26.97 25.84
CA GLN A 587 32.63 -26.66 24.48
C GLN A 587 31.51 -26.12 23.57
N LEU A 588 30.32 -26.70 23.70
CA LEU A 588 29.13 -26.21 23.03
C LEU A 588 28.84 -24.77 23.46
N VAL A 589 28.92 -24.50 24.76
CA VAL A 589 28.77 -23.14 25.29
C VAL A 589 29.89 -22.22 24.76
N ASP A 590 31.12 -22.72 24.76
CA ASP A 590 32.27 -21.97 24.24
C ASP A 590 32.00 -21.51 22.81
N TYR A 591 31.52 -22.43 21.97
CA TYR A 591 31.20 -22.12 20.58
C TYR A 591 30.08 -21.10 20.43
N MET A 592 28.99 -21.27 21.19
CA MET A 592 27.87 -20.32 21.15
C MET A 592 28.27 -18.93 21.63
N GLU A 593 29.03 -18.86 22.71
CA GLU A 593 29.48 -17.57 23.27
C GLU A 593 30.39 -16.85 22.28
N GLU A 594 31.25 -17.60 21.61
CA GLU A 594 32.12 -17.05 20.57
C GLU A 594 31.27 -16.46 19.42
N PHE A 595 30.19 -17.14 19.05
CA PHE A 595 29.27 -16.65 18.01
C PHE A 595 28.53 -15.37 18.45
N VAL A 596 28.07 -15.33 19.69
CA VAL A 596 27.37 -14.16 20.22
C VAL A 596 28.24 -12.90 20.24
N LYS A 597 29.55 -13.06 20.36
CA LYS A 597 30.49 -11.94 20.35
C LYS A 597 30.80 -11.41 18.94
N LYS A 598 30.47 -12.18 17.90
CA LYS A 598 30.66 -11.72 16.53
C LYS A 598 29.82 -10.49 16.19
N THR A 599 30.41 -9.62 15.37
CA THR A 599 29.74 -8.47 14.78
C THR A 599 28.83 -8.91 13.62
N ARG A 600 28.02 -7.97 13.12
CA ARG A 600 27.22 -8.22 11.92
C ARG A 600 28.12 -8.43 10.69
N ARG A 601 29.19 -7.66 10.58
CA ARG A 601 30.16 -7.83 9.48
C ARG A 601 30.67 -9.27 9.43
N GLN A 602 31.12 -9.74 10.60
CA GLN A 602 31.68 -11.09 10.78
C GLN A 602 30.66 -12.19 10.52
N ARG A 603 29.45 -12.02 11.05
CA ARG A 603 28.32 -12.92 10.77
C ARG A 603 28.03 -13.08 9.28
N ILE A 604 28.04 -11.96 8.55
CA ILE A 604 27.82 -11.94 7.10
C ILE A 604 28.92 -12.69 6.36
N ASN A 605 30.17 -12.44 6.72
CA ASN A 605 31.31 -13.06 6.06
C ASN A 605 31.37 -14.56 6.34
N GLN A 606 31.12 -14.95 7.59
CA GLN A 606 30.97 -16.36 7.95
C GLN A 606 29.86 -17.01 7.13
N ARG A 607 28.72 -16.33 6.99
CA ARG A 607 27.62 -16.86 6.16
C ARG A 607 28.03 -17.02 4.69
N ASN A 608 28.81 -16.08 4.15
CA ASN A 608 29.34 -16.21 2.78
C ASN A 608 30.25 -17.46 2.66
N ARG A 609 31.09 -17.68 3.67
CA ARG A 609 31.96 -18.85 3.71
C ARG A 609 31.14 -20.16 3.81
N THR A 610 30.23 -20.23 4.77
CA THR A 610 29.35 -21.39 4.91
C THR A 610 28.68 -21.76 3.58
N GLU A 611 28.18 -20.73 2.89
CA GLU A 611 27.52 -20.89 1.60
C GLU A 611 28.47 -21.46 0.55
N ARG A 612 29.70 -20.98 0.52
CA ARG A 612 30.71 -21.48 -0.42
C ARG A 612 30.99 -23.00 -0.26
N LEU A 613 30.94 -23.50 0.98
CA LEU A 613 31.01 -24.95 1.26
C LEU A 613 29.92 -25.80 0.64
N SER A 614 28.72 -25.24 0.51
CA SER A 614 27.54 -25.97 0.04
C SER A 614 27.75 -26.75 -1.24
N ASP A 615 28.70 -26.30 -2.07
CA ASP A 615 29.04 -27.01 -3.31
C ASP A 615 29.60 -28.41 -3.07
N LEU A 616 30.35 -28.57 -1.98
CA LEU A 616 30.94 -29.85 -1.62
C LEU A 616 29.93 -30.88 -1.15
N LEU A 617 28.71 -30.43 -0.80
CA LEU A 617 27.60 -31.31 -0.40
C LEU A 617 26.63 -31.65 -1.53
N ASP A 618 26.93 -31.21 -2.76
CA ASP A 618 26.10 -31.52 -3.92
C ASP A 618 26.37 -32.94 -4.45
N TRP A 619 25.31 -33.61 -4.92
CA TRP A 619 25.40 -34.95 -5.55
C TRP A 619 26.38 -35.06 -6.73
N LYS A 620 26.61 -33.96 -7.47
CA LYS A 620 27.63 -33.95 -8.54
C LYS A 620 29.01 -34.39 -8.06
N ARG A 621 29.31 -34.09 -6.79
CA ARG A 621 30.52 -34.52 -6.13
C ARG A 621 30.31 -35.87 -5.41
N MET A 622 29.27 -35.95 -4.56
CA MET A 622 29.07 -37.06 -3.63
C MET A 622 28.70 -38.36 -4.34
N GLY A 623 28.02 -38.24 -5.46
CA GLY A 623 27.65 -39.39 -6.29
C GLY A 623 28.79 -40.17 -6.93
N LEU A 624 29.98 -39.60 -6.97
CA LEU A 624 31.18 -40.33 -7.33
C LEU A 624 31.47 -41.48 -6.36
N GLU A 625 31.17 -41.30 -5.07
CA GLU A 625 31.37 -42.39 -4.11
C GLU A 625 30.47 -43.59 -4.45
N TYR A 626 29.22 -43.31 -4.87
CA TYR A 626 28.33 -44.35 -5.42
C TYR A 626 28.93 -45.08 -6.63
N VAL A 627 29.60 -44.33 -7.50
CA VAL A 627 30.27 -44.92 -8.68
C VAL A 627 31.34 -45.90 -8.22
N LYS A 628 32.18 -45.49 -7.27
CA LYS A 628 33.21 -46.34 -6.69
C LYS A 628 32.66 -47.62 -6.05
N ALA A 629 31.46 -47.53 -5.47
CA ALA A 629 30.83 -48.68 -4.83
C ALA A 629 30.38 -49.70 -5.87
N ARG A 630 29.78 -49.22 -6.94
CA ARG A 630 29.33 -50.09 -8.02
C ARG A 630 30.49 -50.71 -8.79
N GLN A 631 31.58 -49.94 -8.98
CA GLN A 631 32.79 -50.43 -9.62
C GLN A 631 33.39 -51.59 -8.83
N LEU A 632 33.55 -51.39 -7.53
CA LEU A 632 34.08 -52.42 -6.66
C LEU A 632 33.24 -53.70 -6.68
N ALA A 633 31.91 -53.54 -6.75
CA ALA A 633 30.98 -54.67 -6.87
C ALA A 633 31.17 -55.46 -8.18
N LEU A 634 31.38 -54.73 -9.28
CA LEU A 634 31.75 -55.34 -10.57
C LEU A 634 33.14 -55.99 -10.54
N ARG A 635 34.11 -55.33 -9.91
CA ARG A 635 35.44 -55.91 -9.72
C ARG A 635 35.40 -57.24 -9.00
N ARG A 636 34.66 -57.29 -7.89
CA ARG A 636 34.63 -58.50 -7.06
C ARG A 636 33.82 -59.65 -7.66
N GLY A 637 32.67 -59.33 -8.24
CA GLY A 637 31.80 -60.33 -8.87
C GLY A 637 32.35 -60.94 -10.15
N TYR A 638 32.87 -60.10 -11.04
CA TYR A 638 33.42 -60.55 -12.33
C TYR A 638 34.91 -60.20 -12.45
N PRO A 639 35.77 -60.81 -11.60
CA PRO A 639 37.19 -60.44 -11.63
C PRO A 639 37.91 -60.76 -12.94
N ASP A 640 37.51 -61.85 -13.61
CA ASP A 640 38.14 -62.27 -14.88
C ASP A 640 37.84 -61.26 -15.99
N GLN A 641 36.56 -60.92 -16.16
CA GLN A 641 36.16 -59.93 -17.16
C GLN A 641 36.63 -58.52 -16.82
N PHE A 642 36.84 -58.23 -15.53
CA PHE A 642 37.38 -56.92 -15.11
C PHE A 642 38.87 -56.85 -15.46
N ARG A 643 39.62 -57.89 -15.10
CA ARG A 643 41.06 -57.98 -15.41
C ARG A 643 41.37 -57.88 -16.90
N GLU A 644 40.52 -58.49 -17.72
CA GLU A 644 40.70 -58.44 -19.18
C GLU A 644 40.38 -57.05 -19.73
N LEU A 645 39.33 -56.43 -19.22
CA LEU A 645 38.95 -55.07 -19.58
C LEU A 645 40.00 -54.02 -19.22
N VAL A 646 40.74 -54.26 -18.14
CA VAL A 646 41.67 -53.28 -17.54
C VAL A 646 43.16 -53.58 -17.77
N GLY A 647 43.54 -54.86 -17.96
CA GLY A 647 44.95 -55.25 -18.16
C GLY A 647 45.68 -55.86 -16.96
N GLU A 648 45.22 -55.55 -15.75
CA GLU A 648 45.83 -56.04 -14.51
C GLU A 648 44.73 -56.32 -13.49
N GLU A 649 45.06 -57.16 -12.54
CA GLU A 649 44.16 -57.50 -11.44
C GLU A 649 44.22 -56.32 -10.46
N LEU A 650 43.22 -55.43 -10.53
CA LEU A 650 43.19 -54.22 -9.68
C LEU A 650 42.84 -54.51 -8.23
N ASN A 651 43.27 -53.62 -7.34
CA ASN A 651 43.13 -53.84 -5.92
C ASN A 651 41.65 -53.69 -5.52
N ASP A 652 41.08 -54.78 -5.01
CA ASP A 652 39.67 -54.83 -4.60
C ASP A 652 39.44 -54.83 -3.07
N SER A 653 40.44 -54.41 -2.29
CA SER A 653 40.31 -54.41 -0.82
C SER A 653 39.44 -53.27 -0.27
N ASN A 654 39.08 -52.30 -1.13
CA ASN A 654 38.38 -51.05 -0.77
C ASN A 654 37.78 -50.40 -2.00
N MET A 655 36.84 -49.50 -1.79
CA MET A 655 36.42 -48.58 -2.83
C MET A 655 37.58 -47.64 -3.25
N ASP A 656 38.33 -47.15 -2.26
CA ASP A 656 39.46 -46.24 -2.50
C ASP A 656 40.64 -46.88 -3.21
N ALA A 657 40.99 -48.10 -2.81
CA ALA A 657 42.08 -48.86 -3.41
C ALA A 657 41.86 -49.12 -4.90
N LEU A 658 40.60 -49.25 -5.30
CA LEU A 658 40.27 -49.45 -6.70
C LEU A 658 40.39 -48.16 -7.50
N ALA A 659 39.95 -47.06 -6.90
CA ALA A 659 39.78 -45.77 -7.61
C ALA A 659 41.11 -45.10 -8.07
N SER B 22 -61.56 4.36 -42.31
CA SER B 22 -60.48 4.38 -43.33
C SER B 22 -59.07 4.25 -42.73
N ARG B 23 -58.77 5.05 -41.69
CA ARG B 23 -57.40 5.16 -41.16
C ARG B 23 -57.34 5.35 -39.63
N ASP B 24 -56.53 4.52 -38.96
CA ASP B 24 -56.49 4.45 -37.48
C ASP B 24 -55.52 5.47 -36.86
N LEU B 25 -56.00 6.20 -35.84
CA LEU B 25 -55.22 7.25 -35.19
C LEU B 25 -54.48 6.83 -33.91
N GLN B 26 -54.94 5.77 -33.25
CA GLN B 26 -54.26 5.24 -32.05
C GLN B 26 -53.07 4.39 -32.44
N ASN B 27 -53.32 3.37 -33.26
CA ASN B 27 -52.25 2.59 -33.87
C ASN B 27 -51.82 3.34 -35.12
N HIS B 28 -50.72 4.08 -35.01
CA HIS B 28 -50.18 4.88 -36.12
C HIS B 28 -48.67 4.70 -36.25
N LEU B 29 -48.13 5.04 -37.41
CA LEU B 29 -46.69 4.94 -37.67
C LEU B 29 -45.98 6.26 -37.37
N LEU B 30 -44.69 6.16 -37.06
CA LEU B 30 -43.85 7.32 -36.84
C LEU B 30 -42.59 7.22 -37.69
N PHE B 31 -42.39 8.20 -38.56
CA PHE B 31 -41.17 8.32 -39.33
C PHE B 31 -40.47 9.62 -38.94
N GLU B 32 -39.34 9.50 -38.27
CA GLU B 32 -38.62 10.65 -37.76
C GLU B 32 -37.37 10.84 -38.59
N THR B 33 -37.30 11.96 -39.31
CA THR B 33 -36.29 12.15 -40.32
C THR B 33 -35.34 13.28 -39.94
N ALA B 34 -34.04 13.04 -40.09
CA ALA B 34 -33.01 14.02 -39.76
C ALA B 34 -31.71 13.73 -40.48
N THR B 35 -30.84 14.73 -40.57
CA THR B 35 -29.54 14.59 -41.23
C THR B 35 -28.59 13.71 -40.42
N GLU B 36 -28.79 13.69 -39.10
CA GLU B 36 -27.80 13.17 -38.16
C GLU B 36 -28.08 11.76 -37.63
N VAL B 37 -28.96 10.99 -38.27
CA VAL B 37 -29.50 9.78 -37.63
C VAL B 37 -28.56 8.60 -37.40
N ALA B 38 -27.45 8.50 -38.11
CA ALA B 38 -26.42 7.51 -37.77
C ALA B 38 -25.08 8.17 -37.89
N ASN B 39 -25.03 9.43 -37.47
CA ASN B 39 -24.17 10.40 -38.12
C ASN B 39 -23.92 11.62 -37.23
N ARG B 40 -22.88 11.54 -36.40
CA ARG B 40 -22.49 12.65 -35.51
C ARG B 40 -22.07 13.87 -36.32
N VAL B 41 -22.91 14.91 -36.33
CA VAL B 41 -22.55 16.23 -36.86
C VAL B 41 -22.69 17.26 -35.74
N GLY B 42 -23.92 17.43 -35.23
CA GLY B 42 -24.22 18.40 -34.18
C GLY B 42 -24.93 17.79 -32.98
N GLY B 43 -25.54 18.65 -32.18
CA GLY B 43 -26.28 18.22 -31.00
C GLY B 43 -27.55 17.43 -31.27
N ILE B 44 -28.08 17.46 -32.49
CA ILE B 44 -29.33 16.75 -32.82
C ILE B 44 -29.16 15.22 -32.71
N TYR B 45 -27.98 14.72 -33.08
CA TYR B 45 -27.57 13.33 -32.86
C TYR B 45 -27.81 12.90 -31.43
N SER B 46 -27.30 13.69 -30.48
CA SER B 46 -27.49 13.38 -29.06
C SER B 46 -28.98 13.36 -28.67
N VAL B 47 -29.77 14.28 -29.22
CA VAL B 47 -31.23 14.34 -28.99
C VAL B 47 -31.93 13.06 -29.47
N LEU B 48 -31.74 12.72 -30.74
CA LEU B 48 -32.44 11.56 -31.33
C LEU B 48 -32.01 10.22 -30.72
N LYS B 49 -30.72 10.11 -30.39
CA LYS B 49 -30.15 8.95 -29.70
C LYS B 49 -30.68 8.81 -28.28
N SER B 50 -30.53 9.85 -27.48
CA SER B 50 -31.00 9.81 -26.09
C SER B 50 -32.52 9.63 -25.99
N LYS B 51 -33.25 10.10 -27.01
CA LYS B 51 -34.72 9.98 -27.10
C LYS B 51 -35.22 8.61 -27.58
N ALA B 52 -34.35 7.80 -28.19
CA ALA B 52 -34.78 6.53 -28.79
C ALA B 52 -35.46 5.55 -27.81
N PRO B 53 -34.88 5.33 -26.60
CA PRO B 53 -35.53 4.44 -25.63
C PRO B 53 -37.01 4.73 -25.39
N ILE B 54 -37.35 5.96 -24.96
CA ILE B 54 -38.76 6.33 -24.69
C ILE B 54 -39.65 6.27 -25.94
N THR B 55 -39.08 6.51 -27.12
CA THR B 55 -39.83 6.43 -28.38
C THR B 55 -40.09 4.97 -28.74
N VAL B 56 -39.05 4.13 -28.71
CA VAL B 56 -39.17 2.69 -29.01
C VAL B 56 -40.13 1.98 -28.05
N ALA B 57 -40.10 2.33 -26.77
CA ALA B 57 -41.04 1.81 -25.78
C ALA B 57 -42.51 2.00 -26.17
N GLN B 58 -42.82 3.12 -26.82
CA GLN B 58 -44.19 3.42 -27.25
C GLN B 58 -44.59 2.80 -28.61
N TYR B 59 -43.65 2.76 -29.55
CA TYR B 59 -43.93 2.38 -30.94
C TYR B 59 -43.40 1.02 -31.38
N LYS B 60 -42.35 0.53 -30.71
CA LYS B 60 -41.66 -0.73 -31.07
C LYS B 60 -41.25 -0.81 -32.55
N ASP B 61 -41.99 -1.56 -33.38
CA ASP B 61 -41.65 -1.74 -34.80
C ASP B 61 -42.45 -0.81 -35.73
N HIS B 62 -43.22 0.12 -35.16
CA HIS B 62 -43.94 1.16 -35.91
C HIS B 62 -43.08 2.43 -36.14
N TYR B 63 -41.99 2.54 -35.38
CA TYR B 63 -41.07 3.67 -35.43
C TYR B 63 -39.92 3.40 -36.38
N HIS B 64 -39.54 4.42 -37.14
CA HIS B 64 -38.34 4.37 -37.99
C HIS B 64 -37.70 5.73 -38.05
N LEU B 65 -36.38 5.78 -37.87
CA LEU B 65 -35.61 6.98 -38.14
C LEU B 65 -35.15 6.90 -39.58
N ILE B 66 -35.21 8.02 -40.30
CA ILE B 66 -34.78 8.09 -41.70
C ILE B 66 -33.67 9.13 -41.79
N GLY B 67 -32.62 8.83 -42.56
CA GLY B 67 -31.55 9.80 -42.80
C GLY B 67 -30.72 9.51 -44.03
N PRO B 68 -29.72 10.35 -44.31
CA PRO B 68 -28.79 10.09 -45.39
C PRO B 68 -27.71 9.14 -44.91
N LEU B 69 -27.32 8.23 -45.79
CA LEU B 69 -26.27 7.27 -45.49
C LEU B 69 -24.91 7.95 -45.55
N ASN B 70 -24.18 7.90 -44.44
CA ASN B 70 -22.77 8.26 -44.42
C ASN B 70 -21.96 6.98 -44.71
N LYS B 71 -21.58 6.80 -45.98
CA LYS B 71 -20.79 5.65 -46.40
C LYS B 71 -19.48 5.45 -45.62
N ALA B 72 -18.83 6.55 -45.24
CA ALA B 72 -17.57 6.51 -44.49
C ALA B 72 -17.66 5.91 -43.08
N THR B 73 -18.73 6.20 -42.34
CA THR B 73 -18.81 5.87 -40.90
C THR B 73 -19.99 5.01 -40.42
N TYR B 74 -20.95 4.70 -41.29
CA TYR B 74 -22.15 3.94 -40.87
C TYR B 74 -21.86 2.52 -40.36
N GLN B 75 -20.74 1.95 -40.82
CA GLN B 75 -20.28 0.63 -40.38
C GLN B 75 -20.17 0.51 -38.85
N ASN B 76 -19.66 1.56 -38.20
CA ASN B 76 -19.44 1.54 -36.75
C ASN B 76 -20.67 1.79 -35.88
N GLU B 77 -21.79 2.17 -36.48
CA GLU B 77 -23.02 2.51 -35.73
C GLU B 77 -24.26 1.68 -36.06
N VAL B 78 -24.33 1.10 -37.25
CA VAL B 78 -25.55 0.46 -37.73
C VAL B 78 -25.38 -1.06 -37.79
N ASP B 79 -26.30 -1.78 -37.18
CA ASP B 79 -26.40 -3.23 -37.32
C ASP B 79 -27.21 -3.48 -38.60
N ILE B 80 -26.52 -3.88 -39.67
CA ILE B 80 -27.14 -4.01 -41.00
C ILE B 80 -28.08 -5.22 -40.98
N LEU B 81 -29.38 -4.97 -41.16
CA LEU B 81 -30.42 -6.00 -41.07
C LEU B 81 -31.09 -6.14 -42.44
N ASP B 82 -31.33 -7.38 -42.87
CA ASP B 82 -31.93 -7.63 -44.18
C ASP B 82 -33.44 -7.37 -44.14
N TRP B 83 -33.95 -6.71 -45.18
CA TRP B 83 -35.35 -6.26 -45.23
C TRP B 83 -36.27 -7.12 -46.11
N LYS B 84 -35.70 -8.08 -46.86
CA LYS B 84 -36.50 -8.93 -47.75
C LYS B 84 -37.28 -10.04 -47.01
N LYS B 85 -36.70 -10.61 -45.95
CA LYS B 85 -37.33 -11.74 -45.24
C LYS B 85 -38.71 -11.39 -44.65
N PRO B 86 -39.63 -12.37 -44.59
CA PRO B 86 -40.92 -12.13 -43.91
C PRO B 86 -40.86 -12.00 -42.38
N GLU B 87 -39.73 -12.33 -41.76
CA GLU B 87 -39.53 -12.14 -40.31
C GLU B 87 -39.03 -10.72 -39.96
N ALA B 88 -38.65 -9.94 -40.99
CA ALA B 88 -38.22 -8.55 -40.81
C ALA B 88 -39.36 -7.64 -40.34
N PHE B 89 -40.55 -7.84 -40.88
CA PHE B 89 -41.73 -7.03 -40.57
C PHE B 89 -42.92 -7.89 -40.20
N SER B 90 -43.77 -7.36 -39.32
CA SER B 90 -45.04 -8.00 -38.97
C SER B 90 -46.07 -7.83 -40.10
N ASP B 91 -47.15 -8.60 -40.02
CA ASP B 91 -48.24 -8.55 -41.00
C ASP B 91 -48.81 -7.14 -41.17
N GLU B 92 -49.03 -6.42 -40.07
CA GLU B 92 -49.54 -5.03 -40.15
C GLU B 92 -48.48 -4.03 -40.64
N MET B 93 -47.20 -4.32 -40.38
CA MET B 93 -46.08 -3.52 -40.88
C MET B 93 -45.55 -3.95 -42.26
N ARG B 94 -46.26 -4.84 -42.95
CA ARG B 94 -45.90 -5.24 -44.32
C ARG B 94 -45.77 -4.07 -45.31
N PRO B 95 -46.71 -3.11 -45.28
CA PRO B 95 -46.64 -2.00 -46.24
C PRO B 95 -45.29 -1.28 -46.34
N VAL B 96 -44.58 -1.18 -45.22
CA VAL B 96 -43.23 -0.59 -45.20
C VAL B 96 -42.24 -1.46 -45.96
N GLN B 97 -42.38 -2.78 -45.87
CA GLN B 97 -41.56 -3.71 -46.65
C GLN B 97 -41.80 -3.52 -48.14
N HIS B 98 -43.08 -3.54 -48.53
CA HIS B 98 -43.47 -3.32 -49.93
C HIS B 98 -43.11 -1.93 -50.44
N ALA B 99 -43.12 -0.93 -49.56
CA ALA B 99 -42.68 0.42 -49.91
C ALA B 99 -41.17 0.48 -50.17
N LEU B 100 -40.38 -0.19 -49.33
CA LEU B 100 -38.93 -0.31 -49.52
C LEU B 100 -38.58 -1.10 -50.77
N GLN B 101 -39.38 -2.14 -51.03
CA GLN B 101 -39.31 -2.92 -52.27
C GLN B 101 -39.58 -2.03 -53.49
N THR B 102 -40.62 -1.19 -53.40
CA THR B 102 -40.96 -0.25 -54.47
C THR B 102 -39.83 0.76 -54.75
N MET B 103 -39.13 1.17 -53.69
CA MET B 103 -37.94 2.01 -53.84
C MET B 103 -36.78 1.22 -54.49
N GLU B 104 -36.63 -0.04 -54.10
CA GLU B 104 -35.65 -0.95 -54.71
C GLU B 104 -35.96 -1.22 -56.18
N SER B 105 -37.24 -1.21 -56.56
CA SER B 105 -37.67 -1.38 -57.97
C SER B 105 -37.14 -0.31 -58.94
N ARG B 106 -36.77 0.87 -58.42
CA ARG B 106 -36.19 1.95 -59.23
C ARG B 106 -34.67 2.11 -59.07
N GLY B 107 -34.03 1.23 -58.29
CA GLY B 107 -32.59 1.30 -58.05
C GLY B 107 -32.15 2.33 -57.02
N VAL B 108 -33.06 2.73 -56.13
CA VAL B 108 -32.71 3.60 -55.01
C VAL B 108 -32.07 2.70 -53.96
N HIS B 109 -30.77 2.87 -53.76
CA HIS B 109 -30.01 2.03 -52.85
C HIS B 109 -30.09 2.57 -51.43
N PHE B 110 -30.39 1.69 -50.47
CA PHE B 110 -30.55 2.06 -49.04
C PHE B 110 -30.04 0.96 -48.10
N VAL B 111 -29.99 1.30 -46.81
CA VAL B 111 -29.56 0.38 -45.75
C VAL B 111 -30.60 0.37 -44.62
N TYR B 112 -31.28 -0.76 -44.45
CA TYR B 112 -32.15 -1.01 -43.30
C TYR B 112 -31.28 -1.56 -42.18
N GLY B 113 -31.64 -1.27 -40.93
CA GLY B 113 -30.84 -1.74 -39.79
C GLY B 113 -31.31 -1.29 -38.42
N ARG B 114 -30.61 -1.76 -37.39
CA ARG B 114 -30.76 -1.27 -36.01
C ARG B 114 -29.60 -0.32 -35.70
N TRP B 115 -29.92 0.84 -35.14
CA TRP B 115 -28.92 1.81 -34.72
C TRP B 115 -28.36 1.32 -33.39
N LEU B 116 -27.05 1.08 -33.33
CA LEU B 116 -26.42 0.47 -32.15
C LEU B 116 -26.36 1.43 -30.96
N ILE B 117 -27.52 1.58 -30.32
CA ILE B 117 -27.72 2.48 -29.18
C ILE B 117 -28.83 1.90 -28.31
N GLU B 118 -28.89 2.34 -27.06
CA GLU B 118 -29.94 1.90 -26.15
C GLU B 118 -31.29 2.19 -26.79
N GLY B 119 -32.13 1.16 -26.88
CA GLY B 119 -33.43 1.25 -27.56
C GLY B 119 -33.47 0.47 -28.85
N ALA B 120 -32.33 0.37 -29.54
CA ALA B 120 -32.20 -0.40 -30.78
C ALA B 120 -33.29 -0.07 -31.83
N PRO B 121 -33.43 1.22 -32.19
CA PRO B 121 -34.46 1.65 -33.11
C PRO B 121 -34.12 1.34 -34.57
N LYS B 122 -35.15 1.07 -35.37
CA LYS B 122 -34.99 0.73 -36.78
C LYS B 122 -34.66 2.00 -37.57
N VAL B 123 -33.70 1.93 -38.48
CA VAL B 123 -33.32 3.07 -39.34
C VAL B 123 -33.46 2.74 -40.81
N ILE B 124 -33.75 3.75 -41.61
CA ILE B 124 -33.73 3.65 -43.08
C ILE B 124 -32.75 4.70 -43.57
N LEU B 125 -31.57 4.28 -44.02
CA LEU B 125 -30.55 5.20 -44.47
C LEU B 125 -30.47 5.17 -46.00
N PHE B 126 -30.75 6.31 -46.63
CA PHE B 126 -30.78 6.39 -48.09
C PHE B 126 -29.44 6.87 -48.63
N ASP B 127 -28.83 6.06 -49.50
CA ASP B 127 -27.62 6.45 -50.21
C ASP B 127 -27.96 7.59 -51.18
N LEU B 128 -27.36 8.76 -50.98
CA LEU B 128 -27.62 9.93 -51.81
C LEU B 128 -26.97 9.82 -53.20
N ASP B 129 -25.78 9.22 -53.27
CA ASP B 129 -25.08 8.95 -54.56
C ASP B 129 -25.97 8.21 -55.58
N SER B 130 -26.88 7.36 -55.10
CA SER B 130 -27.80 6.61 -55.96
C SER B 130 -29.01 7.41 -56.49
N VAL B 131 -29.09 8.71 -56.22
CA VAL B 131 -30.07 9.60 -56.88
C VAL B 131 -29.47 10.94 -57.38
N ARG B 132 -28.14 11.06 -57.38
CA ARG B 132 -27.46 12.31 -57.75
C ARG B 132 -27.63 12.67 -59.23
N GLY B 133 -27.99 11.69 -60.06
CA GLY B 133 -28.37 11.94 -61.44
C GLY B 133 -29.60 12.83 -61.57
N TYR B 134 -30.60 12.60 -60.72
CA TYR B 134 -31.86 13.36 -60.75
C TYR B 134 -31.74 14.78 -60.15
N SER B 135 -30.55 15.17 -59.68
CA SER B 135 -30.25 16.51 -59.15
C SER B 135 -30.86 17.67 -59.93
N ASN B 136 -30.51 17.78 -61.21
CA ASN B 136 -30.95 18.91 -62.06
C ASN B 136 -32.47 18.95 -62.25
N GLU B 137 -33.08 17.79 -62.39
CA GLU B 137 -34.54 17.69 -62.51
C GLU B 137 -35.23 18.18 -61.23
N TRP B 138 -34.80 17.66 -60.08
CA TRP B 138 -35.40 17.97 -58.78
C TRP B 138 -35.16 19.42 -58.33
N LYS B 139 -33.96 19.93 -58.57
CA LYS B 139 -33.66 21.34 -58.34
C LYS B 139 -34.60 22.24 -59.15
N GLY B 140 -34.83 21.89 -60.41
CA GLY B 140 -35.77 22.61 -61.27
C GLY B 140 -37.23 22.49 -60.83
N ASP B 141 -37.63 21.28 -60.46
CA ASP B 141 -38.97 21.02 -59.88
C ASP B 141 -39.17 21.85 -58.61
N LEU B 142 -38.17 21.82 -57.73
CA LEU B 142 -38.19 22.58 -56.47
C LEU B 142 -38.25 24.09 -56.68
N TRP B 143 -37.59 24.57 -57.75
CA TRP B 143 -37.57 25.99 -58.07
C TRP B 143 -38.94 26.50 -58.50
N SER B 144 -39.61 25.79 -59.41
CA SER B 144 -40.92 26.22 -59.89
C SER B 144 -42.03 25.94 -58.87
N LEU B 145 -41.92 24.85 -58.10
CA LEU B 145 -42.89 24.57 -57.03
C LEU B 145 -42.87 25.63 -55.93
N VAL B 146 -41.72 25.78 -55.28
CA VAL B 146 -41.61 26.53 -54.01
C VAL B 146 -40.75 27.81 -54.11
N GLY B 147 -40.07 28.03 -55.22
CA GLY B 147 -39.23 29.21 -55.39
C GLY B 147 -37.80 29.10 -54.90
N ILE B 148 -37.40 27.91 -54.43
CA ILE B 148 -36.09 27.70 -53.80
C ILE B 148 -34.98 27.56 -54.87
N PRO B 149 -34.04 28.54 -54.94
CA PRO B 149 -32.86 28.35 -55.79
C PRO B 149 -31.89 27.42 -55.10
N SER B 150 -30.85 27.00 -55.81
CA SER B 150 -29.98 25.95 -55.30
C SER B 150 -28.67 25.94 -56.04
N PRO B 151 -27.71 26.77 -55.61
CA PRO B 151 -26.37 26.78 -56.20
C PRO B 151 -25.71 25.40 -56.15
N GLU B 152 -24.94 25.09 -57.18
CA GLU B 152 -24.23 23.81 -57.28
C GLU B 152 -23.03 23.72 -56.31
N ASN B 153 -22.37 24.85 -56.04
CA ASN B 153 -21.25 24.88 -55.08
C ASN B 153 -21.64 24.64 -53.61
N ASP B 154 -22.92 24.83 -53.28
CA ASP B 154 -23.45 24.49 -51.96
C ASP B 154 -23.74 22.99 -51.88
N PHE B 155 -22.75 22.22 -51.44
CA PHE B 155 -22.83 20.74 -51.44
C PHE B 155 -23.88 20.20 -50.45
N GLU B 156 -24.19 20.98 -49.42
CA GLU B 156 -25.10 20.56 -48.34
C GLU B 156 -26.60 20.72 -48.67
N THR B 157 -26.97 21.78 -49.40
CA THR B 157 -28.36 21.92 -49.87
C THR B 157 -28.63 20.93 -50.97
N ASN B 158 -27.66 20.73 -51.86
CA ASN B 158 -27.76 19.67 -52.88
C ASN B 158 -28.15 18.36 -52.23
N ASP B 159 -27.45 18.02 -51.14
CA ASP B 159 -27.75 16.80 -50.37
C ASP B 159 -29.09 16.89 -49.62
N ALA B 160 -29.41 18.09 -49.10
CA ALA B 160 -30.72 18.33 -48.46
C ALA B 160 -31.89 18.13 -49.43
N ILE B 161 -31.68 18.51 -50.69
CA ILE B 161 -32.67 18.35 -51.76
C ILE B 161 -32.82 16.89 -52.17
N LEU B 162 -31.70 16.23 -52.44
CA LEU B 162 -31.69 14.80 -52.74
C LEU B 162 -32.38 13.98 -51.64
N LEU B 163 -32.12 14.32 -50.38
CA LEU B 163 -32.78 13.66 -49.25
C LEU B 163 -34.29 13.90 -49.24
N GLY B 164 -34.70 15.16 -49.38
CA GLY B 164 -36.11 15.53 -49.35
C GLY B 164 -36.97 14.85 -50.38
N TYR B 165 -36.50 14.82 -51.63
CA TYR B 165 -37.22 14.13 -52.70
C TYR B 165 -37.27 12.62 -52.47
N THR B 166 -36.14 12.03 -52.12
CA THR B 166 -36.07 10.60 -51.78
C THR B 166 -37.03 10.21 -50.65
N VAL B 167 -37.14 11.05 -49.62
CA VAL B 167 -38.00 10.74 -48.47
C VAL B 167 -39.48 10.97 -48.77
N ALA B 168 -39.81 12.02 -49.52
CA ALA B 168 -41.22 12.31 -49.89
C ALA B 168 -41.79 11.23 -50.81
N TRP B 169 -40.96 10.80 -51.77
CA TRP B 169 -41.17 9.60 -52.58
C TRP B 169 -41.55 8.38 -51.74
N PHE B 170 -40.69 8.07 -50.76
CA PHE B 170 -40.87 6.93 -49.88
C PHE B 170 -42.17 7.04 -49.06
N LEU B 171 -42.42 8.21 -48.49
CA LEU B 171 -43.65 8.47 -47.74
C LEU B 171 -44.89 8.43 -48.63
N GLY B 172 -44.75 8.83 -49.89
CA GLY B 172 -45.81 8.71 -50.87
C GLY B 172 -46.20 7.26 -51.14
N GLU B 173 -45.19 6.39 -51.26
CA GLU B 173 -45.41 4.95 -51.48
C GLU B 173 -45.98 4.25 -50.25
N VAL B 174 -45.52 4.62 -49.06
CA VAL B 174 -46.06 4.07 -47.80
C VAL B 174 -47.54 4.46 -47.65
N ALA B 175 -47.88 5.69 -48.00
CA ALA B 175 -49.27 6.16 -47.98
C ALA B 175 -50.17 5.34 -48.89
N HIS B 176 -49.69 5.07 -50.12
CA HIS B 176 -50.34 4.18 -51.09
C HIS B 176 -50.64 2.79 -50.51
N LEU B 177 -49.63 2.19 -49.87
CA LEU B 177 -49.65 0.77 -49.49
C LEU B 177 -50.09 0.47 -48.06
N ASP B 178 -50.10 1.45 -47.16
CA ASP B 178 -50.60 1.27 -45.79
C ASP B 178 -51.95 1.98 -45.68
N SER B 179 -53.03 1.20 -45.69
CA SER B 179 -54.41 1.73 -45.56
C SER B 179 -55.06 1.40 -44.20
N GLN B 180 -54.25 0.98 -43.23
CA GLN B 180 -54.70 0.72 -41.87
C GLN B 180 -54.32 1.90 -40.97
N HIS B 181 -53.02 2.20 -40.92
CA HIS B 181 -52.47 3.16 -39.97
C HIS B 181 -52.48 4.60 -40.49
N ALA B 182 -52.61 5.54 -39.56
CA ALA B 182 -52.22 6.93 -39.81
C ALA B 182 -50.69 6.99 -39.85
N ILE B 183 -50.13 7.88 -40.66
CA ILE B 183 -48.68 8.03 -40.77
C ILE B 183 -48.27 9.41 -40.22
N VAL B 184 -47.35 9.42 -39.26
CA VAL B 184 -46.77 10.66 -38.73
C VAL B 184 -45.32 10.78 -39.21
N ALA B 185 -45.00 11.92 -39.82
CA ALA B 185 -43.68 12.19 -40.39
C ALA B 185 -43.08 13.42 -39.71
N HIS B 186 -42.07 13.19 -38.87
CA HIS B 186 -41.41 14.24 -38.06
C HIS B 186 -40.06 14.58 -38.69
N PHE B 187 -39.82 15.87 -38.90
CA PHE B 187 -38.56 16.34 -39.51
C PHE B 187 -37.81 17.30 -38.59
N HIS B 188 -36.49 17.15 -38.55
CA HIS B 188 -35.62 17.95 -37.69
C HIS B 188 -34.63 18.72 -38.53
N GLU B 189 -34.78 20.05 -38.51
CA GLU B 189 -33.80 21.00 -39.06
C GLU B 189 -33.92 21.12 -40.58
N TRP B 190 -33.64 22.31 -41.10
CA TRP B 190 -33.86 22.64 -42.51
C TRP B 190 -33.19 21.67 -43.49
N LEU B 191 -32.03 21.14 -43.11
CA LEU B 191 -31.35 20.15 -43.94
C LEU B 191 -32.21 18.91 -44.23
N ALA B 192 -33.07 18.55 -43.28
CA ALA B 192 -34.01 17.46 -43.46
C ALA B 192 -35.43 17.96 -43.71
N GLY B 193 -35.55 19.17 -44.25
CA GLY B 193 -36.85 19.82 -44.36
C GLY B 193 -37.46 19.83 -45.75
N VAL B 194 -36.68 19.51 -46.78
CA VAL B 194 -37.11 19.69 -48.17
C VAL B 194 -38.34 18.83 -48.52
N ALA B 195 -38.42 17.64 -47.93
CA ALA B 195 -39.61 16.79 -48.05
C ALA B 195 -40.96 17.47 -47.69
N LEU B 196 -40.95 18.48 -46.83
CA LEU B 196 -42.18 19.08 -46.29
C LEU B 196 -43.07 19.83 -47.30
N PRO B 197 -42.48 20.74 -48.11
CA PRO B 197 -43.29 21.33 -49.19
C PRO B 197 -43.76 20.31 -50.24
N LEU B 198 -42.97 19.26 -50.46
CA LEU B 198 -43.33 18.17 -51.37
C LEU B 198 -44.53 17.36 -50.85
N CYS B 199 -44.53 17.05 -49.55
CA CYS B 199 -45.67 16.37 -48.93
C CYS B 199 -46.97 17.21 -48.94
N ARG B 200 -46.83 18.53 -48.89
CA ARG B 200 -47.98 19.45 -48.87
C ARG B 200 -48.58 19.61 -50.27
N LYS B 201 -47.74 20.02 -51.23
CA LYS B 201 -48.17 20.26 -52.61
C LYS B 201 -48.76 19.00 -53.26
N ARG B 202 -48.08 17.87 -53.09
CA ARG B 202 -48.55 16.57 -53.60
C ARG B 202 -49.74 15.96 -52.81
N ARG B 203 -50.16 16.61 -51.72
CA ARG B 203 -51.32 16.20 -50.94
C ARG B 203 -51.24 14.73 -50.46
N ILE B 204 -50.04 14.30 -50.03
CA ILE B 204 -49.79 12.92 -49.59
C ILE B 204 -50.44 12.70 -48.21
N ASP B 205 -51.09 11.55 -48.03
CA ASP B 205 -51.91 11.31 -46.83
C ASP B 205 -51.09 10.91 -45.58
N VAL B 206 -50.31 11.87 -45.10
CA VAL B 206 -49.40 11.74 -43.98
C VAL B 206 -49.43 13.07 -43.25
N VAL B 207 -49.55 13.06 -41.92
CA VAL B 207 -49.48 14.31 -41.14
C VAL B 207 -48.03 14.61 -40.76
N THR B 208 -47.65 15.88 -40.84
CA THR B 208 -46.24 16.27 -40.75
C THR B 208 -45.91 17.19 -39.57
N ILE B 209 -44.74 16.98 -38.99
CA ILE B 209 -44.19 17.83 -37.92
C ILE B 209 -42.81 18.30 -38.36
N PHE B 210 -42.52 19.57 -38.10
CA PHE B 210 -41.17 20.14 -38.31
C PHE B 210 -40.68 20.74 -37.00
N THR B 211 -39.47 20.35 -36.60
CA THR B 211 -38.83 20.90 -35.42
C THR B 211 -37.55 21.60 -35.85
N THR B 212 -37.46 22.90 -35.57
CA THR B 212 -36.22 23.64 -35.79
C THR B 212 -35.52 23.82 -34.42
N HIS B 213 -34.21 23.60 -34.42
CA HIS B 213 -33.38 23.66 -33.21
C HIS B 213 -32.62 24.97 -33.08
N ALA B 214 -32.82 25.86 -34.04
CA ALA B 214 -32.27 27.20 -34.05
C ALA B 214 -33.02 27.90 -35.20
N THR B 215 -32.56 29.09 -35.60
CA THR B 215 -32.89 29.61 -36.93
C THR B 215 -31.62 30.05 -37.64
N LEU B 216 -31.63 30.01 -38.97
CA LEU B 216 -30.49 30.46 -39.75
C LEU B 216 -30.28 31.94 -39.54
N LEU B 217 -31.32 32.73 -39.68
CA LEU B 217 -31.19 34.17 -39.47
C LEU B 217 -30.74 34.46 -38.04
N GLY B 218 -31.20 33.66 -37.08
CA GLY B 218 -30.75 33.80 -35.68
C GLY B 218 -29.23 33.71 -35.54
N ARG B 219 -28.68 32.55 -35.88
CA ARG B 219 -27.23 32.32 -35.78
C ARG B 219 -26.44 33.41 -36.47
N TYR B 220 -26.86 33.77 -37.68
CA TYR B 220 -26.12 34.71 -38.53
C TYR B 220 -26.20 36.16 -38.04
N LEU B 221 -27.38 36.58 -37.58
CA LEU B 221 -27.57 37.93 -37.00
C LEU B 221 -26.83 38.13 -35.67
N CYS B 222 -26.55 37.04 -34.93
CA CYS B 222 -25.80 37.10 -33.66
C CYS B 222 -24.29 36.83 -33.79
N ALA B 223 -23.84 36.51 -35.01
CA ALA B 223 -22.45 36.13 -35.28
C ALA B 223 -21.46 37.26 -35.00
N SER B 224 -21.75 38.46 -35.50
CA SER B 224 -20.84 39.60 -35.27
C SER B 224 -20.73 40.00 -33.79
N GLY B 225 -21.78 39.74 -33.01
CA GLY B 225 -21.81 40.11 -31.60
C GLY B 225 -22.05 41.59 -31.32
N SER B 226 -22.51 42.33 -32.34
CA SER B 226 -22.81 43.77 -32.23
C SER B 226 -24.30 44.13 -32.44
N PHE B 227 -25.09 43.17 -32.90
CA PHE B 227 -26.49 43.41 -33.25
C PHE B 227 -27.37 43.14 -32.03
N ASP B 228 -28.28 44.06 -31.73
CA ASP B 228 -29.14 43.97 -30.55
C ASP B 228 -30.33 43.05 -30.85
N PHE B 229 -30.08 41.75 -30.79
CA PHE B 229 -30.94 40.74 -31.43
C PHE B 229 -32.36 40.67 -30.87
N TYR B 230 -32.49 40.55 -29.55
CA TYR B 230 -33.81 40.32 -28.92
C TYR B 230 -34.74 41.57 -28.97
N ASN B 231 -34.19 42.73 -29.28
CA ASN B 231 -34.96 43.97 -29.48
C ASN B 231 -35.20 44.40 -30.96
N CYS B 232 -34.23 44.13 -31.85
CA CYS B 232 -34.31 44.52 -33.27
C CYS B 232 -34.84 43.40 -34.21
N LEU B 233 -35.04 42.22 -33.64
CA LEU B 233 -35.55 41.04 -34.34
C LEU B 233 -36.85 41.26 -35.11
N GLU B 234 -37.79 41.92 -34.45
CA GLU B 234 -39.16 42.09 -34.98
C GLU B 234 -39.21 43.03 -36.18
N SER B 235 -38.17 43.85 -36.35
CA SER B 235 -38.07 44.81 -37.44
C SER B 235 -37.07 44.43 -38.57
N VAL B 236 -36.67 43.17 -38.66
CA VAL B 236 -35.75 42.73 -39.75
C VAL B 236 -36.53 42.28 -41.00
N ASP B 237 -36.08 42.76 -42.16
CA ASP B 237 -36.59 42.31 -43.45
C ASP B 237 -35.90 40.97 -43.77
N VAL B 238 -36.60 39.86 -43.57
CA VAL B 238 -35.97 38.53 -43.61
C VAL B 238 -35.30 38.21 -44.93
N ASP B 239 -35.99 38.49 -46.04
CA ASP B 239 -35.41 38.24 -47.36
C ASP B 239 -34.16 39.08 -47.58
N HIS B 240 -34.20 40.34 -47.15
CA HIS B 240 -33.04 41.22 -47.26
C HIS B 240 -31.82 40.68 -46.51
N GLU B 241 -32.02 40.26 -45.26
CA GLU B 241 -30.92 39.79 -44.43
C GLU B 241 -30.38 38.45 -44.94
N ALA B 242 -31.27 37.56 -45.33
CA ALA B 242 -30.86 36.29 -45.91
C ALA B 242 -30.06 36.46 -47.22
N GLY B 243 -30.37 37.50 -47.98
CA GLY B 243 -29.56 37.89 -49.14
C GLY B 243 -28.21 38.44 -48.73
N ARG B 244 -28.21 39.31 -47.73
CA ARG B 244 -26.98 39.91 -47.18
C ARG B 244 -25.98 38.86 -46.69
N PHE B 245 -26.47 37.80 -46.06
CA PHE B 245 -25.61 36.75 -45.52
C PHE B 245 -25.30 35.62 -46.52
N GLY B 246 -25.76 35.72 -47.75
CA GLY B 246 -25.48 34.70 -48.76
C GLY B 246 -26.14 33.35 -48.53
N ILE B 247 -27.22 33.35 -47.75
CA ILE B 247 -27.92 32.11 -47.35
C ILE B 247 -29.38 32.11 -47.79
N TYR B 248 -29.72 32.88 -48.82
CA TYR B 248 -31.12 33.05 -49.22
C TYR B 248 -31.77 31.71 -49.53
N HIS B 249 -31.10 30.93 -50.37
CA HIS B 249 -31.54 29.58 -50.74
C HIS B 249 -31.81 28.68 -49.52
N ARG B 250 -30.91 28.73 -48.53
CA ARG B 250 -31.04 27.96 -47.29
C ARG B 250 -32.20 28.43 -46.44
N TYR B 251 -32.31 29.74 -46.29
CA TYR B 251 -33.43 30.35 -45.60
C TYR B 251 -34.79 29.90 -46.14
N CYS B 252 -34.93 29.87 -47.46
CA CYS B 252 -36.18 29.43 -48.11
C CYS B 252 -36.56 28.01 -47.78
N ILE B 253 -35.56 27.14 -47.64
CA ILE B 253 -35.80 25.74 -47.25
C ILE B 253 -36.33 25.70 -45.83
N GLU B 254 -35.67 26.41 -44.92
CA GLU B 254 -36.10 26.46 -43.52
C GLU B 254 -37.50 27.05 -43.41
N ARG B 255 -37.76 28.09 -44.20
CA ARG B 255 -39.07 28.75 -44.22
C ARG B 255 -40.15 27.86 -44.78
N ALA B 256 -39.89 27.19 -45.91
CA ALA B 256 -40.85 26.27 -46.51
C ALA B 256 -41.20 25.12 -45.59
N ALA B 257 -40.20 24.54 -44.93
CA ALA B 257 -40.40 23.49 -43.93
C ALA B 257 -41.27 23.96 -42.78
N ALA B 258 -41.00 25.15 -42.26
CA ALA B 258 -41.84 25.74 -41.22
C ALA B 258 -43.32 25.91 -41.66
N HIS B 259 -43.55 26.44 -42.86
CA HIS B 259 -44.90 26.74 -43.36
C HIS B 259 -45.68 25.50 -43.81
N SER B 260 -45.01 24.57 -44.47
CA SER B 260 -45.65 23.38 -45.01
C SER B 260 -46.10 22.38 -43.93
N ALA B 261 -45.43 22.37 -42.78
CA ALA B 261 -45.70 21.37 -41.75
C ALA B 261 -47.06 21.60 -41.09
N ASP B 262 -47.79 20.50 -40.85
CA ASP B 262 -49.07 20.57 -40.14
C ASP B 262 -48.88 21.10 -38.71
N VAL B 263 -47.76 20.71 -38.08
CA VAL B 263 -47.34 21.25 -36.78
C VAL B 263 -45.91 21.77 -36.90
N PHE B 264 -45.66 22.93 -36.28
CA PHE B 264 -44.35 23.58 -36.30
C PHE B 264 -43.89 23.76 -34.85
N THR B 265 -42.65 23.34 -34.58
CA THR B 265 -42.11 23.32 -33.22
C THR B 265 -40.66 23.83 -33.18
N THR B 266 -40.30 24.40 -32.02
CA THR B 266 -38.92 24.73 -31.68
C THR B 266 -38.58 24.00 -30.40
N VAL B 267 -37.31 24.10 -29.99
CA VAL B 267 -36.82 23.49 -28.74
C VAL B 267 -36.96 24.38 -27.50
N SER B 268 -37.43 25.60 -27.65
CA SER B 268 -37.61 26.49 -26.50
C SER B 268 -38.55 27.64 -26.77
N GLN B 269 -39.10 28.22 -25.71
CA GLN B 269 -39.92 29.42 -25.84
C GLN B 269 -39.13 30.58 -26.46
N ILE B 270 -37.89 30.78 -26.02
CA ILE B 270 -37.08 31.87 -26.58
C ILE B 270 -36.87 31.72 -28.08
N THR B 271 -36.64 30.49 -28.55
CA THR B 271 -36.45 30.24 -29.98
C THR B 271 -37.78 30.34 -30.73
N ALA B 272 -38.89 30.03 -30.07
CA ALA B 272 -40.25 30.27 -30.64
C ALA B 272 -40.51 31.74 -30.96
N PHE B 273 -40.03 32.62 -30.10
CA PHE B 273 -40.08 34.07 -30.33
C PHE B 273 -39.39 34.42 -31.65
N GLU B 274 -38.13 34.02 -31.78
CA GLU B 274 -37.34 34.33 -32.97
C GLU B 274 -37.88 33.60 -34.20
N ALA B 275 -38.35 32.37 -34.02
CA ALA B 275 -38.94 31.61 -35.13
C ALA B 275 -40.18 32.30 -35.72
N GLU B 276 -41.02 32.87 -34.87
CA GLU B 276 -42.24 33.53 -35.32
C GLU B 276 -41.93 34.71 -36.24
N HIS B 277 -40.99 35.55 -35.86
CA HIS B 277 -40.67 36.76 -36.63
C HIS B 277 -39.69 36.52 -37.79
N LEU B 278 -38.81 35.51 -37.68
CA LEU B 278 -37.84 35.24 -38.72
C LEU B 278 -38.29 34.17 -39.69
N LEU B 279 -39.11 33.23 -39.23
CA LEU B 279 -39.73 32.26 -40.14
C LEU B 279 -41.21 32.52 -40.45
N LYS B 280 -41.79 33.56 -39.86
CA LYS B 280 -43.15 34.02 -40.18
C LYS B 280 -44.22 32.95 -39.91
N ARG B 281 -44.10 32.30 -38.76
CA ARG B 281 -45.12 31.37 -38.28
C ARG B 281 -44.95 31.13 -36.80
N LYS B 282 -46.00 31.40 -36.02
CA LYS B 282 -45.96 31.16 -34.59
C LYS B 282 -45.93 29.65 -34.37
N PRO B 283 -44.87 29.14 -33.71
CA PRO B 283 -44.85 27.70 -33.50
C PRO B 283 -46.01 27.24 -32.62
N ASP B 284 -46.42 26.00 -32.83
CA ASP B 284 -47.55 25.42 -32.13
C ASP B 284 -47.19 24.85 -30.74
N GLY B 285 -45.93 25.01 -30.32
CA GLY B 285 -45.48 24.56 -29.01
C GLY B 285 -44.01 24.19 -29.00
N ILE B 286 -43.56 23.80 -27.82
CA ILE B 286 -42.16 23.63 -27.48
C ILE B 286 -41.87 22.13 -27.38
N LEU B 287 -40.73 21.70 -27.93
CA LEU B 287 -40.17 20.36 -27.73
C LEU B 287 -38.76 20.42 -27.11
N PRO B 288 -38.68 20.71 -25.80
CA PRO B 288 -37.38 20.79 -25.15
C PRO B 288 -36.66 19.44 -25.13
N ASN B 289 -35.34 19.52 -25.13
CA ASN B 289 -34.51 18.34 -25.23
C ASN B 289 -34.29 17.73 -23.87
N GLY B 290 -34.63 16.46 -23.76
CA GLY B 290 -34.38 15.70 -22.57
C GLY B 290 -33.05 15.00 -22.62
N LEU B 291 -32.72 14.40 -21.49
CA LEU B 291 -31.60 13.49 -21.37
C LEU B 291 -32.08 12.12 -20.96
N ASN B 292 -31.18 11.16 -21.05
CA ASN B 292 -31.46 9.82 -20.58
C ASN B 292 -30.75 9.71 -19.22
N VAL B 293 -31.42 10.18 -18.17
CA VAL B 293 -30.76 10.35 -16.87
C VAL B 293 -30.50 8.97 -16.29
N ILE B 294 -29.23 8.65 -16.05
CA ILE B 294 -28.86 7.41 -15.38
C ILE B 294 -28.89 7.61 -13.85
N LYS B 295 -29.84 6.95 -13.20
CA LYS B 295 -30.03 7.04 -11.75
C LYS B 295 -28.98 6.21 -11.01
N PHE B 296 -28.71 6.59 -9.77
CA PHE B 296 -27.92 5.75 -8.86
C PHE B 296 -28.88 5.08 -7.90
N GLN B 297 -28.54 3.86 -7.49
CA GLN B 297 -29.30 3.11 -6.51
C GLN B 297 -29.53 3.91 -5.24
N ALA B 298 -28.46 4.53 -4.73
CA ALA B 298 -28.53 5.39 -3.56
C ALA B 298 -28.55 6.86 -3.98
N PHE B 299 -29.58 7.60 -3.55
CA PHE B 299 -29.70 9.03 -3.89
C PHE B 299 -28.45 9.85 -3.53
N HIS B 300 -27.89 9.61 -2.36
CA HIS B 300 -26.71 10.32 -1.90
C HIS B 300 -25.38 10.02 -2.61
N GLU B 301 -25.31 9.00 -3.47
CA GLU B 301 -24.05 8.63 -4.12
C GLU B 301 -23.46 9.75 -4.95
N PHE B 302 -24.29 10.61 -5.54
CA PHE B 302 -23.77 11.77 -6.30
C PHE B 302 -22.99 12.75 -5.43
N GLN B 303 -23.35 12.82 -4.15
CA GLN B 303 -22.59 13.60 -3.19
C GLN B 303 -21.23 12.98 -2.98
N ASN B 304 -21.19 11.66 -2.81
CA ASN B 304 -19.89 11.00 -2.64
C ASN B 304 -19.00 11.26 -3.84
N LEU B 305 -19.55 11.06 -5.04
CA LEU B 305 -18.81 11.31 -6.27
C LEU B 305 -18.29 12.73 -6.34
N HIS B 306 -19.11 13.69 -5.95
CA HIS B 306 -18.67 15.06 -5.95
C HIS B 306 -17.37 15.23 -5.15
N ALA B 307 -17.33 14.66 -3.95
CA ALA B 307 -16.14 14.76 -3.09
C ALA B 307 -14.92 14.03 -3.68
N LEU B 308 -15.13 12.89 -4.35
CA LEU B 308 -14.01 12.20 -4.99
C LEU B 308 -13.48 12.98 -6.16
N LYS B 309 -14.37 13.52 -6.99
CA LYS B 309 -13.94 14.26 -8.17
C LYS B 309 -13.32 15.58 -7.76
N LYS B 310 -13.87 16.20 -6.72
CA LYS B 310 -13.34 17.46 -6.22
C LYS B 310 -11.93 17.31 -5.70
N GLU B 311 -11.61 16.13 -5.17
CA GLU B 311 -10.26 15.89 -4.64
C GLU B 311 -9.24 15.86 -5.78
N LYS B 312 -9.65 15.36 -6.94
CA LYS B 312 -8.81 15.46 -8.15
C LYS B 312 -8.63 16.89 -8.64
N ILE B 313 -9.67 17.72 -8.58
CA ILE B 313 -9.52 19.14 -8.89
C ILE B 313 -8.53 19.76 -7.91
N ASN B 314 -8.69 19.49 -6.61
CA ASN B 314 -7.75 20.00 -5.62
C ASN B 314 -6.33 19.64 -5.91
N ASP B 315 -6.12 18.39 -6.28
CA ASP B 315 -4.81 17.94 -6.64
C ASP B 315 -4.22 18.78 -7.80
N PHE B 316 -5.00 19.03 -8.82
CA PHE B 316 -4.59 19.92 -9.89
C PHE B 316 -4.22 21.30 -9.40
N VAL B 317 -5.08 21.88 -8.56
CA VAL B 317 -4.88 23.24 -8.07
C VAL B 317 -3.60 23.38 -7.23
N ARG B 318 -3.28 22.41 -6.39
CA ARG B 318 -2.06 22.50 -5.57
C ARG B 318 -0.80 22.62 -6.48
N GLY B 319 -0.78 21.82 -7.53
CA GLY B 319 0.23 21.93 -8.56
C GLY B 319 0.22 23.26 -9.24
N HIS B 320 -0.95 23.74 -9.64
CA HIS B 320 -1.03 24.99 -10.39
C HIS B 320 -0.52 26.17 -9.57
N PHE B 321 -0.80 26.16 -8.27
CA PHE B 321 -0.44 27.25 -7.35
C PHE B 321 0.81 26.92 -6.52
N HIS B 322 1.61 25.96 -6.98
CA HIS B 322 2.79 25.57 -6.25
C HIS B 322 3.58 26.86 -5.99
N GLY B 323 4.18 26.98 -4.81
CA GLY B 323 4.88 28.20 -4.42
C GLY B 323 4.00 29.41 -4.07
N CYS B 324 2.72 29.41 -4.43
CA CYS B 324 1.79 30.51 -4.12
C CYS B 324 0.49 29.94 -3.57
N PHE B 325 0.60 29.02 -2.63
CA PHE B 325 -0.55 28.30 -2.13
C PHE B 325 -0.87 28.79 -0.72
N ASP B 326 -1.66 29.83 -0.64
CA ASP B 326 -1.90 30.54 0.63
C ASP B 326 -3.39 30.59 1.02
N PHE B 327 -4.19 29.66 0.50
CA PHE B 327 -5.61 29.58 0.80
C PHE B 327 -6.04 28.16 1.15
N ASP B 328 -7.22 28.05 1.73
CA ASP B 328 -7.75 26.78 2.21
C ASP B 328 -8.62 26.13 1.15
N LEU B 329 -8.28 24.92 0.72
CA LEU B 329 -9.11 24.21 -0.27
C LEU B 329 -10.40 23.70 0.35
N ASP B 330 -10.39 23.54 1.67
CA ASP B 330 -11.61 23.24 2.39
C ASP B 330 -12.60 24.41 2.44
N ASN B 331 -12.18 25.57 1.93
CA ASN B 331 -12.99 26.76 1.91
C ASN B 331 -12.85 27.47 0.55
N THR B 332 -12.75 26.66 -0.50
CA THR B 332 -12.53 27.10 -1.88
C THR B 332 -13.71 26.57 -2.70
N LEU B 333 -14.18 27.35 -3.66
CA LEU B 333 -15.26 26.93 -4.55
C LEU B 333 -14.77 26.92 -5.99
N TYR B 334 -15.29 26.01 -6.78
CA TYR B 334 -14.91 25.84 -8.15
C TYR B 334 -16.09 26.26 -9.04
N PHE B 335 -15.93 27.38 -9.72
CA PHE B 335 -16.88 27.83 -10.75
C PHE B 335 -16.30 27.39 -12.07
N PHE B 336 -17.15 27.13 -13.06
CA PHE B 336 -16.67 26.93 -14.42
C PHE B 336 -17.66 27.39 -15.47
N ILE B 337 -17.10 27.74 -16.62
CA ILE B 337 -17.84 27.85 -17.84
C ILE B 337 -17.20 26.82 -18.78
N ALA B 338 -18.05 26.26 -19.64
CA ALA B 338 -17.61 25.34 -20.64
C ALA B 338 -18.52 25.42 -21.84
N GLY B 339 -17.96 25.09 -23.00
CA GLY B 339 -18.68 25.11 -24.27
C GLY B 339 -17.76 25.44 -25.42
N ARG B 340 -18.36 25.65 -26.59
CA ARG B 340 -17.63 26.17 -27.74
C ARG B 340 -17.11 27.54 -27.45
N TYR B 341 -15.96 27.84 -28.06
CA TYR B 341 -15.35 29.16 -27.91
C TYR B 341 -16.18 30.14 -28.70
N GLU B 342 -17.21 30.68 -28.06
CA GLU B 342 -18.00 31.77 -28.60
C GLU B 342 -18.06 32.85 -27.55
N TYR B 343 -17.04 33.71 -27.57
CA TYR B 343 -16.79 34.72 -26.56
C TYR B 343 -18.06 35.46 -26.15
N LYS B 344 -18.77 35.97 -27.14
CA LYS B 344 -19.96 36.80 -26.92
C LYS B 344 -21.21 35.94 -26.75
N ASN B 345 -21.50 35.02 -27.66
CA ASN B 345 -22.72 34.18 -27.55
C ASN B 345 -22.81 33.20 -26.36
N LYS B 346 -21.68 32.81 -25.79
CA LYS B 346 -21.71 32.01 -24.55
C LYS B 346 -21.42 32.84 -23.30
N GLY B 347 -21.24 34.14 -23.51
CA GLY B 347 -21.07 35.04 -22.41
C GLY B 347 -19.81 34.85 -21.60
N ALA B 348 -18.72 34.47 -22.26
CA ALA B 348 -17.42 34.42 -21.58
C ALA B 348 -17.00 35.82 -21.15
N ASP B 349 -17.43 36.82 -21.91
CA ASP B 349 -17.22 38.23 -21.51
C ASP B 349 -17.94 38.62 -20.21
N MET B 350 -19.21 38.27 -20.06
CA MET B 350 -19.91 38.55 -18.78
C MET B 350 -19.26 37.77 -17.64
N PHE B 351 -18.90 36.53 -17.91
CA PHE B 351 -18.30 35.68 -16.92
C PHE B 351 -17.05 36.33 -16.35
N ILE B 352 -16.15 36.74 -17.23
CA ILE B 352 -14.88 37.32 -16.76
C ILE B 352 -15.11 38.66 -16.06
N GLU B 353 -15.92 39.53 -16.68
CA GLU B 353 -16.28 40.82 -16.08
C GLU B 353 -16.90 40.65 -14.69
N ALA B 354 -17.91 39.78 -14.61
CA ALA B 354 -18.60 39.51 -13.35
C ALA B 354 -17.67 38.99 -12.27
N LEU B 355 -16.69 38.18 -12.66
CA LEU B 355 -15.73 37.62 -11.69
C LEU B 355 -14.80 38.67 -11.13
N ALA B 356 -14.31 39.57 -11.98
CA ALA B 356 -13.53 40.75 -11.55
C ALA B 356 -14.33 41.63 -10.59
N ARG B 357 -15.63 41.76 -10.82
CA ARG B 357 -16.50 42.43 -9.85
C ARG B 357 -16.75 41.59 -8.59
N LEU B 358 -16.90 40.28 -8.74
CA LEU B 358 -17.04 39.44 -7.57
C LEU B 358 -15.80 39.58 -6.71
N ASN B 359 -14.63 39.57 -7.35
CA ASN B 359 -13.37 39.63 -6.64
C ASN B 359 -13.30 40.88 -5.77
N TYR B 360 -13.76 42.00 -6.30
CA TYR B 360 -13.82 43.21 -5.51
C TYR B 360 -14.79 43.11 -4.30
N ARG B 361 -16.01 42.64 -4.51
CA ARG B 361 -16.93 42.40 -3.39
C ARG B 361 -16.41 41.45 -2.30
N LEU B 362 -15.69 40.39 -2.69
CA LEU B 362 -15.19 39.45 -1.69
C LEU B 362 -13.99 40.01 -0.89
N LYS B 363 -13.15 40.82 -1.52
CA LYS B 363 -12.09 41.52 -0.80
C LYS B 363 -12.62 42.54 0.22
N VAL B 364 -13.52 43.42 -0.24
CA VAL B 364 -14.19 44.44 0.61
C VAL B 364 -14.83 43.84 1.88
N SER B 365 -15.58 42.76 1.72
CA SER B 365 -16.27 42.10 2.84
C SER B 365 -15.39 41.30 3.80
N GLY B 366 -14.11 41.16 3.51
CA GLY B 366 -13.20 40.37 4.34
C GLY B 366 -13.54 38.89 4.48
N SER B 367 -14.10 38.30 3.42
CA SER B 367 -14.28 36.86 3.36
C SER B 367 -12.94 36.10 3.18
N LYS B 368 -12.78 35.02 3.93
CA LYS B 368 -11.64 34.11 3.79
C LYS B 368 -11.79 33.10 2.64
N LYS B 369 -12.96 33.07 1.98
CA LYS B 369 -13.22 32.12 0.88
C LYS B 369 -12.41 32.42 -0.36
N THR B 370 -12.32 31.46 -1.26
CA THR B 370 -11.63 31.68 -2.51
C THR B 370 -12.46 31.03 -3.59
N VAL B 371 -12.55 31.67 -4.75
CA VAL B 371 -13.19 31.06 -5.91
C VAL B 371 -12.07 30.76 -6.89
N VAL B 372 -12.04 29.51 -7.40
CA VAL B 372 -11.19 29.17 -8.51
C VAL B 372 -12.12 28.97 -9.69
N ALA B 373 -12.02 29.84 -10.67
CA ALA B 373 -12.90 29.83 -11.85
C ALA B 373 -12.18 29.24 -13.08
N PHE B 374 -12.78 28.23 -13.68
CA PHE B 374 -12.23 27.54 -14.85
C PHE B 374 -12.96 27.96 -16.12
N ILE B 375 -12.19 28.14 -17.19
CA ILE B 375 -12.81 28.31 -18.50
C ILE B 375 -12.40 27.15 -19.35
N VAL B 376 -13.36 26.30 -19.72
CA VAL B 376 -13.09 25.14 -20.55
C VAL B 376 -13.70 25.39 -21.92
N MET B 377 -12.90 25.95 -22.83
CA MET B 377 -13.35 26.28 -24.18
C MET B 377 -12.17 26.08 -25.11
N PRO B 378 -12.29 25.20 -26.12
CA PRO B 378 -11.17 24.92 -27.01
C PRO B 378 -10.75 26.10 -27.85
N ALA B 379 -9.46 26.41 -27.83
CA ALA B 379 -8.84 27.38 -28.73
C ALA B 379 -7.57 26.74 -29.32
N LYS B 380 -7.11 27.23 -30.45
CA LYS B 380 -5.88 26.72 -31.05
C LYS B 380 -4.71 26.87 -30.07
N ASN B 381 -3.99 25.76 -29.83
CA ASN B 381 -2.87 25.73 -28.89
C ASN B 381 -1.81 24.73 -29.29
N ASN B 382 -0.64 24.82 -28.64
CA ASN B 382 0.49 23.91 -28.82
C ASN B 382 0.71 23.11 -27.55
N SER B 383 -0.39 22.58 -27.06
CA SER B 383 -0.45 21.77 -25.88
C SER B 383 0.00 22.49 -24.61
N PHE B 384 0.11 21.70 -23.54
CA PHE B 384 0.34 22.20 -22.20
C PHE B 384 1.67 22.90 -22.10
N THR B 385 1.82 23.75 -21.11
CA THR B 385 3.08 24.42 -20.91
C THR B 385 3.96 23.52 -20.09
N VAL B 386 5.25 23.74 -20.26
CA VAL B 386 6.27 23.11 -19.45
C VAL B 386 5.94 23.33 -18.00
N GLU B 387 5.68 24.57 -17.63
CA GLU B 387 5.28 24.95 -16.27
C GLU B 387 4.13 24.14 -15.68
N ALA B 388 3.08 23.89 -16.45
CA ALA B 388 1.94 23.17 -15.92
C ALA B 388 2.31 21.73 -15.51
N LEU B 389 3.02 21.05 -16.42
CA LEU B 389 3.47 19.69 -16.23
C LEU B 389 4.52 19.55 -15.13
N LYS B 390 5.33 20.58 -14.96
CA LYS B 390 6.43 20.59 -14.02
C LYS B 390 5.94 20.72 -12.58
N GLY B 391 4.98 21.62 -12.36
CA GLY B 391 4.39 21.81 -11.05
C GLY B 391 3.58 20.60 -10.60
N GLN B 392 2.88 19.96 -11.54
CA GLN B 392 2.19 18.72 -11.23
C GLN B 392 3.22 17.64 -10.77
N ALA B 393 4.37 17.54 -11.44
CA ALA B 393 5.41 16.54 -11.11
C ALA B 393 6.16 16.82 -9.82
N GLU B 394 6.40 18.10 -9.54
CA GLU B 394 7.02 18.54 -8.29
C GLU B 394 6.14 18.28 -7.06
N VAL B 395 4.84 18.50 -7.19
CA VAL B 395 3.86 18.19 -6.13
C VAL B 395 3.78 16.70 -5.89
N ARG B 396 3.79 15.94 -6.99
CA ARG B 396 3.83 14.49 -6.94
C ARG B 396 5.07 13.99 -6.23
N ALA B 397 6.20 14.66 -6.45
CA ALA B 397 7.47 14.27 -5.82
C ALA B 397 7.44 14.52 -4.32
N LEU B 398 6.82 15.63 -3.91
CA LEU B 398 6.61 15.89 -2.50
C LEU B 398 5.73 14.78 -1.88
N GLU B 399 4.59 14.47 -2.50
CA GLU B 399 3.74 13.35 -2.04
C GLU B 399 4.54 12.08 -1.76
N ASN B 400 5.33 11.63 -2.73
CA ASN B 400 6.13 10.40 -2.56
C ASN B 400 7.17 10.50 -1.44
N THR B 401 7.86 11.63 -1.34
CA THR B 401 8.81 11.84 -0.27
C THR B 401 8.11 11.87 1.09
N VAL B 402 6.93 12.49 1.17
CA VAL B 402 6.14 12.42 2.42
C VAL B 402 5.81 10.99 2.74
N HIS B 403 5.38 10.21 1.75
CA HIS B 403 5.06 8.81 1.98
C HIS B 403 6.26 8.00 2.51
N GLU B 404 7.46 8.25 2.02
CA GLU B 404 8.65 7.59 2.58
C GLU B 404 8.86 7.96 4.02
N VAL B 405 8.74 9.25 4.29
CA VAL B 405 8.96 9.73 5.63
C VAL B 405 7.95 9.17 6.59
N THR B 406 6.68 9.17 6.23
CA THR B 406 5.65 8.65 7.12
C THR B 406 5.83 7.15 7.36
N THR B 407 6.23 6.40 6.34
CA THR B 407 6.63 5.01 6.56
C THR B 407 7.69 4.89 7.69
N SER B 408 8.70 5.76 7.66
CA SER B 408 9.73 5.75 8.71
C SER B 408 9.12 6.13 10.03
N ILE B 409 8.35 7.22 10.06
CA ILE B 409 7.66 7.65 11.27
C ILE B 409 6.93 6.45 11.88
N GLY B 410 6.21 5.68 11.07
CA GLY B 410 5.46 4.53 11.53
C GLY B 410 6.29 3.47 12.24
N LYS B 411 7.43 3.11 11.65
CA LYS B 411 8.37 2.21 12.30
C LYS B 411 8.75 2.69 13.70
N ARG B 412 8.93 4.00 13.86
CA ARG B 412 9.36 4.58 15.14
C ARG B 412 8.22 4.64 16.16
N ILE B 413 7.02 5.03 15.72
CA ILE B 413 5.84 4.98 16.57
C ILE B 413 5.65 3.53 16.98
N PHE B 414 5.59 2.62 16.02
CA PHE B 414 5.37 1.20 16.33
C PHE B 414 6.34 0.67 17.38
N ASP B 415 7.63 0.91 17.20
CA ASP B 415 8.63 0.41 18.14
C ASP B 415 8.40 0.90 19.55
N HIS B 416 8.13 2.19 19.68
CA HIS B 416 7.76 2.79 20.96
C HIS B 416 6.52 2.12 21.54
N ALA B 417 5.46 2.01 20.75
CA ALA B 417 4.20 1.37 21.17
C ALA B 417 4.36 -0.09 21.64
N ILE B 418 5.10 -0.89 20.89
CA ILE B 418 5.34 -2.30 21.21
C ILE B 418 6.30 -2.51 22.40
N ARG B 419 7.16 -1.53 22.64
CA ARG B 419 8.24 -1.62 23.65
C ARG B 419 7.88 -1.03 25.03
N TYR B 420 6.89 -0.13 25.07
CA TYR B 420 6.44 0.49 26.32
C TYR B 420 5.93 -0.59 27.27
N PRO B 421 6.28 -0.54 28.56
CA PRO B 421 6.99 0.58 29.22
C PRO B 421 8.49 0.36 29.47
N HIS B 422 9.12 -0.50 28.69
CA HIS B 422 10.48 -0.92 28.98
C HIS B 422 11.54 0.01 28.40
N ASN B 423 12.79 -0.24 28.79
CA ASN B 423 13.96 0.51 28.31
C ASN B 423 13.87 2.01 28.53
N GLY B 424 13.26 2.40 29.65
CA GLY B 424 13.11 3.81 30.00
C GLY B 424 12.00 4.60 29.33
N LEU B 425 11.13 3.95 28.56
CA LEU B 425 10.00 4.65 27.93
C LEU B 425 8.92 4.94 28.97
N THR B 426 8.90 6.17 29.47
CA THR B 426 7.95 6.57 30.53
C THR B 426 6.54 6.90 30.01
N THR B 427 6.44 7.35 28.76
CA THR B 427 5.16 7.70 28.13
C THR B 427 4.75 6.62 27.14
N GLU B 428 3.45 6.44 26.97
CA GLU B 428 2.89 5.42 26.08
C GLU B 428 3.24 5.66 24.62
N LEU B 429 3.21 6.92 24.21
CA LEU B 429 3.54 7.35 22.86
C LEU B 429 4.76 8.28 22.86
N PRO B 430 5.45 8.41 21.72
CA PRO B 430 6.47 9.45 21.62
C PRO B 430 5.88 10.82 21.91
N THR B 431 6.68 11.71 22.46
CA THR B 431 6.23 13.09 22.71
C THR B 431 7.04 14.12 21.95
N ASP B 432 8.34 13.89 21.82
CA ASP B 432 9.20 14.76 21.02
C ASP B 432 9.07 14.37 19.54
N LEU B 433 8.91 15.36 18.66
CA LEU B 433 8.94 15.13 17.20
C LEU B 433 10.26 14.52 16.72
N GLY B 434 11.35 14.83 17.41
CA GLY B 434 12.69 14.32 17.09
C GLY B 434 12.83 12.81 17.15
N GLU B 435 12.01 12.18 17.99
CA GLU B 435 11.96 10.72 18.06
C GLU B 435 11.48 10.07 16.74
N LEU B 436 10.66 10.81 15.99
CA LEU B 436 10.02 10.34 14.77
C LEU B 436 10.64 10.87 13.48
N LEU B 437 11.06 12.13 13.50
CA LEU B 437 11.56 12.82 12.32
C LEU B 437 13.07 13.10 12.45
N LYS B 438 13.87 12.42 11.63
CA LYS B 438 15.33 12.50 11.70
C LYS B 438 15.92 13.46 10.67
N SER B 439 17.22 13.70 10.75
CA SER B 439 17.91 14.64 9.86
C SER B 439 17.73 14.32 8.39
N SER B 440 17.90 13.06 8.02
CA SER B 440 17.76 12.67 6.62
C SER B 440 16.31 12.89 6.12
N ASP B 441 15.33 12.67 7.01
CA ASP B 441 13.92 12.90 6.67
C ASP B 441 13.67 14.38 6.34
N LYS B 442 14.17 15.26 7.20
CA LYS B 442 14.09 16.71 7.02
C LYS B 442 14.75 17.18 5.73
N VAL B 443 15.96 16.71 5.44
CA VAL B 443 16.69 17.14 4.26
C VAL B 443 15.88 16.84 3.01
N MET B 444 15.35 15.62 2.90
CA MET B 444 14.51 15.23 1.77
C MET B 444 13.34 16.20 1.59
N LEU B 445 12.55 16.37 2.65
CA LEU B 445 11.37 17.21 2.62
C LEU B 445 11.69 18.67 2.24
N LYS B 446 12.76 19.19 2.81
CA LYS B 446 13.21 20.53 2.46
C LYS B 446 13.58 20.67 0.99
N ARG B 447 14.21 19.65 0.41
CA ARG B 447 14.55 19.66 -1.01
C ARG B 447 13.32 19.66 -1.91
N ARG B 448 12.31 18.85 -1.59
CA ARG B 448 11.05 18.86 -2.33
C ARG B 448 10.37 20.22 -2.27
N ILE B 449 10.46 20.87 -1.12
CA ILE B 449 9.85 22.19 -0.92
C ILE B 449 10.55 23.23 -1.77
N LEU B 450 11.87 23.15 -1.84
CA LEU B 450 12.68 24.06 -2.68
C LEU B 450 12.35 23.93 -4.17
N ALA B 451 12.04 22.73 -4.64
CA ALA B 451 11.62 22.52 -6.01
C ALA B 451 10.28 23.20 -6.35
N LEU B 452 9.42 23.40 -5.35
CA LEU B 452 8.11 24.04 -5.53
C LEU B 452 8.17 25.56 -5.50
N ARG B 453 9.32 26.10 -5.06
CA ARG B 453 9.52 27.53 -4.95
C ARG B 453 9.45 28.17 -6.32
N ARG B 454 8.65 29.23 -6.44
CA ARG B 454 8.57 30.02 -7.65
C ARG B 454 9.56 31.18 -7.58
N PRO B 455 10.10 31.59 -8.72
CA PRO B 455 10.90 32.82 -8.80
C PRO B 455 10.25 34.05 -8.13
N GLU B 456 11.10 34.96 -7.62
CA GLU B 456 10.62 36.21 -7.01
C GLU B 456 9.61 36.89 -7.96
N GLY B 457 8.41 37.11 -7.45
CA GLY B 457 7.37 37.84 -8.17
C GLY B 457 6.47 37.10 -9.14
N GLN B 458 6.79 35.86 -9.52
CA GLN B 458 5.98 35.12 -10.51
C GLN B 458 4.69 34.64 -9.86
N LEU B 459 3.58 34.85 -10.57
CA LEU B 459 2.24 34.51 -10.12
C LEU B 459 1.72 33.27 -10.86
N PRO B 460 0.83 32.48 -10.23
CA PRO B 460 0.29 31.35 -10.98
C PRO B 460 -0.31 31.84 -12.32
N PRO B 461 -0.06 31.11 -13.41
CA PRO B 461 -0.58 31.59 -14.68
C PRO B 461 -2.11 31.61 -14.73
N ILE B 462 -2.63 32.27 -15.76
CA ILE B 462 -4.05 32.31 -16.06
C ILE B 462 -4.47 31.31 -17.15
N VAL B 463 -3.55 30.47 -17.59
CA VAL B 463 -3.83 29.52 -18.68
C VAL B 463 -2.85 28.37 -18.55
N THR B 464 -3.28 27.18 -18.91
CA THR B 464 -2.50 25.96 -18.78
C THR B 464 -1.69 25.57 -20.05
N HIS B 465 -1.82 26.33 -21.14
CA HIS B 465 -1.32 25.90 -22.46
C HIS B 465 -0.54 27.00 -23.13
N ASN B 466 0.22 26.61 -24.15
CA ASN B 466 0.81 27.54 -25.07
C ASN B 466 -0.19 27.76 -26.17
N MET B 467 -0.58 29.02 -26.34
CA MET B 467 -1.63 29.41 -27.28
C MET B 467 -1.01 29.75 -28.65
N VAL B 468 -1.72 29.44 -29.73
CA VAL B 468 -1.27 29.76 -31.09
C VAL B 468 -1.22 31.29 -31.30
N ASP B 469 -2.24 32.01 -30.87
CA ASP B 469 -2.27 33.45 -31.05
C ASP B 469 -2.68 34.10 -29.75
N ASP B 470 -1.78 34.01 -28.77
CA ASP B 470 -1.98 34.53 -27.40
C ASP B 470 -2.43 36.02 -27.36
N ALA B 471 -1.67 36.89 -28.03
CA ALA B 471 -1.91 38.34 -27.98
C ALA B 471 -3.30 38.76 -28.44
N ASN B 472 -3.89 37.99 -29.36
CA ASN B 472 -5.21 38.27 -29.93
C ASN B 472 -6.33 37.38 -29.40
N ASP B 473 -6.07 36.55 -28.41
CA ASP B 473 -7.15 35.73 -27.86
C ASP B 473 -8.13 36.61 -27.05
N LEU B 474 -9.42 36.48 -27.35
CA LEU B 474 -10.48 37.22 -26.65
C LEU B 474 -10.53 36.95 -25.15
N ILE B 475 -10.53 35.69 -24.78
CA ILE B 475 -10.60 35.31 -23.38
C ILE B 475 -9.40 35.91 -22.62
N LEU B 476 -8.18 35.68 -23.10
CA LEU B 476 -6.99 36.10 -22.36
C LEU B 476 -6.89 37.62 -22.32
N ASN B 477 -7.21 38.30 -23.43
CA ASN B 477 -7.23 39.75 -23.43
C ASN B 477 -8.20 40.32 -22.39
N LYS B 478 -9.32 39.65 -22.18
CA LYS B 478 -10.33 40.15 -21.25
C LYS B 478 -9.90 39.90 -19.80
N ILE B 479 -9.30 38.76 -19.54
CA ILE B 479 -8.69 38.50 -18.22
C ILE B 479 -7.59 39.51 -17.91
N ARG B 480 -6.78 39.83 -18.91
CA ARG B 480 -5.69 40.79 -18.73
C ARG B 480 -6.16 42.22 -18.53
N GLN B 481 -7.26 42.56 -19.23
CA GLN B 481 -7.90 43.87 -19.12
C GLN B 481 -8.49 44.09 -17.73
N VAL B 482 -9.21 43.09 -17.22
CA VAL B 482 -9.76 43.19 -15.84
C VAL B 482 -8.73 42.86 -14.76
N GLN B 483 -7.55 42.42 -15.17
CA GLN B 483 -6.41 42.24 -14.29
C GLN B 483 -6.61 41.17 -13.22
N LEU B 484 -7.18 40.02 -13.60
CA LEU B 484 -7.23 38.86 -12.72
C LEU B 484 -6.01 37.99 -13.01
N PHE B 485 -4.94 38.22 -12.24
CA PHE B 485 -3.63 37.59 -12.47
C PHE B 485 -3.25 36.66 -11.34
N ASN B 486 -4.23 36.18 -10.59
CA ASN B 486 -3.99 35.22 -9.53
C ASN B 486 -2.99 35.72 -8.50
N SER B 487 -3.12 36.99 -8.12
CA SER B 487 -2.26 37.43 -7.03
C SER B 487 -2.85 36.94 -5.68
N PRO B 488 -2.00 36.77 -4.67
CA PRO B 488 -2.42 36.37 -3.35
C PRO B 488 -3.64 37.10 -2.82
N SER B 489 -3.70 38.42 -3.02
CA SER B 489 -4.81 39.20 -2.52
C SER B 489 -6.12 39.07 -3.31
N ASP B 490 -6.08 38.44 -4.50
CA ASP B 490 -7.31 38.13 -5.25
C ASP B 490 -8.03 36.95 -4.62
N ARG B 491 -9.31 37.12 -4.35
CA ARG B 491 -10.18 36.05 -3.82
C ARG B 491 -10.83 35.23 -4.94
N VAL B 492 -10.69 35.71 -6.19
CA VAL B 492 -11.12 34.98 -7.36
C VAL B 492 -9.87 34.67 -8.16
N LYS B 493 -9.69 33.40 -8.53
CA LYS B 493 -8.59 32.98 -9.39
C LYS B 493 -9.12 32.59 -10.75
N MET B 494 -8.33 32.81 -11.79
CA MET B 494 -8.72 32.48 -13.15
C MET B 494 -7.77 31.41 -13.71
N ILE B 495 -8.36 30.36 -14.28
CA ILE B 495 -7.63 29.38 -15.02
C ILE B 495 -8.32 29.08 -16.32
N PHE B 496 -7.73 29.53 -17.44
CA PHE B 496 -8.20 29.17 -18.77
C PHE B 496 -7.56 27.85 -19.20
N HIS B 497 -8.39 26.89 -19.58
CA HIS B 497 -7.93 25.58 -20.05
C HIS B 497 -8.45 25.36 -21.47
N PRO B 498 -7.70 25.81 -22.48
CA PRO B 498 -8.24 25.94 -23.82
C PRO B 498 -8.34 24.64 -24.64
N GLU B 499 -8.83 23.57 -24.00
CA GLU B 499 -9.01 22.25 -24.60
C GLU B 499 -10.11 21.50 -23.87
N PHE B 500 -10.81 20.62 -24.57
CA PHE B 500 -11.82 19.79 -23.90
C PHE B 500 -11.15 18.91 -22.87
N LEU B 501 -11.85 18.65 -21.78
CA LEU B 501 -11.35 17.83 -20.71
C LEU B 501 -11.41 16.38 -21.12
N ASN B 502 -10.45 15.61 -20.62
CA ASN B 502 -10.32 14.21 -20.97
C ASN B 502 -9.52 13.50 -19.89
N ALA B 503 -9.97 12.33 -19.48
CA ALA B 503 -9.21 11.57 -18.47
C ALA B 503 -7.74 11.26 -18.87
N ASN B 504 -7.41 11.26 -20.16
CA ASN B 504 -6.01 11.13 -20.61
C ASN B 504 -5.13 12.36 -20.41
N ASN B 505 -5.69 13.56 -20.39
CA ASN B 505 -5.01 14.81 -19.95
C ASN B 505 -3.97 14.52 -18.84
N PRO B 506 -2.73 15.00 -18.99
CA PRO B 506 -1.71 14.79 -17.97
C PRO B 506 -1.76 15.60 -16.69
N ILE B 507 -2.50 16.72 -16.65
CA ILE B 507 -2.55 17.60 -15.44
C ILE B 507 -3.90 17.62 -14.68
N LEU B 508 -4.98 17.33 -15.40
CA LEU B 508 -6.30 17.35 -14.84
C LEU B 508 -6.96 16.17 -15.51
N GLY B 509 -6.65 14.99 -14.98
CA GLY B 509 -7.07 13.74 -15.56
C GLY B 509 -8.50 13.45 -15.22
N LEU B 510 -9.42 14.24 -15.77
CA LEU B 510 -10.85 14.04 -15.59
C LEU B 510 -11.53 14.14 -16.94
N ASP B 511 -12.52 13.28 -17.16
CA ASP B 511 -13.52 13.52 -18.19
C ASP B 511 -14.41 14.66 -17.74
N TYR B 512 -15.09 15.27 -18.70
CA TYR B 512 -15.93 16.44 -18.47
C TYR B 512 -16.93 16.16 -17.37
N ASP B 513 -17.70 15.08 -17.51
CA ASP B 513 -18.73 14.75 -16.52
C ASP B 513 -18.13 14.64 -15.11
N GLU B 514 -16.94 14.06 -14.99
CA GLU B 514 -16.30 13.93 -13.69
C GLU B 514 -15.98 15.30 -13.10
N PHE B 515 -15.35 16.15 -13.91
CA PHE B 515 -14.96 17.52 -13.50
C PHE B 515 -16.17 18.33 -13.06
N VAL B 516 -17.24 18.27 -13.82
CA VAL B 516 -18.48 18.98 -13.47
C VAL B 516 -18.94 18.56 -12.08
N ARG B 517 -19.01 17.26 -11.83
CA ARG B 517 -19.39 16.75 -10.50
C ARG B 517 -18.50 17.27 -9.39
N GLY B 518 -17.21 17.42 -9.67
CA GLY B 518 -16.29 17.99 -8.66
C GLY B 518 -16.51 19.46 -8.36
N CYS B 519 -17.05 20.20 -9.33
CA CYS B 519 -17.26 21.63 -9.17
C CYS B 519 -18.47 21.98 -8.28
N HIS B 520 -18.57 23.25 -7.92
CA HIS B 520 -19.66 23.76 -7.10
C HIS B 520 -20.74 24.50 -7.90
N LEU B 521 -20.38 25.14 -9.00
CA LEU B 521 -21.33 26.00 -9.70
C LEU B 521 -20.96 26.15 -11.16
N GLY B 522 -21.87 25.77 -12.06
CA GLY B 522 -21.77 26.12 -13.48
C GLY B 522 -22.26 27.55 -13.69
N VAL B 523 -21.63 28.28 -14.62
CA VAL B 523 -21.97 29.65 -14.89
C VAL B 523 -21.95 29.82 -16.40
N PHE B 524 -23.15 30.00 -16.99
CA PHE B 524 -23.30 29.92 -18.42
C PHE B 524 -24.13 31.10 -18.91
N PRO B 525 -23.54 32.31 -18.92
CA PRO B 525 -24.36 33.47 -19.20
C PRO B 525 -24.57 33.68 -20.71
N SER B 526 -25.20 32.71 -21.35
CA SER B 526 -25.34 32.69 -22.81
C SER B 526 -26.25 33.80 -23.35
N TYR B 527 -25.96 34.22 -24.59
CA TYR B 527 -26.74 35.22 -25.31
C TYR B 527 -27.53 34.59 -26.44
N TYR B 528 -26.89 33.68 -27.20
CA TYR B 528 -27.58 32.89 -28.20
C TYR B 528 -27.35 31.39 -27.91
N GLU B 529 -28.44 30.70 -27.63
CA GLU B 529 -28.41 29.33 -27.14
C GLU B 529 -29.84 28.77 -27.17
N PRO B 530 -30.26 28.26 -28.33
CA PRO B 530 -31.60 27.70 -28.44
C PRO B 530 -31.95 26.60 -27.42
N TRP B 531 -31.01 25.74 -27.03
CA TRP B 531 -31.28 24.82 -25.93
C TRP B 531 -30.41 24.98 -24.69
N GLY B 532 -29.12 24.83 -24.72
CA GLY B 532 -28.44 24.85 -23.40
C GLY B 532 -28.34 23.43 -22.81
N TYR B 533 -27.61 22.62 -23.55
CA TYR B 533 -27.23 21.29 -23.18
C TYR B 533 -26.34 21.36 -21.95
N THR B 534 -25.47 22.37 -21.92
CA THR B 534 -24.49 22.55 -20.89
C THR B 534 -25.12 22.72 -19.48
N PRO B 535 -25.96 23.75 -19.26
CA PRO B 535 -26.59 23.81 -17.93
C PRO B 535 -27.53 22.64 -17.61
N ALA B 536 -28.11 22.02 -18.64
CA ALA B 536 -28.96 20.86 -18.45
C ALA B 536 -28.15 19.67 -17.91
N GLU B 537 -26.97 19.48 -18.48
CA GLU B 537 -26.11 18.37 -18.10
C GLU B 537 -25.54 18.65 -16.73
N CYS B 538 -25.25 19.91 -16.45
CA CYS B 538 -24.76 20.34 -15.17
C CYS B 538 -25.83 20.10 -14.08
N THR B 539 -27.08 20.37 -14.41
CA THR B 539 -28.18 20.11 -13.52
C THR B 539 -28.30 18.62 -13.21
N VAL B 540 -28.18 17.78 -14.24
CA VAL B 540 -28.25 16.31 -14.09
C VAL B 540 -27.17 15.71 -13.20
N MET B 541 -25.96 16.29 -13.22
CA MET B 541 -24.90 15.95 -12.25
C MET B 541 -25.13 16.52 -10.82
N GLY B 542 -26.26 17.17 -10.58
CA GLY B 542 -26.56 17.76 -9.29
C GLY B 542 -25.75 18.99 -8.94
N VAL B 543 -25.31 19.73 -9.95
CA VAL B 543 -24.50 20.90 -9.72
C VAL B 543 -25.35 22.11 -10.08
N PRO B 544 -25.47 23.09 -9.18
CA PRO B 544 -26.24 24.28 -9.51
C PRO B 544 -25.56 25.13 -10.56
N SER B 545 -26.34 25.97 -11.22
CA SER B 545 -25.85 26.73 -12.36
C SER B 545 -26.58 28.04 -12.59
N ILE B 546 -25.86 28.94 -13.25
CA ILE B 546 -26.40 30.20 -13.70
C ILE B 546 -26.63 30.09 -15.22
N THR B 547 -27.84 30.45 -15.64
CA THR B 547 -28.18 30.48 -17.04
C THR B 547 -28.77 31.86 -17.34
N THR B 548 -29.36 32.01 -18.51
CA THR B 548 -29.99 33.27 -18.87
C THR B 548 -31.40 32.99 -19.35
N ASN B 549 -32.20 34.04 -19.38
CA ASN B 549 -33.57 33.92 -19.91
C ASN B 549 -33.60 33.96 -21.43
N VAL B 550 -32.46 34.21 -22.08
CA VAL B 550 -32.38 34.05 -23.54
C VAL B 550 -31.77 32.69 -23.95
N SER B 551 -31.50 31.85 -22.97
CA SER B 551 -31.09 30.47 -23.19
C SER B 551 -32.33 29.59 -23.11
N GLY B 552 -32.44 28.64 -24.03
CA GLY B 552 -33.58 27.72 -24.04
C GLY B 552 -33.80 26.90 -22.78
N PHE B 553 -32.71 26.59 -22.09
CA PHE B 553 -32.77 25.90 -20.81
C PHE B 553 -33.34 26.85 -19.77
N GLY B 554 -32.84 28.07 -19.76
CA GLY B 554 -33.26 29.06 -18.79
C GLY B 554 -34.70 29.44 -18.95
N SER B 555 -35.11 29.66 -20.21
CA SER B 555 -36.51 29.97 -20.53
C SER B 555 -37.43 28.81 -20.16
N TYR B 556 -36.93 27.57 -20.30
CA TYR B 556 -37.70 26.41 -19.89
C TYR B 556 -37.85 26.33 -18.37
N MET B 557 -36.77 26.56 -17.62
CA MET B 557 -36.84 26.55 -16.16
C MET B 557 -37.65 27.73 -15.60
N GLU B 558 -37.49 28.89 -16.22
CA GLU B 558 -38.27 30.10 -15.88
C GLU B 558 -39.78 29.84 -15.77
N ASP B 559 -40.33 29.17 -16.78
CA ASP B 559 -41.75 28.83 -16.84
C ASP B 559 -42.14 27.64 -15.95
N LEU B 560 -41.18 26.80 -15.62
CA LEU B 560 -41.45 25.61 -14.81
C LEU B 560 -41.38 25.84 -13.29
N ILE B 561 -40.71 26.91 -12.85
CA ILE B 561 -40.50 27.20 -11.43
C ILE B 561 -40.54 28.71 -11.22
N GLU B 562 -41.19 29.15 -10.14
CA GLU B 562 -41.23 30.57 -9.75
C GLU B 562 -39.82 31.05 -9.36
N THR B 563 -39.31 32.06 -10.06
CA THR B 563 -37.85 32.32 -10.18
C THR B 563 -37.10 32.58 -8.86
N ASN B 564 -37.79 32.98 -7.79
CA ASN B 564 -37.16 33.04 -6.44
C ASN B 564 -37.07 31.67 -5.75
N GLN B 565 -38.03 30.77 -6.01
CA GLN B 565 -37.89 29.35 -5.62
C GLN B 565 -36.74 28.61 -6.35
N ALA B 566 -36.55 28.93 -7.63
CA ALA B 566 -35.54 28.34 -8.49
C ALA B 566 -34.11 28.38 -7.94
N LYS B 567 -33.77 29.47 -7.26
CA LYS B 567 -32.48 29.60 -6.58
C LYS B 567 -32.25 28.52 -5.50
N ASP B 568 -33.32 28.14 -4.80
CA ASP B 568 -33.24 27.07 -3.79
C ASP B 568 -33.01 25.71 -4.45
N TYR B 569 -33.45 25.55 -5.69
CA TYR B 569 -33.14 24.36 -6.50
C TYR B 569 -31.79 24.44 -7.25
N GLY B 570 -31.04 25.52 -7.08
CA GLY B 570 -29.77 25.71 -7.76
C GLY B 570 -29.82 26.23 -9.18
N ILE B 571 -30.97 26.73 -9.62
CA ILE B 571 -31.14 27.30 -10.95
C ILE B 571 -31.21 28.83 -10.87
N TYR B 572 -30.09 29.51 -11.09
CA TYR B 572 -30.03 30.96 -11.13
C TYR B 572 -30.21 31.40 -12.57
N ILE B 573 -31.04 32.41 -12.82
CA ILE B 573 -31.44 32.82 -14.17
C ILE B 573 -31.27 34.32 -14.34
N VAL B 574 -30.30 34.70 -15.18
CA VAL B 574 -29.95 36.11 -15.40
C VAL B 574 -30.84 36.66 -16.50
N ASP B 575 -31.27 37.89 -16.32
CA ASP B 575 -32.13 38.57 -17.30
C ASP B 575 -31.22 39.30 -18.28
N ARG B 576 -31.15 38.79 -19.51
CA ARG B 576 -30.41 39.46 -20.61
C ARG B 576 -31.35 39.95 -21.69
N ARG B 577 -32.65 39.90 -21.43
CA ARG B 577 -33.65 40.34 -22.40
C ARG B 577 -34.15 41.74 -22.04
N PHE B 578 -34.53 41.95 -20.78
CA PHE B 578 -35.21 43.17 -20.33
C PHE B 578 -34.35 44.07 -19.42
N LYS B 579 -33.04 43.87 -19.42
CA LYS B 579 -32.11 44.71 -18.64
C LYS B 579 -30.99 45.17 -19.56
N ALA B 580 -30.39 46.31 -19.25
CA ALA B 580 -29.18 46.73 -19.95
C ALA B 580 -28.04 45.77 -19.59
N PRO B 581 -27.09 45.57 -20.51
CA PRO B 581 -25.93 44.70 -20.22
C PRO B 581 -25.26 44.93 -18.86
N ASP B 582 -25.10 46.18 -18.42
CA ASP B 582 -24.50 46.43 -17.13
C ASP B 582 -25.37 45.91 -15.98
N GLU B 583 -26.69 46.02 -16.11
CA GLU B 583 -27.59 45.47 -15.09
C GLU B 583 -27.53 43.93 -15.06
N SER B 584 -27.46 43.29 -16.22
CA SER B 584 -27.24 41.84 -16.33
C SER B 584 -25.95 41.38 -15.64
N VAL B 585 -24.85 42.13 -15.83
CA VAL B 585 -23.58 41.79 -15.19
C VAL B 585 -23.73 41.84 -13.68
N GLU B 586 -24.26 42.94 -13.17
CA GLU B 586 -24.48 43.11 -11.73
C GLU B 586 -25.32 41.97 -11.12
N GLN B 587 -26.35 41.54 -11.85
CA GLN B 587 -27.20 40.45 -11.39
C GLN B 587 -26.41 39.16 -11.34
N LEU B 588 -25.60 38.95 -12.38
CA LEU B 588 -24.69 37.83 -12.43
C LEU B 588 -23.71 37.83 -11.24
N VAL B 589 -23.19 38.99 -10.87
CA VAL B 589 -22.38 39.11 -9.66
C VAL B 589 -23.21 38.80 -8.41
N ASP B 590 -24.45 39.27 -8.36
CA ASP B 590 -25.32 39.07 -7.18
C ASP B 590 -25.52 37.59 -6.87
N TYR B 591 -25.88 36.85 -7.90
CA TYR B 591 -26.02 35.39 -7.82
C TYR B 591 -24.73 34.67 -7.43
N MET B 592 -23.63 34.93 -8.14
CA MET B 592 -22.33 34.39 -7.72
C MET B 592 -22.06 34.62 -6.24
N GLU B 593 -22.24 35.86 -5.81
CA GLU B 593 -21.93 36.24 -4.45
C GLU B 593 -22.88 35.60 -3.44
N GLU B 594 -24.13 35.49 -3.84
CA GLU B 594 -25.17 34.85 -3.03
C GLU B 594 -24.76 33.41 -2.73
N PHE B 595 -24.19 32.76 -3.74
CA PHE B 595 -23.72 31.39 -3.64
C PHE B 595 -22.47 31.22 -2.79
N VAL B 596 -21.52 32.13 -2.89
CA VAL B 596 -20.28 32.04 -2.11
C VAL B 596 -20.58 32.16 -0.62
N LYS B 597 -21.58 32.96 -0.28
CA LYS B 597 -21.95 33.16 1.10
C LYS B 597 -22.42 31.87 1.77
N LYS B 598 -23.05 30.98 0.98
CA LYS B 598 -23.55 29.72 1.54
C LYS B 598 -22.50 28.91 2.30
N THR B 599 -22.95 28.25 3.35
CA THR B 599 -22.14 27.30 4.11
C THR B 599 -22.08 25.99 3.37
N ARG B 600 -21.24 25.09 3.85
CA ARG B 600 -21.20 23.71 3.33
C ARG B 600 -22.54 23.01 3.43
N ARG B 601 -23.20 23.16 4.56
CA ARG B 601 -24.51 22.51 4.78
C ARG B 601 -25.57 23.04 3.80
N GLN B 602 -25.55 24.34 3.54
CA GLN B 602 -26.42 24.93 2.54
C GLN B 602 -26.10 24.47 1.10
N ARG B 603 -24.82 24.35 0.77
CA ARG B 603 -24.43 23.82 -0.55
C ARG B 603 -24.94 22.39 -0.75
N ILE B 604 -24.74 21.54 0.25
CA ILE B 604 -25.15 20.14 0.17
C ILE B 604 -26.67 19.99 -0.04
N ASN B 605 -27.48 20.76 0.70
CA ASN B 605 -28.93 20.73 0.54
C ASN B 605 -29.37 21.30 -0.79
N GLN B 606 -28.70 22.36 -1.24
CA GLN B 606 -28.97 22.90 -2.57
C GLN B 606 -28.68 21.87 -3.68
N ARG B 607 -27.55 21.17 -3.59
CA ARG B 607 -27.25 20.13 -4.58
C ARG B 607 -28.29 19.01 -4.56
N ASN B 608 -28.73 18.61 -3.37
CA ASN B 608 -29.83 17.65 -3.24
C ASN B 608 -31.10 18.15 -3.96
N ARG B 609 -31.43 19.42 -3.78
CA ARG B 609 -32.54 19.99 -4.53
C ARG B 609 -32.29 19.98 -6.05
N THR B 610 -31.11 20.42 -6.48
CA THR B 610 -30.72 20.39 -7.90
C THR B 610 -30.83 19.00 -8.52
N GLU B 611 -30.31 18.01 -7.81
CA GLU B 611 -30.35 16.63 -8.27
C GLU B 611 -31.80 16.15 -8.41
N ARG B 612 -32.65 16.41 -7.42
CA ARG B 612 -34.10 16.10 -7.48
C ARG B 612 -34.81 16.68 -8.71
N LEU B 613 -34.39 17.87 -9.11
CA LEU B 613 -34.90 18.52 -10.30
C LEU B 613 -34.52 17.83 -11.59
N SER B 614 -33.46 17.03 -11.56
CA SER B 614 -32.96 16.33 -12.76
C SER B 614 -33.98 15.39 -13.38
N ASP B 615 -34.86 14.82 -12.55
CA ASP B 615 -35.95 13.97 -13.06
C ASP B 615 -36.76 14.68 -14.14
N LEU B 616 -36.94 16.00 -13.99
CA LEU B 616 -37.69 16.80 -14.96
C LEU B 616 -37.05 16.93 -16.33
N LEU B 617 -35.72 16.80 -16.41
CA LEU B 617 -35.00 16.87 -17.68
C LEU B 617 -34.89 15.53 -18.37
N ASP B 618 -35.39 14.47 -17.74
CA ASP B 618 -35.36 13.13 -18.30
C ASP B 618 -36.44 12.99 -19.39
N TRP B 619 -36.12 12.21 -20.42
CA TRP B 619 -37.05 11.93 -21.51
C TRP B 619 -38.37 11.27 -21.11
N LYS B 620 -38.40 10.57 -19.97
CA LYS B 620 -39.67 10.04 -19.44
C LYS B 620 -40.71 11.15 -19.25
N ARG B 621 -40.26 12.34 -18.85
CA ARG B 621 -41.14 13.49 -18.72
C ARG B 621 -41.18 14.38 -19.96
N MET B 622 -40.05 14.60 -20.60
CA MET B 622 -39.96 15.54 -21.73
C MET B 622 -40.52 14.97 -23.01
N GLY B 623 -40.47 13.64 -23.14
CA GLY B 623 -41.00 12.92 -24.29
C GLY B 623 -42.52 12.97 -24.44
N LEU B 624 -43.22 13.37 -23.39
CA LEU B 624 -44.65 13.68 -23.45
C LEU B 624 -44.94 14.82 -24.41
N GLU B 625 -44.06 15.82 -24.44
CA GLU B 625 -44.23 16.95 -25.35
C GLU B 625 -44.16 16.49 -26.82
N TYR B 626 -43.32 15.52 -27.12
CA TYR B 626 -43.30 14.91 -28.46
C TYR B 626 -44.61 14.20 -28.77
N VAL B 627 -45.18 13.52 -27.77
CA VAL B 627 -46.53 12.93 -27.88
C VAL B 627 -47.56 14.01 -28.20
N LYS B 628 -47.59 15.08 -27.41
CA LYS B 628 -48.50 16.21 -27.66
C LYS B 628 -48.37 16.83 -29.05
N ALA B 629 -47.16 16.85 -29.61
CA ALA B 629 -46.93 17.37 -30.97
C ALA B 629 -47.45 16.40 -32.02
N ARG B 630 -47.26 15.10 -31.80
CA ARG B 630 -47.79 14.08 -32.70
C ARG B 630 -49.32 13.95 -32.62
N GLN B 631 -49.90 14.15 -31.44
CA GLN B 631 -51.35 14.21 -31.28
C GLN B 631 -51.92 15.33 -32.14
N LEU B 632 -51.44 16.55 -31.92
CA LEU B 632 -51.89 17.74 -32.67
C LEU B 632 -51.84 17.57 -34.18
N ALA B 633 -50.83 16.86 -34.68
CA ALA B 633 -50.72 16.57 -36.11
C ALA B 633 -51.87 15.70 -36.61
N LEU B 634 -52.23 14.68 -35.83
CA LEU B 634 -53.35 13.78 -36.16
C LEU B 634 -54.70 14.49 -36.03
N ARG B 635 -54.89 15.24 -34.95
CA ARG B 635 -56.08 16.09 -34.72
C ARG B 635 -56.31 17.12 -35.83
N ARG B 636 -55.23 17.62 -36.43
CA ARG B 636 -55.31 18.62 -37.51
C ARG B 636 -55.52 18.00 -38.89
N GLY B 637 -54.81 16.92 -39.17
CA GLY B 637 -54.92 16.25 -40.47
C GLY B 637 -56.18 15.44 -40.66
N TYR B 638 -56.68 14.85 -39.57
CA TYR B 638 -57.88 14.01 -39.59
C TYR B 638 -58.88 14.45 -38.49
N PRO B 639 -59.42 15.67 -38.58
CA PRO B 639 -60.29 16.23 -37.51
C PRO B 639 -61.59 15.45 -37.27
N ASP B 640 -62.22 14.98 -38.35
CA ASP B 640 -63.49 14.24 -38.27
C ASP B 640 -63.34 12.90 -37.56
N GLN B 641 -62.25 12.18 -37.87
CA GLN B 641 -61.94 10.90 -37.23
C GLN B 641 -61.45 11.06 -35.78
N PHE B 642 -60.79 12.20 -35.49
CA PHE B 642 -60.26 12.49 -34.14
C PHE B 642 -61.37 12.85 -33.16
N ARG B 643 -62.31 13.67 -33.61
CA ARG B 643 -63.52 14.02 -32.85
C ARG B 643 -64.31 12.82 -32.39
N GLU B 644 -64.47 11.83 -33.27
CA GLU B 644 -65.25 10.62 -32.98
C GLU B 644 -64.47 9.47 -32.34
N LEU B 645 -63.15 9.62 -32.17
CA LEU B 645 -62.36 8.70 -31.34
C LEU B 645 -61.95 9.35 -30.00
N VAL B 646 -62.60 10.47 -29.67
CA VAL B 646 -62.51 11.12 -28.36
C VAL B 646 -63.94 11.53 -28.00
N GLY B 647 -64.20 11.91 -26.75
CA GLY B 647 -65.51 12.41 -26.32
C GLY B 647 -66.12 13.58 -27.09
N GLU B 648 -65.30 14.55 -27.49
CA GLU B 648 -65.80 15.76 -28.19
C GLU B 648 -64.71 16.50 -29.00
N GLU B 649 -65.07 17.66 -29.55
CA GLU B 649 -64.13 18.53 -30.27
C GLU B 649 -63.13 19.19 -29.32
N LEU B 650 -61.90 18.68 -29.29
CA LEU B 650 -60.82 19.34 -28.57
C LEU B 650 -60.16 20.39 -29.46
N ASN B 651 -59.71 21.48 -28.83
CA ASN B 651 -59.11 22.63 -29.52
C ASN B 651 -57.76 22.27 -30.15
N ASP B 652 -57.49 22.85 -31.32
CA ASP B 652 -56.29 22.52 -32.11
C ASP B 652 -55.37 23.71 -32.44
N SER B 653 -55.56 24.84 -31.75
CA SER B 653 -54.71 26.02 -31.99
C SER B 653 -53.28 25.85 -31.41
N ASN B 654 -53.15 25.05 -30.35
CA ASN B 654 -51.86 24.79 -29.70
C ASN B 654 -51.70 23.32 -29.34
N MET B 655 -50.47 22.93 -29.02
CA MET B 655 -50.17 21.66 -28.39
C MET B 655 -50.75 21.62 -26.97
N ASP B 656 -50.63 22.75 -26.27
CA ASP B 656 -51.13 22.89 -24.90
C ASP B 656 -52.66 22.84 -24.83
N ALA B 657 -53.30 23.76 -25.56
CA ALA B 657 -54.76 23.82 -25.70
C ALA B 657 -55.40 22.44 -25.98
N LEU B 658 -54.75 21.63 -26.81
CA LEU B 658 -55.23 20.27 -27.09
C LEU B 658 -55.18 19.37 -25.83
N ALA B 659 -53.99 19.18 -25.28
CA ALA B 659 -53.79 18.31 -24.12
C ALA B 659 -53.91 19.08 -22.81
N SER C 22 -35.52 32.82 52.51
CA SER C 22 -34.16 33.44 52.35
C SER C 22 -33.15 32.48 51.71
N ARG C 23 -33.49 31.98 50.53
CA ARG C 23 -32.76 30.88 49.87
C ARG C 23 -33.14 30.85 48.37
N ASP C 24 -32.18 31.12 47.49
CA ASP C 24 -32.47 31.36 46.06
C ASP C 24 -32.86 30.07 45.31
N LEU C 25 -34.03 30.10 44.68
CA LEU C 25 -34.55 28.96 43.91
C LEU C 25 -34.05 28.91 42.47
N GLN C 26 -33.72 30.06 41.90
CA GLN C 26 -33.24 30.12 40.52
C GLN C 26 -31.77 29.69 40.43
N ASN C 27 -30.89 30.42 41.10
CA ASN C 27 -29.50 30.01 41.30
C ASN C 27 -29.49 28.96 42.41
N HIS C 28 -29.58 27.69 42.01
CA HIS C 28 -29.60 26.56 42.94
C HIS C 28 -28.52 25.53 42.61
N LEU C 29 -28.39 24.51 43.45
CA LEU C 29 -27.39 23.46 43.30
C LEU C 29 -28.06 22.14 42.96
N LEU C 30 -27.38 21.32 42.18
CA LEU C 30 -27.84 19.96 41.89
C LEU C 30 -26.79 18.95 42.35
N PHE C 31 -27.23 18.04 43.22
CA PHE C 31 -26.44 16.86 43.60
C PHE C 31 -27.13 15.61 43.08
N GLU C 32 -26.47 14.87 42.19
CA GLU C 32 -27.07 13.70 41.56
C GLU C 32 -26.29 12.42 41.96
N THR C 33 -26.93 11.56 42.75
CA THR C 33 -26.28 10.41 43.40
C THR C 33 -26.71 9.08 42.78
N ALA C 34 -25.74 8.20 42.58
CA ALA C 34 -26.00 6.86 42.07
C ALA C 34 -24.86 5.93 42.43
N THR C 35 -25.18 4.64 42.49
CA THR C 35 -24.19 3.56 42.57
C THR C 35 -23.23 3.67 41.40
N GLU C 36 -23.76 4.01 40.21
CA GLU C 36 -23.06 3.85 38.95
C GLU C 36 -22.39 5.13 38.41
N VAL C 37 -21.87 5.99 39.30
CA VAL C 37 -21.24 7.25 38.89
C VAL C 37 -19.90 7.01 38.20
N ALA C 38 -18.87 6.66 38.96
CA ALA C 38 -17.57 6.38 38.33
C ALA C 38 -17.52 5.02 37.66
N ASN C 39 -18.40 4.09 38.04
CA ASN C 39 -18.29 2.68 37.58
C ASN C 39 -19.50 2.13 36.83
N ARG C 40 -19.22 1.40 35.76
CA ARG C 40 -20.22 0.76 34.91
C ARG C 40 -20.70 -0.53 35.58
N VAL C 41 -21.93 -0.51 36.10
CA VAL C 41 -22.61 -1.72 36.58
C VAL C 41 -23.82 -2.05 35.71
N GLY C 42 -24.60 -1.03 35.39
CA GLY C 42 -25.76 -1.19 34.52
C GLY C 42 -26.02 0.07 33.72
N GLY C 43 -27.26 0.21 33.26
CA GLY C 43 -27.64 1.23 32.30
C GLY C 43 -28.00 2.58 32.91
N ILE C 44 -27.75 2.75 34.21
CA ILE C 44 -27.78 4.05 34.87
C ILE C 44 -26.43 4.76 34.61
N TYR C 45 -25.33 4.00 34.55
CA TYR C 45 -24.02 4.54 34.12
C TYR C 45 -24.18 5.28 32.79
N SER C 46 -24.83 4.60 31.83
CA SER C 46 -25.09 5.16 30.50
C SER C 46 -25.93 6.42 30.55
N VAL C 47 -26.95 6.43 31.41
CA VAL C 47 -27.85 7.58 31.57
C VAL C 47 -27.12 8.80 32.11
N LEU C 48 -26.35 8.63 33.18
CA LEU C 48 -25.68 9.76 33.82
C LEU C 48 -24.55 10.36 32.95
N LYS C 49 -23.85 9.49 32.22
CA LYS C 49 -22.75 9.89 31.33
C LYS C 49 -23.28 10.69 30.14
N SER C 50 -24.22 10.10 29.41
CA SER C 50 -24.79 10.74 28.22
C SER C 50 -25.55 12.05 28.55
N LYS C 51 -26.12 12.12 29.75
CA LYS C 51 -26.89 13.26 30.21
C LYS C 51 -26.01 14.40 30.73
N ALA C 52 -24.70 14.19 30.82
CA ALA C 52 -23.81 15.15 31.46
C ALA C 52 -23.62 16.44 30.65
N PRO C 53 -23.48 16.34 29.32
CA PRO C 53 -23.34 17.57 28.52
C PRO C 53 -24.43 18.64 28.71
N ILE C 54 -25.71 18.24 28.69
CA ILE C 54 -26.80 19.22 28.92
C ILE C 54 -26.86 19.72 30.39
N THR C 55 -26.57 18.80 31.32
CA THR C 55 -26.59 19.11 32.74
C THR C 55 -25.48 20.11 33.10
N VAL C 56 -24.28 19.86 32.58
CA VAL C 56 -23.14 20.75 32.77
C VAL C 56 -23.41 22.11 32.13
N ALA C 57 -24.02 22.09 30.94
CA ALA C 57 -24.37 23.30 30.22
C ALA C 57 -25.35 24.18 31.00
N GLN C 58 -26.26 23.56 31.76
CA GLN C 58 -27.22 24.30 32.54
C GLN C 58 -26.64 24.82 33.86
N TYR C 59 -25.94 23.95 34.59
CA TYR C 59 -25.51 24.22 35.97
C TYR C 59 -24.04 24.67 36.14
N LYS C 60 -23.15 24.14 35.30
CA LYS C 60 -21.69 24.43 35.32
C LYS C 60 -21.02 23.90 36.60
N ASP C 61 -20.46 24.78 37.44
CA ASP C 61 -19.83 24.38 38.72
C ASP C 61 -20.81 24.16 39.90
N HIS C 62 -22.11 24.30 39.66
CA HIS C 62 -23.15 24.07 40.69
C HIS C 62 -23.59 22.60 40.76
N TYR C 63 -23.23 21.83 39.74
CA TYR C 63 -23.57 20.43 39.59
C TYR C 63 -22.47 19.52 40.13
N HIS C 64 -22.84 18.52 40.93
CA HIS C 64 -21.94 17.46 41.34
C HIS C 64 -22.65 16.12 41.29
N LEU C 65 -22.00 15.11 40.70
CA LEU C 65 -22.43 13.73 40.86
C LEU C 65 -21.83 13.18 42.15
N ILE C 66 -22.56 12.26 42.81
CA ILE C 66 -22.07 11.61 44.04
C ILE C 66 -22.23 10.09 43.89
N GLY C 67 -21.22 9.34 44.30
CA GLY C 67 -21.28 7.88 44.23
C GLY C 67 -20.31 7.20 45.18
N PRO C 68 -20.39 5.86 45.28
CA PRO C 68 -19.39 5.09 46.03
C PRO C 68 -18.10 4.87 45.23
N LEU C 69 -16.94 5.06 45.89
CA LEU C 69 -15.64 4.92 45.25
C LEU C 69 -15.33 3.46 44.95
N ASN C 70 -15.03 3.15 43.68
CA ASN C 70 -14.51 1.84 43.29
C ASN C 70 -12.98 1.91 43.28
N LYS C 71 -12.33 1.23 44.22
CA LYS C 71 -10.86 1.16 44.29
C LYS C 71 -10.22 0.62 42.99
N ALA C 72 -10.82 -0.40 42.41
CA ALA C 72 -10.26 -1.10 41.24
C ALA C 72 -10.29 -0.33 39.91
N THR C 73 -11.33 0.47 39.67
CA THR C 73 -11.56 1.13 38.36
C THR C 73 -11.53 2.69 38.30
N TYR C 74 -11.57 3.39 39.43
CA TYR C 74 -11.66 4.88 39.44
C TYR C 74 -10.45 5.62 38.86
N GLN C 75 -9.29 4.97 38.84
CA GLN C 75 -8.07 5.53 38.26
C GLN C 75 -8.20 5.77 36.74
N ASN C 76 -8.95 4.91 36.06
CA ASN C 76 -9.12 4.98 34.60
C ASN C 76 -10.13 6.04 34.18
N GLU C 77 -11.15 6.28 35.00
CA GLU C 77 -12.27 7.19 34.67
C GLU C 77 -12.17 8.60 35.26
N VAL C 78 -11.58 8.74 36.44
CA VAL C 78 -11.58 10.02 37.15
C VAL C 78 -10.28 10.81 36.95
N ASP C 79 -10.45 12.14 36.81
CA ASP C 79 -9.36 13.11 36.80
C ASP C 79 -9.26 13.66 38.23
N ILE C 80 -8.37 13.09 39.03
CA ILE C 80 -8.31 13.38 40.47
C ILE C 80 -7.77 14.80 40.70
N LEU C 81 -8.63 15.68 41.21
CA LEU C 81 -8.30 17.07 41.53
C LEU C 81 -7.92 17.19 42.99
N ASP C 82 -7.10 18.19 43.32
CA ASP C 82 -6.87 18.59 44.71
C ASP C 82 -7.94 19.61 45.08
N TRP C 83 -8.67 19.31 46.16
CA TRP C 83 -9.85 20.08 46.56
C TRP C 83 -9.58 21.10 47.68
N LYS C 84 -8.49 20.93 48.42
CA LYS C 84 -8.15 21.84 49.53
C LYS C 84 -7.62 23.21 49.05
N LYS C 85 -7.12 23.29 47.81
CA LYS C 85 -6.66 24.56 47.25
C LYS C 85 -7.85 25.50 46.96
N PRO C 86 -7.67 26.83 47.13
CA PRO C 86 -8.80 27.76 47.07
C PRO C 86 -9.34 28.07 45.67
N GLU C 87 -8.54 27.85 44.62
CA GLU C 87 -8.99 28.08 43.24
C GLU C 87 -9.90 26.95 42.71
N ALA C 88 -9.93 25.82 43.41
CA ALA C 88 -10.81 24.68 43.07
C ALA C 88 -12.31 24.98 43.06
N PHE C 89 -12.74 25.96 43.86
CA PHE C 89 -14.13 26.44 43.91
C PHE C 89 -14.18 27.96 43.87
N SER C 90 -15.29 28.52 43.37
CA SER C 90 -15.56 29.95 43.50
C SER C 90 -15.93 30.31 44.95
N ASP C 91 -16.12 31.60 45.22
CA ASP C 91 -16.55 32.07 46.56
C ASP C 91 -18.00 31.72 46.85
N GLU C 92 -18.86 31.71 45.83
CA GLU C 92 -20.27 31.28 45.99
C GLU C 92 -20.42 29.76 46.11
N MET C 93 -19.50 29.00 45.49
CA MET C 93 -19.47 27.53 45.63
C MET C 93 -18.59 27.04 46.78
N ARG C 94 -18.00 27.95 47.54
CA ARG C 94 -17.10 27.60 48.64
C ARG C 94 -17.75 26.82 49.80
N PRO C 95 -19.07 27.00 50.04
CA PRO C 95 -19.69 26.13 51.06
C PRO C 95 -19.55 24.62 50.82
N VAL C 96 -19.43 24.22 49.56
CA VAL C 96 -19.16 22.82 49.20
C VAL C 96 -17.73 22.42 49.62
N GLN C 97 -16.78 23.35 49.51
CA GLN C 97 -15.40 23.13 49.97
C GLN C 97 -15.30 22.95 51.50
N HIS C 98 -16.01 23.79 52.25
CA HIS C 98 -16.06 23.68 53.71
C HIS C 98 -16.72 22.38 54.18
N ALA C 99 -17.75 21.95 53.45
CA ALA C 99 -18.46 20.69 53.76
C ALA C 99 -17.57 19.45 53.57
N LEU C 100 -16.75 19.44 52.52
CA LEU C 100 -15.76 18.38 52.30
C LEU C 100 -14.63 18.41 53.35
N GLN C 101 -14.26 19.61 53.80
CA GLN C 101 -13.26 19.77 54.86
C GLN C 101 -13.78 19.28 56.22
N THR C 102 -15.07 19.52 56.50
CA THR C 102 -15.72 18.96 57.69
C THR C 102 -15.78 17.42 57.66
N MET C 103 -16.06 16.86 56.48
CA MET C 103 -16.08 15.41 56.28
C MET C 103 -14.68 14.79 56.44
N GLU C 104 -13.64 15.52 56.02
CA GLU C 104 -12.26 15.10 56.21
C GLU C 104 -11.81 15.14 57.68
N SER C 105 -12.34 16.09 58.45
CA SER C 105 -12.05 16.20 59.89
C SER C 105 -12.58 15.03 60.75
N ARG C 106 -13.57 14.30 60.23
CA ARG C 106 -14.05 13.06 60.87
C ARG C 106 -13.49 11.79 60.19
N GLY C 107 -12.49 11.94 59.32
CA GLY C 107 -11.79 10.80 58.71
C GLY C 107 -12.46 10.10 57.55
N VAL C 108 -13.48 10.71 56.95
CA VAL C 108 -14.16 10.14 55.79
C VAL C 108 -13.29 10.44 54.58
N HIS C 109 -12.72 9.38 53.99
CA HIS C 109 -11.87 9.51 52.80
C HIS C 109 -12.74 9.52 51.55
N PHE C 110 -12.46 10.44 50.64
CA PHE C 110 -13.20 10.59 49.39
C PHE C 110 -12.30 11.03 48.25
N VAL C 111 -12.86 11.04 47.03
CA VAL C 111 -12.15 11.50 45.84
C VAL C 111 -12.99 12.56 45.13
N TYR C 112 -12.42 13.76 44.97
CA TYR C 112 -13.02 14.85 44.20
C TYR C 112 -12.28 14.96 42.87
N GLY C 113 -13.02 15.05 41.76
CA GLY C 113 -12.41 15.12 40.43
C GLY C 113 -13.36 15.43 39.29
N ARG C 114 -12.82 15.39 38.06
CA ARG C 114 -13.61 15.46 36.84
C ARG C 114 -13.75 14.06 36.26
N TRP C 115 -14.97 13.69 35.93
CA TRP C 115 -15.25 12.42 35.27
C TRP C 115 -14.85 12.56 33.81
N LEU C 116 -13.96 11.68 33.34
CA LEU C 116 -13.41 11.78 31.98
C LEU C 116 -14.42 11.30 30.93
N ILE C 117 -15.46 12.13 30.75
CA ILE C 117 -16.51 11.93 29.75
C ILE C 117 -16.82 13.30 29.14
N GLU C 118 -17.41 13.31 27.96
CA GLU C 118 -17.81 14.58 27.37
C GLU C 118 -18.71 15.37 28.37
N GLY C 119 -18.34 16.64 28.62
CA GLY C 119 -19.02 17.49 29.59
C GLY C 119 -18.13 17.77 30.79
N ALA C 120 -17.38 16.75 31.23
CA ALA C 120 -16.45 16.85 32.36
C ALA C 120 -17.13 17.36 33.64
N PRO C 121 -18.13 16.60 34.13
CA PRO C 121 -18.81 16.97 35.37
C PRO C 121 -17.99 16.61 36.59
N LYS C 122 -18.09 17.44 37.62
CA LYS C 122 -17.38 17.21 38.90
C LYS C 122 -18.02 16.04 39.64
N VAL C 123 -17.18 15.22 40.28
CA VAL C 123 -17.65 14.02 41.05
C VAL C 123 -17.24 14.09 42.53
N ILE C 124 -18.01 13.39 43.37
CA ILE C 124 -17.66 13.18 44.76
C ILE C 124 -17.88 11.69 45.04
N LEU C 125 -16.78 10.94 45.14
CA LEU C 125 -16.84 9.49 45.35
C LEU C 125 -16.36 9.16 46.76
N PHE C 126 -17.27 8.71 47.62
CA PHE C 126 -16.95 8.40 49.01
C PHE C 126 -16.42 6.98 49.16
N ASP C 127 -15.27 6.83 49.84
CA ASP C 127 -14.70 5.52 50.18
C ASP C 127 -15.54 4.88 51.30
N LEU C 128 -16.24 3.80 50.96
CA LEU C 128 -17.12 3.10 51.90
C LEU C 128 -16.38 2.33 52.99
N ASP C 129 -15.16 1.90 52.70
CA ASP C 129 -14.29 1.26 53.69
C ASP C 129 -14.03 2.16 54.90
N SER C 130 -13.84 3.45 54.63
CA SER C 130 -13.57 4.43 55.69
C SER C 130 -14.77 4.80 56.59
N VAL C 131 -15.93 4.18 56.37
CA VAL C 131 -17.10 4.30 57.28
C VAL C 131 -17.68 2.95 57.75
N ARG C 132 -17.03 1.83 57.41
CA ARG C 132 -17.60 0.49 57.68
C ARG C 132 -17.67 0.14 59.18
N GLY C 133 -16.83 0.79 59.99
CA GLY C 133 -16.92 0.69 61.45
C GLY C 133 -18.25 1.17 62.02
N TYR C 134 -18.87 2.15 61.37
CA TYR C 134 -20.19 2.65 61.77
C TYR C 134 -21.34 1.67 61.45
N SER C 135 -21.15 0.79 60.47
CA SER C 135 -22.19 -0.10 59.91
C SER C 135 -23.30 -0.56 60.87
N ASN C 136 -22.93 -1.22 61.96
CA ASN C 136 -23.89 -1.78 62.94
C ASN C 136 -24.72 -0.70 63.63
N GLU C 137 -24.05 0.39 64.02
CA GLU C 137 -24.70 1.58 64.60
C GLU C 137 -25.77 2.15 63.65
N TRP C 138 -25.41 2.25 62.37
CA TRP C 138 -26.31 2.77 61.34
C TRP C 138 -27.40 1.78 60.95
N LYS C 139 -27.07 0.49 60.89
CA LYS C 139 -28.07 -0.57 60.64
C LYS C 139 -29.16 -0.60 61.71
N GLY C 140 -28.77 -0.36 62.95
CA GLY C 140 -29.70 -0.16 64.05
C GLY C 140 -30.54 1.10 63.91
N ASP C 141 -29.89 2.21 63.55
CA ASP C 141 -30.57 3.49 63.31
C ASP C 141 -31.62 3.39 62.20
N LEU C 142 -31.34 2.60 61.17
CA LEU C 142 -32.27 2.41 60.06
C LEU C 142 -33.50 1.59 60.44
N TRP C 143 -33.32 0.56 61.27
CA TRP C 143 -34.44 -0.29 61.72
C TRP C 143 -35.44 0.52 62.56
N SER C 144 -34.95 1.23 63.57
CA SER C 144 -35.82 1.97 64.49
C SER C 144 -36.52 3.18 63.85
N LEU C 145 -35.82 3.93 63.00
CA LEU C 145 -36.42 5.11 62.31
C LEU C 145 -37.46 4.73 61.25
N VAL C 146 -37.18 3.68 60.48
CA VAL C 146 -37.97 3.33 59.29
C VAL C 146 -38.71 1.98 59.38
N GLY C 147 -38.03 0.96 59.89
CA GLY C 147 -38.56 -0.42 59.96
C GLY C 147 -37.90 -1.40 58.99
N ILE C 148 -36.67 -1.11 58.57
CA ILE C 148 -35.96 -1.85 57.51
C ILE C 148 -34.86 -2.76 58.11
N PRO C 149 -34.99 -4.10 57.95
CA PRO C 149 -33.88 -4.98 58.31
C PRO C 149 -32.80 -4.97 57.23
N SER C 150 -31.68 -5.62 57.51
CA SER C 150 -30.56 -5.71 56.58
C SER C 150 -29.59 -6.80 57.00
N PRO C 151 -29.90 -8.07 56.64
CA PRO C 151 -29.00 -9.21 56.88
C PRO C 151 -27.55 -8.95 56.45
N GLU C 152 -26.61 -9.30 57.34
CA GLU C 152 -25.18 -8.95 57.18
C GLU C 152 -24.50 -9.69 56.02
N ASN C 153 -25.02 -10.86 55.67
CA ASN C 153 -24.56 -11.61 54.49
C ASN C 153 -24.79 -10.89 53.15
N ASP C 154 -25.81 -10.03 53.07
CA ASP C 154 -26.10 -9.25 51.86
C ASP C 154 -25.08 -8.11 51.69
N PHE C 155 -24.07 -8.38 50.85
CA PHE C 155 -22.93 -7.48 50.66
C PHE C 155 -23.32 -6.15 50.01
N GLU C 156 -24.31 -6.19 49.13
CA GLU C 156 -24.78 -4.99 48.41
C GLU C 156 -25.71 -4.10 49.23
N THR C 157 -26.51 -4.67 50.13
CA THR C 157 -27.35 -3.90 51.06
C THR C 157 -26.53 -3.14 52.11
N ASN C 158 -25.39 -3.69 52.49
CA ASN C 158 -24.44 -3.00 53.39
C ASN C 158 -23.90 -1.73 52.73
N ASP C 159 -23.40 -1.89 51.51
CA ASP C 159 -22.78 -0.79 50.75
C ASP C 159 -23.77 0.34 50.42
N ALA C 160 -25.04 -0.01 50.25
CA ALA C 160 -26.12 0.95 50.04
C ALA C 160 -26.47 1.74 51.31
N ILE C 161 -26.41 1.08 52.46
CA ILE C 161 -26.62 1.74 53.76
C ILE C 161 -25.45 2.64 54.13
N LEU C 162 -24.23 2.16 53.90
CA LEU C 162 -23.03 2.96 54.15
C LEU C 162 -22.96 4.19 53.24
N LEU C 163 -23.44 4.03 52.00
CA LEU C 163 -23.57 5.15 51.06
C LEU C 163 -24.66 6.13 51.50
N GLY C 164 -25.81 5.61 51.92
CA GLY C 164 -26.96 6.43 52.31
C GLY C 164 -26.78 7.36 53.49
N TYR C 165 -26.00 6.91 54.48
CA TYR C 165 -25.70 7.73 55.67
C TYR C 165 -24.58 8.73 55.39
N THR C 166 -23.58 8.32 54.61
CA THR C 166 -22.48 9.20 54.22
C THR C 166 -22.96 10.36 53.35
N VAL C 167 -23.84 10.06 52.39
CA VAL C 167 -24.40 11.09 51.51
C VAL C 167 -25.37 11.99 52.30
N ALA C 168 -26.20 11.40 53.16
CA ALA C 168 -27.14 12.17 53.99
C ALA C 168 -26.42 13.10 54.97
N TRP C 169 -25.33 12.59 55.53
CA TRP C 169 -24.37 13.35 56.34
C TRP C 169 -23.79 14.52 55.54
N PHE C 170 -23.27 14.23 54.35
CA PHE C 170 -22.66 15.25 53.47
C PHE C 170 -23.63 16.38 53.11
N LEU C 171 -24.84 16.02 52.66
CA LEU C 171 -25.87 16.99 52.28
C LEU C 171 -26.38 17.80 53.49
N GLY C 172 -26.38 17.18 54.66
CA GLY C 172 -26.70 17.88 55.91
C GLY C 172 -25.72 19.00 56.19
N GLU C 173 -24.44 18.72 55.99
CA GLU C 173 -23.40 19.73 56.15
C GLU C 173 -23.47 20.84 55.11
N VAL C 174 -23.86 20.51 53.88
CA VAL C 174 -23.94 21.52 52.82
C VAL C 174 -25.11 22.47 53.10
N ALA C 175 -26.25 21.92 53.53
CA ALA C 175 -27.38 22.75 54.00
C ALA C 175 -27.02 23.65 55.20
N HIS C 176 -26.19 23.11 56.09
CA HIS C 176 -25.67 23.84 57.25
C HIS C 176 -24.76 25.02 56.87
N LEU C 177 -23.88 24.81 55.88
CA LEU C 177 -22.83 25.78 55.50
C LEU C 177 -23.19 26.72 54.34
N ASP C 178 -24.05 26.25 53.43
CA ASP C 178 -24.59 27.07 52.33
C ASP C 178 -25.94 27.63 52.77
N SER C 179 -26.09 28.96 52.74
CA SER C 179 -27.41 29.60 52.96
C SER C 179 -27.83 30.54 51.82
N GLN C 180 -27.06 30.53 50.72
CA GLN C 180 -27.37 31.30 49.52
C GLN C 180 -28.33 30.51 48.62
N HIS C 181 -27.95 29.26 48.35
CA HIS C 181 -28.61 28.42 47.34
C HIS C 181 -29.66 27.47 47.91
N ALA C 182 -30.74 27.26 47.15
CA ALA C 182 -31.58 26.07 47.30
C ALA C 182 -30.79 24.87 46.80
N ILE C 183 -31.07 23.68 47.32
CA ILE C 183 -30.28 22.47 47.00
C ILE C 183 -31.20 21.35 46.49
N VAL C 184 -30.92 20.85 45.28
CA VAL C 184 -31.65 19.70 44.73
C VAL C 184 -30.77 18.43 44.77
N ALA C 185 -31.23 17.42 45.52
CA ALA C 185 -30.57 16.11 45.65
C ALA C 185 -31.37 15.02 44.93
N HIS C 186 -30.91 14.63 43.76
CA HIS C 186 -31.56 13.65 42.91
C HIS C 186 -30.88 12.30 43.12
N PHE C 187 -31.68 11.26 43.34
CA PHE C 187 -31.17 9.90 43.58
C PHE C 187 -31.71 8.90 42.55
N HIS C 188 -30.82 8.03 42.08
CA HIS C 188 -31.17 6.99 41.09
C HIS C 188 -31.04 5.56 41.66
N GLU C 189 -32.18 4.87 41.74
CA GLU C 189 -32.28 3.45 42.09
C GLU C 189 -32.13 3.19 43.59
N TRP C 190 -32.83 2.14 44.06
CA TRP C 190 -32.86 1.76 45.49
C TRP C 190 -31.48 1.63 46.15
N LEU C 191 -30.49 1.17 45.40
CA LEU C 191 -29.11 1.07 45.90
C LEU C 191 -28.54 2.43 46.34
N ALA C 192 -28.95 3.51 45.66
CA ALA C 192 -28.55 4.87 46.02
C ALA C 192 -29.62 5.65 46.81
N GLY C 193 -30.64 4.95 47.31
CA GLY C 193 -31.82 5.58 47.90
C GLY C 193 -31.97 5.50 49.41
N VAL C 194 -30.92 5.09 50.12
CA VAL C 194 -31.00 4.96 51.59
C VAL C 194 -31.01 6.36 52.24
N ALA C 195 -30.27 7.30 51.64
CA ALA C 195 -30.29 8.71 52.06
C ALA C 195 -31.67 9.40 51.99
N LEU C 196 -32.58 8.88 51.16
CA LEU C 196 -33.89 9.53 50.98
C LEU C 196 -34.78 9.56 52.23
N PRO C 197 -34.90 8.43 52.95
CA PRO C 197 -35.60 8.50 54.24
C PRO C 197 -34.85 9.25 55.35
N LEU C 198 -33.52 9.31 55.27
CA LEU C 198 -32.73 10.03 56.28
C LEU C 198 -32.85 11.55 56.11
N CYS C 199 -32.95 12.01 54.85
CA CYS C 199 -33.25 13.41 54.56
C CYS C 199 -34.64 13.83 55.03
N ARG C 200 -35.62 12.95 54.85
CA ARG C 200 -37.02 13.25 55.22
C ARG C 200 -37.19 13.38 56.72
N LYS C 201 -36.69 12.40 57.47
CA LYS C 201 -36.89 12.33 58.92
C LYS C 201 -36.07 13.39 59.68
N ARG C 202 -34.80 13.58 59.27
CA ARG C 202 -33.94 14.64 59.83
C ARG C 202 -34.31 16.07 59.38
N ARG C 203 -35.29 16.22 58.49
CA ARG C 203 -35.75 17.52 57.99
C ARG C 203 -34.61 18.40 57.47
N ILE C 204 -33.71 17.77 56.72
CA ILE C 204 -32.55 18.45 56.15
C ILE C 204 -33.07 19.40 55.08
N ASP C 205 -32.44 20.57 54.94
CA ASP C 205 -32.96 21.59 54.03
C ASP C 205 -32.46 21.41 52.58
N VAL C 206 -32.95 20.33 51.97
CA VAL C 206 -32.75 20.02 50.57
C VAL C 206 -34.05 19.43 50.05
N VAL C 207 -34.30 19.63 48.74
CA VAL C 207 -35.42 18.98 48.07
C VAL C 207 -34.90 17.76 47.33
N THR C 208 -35.67 16.68 47.39
CA THR C 208 -35.22 15.38 46.91
C THR C 208 -36.04 14.85 45.74
N ILE C 209 -35.35 14.17 44.84
CA ILE C 209 -35.98 13.46 43.73
C ILE C 209 -35.51 12.02 43.79
N PHE C 210 -36.42 11.09 43.52
CA PHE C 210 -36.07 9.69 43.38
C PHE C 210 -36.54 9.22 42.02
N THR C 211 -35.58 8.82 41.18
CA THR C 211 -35.88 8.11 39.92
C THR C 211 -35.59 6.62 40.12
N THR C 212 -36.58 5.76 39.87
CA THR C 212 -36.38 4.33 39.84
C THR C 212 -36.43 3.88 38.36
N HIS C 213 -35.37 3.19 37.96
CA HIS C 213 -35.19 2.74 36.58
C HIS C 213 -35.80 1.40 36.33
N ALA C 214 -36.09 0.68 37.41
CA ALA C 214 -36.93 -0.53 37.36
C ALA C 214 -37.76 -0.61 38.67
N THR C 215 -38.37 -1.76 38.91
CA THR C 215 -38.82 -2.14 40.25
C THR C 215 -38.29 -3.56 40.52
N LEU C 216 -37.99 -3.84 41.80
CA LEU C 216 -37.46 -5.13 42.24
C LEU C 216 -38.49 -6.23 41.99
N LEU C 217 -39.69 -6.04 42.50
CA LEU C 217 -40.76 -7.01 42.24
C LEU C 217 -41.03 -7.19 40.74
N GLY C 218 -40.95 -6.11 39.99
CA GLY C 218 -41.22 -6.12 38.57
C GLY C 218 -40.36 -7.09 37.78
N ARG C 219 -39.05 -7.01 37.97
CA ARG C 219 -38.13 -7.90 37.24
C ARG C 219 -38.20 -9.35 37.77
N TYR C 220 -38.31 -9.52 39.09
CA TYR C 220 -38.47 -10.86 39.69
C TYR C 220 -39.76 -11.58 39.30
N LEU C 221 -40.85 -10.83 39.10
CA LEU C 221 -42.11 -11.40 38.58
C LEU C 221 -42.05 -11.75 37.09
N CYS C 222 -41.28 -10.97 36.32
CA CYS C 222 -41.12 -11.20 34.89
C CYS C 222 -40.07 -12.25 34.53
N ALA C 223 -39.02 -12.37 35.37
CA ALA C 223 -37.93 -13.33 35.14
C ALA C 223 -38.43 -14.77 35.01
N SER C 224 -39.26 -15.19 35.96
CA SER C 224 -39.92 -16.51 35.93
C SER C 224 -40.76 -16.76 34.67
N GLY C 225 -41.40 -15.72 34.14
CA GLY C 225 -42.30 -15.84 33.00
C GLY C 225 -43.60 -16.53 33.37
N SER C 226 -43.96 -16.47 34.65
CA SER C 226 -44.96 -17.37 35.24
C SER C 226 -46.37 -16.77 35.48
N PHE C 227 -46.64 -15.59 34.92
CA PHE C 227 -48.03 -15.12 34.64
C PHE C 227 -48.05 -13.84 33.80
N ASP C 228 -49.25 -13.40 33.44
CA ASP C 228 -49.46 -12.18 32.66
C ASP C 228 -49.20 -10.92 33.52
N PHE C 229 -47.91 -10.59 33.67
CA PHE C 229 -47.45 -9.43 34.43
C PHE C 229 -48.15 -8.12 34.04
N TYR C 230 -48.34 -7.89 32.75
CA TYR C 230 -48.82 -6.59 32.26
C TYR C 230 -50.32 -6.36 32.36
N ASN C 231 -51.11 -7.44 32.39
CA ASN C 231 -52.58 -7.33 32.53
C ASN C 231 -53.11 -7.61 33.95
N CYS C 232 -52.48 -8.55 34.66
CA CYS C 232 -52.96 -8.99 35.96
C CYS C 232 -51.99 -8.57 37.06
N LEU C 233 -51.72 -7.27 37.13
CA LEU C 233 -50.72 -6.67 38.04
C LEU C 233 -51.30 -6.01 39.28
N GLU C 234 -52.49 -5.42 39.14
CA GLU C 234 -53.18 -4.79 40.28
C GLU C 234 -53.51 -5.83 41.35
N SER C 235 -53.83 -7.04 40.90
CA SER C 235 -54.10 -8.19 41.77
C SER C 235 -52.83 -9.02 42.10
N VAL C 236 -51.84 -8.36 42.70
CA VAL C 236 -50.70 -9.04 43.34
C VAL C 236 -50.55 -8.47 44.73
N ASP C 237 -50.24 -9.33 45.70
CA ASP C 237 -49.99 -8.90 47.07
C ASP C 237 -48.49 -8.66 47.19
N VAL C 238 -48.12 -7.40 47.35
CA VAL C 238 -46.70 -7.00 47.35
C VAL C 238 -45.90 -7.61 48.50
N ASP C 239 -46.51 -7.75 49.67
CA ASP C 239 -45.80 -8.25 50.86
C ASP C 239 -45.56 -9.76 50.82
N HIS C 240 -46.57 -10.52 50.37
CA HIS C 240 -46.44 -11.94 50.09
C HIS C 240 -45.34 -12.18 49.05
N GLU C 241 -45.47 -11.50 47.91
CA GLU C 241 -44.59 -11.70 46.75
C GLU C 241 -43.14 -11.26 47.01
N ALA C 242 -42.93 -10.19 47.78
CA ALA C 242 -41.58 -9.76 48.17
C ALA C 242 -40.92 -10.76 49.11
N GLY C 243 -41.70 -11.36 50.02
CA GLY C 243 -41.23 -12.40 50.93
C GLY C 243 -40.78 -13.67 50.23
N ARG C 244 -41.57 -14.13 49.26
CA ARG C 244 -41.30 -15.39 48.52
C ARG C 244 -40.17 -15.36 47.48
N PHE C 245 -39.64 -14.18 47.20
CA PHE C 245 -38.42 -14.05 46.41
C PHE C 245 -37.20 -13.82 47.32
N GLY C 246 -37.43 -13.68 48.63
CA GLY C 246 -36.40 -13.34 49.61
C GLY C 246 -35.87 -11.93 49.45
N ILE C 247 -36.77 -11.02 49.07
CA ILE C 247 -36.41 -9.69 48.57
C ILE C 247 -36.89 -8.59 49.52
N TYR C 248 -37.50 -8.96 50.64
CA TYR C 248 -38.24 -8.02 51.48
C TYR C 248 -37.40 -6.82 51.97
N HIS C 249 -36.20 -7.08 52.48
CA HIS C 249 -35.31 -6.04 53.00
C HIS C 249 -34.86 -5.03 51.93
N ARG C 250 -34.69 -5.51 50.69
CA ARG C 250 -34.34 -4.68 49.53
C ARG C 250 -35.53 -3.84 49.09
N TYR C 251 -36.67 -4.51 48.90
CA TYR C 251 -37.97 -3.90 48.56
C TYR C 251 -38.35 -2.73 49.46
N CYS C 252 -38.08 -2.83 50.76
CA CYS C 252 -38.41 -1.76 51.71
C CYS C 252 -37.55 -0.51 51.53
N ILE C 253 -36.30 -0.67 51.10
CA ILE C 253 -35.42 0.47 50.79
C ILE C 253 -35.94 1.20 49.55
N GLU C 254 -36.34 0.44 48.53
CA GLU C 254 -36.91 0.97 47.28
C GLU C 254 -38.21 1.70 47.55
N ARG C 255 -39.06 1.07 48.36
CA ARG C 255 -40.32 1.66 48.77
C ARG C 255 -40.05 2.95 49.52
N ALA C 256 -39.15 2.90 50.51
CA ALA C 256 -38.84 4.09 51.31
C ALA C 256 -38.20 5.22 50.49
N ALA C 257 -37.41 4.86 49.48
CA ALA C 257 -36.86 5.87 48.56
C ALA C 257 -37.99 6.55 47.82
N ALA C 258 -38.85 5.72 47.21
CA ALA C 258 -40.03 6.20 46.50
C ALA C 258 -40.94 7.06 47.37
N HIS C 259 -41.08 6.69 48.65
CA HIS C 259 -42.01 7.36 49.57
C HIS C 259 -41.47 8.60 50.29
N SER C 260 -40.19 8.58 50.63
CA SER C 260 -39.55 9.71 51.30
C SER C 260 -39.28 10.92 50.39
N ALA C 261 -39.07 10.66 49.10
CA ALA C 261 -38.68 11.70 48.14
C ALA C 261 -39.78 12.75 47.90
N ASP C 262 -39.38 14.00 47.78
CA ASP C 262 -40.32 15.07 47.42
C ASP C 262 -40.96 14.76 46.07
N VAL C 263 -40.12 14.40 45.11
CA VAL C 263 -40.57 13.99 43.77
C VAL C 263 -40.15 12.55 43.51
N PHE C 264 -41.08 11.74 43.00
CA PHE C 264 -40.82 10.36 42.62
C PHE C 264 -41.06 10.19 41.12
N THR C 265 -40.12 9.55 40.42
CA THR C 265 -40.16 9.40 38.95
C THR C 265 -39.76 7.98 38.50
N THR C 266 -40.17 7.59 37.30
CA THR C 266 -39.58 6.46 36.57
C THR C 266 -39.16 6.94 35.18
N VAL C 267 -38.68 6.00 34.37
CA VAL C 267 -38.21 6.25 33.02
C VAL C 267 -39.25 5.98 31.92
N SER C 268 -40.38 5.36 32.25
CA SER C 268 -41.44 5.20 31.24
C SER C 268 -42.83 5.09 31.86
N GLN C 269 -43.84 5.25 31.01
CA GLN C 269 -45.22 5.03 31.41
C GLN C 269 -45.51 3.58 31.81
N ILE C 270 -44.94 2.61 31.09
CA ILE C 270 -45.09 1.20 31.47
C ILE C 270 -44.57 0.97 32.90
N THR C 271 -43.38 1.50 33.19
CA THR C 271 -42.78 1.37 34.52
C THR C 271 -43.51 2.22 35.57
N ALA C 272 -44.03 3.39 35.18
CA ALA C 272 -44.90 4.20 36.05
C ALA C 272 -46.14 3.44 36.57
N PHE C 273 -46.86 2.80 35.66
CA PHE C 273 -48.01 1.92 35.99
C PHE C 273 -47.62 0.83 37.00
N GLU C 274 -46.45 0.26 36.78
CA GLU C 274 -45.89 -0.80 37.62
C GLU C 274 -45.42 -0.30 39.00
N ALA C 275 -44.68 0.81 39.01
CA ALA C 275 -44.26 1.47 40.25
C ALA C 275 -45.45 1.92 41.13
N GLU C 276 -46.59 2.23 40.53
CA GLU C 276 -47.78 2.63 41.30
C GLU C 276 -48.36 1.46 42.11
N HIS C 277 -48.55 0.32 41.46
CA HIS C 277 -49.13 -0.85 42.12
C HIS C 277 -48.15 -1.70 42.92
N LEU C 278 -46.86 -1.66 42.59
CA LEU C 278 -45.84 -2.42 43.30
C LEU C 278 -45.10 -1.65 44.40
N LEU C 279 -44.89 -0.36 44.22
CA LEU C 279 -44.28 0.50 45.27
C LEU C 279 -45.26 1.44 45.97
N LYS C 280 -46.54 1.36 45.59
CA LYS C 280 -47.65 2.08 46.28
C LYS C 280 -47.50 3.59 46.26
N ARG C 281 -47.00 4.12 45.15
CA ARG C 281 -46.98 5.55 44.93
C ARG C 281 -47.01 5.83 43.44
N LYS C 282 -47.96 6.68 43.04
CA LYS C 282 -48.04 7.11 41.65
C LYS C 282 -46.84 8.02 41.40
N PRO C 283 -46.02 7.70 40.40
CA PRO C 283 -44.92 8.61 40.12
C PRO C 283 -45.44 9.94 39.62
N ASP C 284 -44.73 11.01 39.96
CA ASP C 284 -45.11 12.35 39.58
C ASP C 284 -44.82 12.69 38.12
N GLY C 285 -44.28 11.74 37.36
CA GLY C 285 -43.93 11.98 35.97
C GLY C 285 -42.83 11.07 35.49
N ILE C 286 -42.50 11.26 34.23
CA ILE C 286 -41.70 10.34 33.45
C ILE C 286 -40.41 11.08 33.09
N LEU C 287 -39.27 10.42 33.31
CA LEU C 287 -37.97 10.91 32.84
C LEU C 287 -37.44 9.94 31.80
N PRO C 288 -37.96 10.02 30.56
CA PRO C 288 -37.43 9.17 29.49
C PRO C 288 -35.94 9.39 29.25
N ASN C 289 -35.21 8.30 29.06
CA ASN C 289 -33.75 8.35 28.87
C ASN C 289 -33.40 8.80 27.48
N GLY C 290 -32.55 9.80 27.36
CA GLY C 290 -31.99 10.26 26.09
C GLY C 290 -30.56 9.81 25.80
N LEU C 291 -30.10 10.17 24.62
CA LEU C 291 -28.73 9.89 24.15
C LEU C 291 -28.07 11.18 23.80
N ASN C 292 -26.75 11.17 23.85
CA ASN C 292 -25.97 12.29 23.36
C ASN C 292 -25.66 12.04 21.89
N VAL C 293 -26.53 12.52 21.01
CA VAL C 293 -26.50 12.10 19.62
C VAL C 293 -25.38 12.80 18.84
N ILE C 294 -24.42 12.01 18.37
CA ILE C 294 -23.37 12.47 17.42
C ILE C 294 -24.00 12.90 16.09
N LYS C 295 -23.94 14.18 15.77
CA LYS C 295 -24.41 14.65 14.45
C LYS C 295 -23.25 14.63 13.43
N PHE C 296 -23.60 14.61 12.14
CA PHE C 296 -22.62 14.75 11.05
C PHE C 296 -22.97 15.98 10.24
N GLN C 297 -21.96 16.58 9.60
CA GLN C 297 -22.19 17.77 8.80
C GLN C 297 -23.02 17.45 7.57
N ALA C 298 -22.79 16.28 6.98
CA ALA C 298 -23.59 15.81 5.85
C ALA C 298 -24.58 14.80 6.36
N PHE C 299 -25.86 14.98 6.04
CA PHE C 299 -26.88 14.06 6.57
C PHE C 299 -26.55 12.64 6.15
N HIS C 300 -26.18 12.46 4.89
CA HIS C 300 -25.94 11.13 4.34
C HIS C 300 -24.69 10.41 4.85
N GLU C 301 -23.81 11.11 5.57
CA GLU C 301 -22.60 10.50 6.12
C GLU C 301 -22.82 9.21 6.91
N PHE C 302 -23.93 9.10 7.65
CA PHE C 302 -24.22 7.85 8.38
C PHE C 302 -24.46 6.63 7.47
N GLN C 303 -24.83 6.84 6.21
CA GLN C 303 -24.95 5.74 5.25
C GLN C 303 -23.57 5.20 4.83
N ASN C 304 -22.62 6.12 4.65
CA ASN C 304 -21.28 5.74 4.26
C ASN C 304 -20.66 4.90 5.37
N LEU C 305 -20.81 5.37 6.61
CA LEU C 305 -20.36 4.60 7.76
C LEU C 305 -20.99 3.21 7.81
N HIS C 306 -22.28 3.13 7.52
CA HIS C 306 -22.92 1.82 7.46
C HIS C 306 -22.18 0.83 6.52
N ALA C 307 -21.74 1.29 5.35
CA ALA C 307 -21.09 0.41 4.37
C ALA C 307 -19.64 0.08 4.72
N LEU C 308 -18.95 1.04 5.34
CA LEU C 308 -17.61 0.83 5.91
C LEU C 308 -17.62 -0.21 7.01
N LYS C 309 -18.48 -0.03 8.02
CA LYS C 309 -18.52 -0.97 9.12
C LYS C 309 -19.09 -2.32 8.72
N LYS C 310 -19.99 -2.36 7.74
CA LYS C 310 -20.55 -3.63 7.26
C LYS C 310 -19.45 -4.50 6.62
N GLU C 311 -18.55 -3.84 5.90
CA GLU C 311 -17.41 -4.52 5.29
C GLU C 311 -16.54 -5.20 6.38
N LYS C 312 -16.37 -4.57 7.55
CA LYS C 312 -15.69 -5.25 8.68
C LYS C 312 -16.45 -6.48 9.17
N ILE C 313 -17.77 -6.39 9.23
CA ILE C 313 -18.58 -7.56 9.58
C ILE C 313 -18.35 -8.64 8.50
N ASN C 314 -18.35 -8.22 7.22
CA ASN C 314 -18.10 -9.13 6.11
C ASN C 314 -16.78 -9.89 6.29
N ASP C 315 -15.74 -9.18 6.70
CA ASP C 315 -14.42 -9.78 6.89
C ASP C 315 -14.44 -10.86 7.96
N PHE C 316 -15.15 -10.61 9.05
CA PHE C 316 -15.30 -11.60 10.11
C PHE C 316 -16.06 -12.80 9.58
N VAL C 317 -17.19 -12.55 8.91
CA VAL C 317 -18.08 -13.60 8.42
C VAL C 317 -17.34 -14.57 7.49
N ARG C 318 -16.53 -14.04 6.58
CA ARG C 318 -15.72 -14.86 5.70
C ARG C 318 -14.82 -15.82 6.47
N GLY C 319 -14.19 -15.34 7.54
CA GLY C 319 -13.42 -16.23 8.43
C GLY C 319 -14.28 -17.26 9.14
N HIS C 320 -15.37 -16.82 9.73
CA HIS C 320 -16.21 -17.72 10.52
C HIS C 320 -16.79 -18.88 9.70
N PHE C 321 -17.07 -18.58 8.42
CA PHE C 321 -17.59 -19.55 7.43
C PHE C 321 -16.50 -20.07 6.46
N HIS C 322 -15.23 -20.04 6.87
CA HIS C 322 -14.15 -20.48 6.00
C HIS C 322 -14.41 -21.92 5.63
N GLY C 323 -14.25 -22.26 4.35
CA GLY C 323 -14.58 -23.60 3.85
C GLY C 323 -16.06 -23.96 3.72
N CYS C 324 -16.98 -23.12 4.21
CA CYS C 324 -18.43 -23.35 4.07
C CYS C 324 -19.13 -22.07 3.58
N PHE C 325 -18.41 -21.30 2.76
CA PHE C 325 -18.88 -20.00 2.27
C PHE C 325 -19.55 -20.21 0.91
N ASP C 326 -20.88 -20.29 0.95
CA ASP C 326 -21.70 -20.57 -0.21
C ASP C 326 -22.83 -19.57 -0.42
N PHE C 327 -22.70 -18.36 0.12
CA PHE C 327 -23.70 -17.31 -0.06
C PHE C 327 -23.07 -15.96 -0.45
N ASP C 328 -23.89 -15.11 -1.05
CA ASP C 328 -23.46 -13.79 -1.53
C ASP C 328 -23.68 -12.74 -0.42
N LEU C 329 -22.60 -12.15 0.10
CA LEU C 329 -22.68 -11.10 1.15
C LEU C 329 -23.37 -9.82 0.68
N ASP C 330 -23.40 -9.62 -0.63
CA ASP C 330 -24.15 -8.52 -1.23
C ASP C 330 -25.67 -8.73 -1.16
N ASN C 331 -26.10 -9.94 -0.82
CA ASN C 331 -27.50 -10.29 -0.68
C ASN C 331 -27.69 -10.96 0.68
N THR C 332 -26.88 -10.51 1.64
CA THR C 332 -26.91 -11.00 3.00
C THR C 332 -27.25 -9.84 3.94
N LEU C 333 -28.12 -10.13 4.89
CA LEU C 333 -28.56 -9.17 5.89
C LEU C 333 -28.09 -9.65 7.26
N TYR C 334 -27.82 -8.70 8.14
CA TYR C 334 -27.19 -8.92 9.42
C TYR C 334 -28.15 -8.47 10.49
N PHE C 335 -28.76 -9.42 11.20
CA PHE C 335 -29.64 -9.11 12.33
C PHE C 335 -28.83 -9.31 13.58
N PHE C 336 -29.22 -8.63 14.65
CA PHE C 336 -28.58 -8.84 15.94
C PHE C 336 -29.48 -8.54 17.15
N ILE C 337 -29.18 -9.23 18.24
CA ILE C 337 -29.70 -8.91 19.54
C ILE C 337 -28.49 -8.66 20.40
N ALA C 338 -28.59 -7.66 21.27
CA ALA C 338 -27.51 -7.32 22.18
C ALA C 338 -28.07 -6.77 23.46
N GLY C 339 -27.21 -6.76 24.48
CA GLY C 339 -27.59 -6.50 25.85
C GLY C 339 -26.97 -7.53 26.79
N ARG C 340 -27.41 -7.55 28.06
CA ARG C 340 -26.85 -8.49 29.02
C ARG C 340 -27.64 -9.78 29.03
N TYR C 341 -27.00 -10.84 29.50
CA TYR C 341 -27.57 -12.18 29.42
C TYR C 341 -28.80 -12.28 30.35
N GLU C 342 -29.97 -11.99 29.76
CA GLU C 342 -31.26 -12.15 30.39
C GLU C 342 -32.17 -12.86 29.40
N TYR C 343 -32.05 -14.18 29.38
CA TYR C 343 -32.70 -15.02 28.38
C TYR C 343 -34.19 -14.71 28.16
N LYS C 344 -34.92 -14.49 29.27
CA LYS C 344 -36.38 -14.23 29.23
C LYS C 344 -36.70 -12.78 29.01
N ASN C 345 -36.11 -11.93 29.86
CA ASN C 345 -36.43 -10.51 29.87
C ASN C 345 -36.08 -9.80 28.57
N LYS C 346 -34.90 -10.10 28.01
CA LYS C 346 -34.44 -9.45 26.79
C LYS C 346 -34.93 -10.13 25.53
N GLY C 347 -35.55 -11.29 25.66
CA GLY C 347 -36.27 -11.92 24.56
C GLY C 347 -35.45 -12.76 23.62
N ALA C 348 -34.28 -13.20 24.10
CA ALA C 348 -33.41 -14.12 23.36
C ALA C 348 -34.16 -15.37 22.90
N ASP C 349 -35.03 -15.88 23.78
CA ASP C 349 -35.90 -17.02 23.46
C ASP C 349 -36.79 -16.75 22.23
N MET C 350 -37.46 -15.60 22.16
CA MET C 350 -38.32 -15.26 21.01
C MET C 350 -37.51 -15.03 19.76
N PHE C 351 -36.36 -14.37 19.92
CA PHE C 351 -35.44 -14.14 18.84
C PHE C 351 -35.03 -15.46 18.18
N ILE C 352 -34.49 -16.38 18.98
CA ILE C 352 -33.96 -17.62 18.42
C ILE C 352 -35.09 -18.43 17.79
N GLU C 353 -36.27 -18.44 18.45
CA GLU C 353 -37.46 -19.14 17.96
C GLU C 353 -37.96 -18.58 16.61
N ALA C 354 -38.15 -17.26 16.58
CA ALA C 354 -38.62 -16.58 15.37
C ALA C 354 -37.67 -16.78 14.18
N LEU C 355 -36.38 -16.70 14.44
CA LEU C 355 -35.37 -16.97 13.41
C LEU C 355 -35.50 -18.38 12.84
N ALA C 356 -35.71 -19.38 13.70
CA ALA C 356 -35.92 -20.76 13.24
C ALA C 356 -37.13 -20.88 12.31
N ARG C 357 -38.22 -20.19 12.64
CA ARG C 357 -39.39 -20.15 11.78
C ARG C 357 -39.16 -19.32 10.52
N LEU C 358 -38.44 -18.21 10.66
CA LEU C 358 -38.06 -17.40 9.50
C LEU C 358 -37.27 -18.24 8.51
N ASN C 359 -36.32 -19.03 9.03
CA ASN C 359 -35.54 -19.95 8.20
C ASN C 359 -36.47 -20.84 7.37
N TYR C 360 -37.49 -21.40 8.03
CA TYR C 360 -38.48 -22.24 7.35
C TYR C 360 -39.23 -21.46 6.25
N ARG C 361 -39.76 -20.29 6.59
CA ARG C 361 -40.49 -19.50 5.61
C ARG C 361 -39.65 -19.19 4.37
N LEU C 362 -38.38 -18.86 4.58
CA LEU C 362 -37.46 -18.49 3.49
C LEU C 362 -37.05 -19.68 2.62
N LYS C 363 -36.87 -20.85 3.22
CA LYS C 363 -36.64 -22.09 2.46
C LYS C 363 -37.88 -22.45 1.62
N VAL C 364 -39.07 -22.35 2.21
CA VAL C 364 -40.32 -22.62 1.50
C VAL C 364 -40.57 -21.62 0.38
N SER C 365 -40.34 -20.33 0.64
CA SER C 365 -40.59 -19.29 -0.39
C SER C 365 -39.50 -19.20 -1.48
N GLY C 366 -38.40 -19.94 -1.31
CA GLY C 366 -37.32 -19.95 -2.29
C GLY C 366 -36.55 -18.63 -2.32
N SER C 367 -36.33 -18.06 -1.15
CA SER C 367 -35.65 -16.77 -1.03
C SER C 367 -34.16 -16.95 -1.24
N LYS C 368 -33.55 -16.02 -1.95
CA LYS C 368 -32.11 -16.04 -2.23
C LYS C 368 -31.31 -15.25 -1.19
N LYS C 369 -32.03 -14.59 -0.27
CA LYS C 369 -31.42 -13.82 0.81
C LYS C 369 -30.84 -14.74 1.88
N THR C 370 -29.85 -14.23 2.61
CA THR C 370 -29.27 -14.92 3.76
C THR C 370 -29.28 -13.95 4.93
N VAL C 371 -29.71 -14.41 6.09
CA VAL C 371 -29.66 -13.63 7.30
C VAL C 371 -28.59 -14.24 8.17
N VAL C 372 -27.65 -13.42 8.64
CA VAL C 372 -26.69 -13.84 9.65
C VAL C 372 -27.07 -13.15 10.96
N ALA C 373 -27.55 -13.95 11.91
CA ALA C 373 -28.02 -13.44 13.19
C ALA C 373 -26.89 -13.47 14.21
N PHE C 374 -26.58 -12.31 14.78
CA PHE C 374 -25.65 -12.21 15.90
C PHE C 374 -26.38 -12.16 17.24
N ILE C 375 -25.87 -12.90 18.22
CA ILE C 375 -26.26 -12.72 19.62
C ILE C 375 -25.04 -12.19 20.39
N VAL C 376 -25.14 -10.96 20.86
CA VAL C 376 -24.07 -10.34 21.66
C VAL C 376 -24.52 -10.18 23.11
N MET C 377 -24.27 -11.22 23.92
CA MET C 377 -24.62 -11.26 25.35
C MET C 377 -23.52 -11.93 26.15
N PRO C 378 -22.94 -11.22 27.13
CA PRO C 378 -21.78 -11.79 27.86
C PRO C 378 -22.16 -12.98 28.72
N ALA C 379 -21.46 -14.10 28.52
CA ALA C 379 -21.58 -15.28 29.35
C ALA C 379 -20.19 -15.61 29.91
N LYS C 380 -20.15 -16.51 30.88
CA LYS C 380 -18.91 -16.96 31.49
C LYS C 380 -18.18 -17.79 30.43
N ASN C 381 -17.00 -17.34 30.02
CA ASN C 381 -16.22 -18.03 28.97
C ASN C 381 -14.72 -18.07 29.22
N ASN C 382 -14.05 -18.95 28.48
CA ASN C 382 -12.58 -19.06 28.49
C ASN C 382 -11.96 -18.52 27.22
N SER C 383 -12.39 -17.34 26.80
CA SER C 383 -11.91 -16.68 25.59
C SER C 383 -12.28 -17.42 24.28
N PHE C 384 -11.77 -16.89 23.17
CA PHE C 384 -12.18 -17.28 21.82
C PHE C 384 -11.70 -18.70 21.55
N THR C 385 -12.42 -19.43 20.70
CA THR C 385 -11.96 -20.76 20.27
C THR C 385 -10.74 -20.60 19.39
N VAL C 386 -9.82 -21.56 19.45
CA VAL C 386 -8.72 -21.64 18.49
C VAL C 386 -9.26 -21.54 17.06
N GLU C 387 -10.39 -22.19 16.78
CA GLU C 387 -10.95 -22.19 15.43
C GLU C 387 -11.29 -20.79 14.90
N ALA C 388 -11.93 -19.99 15.74
CA ALA C 388 -12.33 -18.64 15.38
C ALA C 388 -11.14 -17.77 15.02
N LEU C 389 -10.07 -17.89 15.83
CA LEU C 389 -8.86 -17.10 15.62
C LEU C 389 -8.04 -17.57 14.41
N LYS C 390 -7.89 -18.89 14.29
CA LYS C 390 -7.23 -19.55 13.17
C LYS C 390 -7.83 -19.18 11.81
N GLY C 391 -9.17 -19.24 11.76
CA GLY C 391 -9.92 -18.90 10.55
C GLY C 391 -9.63 -17.48 10.08
N GLN C 392 -9.60 -16.55 11.03
CA GLN C 392 -9.30 -15.16 10.74
C GLN C 392 -7.89 -15.01 10.18
N ALA C 393 -6.90 -15.61 10.84
CA ALA C 393 -5.51 -15.63 10.34
C ALA C 393 -5.36 -16.28 8.94
N GLU C 394 -6.15 -17.32 8.67
CA GLU C 394 -6.15 -18.03 7.39
C GLU C 394 -6.70 -17.14 6.27
N VAL C 395 -7.79 -16.41 6.53
CA VAL C 395 -8.33 -15.46 5.55
C VAL C 395 -7.35 -14.33 5.31
N ARG C 396 -6.79 -13.78 6.38
CA ARG C 396 -5.82 -12.72 6.28
C ARG C 396 -4.60 -13.15 5.44
N ALA C 397 -4.18 -14.40 5.60
CA ALA C 397 -3.06 -14.98 4.85
C ALA C 397 -3.36 -15.16 3.36
N LEU C 398 -4.61 -15.50 3.02
CA LEU C 398 -5.06 -15.54 1.64
C LEU C 398 -5.07 -14.14 1.04
N GLU C 399 -5.59 -13.16 1.76
CA GLU C 399 -5.61 -11.78 1.25
C GLU C 399 -4.21 -11.30 0.88
N ASN C 400 -3.22 -11.57 1.72
CA ASN C 400 -1.84 -11.13 1.45
C ASN C 400 -1.23 -11.87 0.24
N THR C 401 -1.56 -13.15 0.09
CA THR C 401 -1.15 -13.89 -1.09
C THR C 401 -1.82 -13.35 -2.36
N VAL C 402 -3.13 -13.14 -2.32
CA VAL C 402 -3.83 -12.49 -3.42
C VAL C 402 -3.15 -11.16 -3.79
N HIS C 403 -2.72 -10.40 -2.79
CA HIS C 403 -2.11 -9.10 -3.05
C HIS C 403 -0.74 -9.28 -3.68
N GLU C 404 0.02 -10.26 -3.23
CA GLU C 404 1.28 -10.59 -3.90
C GLU C 404 1.05 -10.93 -5.36
N VAL C 405 0.09 -11.81 -5.61
CA VAL C 405 -0.23 -12.24 -6.95
C VAL C 405 -0.69 -11.09 -7.85
N THR C 406 -1.63 -10.27 -7.40
CA THR C 406 -2.04 -9.12 -8.24
C THR C 406 -0.92 -8.09 -8.55
N THR C 407 0.03 -7.91 -7.64
CA THR C 407 1.22 -7.08 -7.90
C THR C 407 1.97 -7.65 -9.11
N SER C 408 2.13 -8.98 -9.18
CA SER C 408 2.75 -9.62 -10.34
C SER C 408 1.92 -9.48 -11.60
N ILE C 409 0.60 -9.71 -11.47
CA ILE C 409 -0.34 -9.52 -12.58
C ILE C 409 -0.25 -8.08 -13.12
N GLY C 410 -0.14 -7.13 -12.21
CA GLY C 410 0.01 -5.75 -12.57
C GLY C 410 1.21 -5.43 -13.43
N LYS C 411 2.35 -5.97 -13.05
CA LYS C 411 3.57 -5.80 -13.83
C LYS C 411 3.48 -6.41 -15.22
N ARG C 412 2.68 -7.47 -15.33
CA ARG C 412 2.47 -8.14 -16.61
C ARG C 412 1.52 -7.39 -17.54
N ILE C 413 0.43 -6.86 -16.97
CA ILE C 413 -0.50 -6.01 -17.72
C ILE C 413 0.24 -4.77 -18.19
N PHE C 414 1.00 -4.18 -17.27
CA PHE C 414 1.70 -2.95 -17.54
C PHE C 414 2.68 -3.18 -18.66
N ASP C 415 3.47 -4.25 -18.55
CA ASP C 415 4.49 -4.51 -19.58
C ASP C 415 3.84 -4.62 -20.96
N HIS C 416 2.75 -5.36 -20.99
CA HIS C 416 1.99 -5.54 -22.21
C HIS C 416 1.52 -4.20 -22.75
N ALA C 417 0.89 -3.40 -21.87
CA ALA C 417 0.30 -2.12 -22.27
C ALA C 417 1.35 -1.18 -22.80
N ILE C 418 2.50 -1.12 -22.13
CA ILE C 418 3.57 -0.19 -22.53
C ILE C 418 4.28 -0.62 -23.82
N ARG C 419 4.28 -1.91 -24.11
CA ARG C 419 5.01 -2.50 -25.23
C ARG C 419 4.16 -2.57 -26.51
N TYR C 420 2.83 -2.65 -26.34
CA TYR C 420 1.92 -2.74 -27.48
C TYR C 420 2.17 -1.60 -28.46
N PRO C 421 2.24 -1.84 -29.78
CA PRO C 421 1.99 -3.12 -30.47
C PRO C 421 3.27 -3.85 -30.93
N HIS C 422 4.38 -3.67 -30.21
CA HIS C 422 5.65 -4.23 -30.63
C HIS C 422 5.88 -5.61 -30.05
N ASN C 423 6.92 -6.27 -30.55
CA ASN C 423 7.36 -7.59 -30.11
C ASN C 423 6.24 -8.62 -30.24
N GLY C 424 5.47 -8.50 -31.31
CA GLY C 424 4.38 -9.42 -31.59
C GLY C 424 3.19 -9.33 -30.66
N LEU C 425 3.05 -8.25 -29.90
CA LEU C 425 1.84 -8.06 -29.10
C LEU C 425 0.80 -7.43 -30.02
N THR C 426 -0.10 -8.26 -30.51
CA THR C 426 -1.06 -7.91 -31.53
C THR C 426 -2.37 -7.33 -30.96
N THR C 427 -2.73 -7.66 -29.72
CA THR C 427 -3.90 -7.07 -29.04
C THR C 427 -3.47 -6.04 -27.98
N GLU C 428 -4.20 -4.95 -27.84
CA GLU C 428 -3.88 -3.93 -26.80
C GLU C 428 -3.71 -4.51 -25.38
N LEU C 429 -4.54 -5.50 -25.04
CA LEU C 429 -4.47 -6.15 -23.74
C LEU C 429 -4.13 -7.64 -23.81
N PRO C 430 -3.76 -8.24 -22.67
CA PRO C 430 -3.71 -9.69 -22.61
C PRO C 430 -5.12 -10.26 -22.82
N THR C 431 -5.19 -11.40 -23.50
CA THR C 431 -6.46 -12.10 -23.74
C THR C 431 -6.53 -13.44 -23.02
N ASP C 432 -5.38 -14.04 -22.75
CA ASP C 432 -5.29 -15.34 -22.12
C ASP C 432 -4.77 -15.19 -20.69
N LEU C 433 -5.43 -15.86 -19.74
CA LEU C 433 -5.07 -15.77 -18.32
C LEU C 433 -3.65 -16.21 -18.02
N GLY C 434 -3.17 -17.23 -18.72
CA GLY C 434 -1.81 -17.72 -18.56
C GLY C 434 -0.69 -16.72 -18.78
N GLU C 435 -0.93 -15.68 -19.58
CA GLU C 435 0.03 -14.55 -19.70
C GLU C 435 0.23 -13.81 -18.37
N LEU C 436 -0.82 -13.77 -17.54
CA LEU C 436 -0.82 -12.98 -16.30
C LEU C 436 -0.62 -13.78 -15.02
N LEU C 437 -1.06 -15.03 -15.02
CA LEU C 437 -1.11 -15.86 -13.82
C LEU C 437 -0.25 -17.10 -14.05
N LYS C 438 0.91 -17.13 -13.42
CA LYS C 438 1.92 -18.16 -13.66
C LYS C 438 1.81 -19.24 -12.58
N SER C 439 2.49 -20.37 -12.79
CA SER C 439 2.26 -21.58 -11.98
C SER C 439 2.66 -21.39 -10.51
N SER C 440 3.74 -20.65 -10.29
CA SER C 440 4.18 -20.25 -8.95
C SER C 440 3.09 -19.47 -8.16
N ASP C 441 2.36 -18.62 -8.86
CA ASP C 441 1.22 -17.91 -8.27
C ASP C 441 0.10 -18.88 -7.91
N LYS C 442 -0.21 -19.77 -8.85
CA LYS C 442 -1.24 -20.81 -8.66
C LYS C 442 -0.97 -21.76 -7.48
N VAL C 443 0.31 -22.02 -7.22
CA VAL C 443 0.73 -22.93 -6.15
C VAL C 443 0.47 -22.30 -4.79
N MET C 444 1.00 -21.10 -4.56
CA MET C 444 0.80 -20.40 -3.28
C MET C 444 -0.67 -20.05 -3.00
N LEU C 445 -1.46 -19.72 -4.04
CA LEU C 445 -2.91 -19.53 -3.85
C LEU C 445 -3.60 -20.82 -3.42
N LYS C 446 -3.27 -21.92 -4.08
CA LYS C 446 -3.81 -23.25 -3.74
C LYS C 446 -3.53 -23.71 -2.31
N ARG C 447 -2.36 -23.35 -1.78
CA ARG C 447 -1.99 -23.63 -0.40
C ARG C 447 -2.85 -22.86 0.60
N ARG C 448 -3.09 -21.58 0.31
CA ARG C 448 -3.97 -20.75 1.12
C ARG C 448 -5.43 -21.24 1.11
N ILE C 449 -5.88 -21.77 -0.03
CA ILE C 449 -7.22 -22.34 -0.17
C ILE C 449 -7.37 -23.67 0.59
N LEU C 450 -6.32 -24.47 0.57
CA LEU C 450 -6.27 -25.72 1.30
C LEU C 450 -6.33 -25.48 2.79
N ALA C 451 -5.64 -24.44 3.26
CA ALA C 451 -5.64 -24.07 4.69
C ALA C 451 -7.03 -23.61 5.22
N LEU C 452 -7.84 -23.00 4.33
CA LEU C 452 -9.21 -22.63 4.66
C LEU C 452 -10.20 -23.80 4.68
N ARG C 453 -9.81 -24.93 4.08
CA ARG C 453 -10.65 -26.13 3.99
C ARG C 453 -10.93 -26.67 5.40
N ARG C 454 -12.19 -26.99 5.68
CA ARG C 454 -12.51 -27.63 6.95
C ARG C 454 -12.93 -29.09 6.73
N PRO C 455 -12.74 -29.95 7.76
CA PRO C 455 -13.02 -31.41 7.62
C PRO C 455 -14.41 -31.73 7.07
N GLU C 456 -14.52 -32.88 6.39
CA GLU C 456 -15.81 -33.39 5.89
C GLU C 456 -16.87 -33.37 6.99
N GLY C 457 -18.04 -32.79 6.69
CA GLY C 457 -19.16 -32.73 7.61
C GLY C 457 -19.17 -31.61 8.63
N GLN C 458 -18.04 -30.96 8.89
CA GLN C 458 -17.95 -29.88 9.89
C GLN C 458 -18.63 -28.60 9.40
N LEU C 459 -19.47 -28.03 10.26
CA LEU C 459 -20.27 -26.86 9.93
C LEU C 459 -19.70 -25.64 10.65
N PRO C 460 -19.99 -24.42 10.14
CA PRO C 460 -19.53 -23.23 10.86
C PRO C 460 -20.15 -23.16 12.26
N PRO C 461 -19.32 -22.90 13.31
CA PRO C 461 -19.83 -22.94 14.69
C PRO C 461 -20.98 -21.98 14.97
N ILE C 462 -21.78 -22.29 15.98
CA ILE C 462 -22.82 -21.40 16.48
C ILE C 462 -22.31 -20.48 17.59
N VAL C 463 -21.02 -20.56 17.91
CA VAL C 463 -20.44 -19.77 18.98
C VAL C 463 -18.94 -19.56 18.73
N THR C 464 -18.44 -18.41 19.19
CA THR C 464 -17.08 -17.95 18.89
C THR C 464 -16.08 -18.21 20.03
N HIS C 465 -16.56 -18.70 21.17
CA HIS C 465 -15.76 -18.81 22.40
C HIS C 465 -15.93 -20.19 23.00
N ASN C 466 -14.94 -20.63 23.76
CA ASN C 466 -15.15 -21.79 24.63
C ASN C 466 -15.95 -21.36 25.82
N MET C 467 -17.07 -22.04 26.02
CA MET C 467 -17.99 -21.71 27.09
C MET C 467 -17.58 -22.44 28.36
N VAL C 468 -17.66 -21.75 29.49
CA VAL C 468 -17.67 -22.40 30.80
C VAL C 468 -19.09 -22.92 30.93
N ASP C 469 -19.26 -24.22 31.06
CA ASP C 469 -20.59 -24.84 31.18
C ASP C 469 -21.45 -24.64 29.92
N ASP C 470 -20.91 -25.12 28.82
CA ASP C 470 -21.57 -25.12 27.50
C ASP C 470 -22.94 -25.84 27.50
N ALA C 471 -22.97 -27.03 28.09
CA ALA C 471 -24.17 -27.88 28.08
C ALA C 471 -25.42 -27.26 28.76
N ASN C 472 -25.21 -26.44 29.79
CA ASN C 472 -26.32 -25.82 30.52
C ASN C 472 -26.59 -24.38 30.15
N ASP C 473 -26.00 -23.88 29.07
CA ASP C 473 -26.24 -22.51 28.61
C ASP C 473 -27.58 -22.42 27.86
N LEU C 474 -28.36 -21.42 28.23
CA LEU C 474 -29.74 -21.26 27.73
C LEU C 474 -29.80 -20.91 26.24
N ILE C 475 -28.94 -19.99 25.80
CA ILE C 475 -28.90 -19.53 24.40
C ILE C 475 -28.50 -20.71 23.50
N LEU C 476 -27.40 -21.36 23.86
CA LEU C 476 -26.92 -22.50 23.11
C LEU C 476 -27.91 -23.66 23.07
N ASN C 477 -28.48 -24.02 24.23
CA ASN C 477 -29.49 -25.10 24.28
C ASN C 477 -30.71 -24.80 23.40
N LYS C 478 -31.08 -23.52 23.35
CA LYS C 478 -32.19 -23.07 22.52
C LYS C 478 -31.86 -23.16 21.04
N ILE C 479 -30.62 -22.81 20.68
CA ILE C 479 -30.16 -22.89 19.29
C ILE C 479 -30.15 -24.35 18.84
N ARG C 480 -29.58 -25.22 19.68
CA ARG C 480 -29.55 -26.67 19.43
C ARG C 480 -30.95 -27.25 19.27
N GLN C 481 -31.84 -26.86 20.19
CA GLN C 481 -33.23 -27.32 20.17
C GLN C 481 -33.97 -26.98 18.86
N VAL C 482 -33.82 -25.77 18.37
CA VAL C 482 -34.42 -25.37 17.07
C VAL C 482 -33.62 -25.83 15.83
N GLN C 483 -32.38 -26.27 16.06
CA GLN C 483 -31.51 -26.90 15.04
C GLN C 483 -31.09 -25.94 13.93
N LEU C 484 -30.54 -24.81 14.34
CA LEU C 484 -29.98 -23.84 13.43
C LEU C 484 -28.47 -24.01 13.55
N PHE C 485 -27.96 -25.03 12.86
CA PHE C 485 -26.55 -25.43 12.95
C PHE C 485 -25.68 -24.86 11.83
N ASN C 486 -26.16 -23.83 11.14
CA ASN C 486 -25.44 -23.19 10.04
C ASN C 486 -25.17 -24.19 8.92
N SER C 487 -26.21 -24.92 8.51
CA SER C 487 -26.11 -25.79 7.33
C SER C 487 -26.12 -24.95 6.06
N PRO C 488 -25.57 -25.48 4.97
CA PRO C 488 -25.67 -24.76 3.70
C PRO C 488 -27.13 -24.48 3.27
N SER C 489 -28.04 -25.39 3.59
CA SER C 489 -29.44 -25.24 3.20
C SER C 489 -30.21 -24.21 4.01
N ASP C 490 -29.74 -23.89 5.22
CA ASP C 490 -30.35 -22.83 6.06
C ASP C 490 -30.12 -21.42 5.49
N ARG C 491 -31.19 -20.67 5.28
CA ARG C 491 -31.08 -19.27 4.87
C ARG C 491 -30.83 -18.32 6.05
N VAL C 492 -31.06 -18.78 7.30
CA VAL C 492 -30.71 -18.07 8.53
C VAL C 492 -29.51 -18.76 9.20
N LYS C 493 -28.51 -17.97 9.58
CA LYS C 493 -27.30 -18.44 10.26
C LYS C 493 -27.26 -17.81 11.62
N MET C 494 -26.64 -18.49 12.57
CA MET C 494 -26.63 -18.07 13.96
C MET C 494 -25.18 -17.94 14.43
N ILE C 495 -24.83 -16.79 15.01
CA ILE C 495 -23.53 -16.62 15.68
C ILE C 495 -23.67 -16.00 17.08
N PHE C 496 -23.38 -16.82 18.09
CA PHE C 496 -23.37 -16.40 19.48
C PHE C 496 -21.97 -15.92 19.82
N HIS C 497 -21.87 -14.68 20.26
CA HIS C 497 -20.62 -14.06 20.66
C HIS C 497 -20.76 -13.63 22.13
N PRO C 498 -20.37 -14.52 23.07
CA PRO C 498 -20.70 -14.37 24.49
C PRO C 498 -19.80 -13.38 25.24
N GLU C 499 -19.67 -12.19 24.68
CA GLU C 499 -18.80 -11.15 25.21
C GLU C 499 -19.25 -9.85 24.58
N PHE C 500 -19.00 -8.74 25.26
CA PHE C 500 -19.27 -7.42 24.67
C PHE C 500 -18.22 -7.11 23.61
N LEU C 501 -18.65 -6.37 22.58
CA LEU C 501 -17.81 -5.99 21.46
C LEU C 501 -16.89 -4.90 21.86
N ASN C 502 -15.72 -4.88 21.24
CA ASN C 502 -14.67 -3.90 21.54
C ASN C 502 -13.66 -3.96 20.40
N ALA C 503 -13.15 -2.82 19.96
CA ALA C 503 -12.21 -2.73 18.84
C ALA C 503 -10.93 -3.54 18.99
N ASN C 504 -10.54 -3.82 20.24
CA ASN C 504 -9.34 -4.64 20.51
C ASN C 504 -9.55 -6.12 20.30
N ASN C 505 -10.81 -6.51 20.17
CA ASN C 505 -11.21 -7.86 19.80
C ASN C 505 -10.46 -8.38 18.56
N PRO C 506 -9.77 -9.53 18.68
CA PRO C 506 -8.97 -10.06 17.58
C PRO C 506 -9.73 -10.59 16.35
N ILE C 507 -11.00 -10.97 16.49
CA ILE C 507 -11.78 -11.54 15.35
C ILE C 507 -12.79 -10.58 14.73
N LEU C 508 -13.43 -9.78 15.59
CA LEU C 508 -14.41 -8.79 15.15
C LEU C 508 -14.03 -7.44 15.76
N GLY C 509 -13.02 -6.81 15.17
CA GLY C 509 -12.41 -5.62 15.75
C GLY C 509 -13.23 -4.36 15.58
N LEU C 510 -14.40 -4.35 16.23
CA LEU C 510 -15.33 -3.23 16.19
C LEU C 510 -15.77 -2.87 17.59
N ASP C 511 -15.89 -1.58 17.87
CA ASP C 511 -16.70 -1.14 19.00
C ASP C 511 -18.19 -1.37 18.73
N TYR C 512 -18.97 -1.51 19.81
CA TYR C 512 -20.39 -1.82 19.70
C TYR C 512 -21.12 -0.84 18.75
N ASP C 513 -20.90 0.46 18.93
CA ASP C 513 -21.54 1.46 18.07
C ASP C 513 -21.20 1.20 16.58
N GLU C 514 -19.97 0.81 16.30
CA GLU C 514 -19.54 0.51 14.93
C GLU C 514 -20.23 -0.72 14.37
N PHE C 515 -20.25 -1.76 15.16
CA PHE C 515 -20.97 -2.97 14.78
C PHE C 515 -22.46 -2.70 14.51
N VAL C 516 -23.13 -1.90 15.34
CA VAL C 516 -24.54 -1.61 15.14
C VAL C 516 -24.76 -0.91 13.78
N ARG C 517 -23.90 0.03 13.46
CA ARG C 517 -23.99 0.77 12.20
C ARG C 517 -23.90 -0.18 11.01
N GLY C 518 -23.07 -1.21 11.17
CA GLY C 518 -22.85 -2.15 10.10
C GLY C 518 -24.00 -3.09 9.84
N CYS C 519 -24.85 -3.34 10.84
CA CYS C 519 -25.94 -4.31 10.68
C CYS C 519 -27.09 -3.70 9.88
N HIS C 520 -28.08 -4.53 9.59
CA HIS C 520 -29.28 -4.07 8.90
C HIS C 520 -30.47 -3.94 9.84
N LEU C 521 -30.55 -4.78 10.88
CA LEU C 521 -31.73 -4.80 11.73
C LEU C 521 -31.41 -5.25 13.14
N GLY C 522 -31.71 -4.39 14.12
CA GLY C 522 -31.70 -4.80 15.51
C GLY C 522 -33.01 -5.50 15.88
N VAL C 523 -32.94 -6.49 16.78
CA VAL C 523 -34.09 -7.31 17.14
C VAL C 523 -34.06 -7.57 18.64
N PHE C 524 -34.92 -6.85 19.37
CA PHE C 524 -34.85 -6.74 20.83
C PHE C 524 -36.21 -7.03 21.46
N PRO C 525 -36.66 -8.29 21.43
CA PRO C 525 -38.06 -8.59 21.76
C PRO C 525 -38.26 -8.73 23.27
N SER C 526 -38.02 -7.65 24.00
CA SER C 526 -37.97 -7.69 25.46
C SER C 526 -39.35 -7.92 26.10
N TYR C 527 -39.35 -8.61 27.23
CA TYR C 527 -40.53 -8.73 28.09
C TYR C 527 -40.46 -7.71 29.23
N TYR C 528 -39.32 -7.66 29.93
CA TYR C 528 -39.07 -6.65 30.96
C TYR C 528 -37.91 -5.70 30.60
N GLU C 529 -38.29 -4.49 30.22
CA GLU C 529 -37.34 -3.48 29.77
C GLU C 529 -37.98 -2.12 30.08
N PRO C 530 -37.70 -1.57 31.28
CA PRO C 530 -38.25 -0.28 31.68
C PRO C 530 -37.99 0.84 30.70
N TRP C 531 -36.80 0.86 30.09
CA TRP C 531 -36.55 1.75 28.94
C TRP C 531 -36.19 0.94 27.67
N GLY C 532 -34.92 0.51 27.59
CA GLY C 532 -34.41 -0.14 26.38
C GLY C 532 -33.54 0.82 25.62
N TYR C 533 -32.32 0.98 26.13
CA TYR C 533 -31.31 1.75 25.46
C TYR C 533 -30.83 1.10 24.15
N THR C 534 -31.00 -0.22 24.04
CA THR C 534 -30.51 -0.95 22.90
C THR C 534 -31.18 -0.50 21.57
N PRO C 535 -32.53 -0.52 21.48
CA PRO C 535 -33.16 -0.02 20.24
C PRO C 535 -33.09 1.49 20.07
N ALA C 536 -32.88 2.22 21.15
CA ALA C 536 -32.73 3.67 21.05
C ALA C 536 -31.39 4.03 20.39
N GLU C 537 -30.29 3.46 20.89
CA GLU C 537 -28.95 3.62 20.28
C GLU C 537 -29.04 3.26 18.82
N CYS C 538 -29.64 2.12 18.60
CA CYS C 538 -29.88 1.57 17.29
C CYS C 538 -30.59 2.58 16.39
N THR C 539 -31.66 3.17 16.87
CA THR C 539 -32.43 4.17 16.12
C THR C 539 -31.66 5.45 15.80
N VAL C 540 -30.93 5.95 16.79
CA VAL C 540 -30.03 7.12 16.67
C VAL C 540 -28.97 6.93 15.58
N MET C 541 -28.55 5.68 15.38
CA MET C 541 -27.63 5.32 14.29
C MET C 541 -28.25 5.01 12.96
N GLY C 542 -29.55 5.24 12.81
CA GLY C 542 -30.21 5.02 11.55
C GLY C 542 -30.36 3.56 11.17
N VAL C 543 -30.39 2.68 12.17
CA VAL C 543 -30.59 1.25 11.97
C VAL C 543 -31.98 0.85 12.48
N PRO C 544 -32.85 0.33 11.60
CA PRO C 544 -34.19 -0.07 12.06
C PRO C 544 -34.14 -1.16 13.11
N SER C 545 -35.07 -1.14 14.05
CA SER C 545 -35.08 -2.06 15.19
C SER C 545 -36.47 -2.61 15.43
N ILE C 546 -36.55 -3.86 15.90
CA ILE C 546 -37.79 -4.46 16.37
C ILE C 546 -37.77 -4.36 17.90
N THR C 547 -38.88 -3.91 18.49
CA THR C 547 -39.04 -3.82 19.95
C THR C 547 -40.43 -4.33 20.34
N THR C 548 -40.84 -4.15 21.61
CA THR C 548 -42.15 -4.64 22.07
C THR C 548 -42.91 -3.52 22.73
N ASN C 549 -44.24 -3.65 22.76
CA ASN C 549 -45.10 -2.68 23.47
C ASN C 549 -45.09 -2.80 25.01
N VAL C 550 -44.28 -3.69 25.57
CA VAL C 550 -44.08 -3.75 27.03
C VAL C 550 -42.73 -3.16 27.49
N SER C 551 -41.95 -2.63 26.54
CA SER C 551 -40.69 -1.94 26.82
C SER C 551 -40.95 -0.43 26.82
N GLY C 552 -40.22 0.30 27.65
CA GLY C 552 -40.38 1.75 27.76
C GLY C 552 -40.27 2.46 26.44
N PHE C 553 -39.18 2.18 25.72
CA PHE C 553 -38.89 2.75 24.41
C PHE C 553 -40.01 2.40 23.43
N GLY C 554 -40.42 1.14 23.44
CA GLY C 554 -41.46 0.68 22.55
C GLY C 554 -42.77 1.40 22.76
N SER C 555 -43.20 1.55 24.02
CA SER C 555 -44.45 2.27 24.34
C SER C 555 -44.33 3.78 24.09
N TYR C 556 -43.18 4.36 24.41
CA TYR C 556 -42.87 5.75 24.13
C TYR C 556 -42.89 6.09 22.62
N MET C 557 -42.38 5.19 21.79
CA MET C 557 -42.45 5.37 20.33
C MET C 557 -43.85 5.05 19.79
N GLU C 558 -44.49 4.01 20.33
CA GLU C 558 -45.86 3.61 19.95
C GLU C 558 -46.81 4.79 20.10
N ASP C 559 -46.60 5.55 21.16
CA ASP C 559 -47.35 6.78 21.44
C ASP C 559 -47.10 7.86 20.38
N LEU C 560 -45.83 8.11 20.06
CA LEU C 560 -45.44 9.21 19.16
C LEU C 560 -45.77 9.03 17.67
N ILE C 561 -45.85 7.79 17.21
CA ILE C 561 -46.16 7.51 15.81
C ILE C 561 -47.35 6.56 15.77
N GLU C 562 -48.22 6.73 14.78
CA GLU C 562 -49.30 5.76 14.54
C GLU C 562 -48.65 4.42 14.14
N THR C 563 -49.03 3.34 14.82
CA THR C 563 -48.26 2.07 14.84
C THR C 563 -47.94 1.44 13.47
N ASN C 564 -48.83 1.61 12.49
CA ASN C 564 -48.55 1.16 11.12
C ASN C 564 -47.58 2.09 10.37
N GLN C 565 -47.67 3.40 10.59
CA GLN C 565 -46.66 4.35 10.08
C GLN C 565 -45.25 4.06 10.63
N ALA C 566 -45.17 3.63 11.89
CA ALA C 566 -43.88 3.35 12.58
C ALA C 566 -42.94 2.39 11.83
N LYS C 567 -43.53 1.45 11.08
CA LYS C 567 -42.79 0.55 10.18
C LYS C 567 -41.97 1.32 9.13
N ASP C 568 -42.58 2.36 8.55
CA ASP C 568 -41.93 3.19 7.52
C ASP C 568 -40.78 4.04 8.09
N TYR C 569 -40.79 4.29 9.40
CA TYR C 569 -39.67 4.90 10.14
C TYR C 569 -38.67 3.89 10.75
N GLY C 570 -38.78 2.61 10.39
CA GLY C 570 -37.93 1.57 10.96
C GLY C 570 -38.08 1.30 12.44
N ILE C 571 -39.27 1.55 12.98
CA ILE C 571 -39.62 1.13 14.34
C ILE C 571 -40.70 0.06 14.25
N TYR C 572 -40.26 -1.19 14.39
CA TYR C 572 -41.15 -2.35 14.40
C TYR C 572 -41.50 -2.70 15.87
N ILE C 573 -42.80 -2.74 16.18
CA ILE C 573 -43.27 -3.00 17.55
C ILE C 573 -44.07 -4.30 17.60
N VAL C 574 -43.56 -5.29 18.35
CA VAL C 574 -44.25 -6.57 18.55
C VAL C 574 -45.17 -6.49 19.77
N ASP C 575 -46.40 -6.97 19.60
CA ASP C 575 -47.42 -6.95 20.65
C ASP C 575 -47.25 -8.13 21.61
N ARG C 576 -46.67 -7.89 22.79
CA ARG C 576 -46.53 -8.91 23.83
C ARG C 576 -47.52 -8.72 24.98
N ARG C 577 -48.41 -7.73 24.88
CA ARG C 577 -49.41 -7.47 25.92
C ARG C 577 -50.77 -8.13 25.61
N PHE C 578 -51.32 -7.85 24.43
CA PHE C 578 -52.66 -8.30 24.02
C PHE C 578 -52.68 -9.47 23.00
N LYS C 579 -51.64 -10.30 23.03
CA LYS C 579 -51.55 -11.48 22.18
C LYS C 579 -50.87 -12.58 22.98
N ALA C 580 -51.28 -13.82 22.73
CA ALA C 580 -50.58 -14.98 23.31
C ALA C 580 -49.13 -15.02 22.78
N PRO C 581 -48.19 -15.60 23.56
CA PRO C 581 -46.79 -15.71 23.14
C PRO C 581 -46.55 -16.26 21.72
N ASP C 582 -47.38 -17.20 21.27
CA ASP C 582 -47.22 -17.75 19.92
C ASP C 582 -47.74 -16.85 18.79
N GLU C 583 -48.74 -16.01 19.07
CA GLU C 583 -49.13 -14.97 18.12
C GLU C 583 -48.02 -13.92 17.98
N SER C 584 -47.38 -13.60 19.10
CA SER C 584 -46.25 -12.64 19.15
C SER C 584 -45.07 -13.10 18.34
N VAL C 585 -44.65 -14.34 18.57
CA VAL C 585 -43.55 -14.95 17.81
C VAL C 585 -43.83 -14.88 16.31
N GLU C 586 -45.05 -15.24 15.91
CA GLU C 586 -45.45 -15.12 14.51
C GLU C 586 -45.42 -13.68 13.99
N GLN C 587 -45.70 -12.70 14.84
CA GLN C 587 -45.63 -11.30 14.44
C GLN C 587 -44.19 -10.88 14.19
N LEU C 588 -43.33 -11.18 15.17
CA LEU C 588 -41.89 -10.98 15.05
C LEU C 588 -41.35 -11.61 13.76
N VAL C 589 -41.87 -12.77 13.40
CA VAL C 589 -41.47 -13.46 12.17
C VAL C 589 -42.03 -12.76 10.94
N ASP C 590 -43.25 -12.24 11.01
CA ASP C 590 -43.83 -11.47 9.90
C ASP C 590 -42.96 -10.24 9.58
N TYR C 591 -42.45 -9.60 10.63
CA TYR C 591 -41.62 -8.40 10.49
C TYR C 591 -40.29 -8.75 9.85
N MET C 592 -39.60 -9.73 10.41
CA MET C 592 -38.35 -10.22 9.82
C MET C 592 -38.51 -10.58 8.34
N GLU C 593 -39.56 -11.33 8.01
CA GLU C 593 -39.84 -11.68 6.61
C GLU C 593 -40.13 -10.44 5.75
N GLU C 594 -40.87 -9.49 6.30
CA GLU C 594 -41.19 -8.25 5.58
C GLU C 594 -39.89 -7.47 5.23
N PHE C 595 -38.98 -7.40 6.21
CA PHE C 595 -37.72 -6.71 6.05
C PHE C 595 -36.79 -7.38 5.05
N VAL C 596 -36.71 -8.71 5.09
CA VAL C 596 -35.90 -9.49 4.14
C VAL C 596 -36.34 -9.28 2.68
N LYS C 597 -37.65 -9.14 2.46
CA LYS C 597 -38.21 -8.83 1.14
C LYS C 597 -37.85 -7.46 0.59
N LYS C 598 -37.37 -6.56 1.44
CA LYS C 598 -36.94 -5.25 0.97
C LYS C 598 -35.75 -5.35 0.01
N THR C 599 -35.78 -4.50 -1.00
CA THR C 599 -34.64 -4.22 -1.85
C THR C 599 -33.63 -3.35 -1.10
N ARG C 600 -32.46 -3.18 -1.72
CA ARG C 600 -31.43 -2.27 -1.20
C ARG C 600 -31.96 -0.83 -1.15
N ARG C 601 -32.52 -0.36 -2.25
CA ARG C 601 -33.04 1.01 -2.30
C ARG C 601 -34.03 1.28 -1.14
N GLN C 602 -34.89 0.32 -0.85
CA GLN C 602 -35.87 0.43 0.23
C GLN C 602 -35.25 0.39 1.63
N ARG C 603 -34.15 -0.36 1.76
CA ARG C 603 -33.35 -0.36 3.01
C ARG C 603 -32.72 1.02 3.28
N ILE C 604 -32.15 1.60 2.21
CA ILE C 604 -31.52 2.91 2.27
C ILE C 604 -32.55 3.97 2.65
N ASN C 605 -33.72 3.95 2.02
CA ASN C 605 -34.80 4.90 2.38
C ASN C 605 -35.28 4.76 3.83
N GLN C 606 -35.40 3.53 4.31
CA GLN C 606 -35.86 3.28 5.68
C GLN C 606 -34.85 3.81 6.69
N ARG C 607 -33.59 3.44 6.50
CA ARG C 607 -32.52 3.94 7.37
C ARG C 607 -32.53 5.47 7.47
N ASN C 608 -32.74 6.16 6.35
CA ASN C 608 -32.92 7.63 6.35
C ASN C 608 -34.04 8.09 7.27
N ARG C 609 -35.18 7.43 7.18
CA ARG C 609 -36.34 7.78 7.99
C ARG C 609 -36.08 7.48 9.47
N THR C 610 -35.53 6.30 9.77
CA THR C 610 -35.08 5.96 11.13
C THR C 610 -34.24 7.09 11.69
N GLU C 611 -33.17 7.42 10.95
CA GLU C 611 -32.20 8.46 11.33
C GLU C 611 -32.87 9.83 11.61
N ARG C 612 -33.90 10.17 10.83
CA ARG C 612 -34.67 11.41 11.04
C ARG C 612 -35.29 11.54 12.45
N LEU C 613 -35.68 10.40 13.04
CA LEU C 613 -36.15 10.36 14.42
C LEU C 613 -35.09 10.70 15.47
N SER C 614 -33.80 10.61 15.13
CA SER C 614 -32.70 10.86 16.08
C SER C 614 -33.03 11.93 17.09
N ASP C 615 -33.45 13.10 16.59
CA ASP C 615 -33.72 14.29 17.41
C ASP C 615 -34.62 14.03 18.60
N LEU C 616 -35.72 13.31 18.36
CA LEU C 616 -36.67 12.89 19.40
C LEU C 616 -36.10 12.08 20.56
N LEU C 617 -34.93 11.44 20.37
CA LEU C 617 -34.25 10.69 21.43
C LEU C 617 -33.03 11.40 22.00
N ASP C 618 -32.84 12.66 21.60
CA ASP C 618 -31.72 13.46 22.07
C ASP C 618 -32.02 14.08 23.45
N TRP C 619 -31.01 14.12 24.30
CA TRP C 619 -31.07 14.81 25.60
C TRP C 619 -31.46 16.29 25.53
N LYS C 620 -31.27 16.96 24.38
CA LYS C 620 -31.67 18.38 24.22
C LYS C 620 -33.19 18.54 24.36
N ARG C 621 -33.93 17.51 23.92
CA ARG C 621 -35.35 17.44 24.12
C ARG C 621 -35.74 16.80 25.48
N MET C 622 -35.14 15.63 25.77
CA MET C 622 -35.52 14.77 26.90
C MET C 622 -35.16 15.34 28.27
N GLY C 623 -34.10 16.15 28.32
CA GLY C 623 -33.61 16.75 29.54
C GLY C 623 -34.51 17.84 30.09
N LEU C 624 -35.46 18.30 29.29
CA LEU C 624 -36.52 19.19 29.74
C LEU C 624 -37.42 18.54 30.78
N GLU C 625 -37.57 17.22 30.69
CA GLU C 625 -38.28 16.46 31.71
C GLU C 625 -37.51 16.47 33.01
N TYR C 626 -36.19 16.37 32.95
CA TYR C 626 -35.37 16.53 34.17
C TYR C 626 -35.60 17.90 34.84
N VAL C 627 -35.69 18.97 34.04
CA VAL C 627 -35.88 20.32 34.58
C VAL C 627 -37.24 20.42 35.31
N LYS C 628 -38.30 19.89 34.69
CA LYS C 628 -39.61 19.81 35.33
C LYS C 628 -39.59 19.09 36.67
N ALA C 629 -38.90 17.96 36.74
CA ALA C 629 -38.77 17.21 38.01
C ALA C 629 -38.03 18.02 39.06
N ARG C 630 -37.04 18.79 38.65
CA ARG C 630 -36.33 19.66 39.60
C ARG C 630 -37.17 20.86 40.02
N GLN C 631 -37.90 21.47 39.08
CA GLN C 631 -38.85 22.54 39.41
C GLN C 631 -39.87 22.06 40.45
N LEU C 632 -40.48 20.91 40.19
CA LEU C 632 -41.48 20.38 41.09
C LEU C 632 -40.96 20.15 42.52
N ALA C 633 -39.73 19.67 42.64
CA ALA C 633 -39.12 19.48 43.96
C ALA C 633 -38.96 20.81 44.72
N LEU C 634 -38.52 21.85 44.01
CA LEU C 634 -38.37 23.19 44.57
C LEU C 634 -39.72 23.83 44.89
N ARG C 635 -40.72 23.61 44.04
CA ARG C 635 -42.10 24.04 44.27
C ARG C 635 -42.71 23.37 45.50
N ARG C 636 -42.47 22.09 45.69
CA ARG C 636 -42.99 21.36 46.85
C ARG C 636 -42.29 21.71 48.15
N GLY C 637 -40.97 21.75 48.11
CA GLY C 637 -40.15 21.99 49.29
C GLY C 637 -40.07 23.42 49.78
N TYR C 638 -40.29 24.40 48.91
CA TYR C 638 -40.33 25.82 49.28
C TYR C 638 -41.53 26.53 48.64
N PRO C 639 -42.77 26.16 49.05
CA PRO C 639 -43.98 26.67 48.38
C PRO C 639 -44.18 28.19 48.49
N ASP C 640 -43.85 28.76 49.65
CA ASP C 640 -44.02 30.22 49.87
C ASP C 640 -43.11 31.03 48.96
N GLN C 641 -41.85 30.62 48.90
CA GLN C 641 -40.87 31.31 48.07
C GLN C 641 -41.21 31.15 46.59
N PHE C 642 -41.59 29.92 46.20
CA PHE C 642 -41.98 29.63 44.83
C PHE C 642 -43.22 30.43 44.44
N ARG C 643 -44.16 30.58 45.38
CA ARG C 643 -45.37 31.39 45.18
C ARG C 643 -45.05 32.85 44.93
N GLU C 644 -44.23 33.44 45.81
CA GLU C 644 -43.80 34.84 45.65
C GLU C 644 -42.89 35.06 44.42
N LEU C 645 -42.24 34.01 43.93
CA LEU C 645 -41.40 34.13 42.74
C LEU C 645 -42.20 34.20 41.43
N VAL C 646 -43.30 33.45 41.33
CA VAL C 646 -44.10 33.39 40.08
C VAL C 646 -45.45 34.13 40.14
N GLY C 647 -45.85 34.62 41.32
CA GLY C 647 -47.07 35.41 41.47
C GLY C 647 -48.31 34.65 41.92
N GLU C 648 -48.24 33.32 41.91
CA GLU C 648 -49.42 32.46 42.07
C GLU C 648 -49.07 31.14 42.75
N GLU C 649 -50.04 30.55 43.45
CA GLU C 649 -49.90 29.21 43.99
C GLU C 649 -50.19 28.20 42.86
N LEU C 650 -49.13 27.74 42.20
CA LEU C 650 -49.24 26.78 41.10
C LEU C 650 -49.51 25.35 41.57
N ASN C 651 -49.95 24.53 40.60
CA ASN C 651 -50.37 23.16 40.85
C ASN C 651 -49.13 22.26 40.96
N ASP C 652 -48.98 21.63 42.12
CA ASP C 652 -47.85 20.78 42.45
C ASP C 652 -48.20 19.27 42.42
N SER C 653 -49.37 18.91 41.87
CA SER C 653 -49.82 17.51 41.97
C SER C 653 -48.91 16.53 41.20
N ASN C 654 -48.34 16.98 40.07
CA ASN C 654 -47.40 16.21 39.29
C ASN C 654 -46.55 17.16 38.42
N MET C 655 -45.54 16.61 37.74
CA MET C 655 -44.65 17.42 36.90
C MET C 655 -45.40 18.33 35.89
N ASP C 656 -46.27 17.70 35.08
CA ASP C 656 -46.97 18.38 33.97
C ASP C 656 -47.99 19.44 34.42
N ALA C 657 -48.63 19.20 35.56
CA ALA C 657 -49.55 20.14 36.16
C ALA C 657 -48.90 21.45 36.56
N LEU C 658 -47.61 21.41 36.89
CA LEU C 658 -46.82 22.60 37.19
C LEU C 658 -46.36 23.39 35.94
N ALA C 659 -46.02 22.69 34.87
CA ALA C 659 -45.38 23.32 33.69
C ALA C 659 -46.36 24.05 32.77
N SER D 22 67.38 21.47 17.62
CA SER D 22 66.57 22.70 17.31
C SER D 22 65.06 22.43 17.17
N ARG D 23 64.70 21.44 16.35
CA ARG D 23 63.29 21.17 16.00
C ARG D 23 62.98 19.68 15.94
N ASP D 24 61.76 19.32 16.35
CA ASP D 24 61.32 17.92 16.37
C ASP D 24 60.56 17.56 15.09
N LEU D 25 60.94 16.44 14.49
CA LEU D 25 60.36 15.99 13.21
C LEU D 25 59.17 15.05 13.38
N GLN D 26 59.10 14.37 14.53
CA GLN D 26 58.00 13.44 14.83
C GLN D 26 56.74 14.21 15.17
N ASN D 27 56.86 15.18 16.08
CA ASN D 27 55.79 16.10 16.41
C ASN D 27 56.04 17.42 15.68
N HIS D 28 55.52 17.51 14.44
CA HIS D 28 55.64 18.69 13.58
C HIS D 28 54.28 19.31 13.24
N LEU D 29 54.31 20.48 12.59
CA LEU D 29 53.10 21.18 12.18
C LEU D 29 52.88 21.04 10.68
N LEU D 30 51.62 21.14 10.26
CA LEU D 30 51.24 21.07 8.85
C LEU D 30 50.33 22.24 8.48
N PHE D 31 50.80 23.08 7.55
CA PHE D 31 50.04 24.22 7.04
C PHE D 31 49.77 24.02 5.56
N GLU D 32 48.52 23.67 5.23
CA GLU D 32 48.13 23.34 3.86
C GLU D 32 47.46 24.55 3.22
N THR D 33 48.00 25.02 2.11
CA THR D 33 47.57 26.27 1.51
C THR D 33 47.00 25.99 0.12
N ALA D 34 45.85 26.60 -0.17
CA ALA D 34 45.26 26.55 -1.52
C ALA D 34 44.26 27.68 -1.77
N THR D 35 44.01 27.95 -3.06
CA THR D 35 42.98 28.90 -3.49
C THR D 35 41.58 28.50 -3.02
N GLU D 36 41.32 27.19 -2.97
CA GLU D 36 39.96 26.68 -2.90
C GLU D 36 39.47 26.25 -1.50
N VAL D 37 40.07 26.80 -0.43
CA VAL D 37 39.81 26.29 0.94
C VAL D 37 38.37 26.43 1.44
N ALA D 38 37.75 27.59 1.29
CA ALA D 38 36.39 27.80 1.78
C ALA D 38 35.36 27.90 0.65
N ASN D 39 35.79 27.75 -0.60
CA ASN D 39 34.96 28.04 -1.77
C ASN D 39 35.21 27.07 -2.93
N ARG D 40 34.13 26.48 -3.44
CA ARG D 40 34.20 25.55 -4.55
C ARG D 40 34.43 26.31 -5.85
N VAL D 41 35.70 26.40 -6.26
CA VAL D 41 36.07 26.86 -7.61
C VAL D 41 36.18 25.67 -8.56
N GLY D 42 36.78 24.56 -8.12
CA GLY D 42 36.92 23.37 -8.97
C GLY D 42 37.30 22.09 -8.24
N GLY D 43 38.18 21.31 -8.84
CA GLY D 43 38.62 20.02 -8.31
C GLY D 43 39.40 19.98 -6.99
N ILE D 44 40.18 21.02 -6.69
CA ILE D 44 41.02 21.03 -5.47
C ILE D 44 40.15 21.15 -4.20
N TYR D 45 39.00 21.82 -4.32
CA TYR D 45 38.02 21.93 -3.23
C TYR D 45 37.66 20.56 -2.67
N SER D 46 37.31 19.64 -3.57
CA SER D 46 36.90 18.28 -3.18
C SER D 46 38.05 17.43 -2.64
N VAL D 47 39.25 17.66 -3.14
CA VAL D 47 40.44 16.94 -2.68
C VAL D 47 40.72 17.32 -1.22
N LEU D 48 40.89 18.60 -0.95
CA LEU D 48 41.18 19.07 0.41
C LEU D 48 40.07 18.69 1.42
N LYS D 49 38.82 18.80 0.96
CA LYS D 49 37.63 18.46 1.74
C LYS D 49 37.58 16.98 2.13
N SER D 50 37.67 16.08 1.15
CA SER D 50 37.58 14.64 1.42
C SER D 50 38.79 14.10 2.19
N LYS D 51 39.93 14.76 2.03
CA LYS D 51 41.17 14.43 2.72
C LYS D 51 41.20 14.86 4.19
N ALA D 52 40.41 15.88 4.55
CA ALA D 52 40.42 16.42 5.91
C ALA D 52 40.26 15.38 7.04
N PRO D 53 39.38 14.36 6.86
CA PRO D 53 39.29 13.29 7.87
C PRO D 53 40.60 12.56 8.16
N ILE D 54 41.26 12.03 7.13
CA ILE D 54 42.55 11.34 7.32
C ILE D 54 43.66 12.30 7.80
N THR D 55 43.56 13.58 7.43
CA THR D 55 44.54 14.59 7.85
C THR D 55 44.33 14.98 9.31
N VAL D 56 43.10 15.34 9.67
CA VAL D 56 42.76 15.69 11.07
C VAL D 56 43.00 14.51 12.03
N ALA D 57 42.74 13.29 11.56
CA ALA D 57 42.98 12.08 12.36
C ALA D 57 44.45 11.88 12.77
N GLN D 58 45.37 12.45 11.99
CA GLN D 58 46.80 12.39 12.30
C GLN D 58 47.27 13.60 13.15
N TYR D 59 46.84 14.80 12.78
CA TYR D 59 47.36 16.05 13.37
C TYR D 59 46.45 16.72 14.44
N LYS D 60 45.15 16.47 14.37
CA LYS D 60 44.14 17.04 15.29
C LYS D 60 44.15 18.58 15.31
N ASP D 61 44.97 19.17 16.19
CA ASP D 61 45.06 20.64 16.34
C ASP D 61 46.37 21.25 15.80
N HIS D 62 47.26 20.40 15.28
CA HIS D 62 48.51 20.85 14.64
C HIS D 62 48.31 21.21 13.16
N TYR D 63 47.21 20.72 12.58
CA TYR D 63 46.86 20.97 11.18
C TYR D 63 46.09 22.27 11.00
N HIS D 64 46.43 23.03 9.96
CA HIS D 64 45.68 24.21 9.57
C HIS D 64 45.63 24.34 8.06
N LEU D 65 44.45 24.58 7.51
CA LEU D 65 44.26 24.95 6.11
C LEU D 65 44.30 26.48 5.98
N ILE D 66 45.00 26.98 4.96
CA ILE D 66 45.13 28.42 4.75
C ILE D 66 44.64 28.79 3.35
N GLY D 67 43.85 29.86 3.26
CA GLY D 67 43.34 30.35 1.97
C GLY D 67 42.89 31.81 2.00
N PRO D 68 42.45 32.33 0.84
CA PRO D 68 41.92 33.69 0.75
C PRO D 68 40.45 33.75 1.15
N LEU D 69 40.06 34.81 1.85
CA LEU D 69 38.70 34.94 2.39
C LEU D 69 37.70 35.30 1.29
N ASN D 70 36.80 34.36 0.98
CA ASN D 70 35.71 34.62 0.06
C ASN D 70 34.59 35.33 0.84
N LYS D 71 34.66 36.65 0.90
CA LYS D 71 33.66 37.48 1.59
C LYS D 71 32.21 37.15 1.22
N ALA D 72 31.97 36.78 -0.04
CA ALA D 72 30.63 36.44 -0.53
C ALA D 72 30.05 35.14 0.02
N THR D 73 30.88 34.09 0.11
CA THR D 73 30.39 32.72 0.42
C THR D 73 31.03 32.01 1.63
N TYR D 74 31.92 32.69 2.38
CA TYR D 74 32.53 32.07 3.58
C TYR D 74 31.53 31.87 4.73
N GLN D 75 30.52 32.72 4.80
CA GLN D 75 29.46 32.60 5.81
C GLN D 75 28.74 31.25 5.77
N ASN D 76 28.54 30.71 4.56
CA ASN D 76 27.84 29.43 4.39
C ASN D 76 28.62 28.20 4.88
N GLU D 77 29.95 28.24 4.80
CA GLU D 77 30.80 27.07 5.03
C GLU D 77 31.68 27.08 6.28
N VAL D 78 31.95 28.25 6.87
CA VAL D 78 32.92 28.34 7.97
C VAL D 78 32.21 28.59 9.29
N ASP D 79 32.56 27.79 10.30
CA ASP D 79 32.15 27.99 11.69
C ASP D 79 33.03 29.10 12.27
N ILE D 80 32.44 30.29 12.47
CA ILE D 80 33.21 31.51 12.76
C ILE D 80 33.57 31.56 14.26
N LEU D 81 34.75 31.07 14.62
CA LEU D 81 35.19 31.02 16.02
C LEU D 81 36.04 32.22 16.42
N ASP D 82 35.93 32.63 17.68
CA ASP D 82 36.78 33.66 18.25
C ASP D 82 38.15 33.05 18.58
N TRP D 83 39.20 33.70 18.11
CA TRP D 83 40.59 33.18 18.19
C TRP D 83 41.42 33.79 19.31
N LYS D 84 40.84 34.75 20.05
CA LYS D 84 41.57 35.61 20.98
C LYS D 84 41.74 35.01 22.39
N LYS D 85 40.96 33.99 22.73
CA LYS D 85 41.02 33.35 24.05
C LYS D 85 42.25 32.44 24.15
N PRO D 86 42.87 32.36 25.34
CA PRO D 86 44.00 31.44 25.53
C PRO D 86 43.58 29.97 25.52
N GLU D 87 42.29 29.71 25.77
CA GLU D 87 41.69 28.37 25.64
C GLU D 87 41.48 27.88 24.18
N ALA D 88 41.58 28.78 23.20
CA ALA D 88 41.46 28.39 21.78
C ALA D 88 42.61 27.53 21.26
N PHE D 89 43.77 27.62 21.89
CA PHE D 89 44.95 26.79 21.56
C PHE D 89 45.55 26.21 22.84
N SER D 90 46.31 25.12 22.70
CA SER D 90 47.06 24.53 23.83
C SER D 90 48.42 25.25 24.00
N ASP D 91 49.17 24.88 25.04
CA ASP D 91 50.49 25.47 25.32
C ASP D 91 51.49 25.25 24.19
N GLU D 92 51.61 24.02 23.73
CA GLU D 92 52.49 23.67 22.60
C GLU D 92 52.08 24.30 21.26
N MET D 93 50.78 24.57 21.09
CA MET D 93 50.24 25.30 19.93
C MET D 93 50.10 26.81 20.15
N ARG D 94 50.58 27.32 21.28
CA ARG D 94 50.55 28.76 21.60
C ARG D 94 51.25 29.64 20.57
N PRO D 95 52.42 29.20 20.03
CA PRO D 95 53.11 29.98 18.99
C PRO D 95 52.26 30.38 17.76
N VAL D 96 51.26 29.58 17.41
CA VAL D 96 50.30 29.92 16.34
C VAL D 96 49.42 31.12 16.74
N GLN D 97 49.01 31.14 18.01
CA GLN D 97 48.21 32.24 18.56
C GLN D 97 48.97 33.57 18.54
N HIS D 98 50.22 33.54 19.02
CA HIS D 98 51.10 34.72 19.02
C HIS D 98 51.42 35.24 17.62
N ALA D 99 51.50 34.32 16.65
CA ALA D 99 51.72 34.69 15.25
C ALA D 99 50.51 35.40 14.65
N LEU D 100 49.30 34.93 14.99
CA LEU D 100 48.06 35.59 14.58
C LEU D 100 47.87 36.96 15.23
N GLN D 101 48.37 37.10 16.46
CA GLN D 101 48.40 38.40 17.14
C GLN D 101 49.35 39.37 16.44
N THR D 102 50.49 38.87 15.98
CA THR D 102 51.48 39.68 15.24
C THR D 102 50.91 40.18 13.90
N MET D 103 50.12 39.36 13.22
CA MET D 103 49.42 39.76 11.99
C MET D 103 48.29 40.74 12.30
N GLU D 104 47.61 40.53 13.43
CA GLU D 104 46.59 41.46 13.93
C GLU D 104 47.20 42.81 14.37
N SER D 105 48.44 42.78 14.86
CA SER D 105 49.15 44.00 15.29
C SER D 105 49.48 45.00 14.17
N ARG D 106 49.36 44.57 12.90
CA ARG D 106 49.45 45.48 11.75
C ARG D 106 48.16 45.53 10.90
N GLY D 107 47.02 45.28 11.54
CA GLY D 107 45.71 45.44 10.90
C GLY D 107 45.34 44.51 9.76
N VAL D 108 45.98 43.34 9.68
CA VAL D 108 45.65 42.33 8.66
C VAL D 108 44.41 41.58 9.12
N HIS D 109 43.29 41.77 8.43
CA HIS D 109 42.03 41.12 8.76
C HIS D 109 42.05 39.66 8.28
N PHE D 110 41.57 38.75 9.13
CA PHE D 110 41.47 37.33 8.79
C PHE D 110 40.33 36.65 9.56
N VAL D 111 40.06 35.39 9.23
CA VAL D 111 39.01 34.59 9.89
C VAL D 111 39.56 33.23 10.30
N TYR D 112 39.65 33.00 11.62
CA TYR D 112 39.90 31.68 12.18
C TYR D 112 38.57 30.94 12.29
N GLY D 113 38.61 29.61 12.32
CA GLY D 113 37.39 28.83 12.48
C GLY D 113 37.51 27.33 12.28
N ARG D 114 36.34 26.70 12.06
CA ARG D 114 36.25 25.31 11.60
C ARG D 114 35.52 25.30 10.26
N TRP D 115 36.01 24.49 9.35
CA TRP D 115 35.35 24.28 8.06
C TRP D 115 34.18 23.33 8.33
N LEU D 116 32.98 23.70 7.91
CA LEU D 116 31.76 22.91 8.16
C LEU D 116 31.68 21.67 7.24
N ILE D 117 32.63 20.74 7.44
CA ILE D 117 32.71 19.49 6.70
C ILE D 117 33.10 18.37 7.68
N GLU D 118 33.02 17.12 7.22
CA GLU D 118 33.42 15.99 8.05
C GLU D 118 34.89 16.16 8.43
N GLY D 119 35.21 15.94 9.70
CA GLY D 119 36.56 16.14 10.21
C GLY D 119 36.77 17.45 10.94
N ALA D 120 36.05 18.50 10.53
CA ALA D 120 36.12 19.82 11.16
C ALA D 120 37.57 20.33 11.30
N PRO D 121 38.28 20.44 10.16
CA PRO D 121 39.64 20.97 10.21
C PRO D 121 39.62 22.48 10.45
N LYS D 122 40.70 22.99 11.03
CA LYS D 122 40.79 24.42 11.36
C LYS D 122 41.33 25.24 10.20
N VAL D 123 40.75 26.43 10.03
CA VAL D 123 40.95 27.27 8.84
C VAL D 123 41.48 28.65 9.22
N ILE D 124 42.35 29.21 8.37
CA ILE D 124 42.79 30.60 8.46
C ILE D 124 42.54 31.24 7.10
N LEU D 125 41.51 32.09 7.02
CA LEU D 125 41.13 32.76 5.78
C LEU D 125 41.53 34.23 5.81
N PHE D 126 42.60 34.58 5.10
CA PHE D 126 43.12 35.95 5.08
C PHE D 126 42.35 36.85 4.13
N ASP D 127 41.81 37.95 4.67
CA ASP D 127 41.11 38.96 3.87
C ASP D 127 42.12 39.73 3.02
N LEU D 128 42.05 39.50 1.70
CA LEU D 128 42.97 40.13 0.74
C LEU D 128 42.67 41.62 0.54
N ASP D 129 41.41 42.02 0.73
CA ASP D 129 41.02 43.44 0.72
C ASP D 129 41.81 44.28 1.72
N SER D 130 42.14 43.69 2.88
CA SER D 130 42.91 44.39 3.92
C SER D 130 44.43 44.44 3.66
N VAL D 131 44.88 43.96 2.50
CA VAL D 131 46.30 43.97 2.13
C VAL D 131 46.60 44.69 0.79
N ARG D 132 45.57 45.03 0.00
CA ARG D 132 45.79 45.52 -1.38
C ARG D 132 46.61 46.83 -1.49
N GLY D 133 46.68 47.61 -0.40
CA GLY D 133 47.57 48.78 -0.32
C GLY D 133 49.06 48.48 -0.43
N TYR D 134 49.44 47.22 -0.18
CA TYR D 134 50.82 46.76 -0.34
C TYR D 134 51.15 46.17 -1.72
N SER D 135 50.21 46.25 -2.68
CA SER D 135 50.33 45.53 -3.96
C SER D 135 51.49 46.00 -4.85
N ASN D 136 51.66 47.31 -4.99
CA ASN D 136 52.72 47.87 -5.85
C ASN D 136 54.12 47.57 -5.33
N GLU D 137 54.31 47.71 -4.01
CA GLU D 137 55.55 47.28 -3.35
C GLU D 137 55.84 45.81 -3.62
N TRP D 138 54.84 44.98 -3.39
CA TRP D 138 55.00 43.52 -3.49
C TRP D 138 55.18 43.03 -4.94
N LYS D 139 54.43 43.59 -5.87
CA LYS D 139 54.61 43.27 -7.30
C LYS D 139 56.02 43.64 -7.77
N GLY D 140 56.52 44.79 -7.30
CA GLY D 140 57.91 45.20 -7.53
C GLY D 140 58.92 44.32 -6.82
N ASP D 141 58.64 43.98 -5.56
CA ASP D 141 59.48 43.07 -4.76
C ASP D 141 59.65 41.73 -5.48
N LEU D 142 58.57 41.22 -6.06
CA LEU D 142 58.60 39.98 -6.84
C LEU D 142 59.40 40.11 -8.14
N TRP D 143 59.24 41.23 -8.84
CA TRP D 143 59.95 41.49 -10.10
C TRP D 143 61.46 41.35 -9.92
N SER D 144 62.01 42.04 -8.92
CA SER D 144 63.47 42.08 -8.71
C SER D 144 64.05 40.88 -7.96
N LEU D 145 63.24 40.16 -7.18
CA LEU D 145 63.73 38.97 -6.44
C LEU D 145 63.77 37.73 -7.34
N VAL D 146 62.66 37.46 -8.04
CA VAL D 146 62.52 36.23 -8.85
C VAL D 146 62.44 36.48 -10.37
N GLY D 147 62.06 37.68 -10.81
CA GLY D 147 61.94 38.01 -12.23
C GLY D 147 60.52 37.97 -12.78
N ILE D 148 59.52 37.86 -11.90
CA ILE D 148 58.14 37.59 -12.29
C ILE D 148 57.37 38.89 -12.58
N PRO D 149 56.88 39.08 -13.83
CA PRO D 149 56.07 40.27 -14.13
C PRO D 149 54.66 40.20 -13.54
N SER D 150 53.93 41.30 -13.64
CA SER D 150 52.56 41.38 -13.14
C SER D 150 51.78 42.50 -13.80
N PRO D 151 51.23 42.24 -15.01
CA PRO D 151 50.23 43.14 -15.60
C PRO D 151 49.07 43.41 -14.64
N GLU D 152 48.80 44.69 -14.38
CA GLU D 152 47.83 45.11 -13.37
C GLU D 152 46.39 44.69 -13.68
N ASN D 153 46.07 44.62 -14.96
CA ASN D 153 44.72 44.19 -15.41
C ASN D 153 44.35 42.74 -15.05
N ASP D 154 45.34 41.88 -14.78
CA ASP D 154 45.08 40.51 -14.35
C ASP D 154 44.64 40.47 -12.88
N PHE D 155 43.32 40.51 -12.66
CA PHE D 155 42.73 40.51 -11.32
C PHE D 155 43.15 39.33 -10.44
N GLU D 156 43.35 38.16 -11.09
CA GLU D 156 43.64 36.90 -10.39
C GLU D 156 45.11 36.75 -9.93
N THR D 157 46.06 37.20 -10.75
CA THR D 157 47.48 37.22 -10.38
C THR D 157 47.75 38.19 -9.22
N ASN D 158 47.02 39.29 -9.19
CA ASN D 158 47.10 40.25 -8.08
C ASN D 158 46.73 39.57 -6.78
N ASP D 159 45.59 38.88 -6.79
CA ASP D 159 45.13 38.12 -5.63
C ASP D 159 46.07 36.98 -5.24
N ALA D 160 46.73 36.38 -6.22
CA ALA D 160 47.72 35.34 -5.98
C ALA D 160 48.98 35.88 -5.30
N ILE D 161 49.39 37.08 -5.68
CA ILE D 161 50.54 37.76 -5.06
C ILE D 161 50.19 38.18 -3.63
N LEU D 162 49.02 38.80 -3.45
CA LEU D 162 48.54 39.18 -2.12
C LEU D 162 48.48 38.01 -1.15
N LEU D 163 47.96 36.87 -1.61
CA LEU D 163 47.90 35.65 -0.80
C LEU D 163 49.29 35.13 -0.47
N GLY D 164 50.12 34.97 -1.50
CA GLY D 164 51.49 34.48 -1.34
C GLY D 164 52.27 35.19 -0.26
N TYR D 165 52.36 36.51 -0.37
CA TYR D 165 53.10 37.33 0.59
C TYR D 165 52.49 37.30 1.99
N THR D 166 51.17 37.38 2.07
CA THR D 166 50.45 37.28 3.35
C THR D 166 50.73 35.96 4.08
N VAL D 167 50.78 34.85 3.35
CA VAL D 167 51.05 33.53 3.91
C VAL D 167 52.51 33.38 4.33
N ALA D 168 53.43 33.90 3.51
CA ALA D 168 54.86 33.91 3.84
C ALA D 168 55.17 34.80 5.05
N TRP D 169 54.48 35.95 5.13
CA TRP D 169 54.60 36.85 6.29
C TRP D 169 54.11 36.18 7.58
N PHE D 170 53.07 35.36 7.44
CA PHE D 170 52.55 34.54 8.54
C PHE D 170 53.50 33.40 8.91
N LEU D 171 53.91 32.60 7.91
CA LEU D 171 54.79 31.43 8.15
C LEU D 171 56.19 31.79 8.66
N GLY D 172 56.68 32.98 8.32
CA GLY D 172 57.91 33.50 8.89
C GLY D 172 57.78 33.75 10.38
N GLU D 173 56.67 34.39 10.78
CA GLU D 173 56.39 34.68 12.21
C GLU D 173 56.16 33.41 13.05
N VAL D 174 55.55 32.38 12.46
CA VAL D 174 55.37 31.10 13.15
C VAL D 174 56.72 30.38 13.32
N ALA D 175 57.55 30.42 12.29
CA ALA D 175 58.90 29.85 12.33
C ALA D 175 59.76 30.51 13.42
N HIS D 176 59.66 31.82 13.51
CA HIS D 176 60.34 32.59 14.55
C HIS D 176 59.84 32.25 15.95
N LEU D 177 58.51 32.24 16.14
CA LEU D 177 57.90 32.08 17.45
C LEU D 177 57.78 30.63 17.95
N ASP D 178 57.66 29.67 17.04
CA ASP D 178 57.63 28.24 17.38
C ASP D 178 59.02 27.66 17.16
N SER D 179 59.67 27.22 18.24
CA SER D 179 60.99 26.57 18.17
C SER D 179 61.00 25.17 18.81
N GLN D 180 59.82 24.57 18.96
CA GLN D 180 59.65 23.18 19.40
C GLN D 180 59.48 22.28 18.19
N HIS D 181 58.49 22.60 17.36
CA HIS D 181 58.08 21.79 16.23
C HIS D 181 58.90 22.09 14.98
N ALA D 182 59.02 21.09 14.12
CA ALA D 182 59.34 21.31 12.71
C ALA D 182 58.05 21.79 12.05
N ILE D 183 58.19 22.50 10.93
CA ILE D 183 57.04 23.12 10.27
C ILE D 183 57.00 22.71 8.79
N VAL D 184 55.92 22.02 8.40
CA VAL D 184 55.68 21.60 7.02
C VAL D 184 54.64 22.53 6.39
N ALA D 185 54.93 23.01 5.18
CA ALA D 185 54.07 23.96 4.46
C ALA D 185 53.76 23.44 3.06
N HIS D 186 52.53 22.92 2.91
CA HIS D 186 52.08 22.30 1.67
C HIS D 186 51.26 23.32 0.88
N PHE D 187 51.57 23.50 -0.40
CA PHE D 187 50.87 24.46 -1.25
C PHE D 187 50.29 23.74 -2.45
N HIS D 188 49.07 24.12 -2.84
CA HIS D 188 48.38 23.50 -3.99
C HIS D 188 48.09 24.51 -5.10
N GLU D 189 48.60 24.20 -6.30
CA GLU D 189 48.38 24.95 -7.55
C GLU D 189 49.09 26.30 -7.57
N TRP D 190 49.37 26.78 -8.77
CA TRP D 190 50.15 28.02 -8.97
C TRP D 190 49.57 29.27 -8.29
N LEU D 191 48.24 29.37 -8.19
CA LEU D 191 47.60 30.53 -7.53
C LEU D 191 47.97 30.70 -6.05
N ALA D 192 48.21 29.58 -5.35
CA ALA D 192 48.68 29.59 -3.96
C ALA D 192 50.20 29.40 -3.84
N GLY D 193 50.92 29.43 -4.95
CA GLY D 193 52.35 29.09 -4.99
C GLY D 193 53.32 30.26 -4.89
N VAL D 194 52.81 31.48 -4.74
CA VAL D 194 53.66 32.66 -4.66
C VAL D 194 54.54 32.64 -3.40
N ALA D 195 54.01 32.09 -2.31
CA ALA D 195 54.75 31.98 -1.05
C ALA D 195 55.99 31.08 -1.08
N LEU D 196 56.12 30.23 -2.10
CA LEU D 196 57.21 29.24 -2.16
C LEU D 196 58.63 29.80 -2.44
N PRO D 197 58.81 30.63 -3.52
CA PRO D 197 60.10 31.32 -3.70
C PRO D 197 60.44 32.35 -2.61
N LEU D 198 59.41 32.92 -1.96
CA LEU D 198 59.59 33.79 -0.80
C LEU D 198 60.20 33.00 0.37
N CYS D 199 59.63 31.84 0.69
CA CYS D 199 60.18 30.95 1.73
C CYS D 199 61.59 30.42 1.40
N ARG D 200 61.91 30.26 0.12
CA ARG D 200 63.20 29.72 -0.31
C ARG D 200 64.33 30.73 -0.16
N LYS D 201 64.19 31.87 -0.83
CA LYS D 201 65.22 32.91 -0.83
C LYS D 201 65.37 33.59 0.54
N ARG D 202 64.27 33.77 1.27
CA ARG D 202 64.34 34.27 2.65
C ARG D 202 65.03 33.30 3.63
N ARG D 203 65.08 32.01 3.29
CA ARG D 203 65.65 30.95 4.13
C ARG D 203 64.89 30.82 5.47
N ILE D 204 63.57 30.90 5.38
CA ILE D 204 62.67 30.73 6.54
C ILE D 204 62.74 29.24 6.91
N ASP D 205 62.65 28.94 8.21
CA ASP D 205 62.88 27.56 8.68
C ASP D 205 61.58 26.72 8.72
N VAL D 206 61.02 26.52 7.53
CA VAL D 206 59.89 25.62 7.30
C VAL D 206 60.26 24.75 6.09
N VAL D 207 59.81 23.50 6.07
CA VAL D 207 59.97 22.64 4.90
C VAL D 207 58.73 22.80 4.02
N THR D 208 58.92 22.79 2.70
CA THR D 208 57.86 23.16 1.76
C THR D 208 57.55 22.06 0.75
N ILE D 209 56.26 21.89 0.46
CA ILE D 209 55.80 20.99 -0.60
C ILE D 209 54.95 21.80 -1.57
N PHE D 210 55.13 21.54 -2.87
CA PHE D 210 54.26 22.08 -3.92
C PHE D 210 53.64 20.95 -4.73
N THR D 211 52.31 20.97 -4.79
CA THR D 211 51.55 20.06 -5.63
C THR D 211 50.89 20.89 -6.73
N THR D 212 51.08 20.47 -7.98
CA THR D 212 50.33 21.03 -9.09
C THR D 212 49.39 19.94 -9.65
N HIS D 213 48.11 20.29 -9.73
CA HIS D 213 47.06 19.39 -10.22
C HIS D 213 46.88 19.46 -11.73
N ALA D 214 47.55 20.39 -12.37
CA ALA D 214 47.65 20.45 -13.81
C ALA D 214 48.91 21.22 -14.15
N THR D 215 49.07 21.61 -15.41
CA THR D 215 50.02 22.66 -15.74
C THR D 215 49.32 23.68 -16.63
N LEU D 216 49.77 24.93 -16.52
CA LEU D 216 49.26 26.03 -17.33
C LEU D 216 49.49 25.77 -18.81
N LEU D 217 50.73 25.48 -19.16
CA LEU D 217 51.06 25.12 -20.54
C LEU D 217 50.28 23.89 -21.03
N GLY D 218 50.06 22.92 -20.12
CA GLY D 218 49.25 21.73 -20.41
C GLY D 218 47.86 22.02 -20.95
N ARG D 219 47.04 22.67 -20.13
CA ARG D 219 45.66 23.03 -20.51
C ARG D 219 45.64 23.74 -21.85
N TYR D 220 46.45 24.80 -21.96
CA TYR D 220 46.42 25.74 -23.09
C TYR D 220 46.87 25.11 -24.41
N LEU D 221 47.89 24.26 -24.36
CA LEU D 221 48.34 23.51 -25.54
C LEU D 221 47.27 22.56 -26.08
N CYS D 222 46.37 22.09 -25.21
CA CYS D 222 45.22 21.25 -25.60
C CYS D 222 43.93 22.04 -25.88
N ALA D 223 44.02 23.15 -26.63
CA ALA D 223 42.84 23.85 -27.15
C ALA D 223 42.73 23.64 -28.67
N SER D 224 42.30 22.41 -29.04
CA SER D 224 41.87 21.95 -30.40
C SER D 224 42.77 20.84 -30.98
N GLY D 225 44.08 21.08 -31.04
CA GLY D 225 45.06 20.07 -31.46
C GLY D 225 45.02 19.74 -32.93
N ASP D 228 48.46 17.84 -31.29
CA ASP D 228 48.95 16.58 -30.70
C ASP D 228 49.88 16.86 -29.50
N PHE D 229 49.30 16.83 -28.32
CA PHE D 229 49.97 17.24 -27.08
C PHE D 229 51.02 16.23 -26.60
N TYR D 230 50.66 14.95 -26.54
CA TYR D 230 51.48 13.95 -25.84
C TYR D 230 52.76 13.51 -26.60
N ASN D 231 52.76 13.61 -27.93
CA ASN D 231 53.95 13.28 -28.73
C ASN D 231 54.84 14.50 -28.97
N CYS D 232 54.23 15.65 -29.29
CA CYS D 232 54.97 16.90 -29.51
C CYS D 232 54.91 17.82 -28.28
N LEU D 233 55.39 17.29 -27.16
CA LEU D 233 55.49 17.99 -25.86
C LEU D 233 56.93 18.20 -25.41
N GLU D 234 57.80 17.22 -25.70
CA GLU D 234 59.19 17.25 -25.30
C GLU D 234 59.91 18.37 -26.04
N SER D 235 59.57 18.53 -27.32
CA SER D 235 60.15 19.54 -28.19
C SER D 235 59.28 20.79 -28.29
N VAL D 236 59.02 21.42 -27.15
CA VAL D 236 58.37 22.74 -27.09
C VAL D 236 59.31 23.69 -26.34
N ASP D 237 59.22 24.97 -26.68
CA ASP D 237 59.99 26.02 -26.02
C ASP D 237 59.10 26.69 -24.98
N VAL D 238 59.24 26.29 -23.72
CA VAL D 238 58.34 26.73 -22.64
C VAL D 238 58.11 28.24 -22.57
N ASP D 239 59.14 29.04 -22.85
CA ASP D 239 59.05 30.50 -22.77
C ASP D 239 58.31 31.16 -23.94
N HIS D 240 58.44 30.62 -25.15
CA HIS D 240 57.66 31.14 -26.30
C HIS D 240 56.20 30.69 -26.27
N GLU D 241 55.97 29.44 -25.86
CA GLU D 241 54.60 28.89 -25.78
C GLU D 241 53.80 29.63 -24.72
N ALA D 242 54.41 29.83 -23.55
CA ALA D 242 53.84 30.67 -22.50
C ALA D 242 53.48 32.02 -23.08
N GLY D 243 54.48 32.66 -23.70
CA GLY D 243 54.32 33.95 -24.38
C GLY D 243 53.24 34.04 -25.44
N ARG D 244 53.03 32.97 -26.21
CA ARG D 244 51.97 32.97 -27.25
C ARG D 244 50.56 33.11 -26.68
N PHE D 245 50.28 32.46 -25.55
CA PHE D 245 48.92 32.46 -24.95
C PHE D 245 48.66 33.64 -24.00
N GLY D 246 49.42 34.73 -24.15
CA GLY D 246 49.53 35.77 -23.12
C GLY D 246 50.21 35.12 -21.93
N ILE D 247 49.74 35.43 -20.73
CA ILE D 247 49.78 34.48 -19.63
C ILE D 247 51.17 33.79 -19.45
N TYR D 248 52.21 34.63 -19.50
CA TYR D 248 53.61 34.23 -19.22
C TYR D 248 53.93 34.50 -17.75
N HIS D 249 53.51 35.66 -17.27
CA HIS D 249 53.53 36.01 -15.83
C HIS D 249 52.93 34.91 -14.94
N ARG D 250 51.85 34.29 -15.41
CA ARG D 250 51.24 33.15 -14.75
C ARG D 250 52.17 31.94 -14.76
N TYR D 251 52.76 31.66 -15.91
CA TYR D 251 53.72 30.55 -16.04
C TYR D 251 54.91 30.69 -15.07
N CYS D 252 55.40 31.91 -14.87
CA CYS D 252 56.58 32.14 -14.01
C CYS D 252 56.32 31.82 -12.54
N ILE D 253 55.11 32.07 -12.07
CA ILE D 253 54.73 31.73 -10.68
C ILE D 253 54.66 30.20 -10.47
N GLU D 254 54.19 29.47 -11.49
CA GLU D 254 54.13 28.00 -11.46
C GLU D 254 55.53 27.37 -11.49
N ARG D 255 56.40 27.93 -12.34
CA ARG D 255 57.79 27.49 -12.47
C ARG D 255 58.58 27.75 -11.19
N ALA D 256 58.47 28.97 -10.68
CA ALA D 256 59.11 29.35 -9.43
C ALA D 256 58.64 28.47 -8.28
N ALA D 257 57.32 28.34 -8.14
CA ALA D 257 56.71 27.47 -7.12
C ALA D 257 57.24 26.04 -7.17
N ALA D 258 57.30 25.46 -8.37
CA ALA D 258 57.80 24.10 -8.55
C ALA D 258 59.26 23.96 -8.16
N HIS D 259 60.09 24.94 -8.53
CA HIS D 259 61.53 24.90 -8.25
C HIS D 259 61.88 25.23 -6.80
N SER D 260 61.24 26.26 -6.26
CA SER D 260 61.51 26.73 -4.90
C SER D 260 61.28 25.67 -3.81
N ALA D 261 60.21 24.89 -3.97
CA ALA D 261 59.76 23.95 -2.94
C ALA D 261 60.75 22.81 -2.71
N ASP D 262 60.87 22.38 -1.46
CA ASP D 262 61.74 21.25 -1.10
C ASP D 262 61.28 19.97 -1.78
N VAL D 263 59.96 19.75 -1.80
CA VAL D 263 59.36 18.61 -2.48
C VAL D 263 58.39 19.14 -3.56
N PHE D 264 58.47 18.56 -4.75
CA PHE D 264 57.59 18.90 -5.86
C PHE D 264 56.85 17.65 -6.32
N THR D 265 55.53 17.77 -6.48
CA THR D 265 54.64 16.62 -6.74
C THR D 265 53.52 16.96 -7.73
N THR D 266 52.98 15.93 -8.35
CA THR D 266 51.75 16.05 -9.15
C THR D 266 50.75 15.00 -8.68
N VAL D 267 49.59 14.97 -9.31
CA VAL D 267 48.53 14.03 -8.93
C VAL D 267 48.56 12.70 -9.68
N SER D 268 49.26 12.64 -10.82
CA SER D 268 49.40 11.40 -11.59
C SER D 268 50.70 11.34 -12.38
N GLN D 269 51.02 10.14 -12.86
CA GLN D 269 52.24 9.93 -13.64
C GLN D 269 52.23 10.72 -14.94
N ILE D 270 51.12 10.72 -15.67
CA ILE D 270 51.02 11.48 -16.93
C ILE D 270 51.21 12.98 -16.73
N THR D 271 50.78 13.48 -15.58
CA THR D 271 51.00 14.88 -15.21
C THR D 271 52.42 15.09 -14.75
N ALA D 272 53.03 14.09 -14.13
CA ALA D 272 54.47 14.12 -13.83
C ALA D 272 55.34 14.21 -15.08
N PHE D 273 54.92 13.51 -16.14
CA PHE D 273 55.57 13.59 -17.45
C PHE D 273 55.51 15.01 -17.98
N GLU D 274 54.31 15.58 -18.01
CA GLU D 274 54.13 16.93 -18.55
C GLU D 274 54.77 17.98 -17.64
N ALA D 275 54.77 17.74 -16.33
CA ALA D 275 55.41 18.66 -15.37
C ALA D 275 56.93 18.65 -15.45
N GLU D 276 57.53 17.51 -15.80
CA GLU D 276 58.99 17.43 -15.98
C GLU D 276 59.44 18.34 -17.12
N HIS D 277 58.77 18.21 -18.27
CA HIS D 277 59.16 18.92 -19.48
C HIS D 277 58.64 20.34 -19.61
N LEU D 278 57.45 20.63 -19.05
CA LEU D 278 56.89 21.98 -19.10
C LEU D 278 57.26 22.87 -17.92
N LEU D 279 57.54 22.29 -16.76
CA LEU D 279 58.02 23.06 -15.60
C LEU D 279 59.50 22.79 -15.27
N LYS D 280 60.18 22.01 -16.11
CA LYS D 280 61.64 21.81 -16.02
C LYS D 280 62.12 21.29 -14.66
N ARG D 281 61.31 20.44 -14.05
CA ARG D 281 61.70 19.74 -12.83
C ARG D 281 60.91 18.44 -12.77
N LYS D 282 61.63 17.32 -12.72
CA LYS D 282 61.01 16.03 -12.49
C LYS D 282 60.40 16.03 -11.09
N PRO D 283 59.14 15.57 -10.96
CA PRO D 283 58.57 15.52 -9.61
C PRO D 283 59.21 14.45 -8.74
N ASP D 284 59.15 14.67 -7.43
CA ASP D 284 59.70 13.72 -6.45
C ASP D 284 58.72 12.60 -6.10
N GLY D 285 57.57 12.55 -6.78
CA GLY D 285 56.55 11.55 -6.52
C GLY D 285 55.15 12.04 -6.89
N ILE D 286 54.20 11.15 -6.69
CA ILE D 286 52.81 11.33 -7.09
C ILE D 286 51.96 11.40 -5.83
N LEU D 287 51.06 12.37 -5.77
CA LEU D 287 50.05 12.46 -4.72
C LEU D 287 48.66 12.27 -5.33
N PRO D 288 48.26 11.01 -5.56
CA PRO D 288 46.94 10.77 -6.14
C PRO D 288 45.80 11.28 -5.25
N ASN D 289 44.69 11.59 -5.90
CA ASN D 289 43.51 12.16 -5.25
C ASN D 289 42.61 11.01 -4.89
N GLY D 290 42.48 10.75 -3.59
CA GLY D 290 41.52 9.80 -3.08
C GLY D 290 40.13 10.37 -2.90
N LEU D 291 39.29 9.55 -2.27
CA LEU D 291 37.93 9.90 -1.91
C LEU D 291 37.64 9.42 -0.48
N ASN D 292 36.66 10.06 0.15
CA ASN D 292 36.17 9.65 1.45
C ASN D 292 35.08 8.60 1.21
N VAL D 293 35.48 7.33 1.15
CA VAL D 293 34.59 6.28 0.67
C VAL D 293 33.59 5.90 1.75
N ILE D 294 32.31 6.07 1.44
CA ILE D 294 31.25 5.68 2.34
C ILE D 294 31.08 4.15 2.23
N LYS D 295 31.35 3.46 3.34
CA LYS D 295 31.33 2.00 3.40
C LYS D 295 30.00 1.46 3.88
N PHE D 296 29.64 0.27 3.40
CA PHE D 296 28.42 -0.40 3.82
C PHE D 296 28.78 -1.55 4.75
N GLN D 297 27.93 -1.78 5.75
CA GLN D 297 28.16 -2.84 6.72
C GLN D 297 28.27 -4.19 6.00
N ALA D 298 27.38 -4.43 5.05
CA ALA D 298 27.44 -5.61 4.16
C ALA D 298 28.09 -5.24 2.82
N PHE D 299 29.09 -6.02 2.39
CA PHE D 299 29.81 -5.72 1.14
C PHE D 299 28.86 -5.69 -0.07
N HIS D 300 27.95 -6.66 -0.11
CA HIS D 300 26.95 -6.77 -1.18
C HIS D 300 25.84 -5.70 -1.23
N GLU D 301 25.82 -4.72 -0.32
CA GLU D 301 24.75 -3.71 -0.30
C GLU D 301 24.78 -2.80 -1.54
N PHE D 302 25.97 -2.38 -1.96
CA PHE D 302 26.12 -1.61 -3.21
C PHE D 302 25.38 -2.28 -4.36
N GLN D 303 25.37 -3.60 -4.33
CA GLN D 303 24.74 -4.39 -5.35
C GLN D 303 23.20 -4.32 -5.30
N ASN D 304 22.63 -4.24 -4.11
CA ASN D 304 21.21 -4.04 -3.99
C ASN D 304 20.86 -2.62 -4.45
N LEU D 305 21.69 -1.66 -4.06
CA LEU D 305 21.52 -0.28 -4.49
C LEU D 305 21.46 -0.16 -6.02
N HIS D 306 22.37 -0.87 -6.69
CA HIS D 306 22.37 -0.93 -8.14
C HIS D 306 21.01 -1.32 -8.71
N ALA D 307 20.36 -2.31 -8.12
CA ALA D 307 19.07 -2.77 -8.65
C ALA D 307 17.97 -1.74 -8.42
N LEU D 308 17.93 -1.16 -7.22
CA LEU D 308 16.91 -0.16 -6.92
C LEU D 308 17.04 1.05 -7.84
N LYS D 309 18.27 1.54 -8.05
CA LYS D 309 18.47 2.73 -8.87
C LYS D 309 18.28 2.46 -10.35
N LYS D 310 18.65 1.27 -10.81
CA LYS D 310 18.39 0.89 -12.19
C LYS D 310 16.88 0.90 -12.46
N GLU D 311 16.10 0.53 -11.46
CA GLU D 311 14.66 0.51 -11.63
C GLU D 311 14.09 1.95 -11.81
N LYS D 312 14.71 2.96 -11.20
CA LYS D 312 14.39 4.37 -11.49
C LYS D 312 14.75 4.83 -12.91
N ILE D 313 15.88 4.35 -13.43
CA ILE D 313 16.32 4.64 -14.79
C ILE D 313 15.32 3.99 -15.74
N ASN D 314 14.99 2.72 -15.47
CA ASN D 314 13.98 2.04 -16.27
C ASN D 314 12.69 2.84 -16.33
N ASP D 315 12.27 3.37 -15.20
CA ASP D 315 11.03 4.12 -15.19
C ASP D 315 11.16 5.35 -16.10
N PHE D 316 12.29 6.03 -16.05
CA PHE D 316 12.53 7.12 -16.98
C PHE D 316 12.50 6.63 -18.42
N VAL D 317 13.20 5.52 -18.70
CA VAL D 317 13.38 5.01 -20.06
C VAL D 317 12.05 4.59 -20.72
N ARG D 318 11.15 4.00 -19.95
CA ARG D 318 9.79 3.68 -20.44
C ARG D 318 9.05 4.95 -20.88
N GLY D 319 9.12 5.99 -20.06
CA GLY D 319 8.55 7.26 -20.44
C GLY D 319 9.14 7.82 -21.73
N HIS D 320 10.46 7.79 -21.81
CA HIS D 320 11.14 8.41 -22.90
C HIS D 320 10.83 7.68 -24.19
N PHE D 321 10.74 6.35 -24.12
CA PHE D 321 10.39 5.52 -25.28
C PHE D 321 8.92 5.13 -25.34
N HIS D 322 8.03 5.89 -24.71
CA HIS D 322 6.61 5.58 -24.83
C HIS D 322 6.31 5.46 -26.33
N GLY D 323 5.43 4.53 -26.65
CA GLY D 323 4.98 4.35 -28.03
C GLY D 323 6.02 3.73 -28.95
N CYS D 324 7.26 3.57 -28.49
CA CYS D 324 8.37 3.05 -29.29
C CYS D 324 9.20 2.10 -28.41
N PHE D 325 8.49 1.31 -27.61
CA PHE D 325 9.08 0.49 -26.56
C PHE D 325 9.08 -0.98 -27.01
N ASP D 326 10.11 -1.33 -27.77
CA ASP D 326 10.22 -2.65 -28.45
C ASP D 326 11.47 -3.45 -28.03
N PHE D 327 12.07 -3.11 -26.90
CA PHE D 327 13.22 -3.87 -26.36
C PHE D 327 12.93 -4.26 -24.93
N ASP D 328 13.71 -5.21 -24.42
CA ASP D 328 13.54 -5.72 -23.05
C ASP D 328 14.53 -5.03 -22.11
N LEU D 329 14.03 -4.37 -21.07
CA LEU D 329 14.91 -3.69 -20.11
C LEU D 329 15.73 -4.65 -19.28
N ASP D 330 15.23 -5.87 -19.14
CA ASP D 330 16.02 -6.93 -18.53
C ASP D 330 17.19 -7.39 -19.42
N ASN D 331 17.21 -6.97 -20.66
CA ASN D 331 18.33 -7.23 -21.54
C ASN D 331 18.85 -5.92 -22.16
N THR D 332 18.87 -4.87 -21.32
CA THR D 332 19.33 -3.56 -21.70
C THR D 332 20.46 -3.15 -20.75
N LEU D 333 21.44 -2.44 -21.30
CA LEU D 333 22.57 -1.93 -20.54
C LEU D 333 22.60 -0.41 -20.66
N TYR D 334 23.14 0.25 -19.64
CA TYR D 334 23.10 1.70 -19.51
C TYR D 334 24.54 2.16 -19.45
N PHE D 335 25.00 2.76 -20.54
CA PHE D 335 26.30 3.43 -20.57
C PHE D 335 26.06 4.90 -20.28
N PHE D 336 27.02 5.58 -19.68
CA PHE D 336 26.98 7.03 -19.59
C PHE D 336 28.37 7.65 -19.63
N ILE D 337 28.42 8.86 -20.20
CA ILE D 337 29.51 9.79 -20.01
C ILE D 337 28.95 10.93 -19.19
N ALA D 338 29.76 11.50 -18.30
CA ALA D 338 29.33 12.65 -17.50
C ALA D 338 30.48 13.54 -17.13
N GLY D 339 30.16 14.79 -16.86
CA GLY D 339 31.15 15.80 -16.53
C GLY D 339 30.84 17.17 -17.10
N ARG D 340 31.88 17.98 -17.09
CA ARG D 340 31.86 19.35 -17.59
C ARG D 340 31.84 19.26 -19.11
N TYR D 341 31.16 20.19 -19.75
CA TYR D 341 30.99 20.17 -21.23
C TYR D 341 32.29 20.57 -21.88
N GLU D 342 33.15 19.58 -22.12
CA GLU D 342 34.36 19.72 -22.93
C GLU D 342 34.37 18.65 -24.03
N TYR D 343 33.78 19.00 -25.17
CA TYR D 343 33.53 18.05 -26.24
C TYR D 343 34.75 17.20 -26.59
N LYS D 344 35.90 17.86 -26.76
CA LYS D 344 37.18 17.19 -27.05
C LYS D 344 37.84 16.56 -25.84
N ASN D 345 38.12 17.37 -24.83
CA ASN D 345 38.89 16.95 -23.67
C ASN D 345 38.32 15.78 -22.91
N LYS D 346 37.00 15.71 -22.81
CA LYS D 346 36.33 14.63 -22.07
C LYS D 346 35.99 13.44 -22.98
N GLY D 347 36.15 13.64 -24.28
CA GLY D 347 36.01 12.59 -25.26
C GLY D 347 34.57 12.24 -25.63
N ALA D 348 33.69 13.25 -25.63
CA ALA D 348 32.33 13.06 -26.07
C ALA D 348 32.30 12.73 -27.55
N ASP D 349 33.20 13.35 -28.31
CA ASP D 349 33.41 12.98 -29.72
C ASP D 349 33.78 11.49 -29.93
N MET D 350 34.74 10.97 -29.16
CA MET D 350 35.06 9.54 -29.28
C MET D 350 33.90 8.68 -28.83
N PHE D 351 33.26 9.09 -27.72
CA PHE D 351 32.13 8.38 -27.16
C PHE D 351 31.02 8.18 -28.17
N ILE D 352 30.59 9.26 -28.81
CA ILE D 352 29.49 9.21 -29.74
C ILE D 352 29.82 8.45 -31.02
N GLU D 353 31.05 8.66 -31.54
CA GLU D 353 31.55 7.95 -32.71
C GLU D 353 31.57 6.47 -32.40
N ALA D 354 32.17 6.13 -31.26
CA ALA D 354 32.33 4.72 -30.87
C ALA D 354 30.97 4.04 -30.69
N LEU D 355 29.99 4.79 -30.18
CA LEU D 355 28.67 4.23 -30.02
C LEU D 355 28.06 3.88 -31.38
N ALA D 356 28.26 4.78 -32.35
CA ALA D 356 27.73 4.58 -33.71
C ALA D 356 28.36 3.36 -34.33
N ARG D 357 29.65 3.18 -34.05
CA ARG D 357 30.37 2.00 -34.51
C ARG D 357 29.93 0.73 -33.77
N LEU D 358 29.67 0.85 -32.46
CA LEU D 358 29.11 -0.28 -31.69
C LEU D 358 27.74 -0.67 -32.19
N ASN D 359 26.92 0.33 -32.53
CA ASN D 359 25.58 0.08 -33.08
C ASN D 359 25.63 -0.81 -34.31
N TYR D 360 26.52 -0.46 -35.24
CA TYR D 360 26.74 -1.22 -36.47
C TYR D 360 27.12 -2.67 -36.13
N ARG D 361 28.17 -2.82 -35.32
CA ARG D 361 28.64 -4.14 -34.85
C ARG D 361 27.53 -5.03 -34.26
N LEU D 362 26.64 -4.44 -33.46
CA LEU D 362 25.58 -5.22 -32.79
C LEU D 362 24.50 -5.65 -33.77
N LYS D 363 24.13 -4.77 -34.70
CA LYS D 363 23.19 -5.13 -35.77
C LYS D 363 23.71 -6.23 -36.70
N VAL D 364 24.96 -6.07 -37.15
CA VAL D 364 25.66 -7.07 -37.94
C VAL D 364 25.68 -8.41 -37.18
N SER D 365 26.10 -8.38 -35.92
CA SER D 365 26.22 -9.59 -35.13
C SER D 365 24.89 -10.20 -34.61
N GLY D 366 23.75 -9.60 -34.97
CA GLY D 366 22.44 -10.14 -34.61
C GLY D 366 22.11 -10.11 -33.13
N SER D 367 22.84 -9.28 -32.38
CA SER D 367 22.68 -9.14 -30.93
C SER D 367 21.25 -8.79 -30.61
N LYS D 368 20.73 -9.38 -29.54
CA LYS D 368 19.41 -9.07 -29.03
C LYS D 368 19.50 -8.06 -27.88
N LYS D 369 20.71 -7.66 -27.49
CA LYS D 369 20.90 -6.72 -26.39
C LYS D 369 20.66 -5.30 -26.85
N THR D 370 20.50 -4.38 -25.90
CA THR D 370 20.30 -2.95 -26.21
C THR D 370 21.12 -2.09 -25.27
N VAL D 371 21.66 -1.00 -25.78
CA VAL D 371 22.45 -0.06 -24.99
C VAL D 371 21.74 1.30 -25.05
N VAL D 372 21.40 1.84 -23.88
CA VAL D 372 20.92 3.21 -23.80
C VAL D 372 22.07 3.97 -23.21
N ALA D 373 22.61 4.91 -24.00
CA ALA D 373 23.78 5.70 -23.62
C ALA D 373 23.32 7.08 -23.22
N PHE D 374 23.67 7.50 -22.01
CA PHE D 374 23.36 8.85 -21.50
C PHE D 374 24.56 9.78 -21.63
N ILE D 375 24.33 11.01 -22.04
CA ILE D 375 25.33 12.07 -21.95
C ILE D 375 24.79 13.13 -20.97
N VAL D 376 25.52 13.31 -19.86
CA VAL D 376 25.14 14.24 -18.81
C VAL D 376 26.21 15.30 -18.76
N MET D 377 26.05 16.32 -19.59
CA MET D 377 26.94 17.47 -19.62
C MET D 377 26.08 18.74 -19.64
N PRO D 378 26.28 19.64 -18.68
CA PRO D 378 25.45 20.86 -18.67
C PRO D 378 25.68 21.73 -19.91
N ALA D 379 24.59 22.03 -20.61
CA ALA D 379 24.59 23.00 -21.69
C ALA D 379 23.47 24.04 -21.44
N LYS D 380 23.48 25.10 -22.23
CA LYS D 380 22.55 26.18 -22.08
C LYS D 380 21.18 25.76 -22.57
N ASN D 381 20.20 25.77 -21.67
CA ASN D 381 18.89 25.24 -21.99
C ASN D 381 17.74 25.99 -21.33
N ASN D 382 16.55 25.78 -21.87
CA ASN D 382 15.29 26.31 -21.32
C ASN D 382 14.46 25.20 -20.68
N SER D 383 15.15 24.36 -19.92
CA SER D 383 14.54 23.28 -19.17
C SER D 383 13.95 22.17 -20.05
N PHE D 384 13.24 21.26 -19.39
CA PHE D 384 12.71 20.05 -20.00
C PHE D 384 11.73 20.37 -21.07
N THR D 385 11.60 19.48 -22.04
CA THR D 385 10.62 19.65 -23.10
C THR D 385 9.26 19.25 -22.59
N VAL D 386 8.24 19.75 -23.26
CA VAL D 386 6.89 19.30 -23.03
C VAL D 386 6.80 17.80 -23.22
N GLU D 387 7.44 17.27 -24.26
CA GLU D 387 7.40 15.83 -24.57
C GLU D 387 7.91 14.96 -23.41
N ALA D 388 9.03 15.37 -22.83
CA ALA D 388 9.63 14.64 -21.75
C ALA D 388 8.67 14.52 -20.59
N LEU D 389 8.10 15.64 -20.18
CA LEU D 389 7.24 15.68 -19.01
C LEU D 389 5.96 14.86 -19.23
N LYS D 390 5.44 15.01 -20.44
CA LYS D 390 4.16 14.45 -20.86
C LYS D 390 4.22 12.94 -20.99
N GLY D 391 5.34 12.45 -21.51
CA GLY D 391 5.59 11.03 -21.55
C GLY D 391 5.74 10.45 -20.15
N GLN D 392 6.49 11.11 -19.28
CA GLN D 392 6.54 10.68 -17.86
C GLN D 392 5.14 10.66 -17.20
N ALA D 393 4.28 11.63 -17.51
CA ALA D 393 2.94 11.66 -16.91
C ALA D 393 2.04 10.56 -17.44
N GLU D 394 2.11 10.31 -18.74
CA GLU D 394 1.29 9.26 -19.35
C GLU D 394 1.61 7.88 -18.81
N VAL D 395 2.89 7.57 -18.65
CA VAL D 395 3.31 6.28 -18.07
C VAL D 395 2.78 6.18 -16.63
N ARG D 396 2.85 7.28 -15.91
CA ARG D 396 2.39 7.33 -14.52
C ARG D 396 0.87 7.07 -14.44
N ALA D 397 0.12 7.62 -15.38
CA ALA D 397 -1.31 7.39 -15.49
C ALA D 397 -1.62 5.93 -15.84
N LEU D 398 -0.83 5.33 -16.74
CA LEU D 398 -0.98 3.90 -17.00
C LEU D 398 -0.75 3.07 -15.74
N GLU D 399 0.33 3.35 -15.01
CA GLU D 399 0.62 2.67 -13.72
C GLU D 399 -0.60 2.71 -12.78
N ASN D 400 -1.18 3.89 -12.57
CA ASN D 400 -2.30 4.01 -11.62
C ASN D 400 -3.54 3.28 -12.11
N THR D 401 -3.84 3.38 -13.40
CA THR D 401 -4.96 2.64 -13.95
C THR D 401 -4.74 1.13 -13.82
N VAL D 402 -3.51 0.66 -14.03
CA VAL D 402 -3.17 -0.74 -13.83
C VAL D 402 -3.41 -1.11 -12.37
N HIS D 403 -2.91 -0.29 -11.45
CA HIS D 403 -3.11 -0.55 -10.01
C HIS D 403 -4.57 -0.65 -9.59
N GLU D 404 -5.44 0.18 -10.19
CA GLU D 404 -6.89 0.05 -9.98
C GLU D 404 -7.39 -1.29 -10.46
N VAL D 405 -7.00 -1.66 -11.68
CA VAL D 405 -7.50 -2.86 -12.30
C VAL D 405 -7.10 -4.12 -11.51
N THR D 406 -5.87 -4.14 -10.97
CA THR D 406 -5.41 -5.30 -10.22
C THR D 406 -6.06 -5.39 -8.84
N THR D 407 -6.42 -4.26 -8.25
CA THR D 407 -7.20 -4.26 -7.01
C THR D 407 -8.54 -4.97 -7.28
N SER D 408 -9.13 -4.74 -8.44
CA SER D 408 -10.37 -5.43 -8.81
C SER D 408 -10.16 -6.91 -9.11
N ILE D 409 -9.14 -7.23 -9.88
CA ILE D 409 -8.78 -8.61 -10.15
C ILE D 409 -8.59 -9.34 -8.81
N GLY D 410 -7.91 -8.68 -7.87
CA GLY D 410 -7.68 -9.20 -6.53
C GLY D 410 -8.93 -9.58 -5.80
N LYS D 411 -9.93 -8.71 -5.81
CA LYS D 411 -11.22 -9.00 -5.19
C LYS D 411 -11.97 -10.17 -5.82
N ARG D 412 -11.78 -10.34 -7.12
CA ARG D 412 -12.41 -11.44 -7.84
C ARG D 412 -11.68 -12.77 -7.65
N ILE D 413 -10.34 -12.74 -7.65
CA ILE D 413 -9.53 -13.93 -7.28
C ILE D 413 -9.85 -14.35 -5.86
N PHE D 414 -9.81 -13.40 -4.93
CA PHE D 414 -10.15 -13.69 -3.54
C PHE D 414 -11.51 -14.35 -3.35
N ASP D 415 -12.52 -13.82 -4.02
CA ASP D 415 -13.86 -14.36 -3.92
C ASP D 415 -13.93 -15.80 -4.42
N HIS D 416 -13.36 -16.06 -5.58
CA HIS D 416 -13.29 -17.41 -6.10
C HIS D 416 -12.64 -18.35 -5.08
N ALA D 417 -11.43 -17.98 -4.63
CA ALA D 417 -10.66 -18.76 -3.66
C ALA D 417 -11.40 -19.11 -2.35
N ILE D 418 -12.07 -18.14 -1.76
CA ILE D 418 -12.76 -18.30 -0.47
C ILE D 418 -14.07 -19.07 -0.63
N ARG D 419 -14.59 -19.13 -1.86
CA ARG D 419 -15.91 -19.70 -2.18
C ARG D 419 -15.81 -21.15 -2.67
N TYR D 420 -14.66 -21.51 -3.22
CA TYR D 420 -14.43 -22.86 -3.73
C TYR D 420 -14.65 -23.87 -2.60
N PRO D 421 -15.35 -24.98 -2.84
CA PRO D 421 -15.89 -25.41 -4.14
C PRO D 421 -17.41 -25.20 -4.33
N HIS D 422 -17.97 -24.17 -3.70
CA HIS D 422 -19.44 -23.95 -3.72
C HIS D 422 -19.90 -23.14 -4.97
N ASN D 423 -21.22 -23.03 -5.15
CA ASN D 423 -21.86 -22.25 -6.24
C ASN D 423 -21.28 -22.52 -7.62
N GLY D 424 -21.14 -23.80 -7.95
CA GLY D 424 -20.66 -24.22 -9.26
C GLY D 424 -19.19 -24.01 -9.56
N LEU D 425 -18.39 -23.56 -8.58
CA LEU D 425 -16.96 -23.34 -8.81
C LEU D 425 -16.23 -24.68 -8.78
N THR D 426 -15.99 -25.21 -9.98
CA THR D 426 -15.38 -26.52 -10.18
C THR D 426 -13.85 -26.51 -10.12
N THR D 427 -13.23 -25.33 -10.32
CA THR D 427 -11.75 -25.19 -10.28
C THR D 427 -11.33 -24.31 -9.10
N GLU D 428 -10.21 -24.64 -8.46
CA GLU D 428 -9.71 -23.93 -7.27
C GLU D 428 -9.46 -22.44 -7.53
N LEU D 429 -9.00 -22.15 -8.75
CA LEU D 429 -8.70 -20.80 -9.18
C LEU D 429 -9.48 -20.42 -10.42
N PRO D 430 -9.55 -19.12 -10.74
CA PRO D 430 -10.10 -18.72 -12.03
C PRO D 430 -9.23 -19.27 -13.17
N THR D 431 -9.89 -19.68 -14.25
CA THR D 431 -9.20 -20.22 -15.44
C THR D 431 -9.35 -19.31 -16.66
N ASP D 432 -10.44 -18.56 -16.71
CA ASP D 432 -10.74 -17.66 -17.82
C ASP D 432 -10.54 -16.21 -17.37
N LEU D 433 -9.73 -15.45 -18.14
CA LEU D 433 -9.43 -14.04 -17.83
C LEU D 433 -10.68 -13.14 -17.77
N GLY D 434 -11.73 -13.51 -18.52
CA GLY D 434 -13.03 -12.83 -18.47
C GLY D 434 -13.70 -12.84 -17.11
N GLU D 435 -13.40 -13.84 -16.29
CA GLU D 435 -13.85 -13.83 -14.89
C GLU D 435 -13.24 -12.67 -14.10
N LEU D 436 -11.99 -12.31 -14.43
CA LEU D 436 -11.21 -11.31 -13.67
C LEU D 436 -11.18 -9.91 -14.26
N LEU D 437 -11.10 -9.82 -15.60
CA LEU D 437 -10.98 -8.56 -16.30
C LEU D 437 -12.31 -8.27 -16.99
N LYS D 438 -12.97 -7.18 -16.60
CA LYS D 438 -14.27 -6.79 -17.16
C LYS D 438 -14.13 -5.73 -18.25
N SER D 439 -15.24 -5.44 -18.93
CA SER D 439 -15.31 -4.42 -19.98
C SER D 439 -14.77 -3.11 -19.48
N SER D 440 -15.27 -2.68 -18.35
CA SER D 440 -14.92 -1.40 -17.76
C SER D 440 -13.42 -1.24 -17.56
N ASP D 441 -12.79 -2.32 -17.12
CA ASP D 441 -11.34 -2.38 -16.91
C ASP D 441 -10.58 -2.25 -18.23
N LYS D 442 -11.08 -2.96 -19.24
CA LYS D 442 -10.50 -2.95 -20.57
C LYS D 442 -10.53 -1.55 -21.22
N VAL D 443 -11.67 -0.87 -21.12
CA VAL D 443 -11.86 0.45 -21.73
C VAL D 443 -10.79 1.43 -21.25
N MET D 444 -10.60 1.55 -19.93
CA MET D 444 -9.67 2.54 -19.39
C MET D 444 -8.20 2.17 -19.57
N LEU D 445 -7.85 0.90 -19.52
CA LEU D 445 -6.51 0.48 -19.91
C LEU D 445 -6.21 0.81 -21.38
N LYS D 446 -7.18 0.61 -22.26
CA LYS D 446 -7.02 0.94 -23.67
C LYS D 446 -6.82 2.43 -23.92
N ARG D 447 -7.54 3.26 -23.17
CA ARG D 447 -7.39 4.71 -23.25
C ARG D 447 -6.00 5.16 -22.81
N ARG D 448 -5.50 4.54 -21.75
CA ARG D 448 -4.12 4.80 -21.30
C ARG D 448 -3.08 4.41 -22.35
N ILE D 449 -3.30 3.28 -23.02
CA ILE D 449 -2.44 2.86 -24.12
C ILE D 449 -2.51 3.87 -25.29
N LEU D 450 -3.70 4.35 -25.63
CA LEU D 450 -3.86 5.34 -26.69
C LEU D 450 -3.11 6.63 -26.39
N ALA D 451 -3.09 7.06 -25.14
CA ALA D 451 -2.37 8.26 -24.77
C ALA D 451 -0.86 8.10 -24.96
N LEU D 452 -0.33 6.89 -24.77
CA LEU D 452 1.09 6.61 -24.97
C LEU D 452 1.50 6.50 -26.43
N ARG D 453 0.53 6.36 -27.32
CA ARG D 453 0.78 6.22 -28.75
C ARG D 453 1.39 7.49 -29.29
N ARG D 454 2.36 7.36 -30.16
CA ARG D 454 2.93 8.58 -30.70
C ARG D 454 2.75 8.64 -32.22
N PRO D 455 2.72 9.89 -32.76
CA PRO D 455 2.44 10.11 -34.17
C PRO D 455 3.23 9.22 -35.12
N GLU D 456 2.64 8.91 -36.27
CA GLU D 456 3.28 8.02 -37.25
C GLU D 456 4.66 8.58 -37.61
N GLY D 457 5.68 7.73 -37.48
CA GLY D 457 7.05 8.10 -37.83
C GLY D 457 7.84 8.96 -36.86
N GLN D 458 7.26 9.34 -35.73
CA GLN D 458 8.00 10.05 -34.70
C GLN D 458 8.85 9.07 -33.90
N LEU D 459 10.09 9.47 -33.62
CA LEU D 459 11.05 8.61 -32.92
C LEU D 459 11.33 9.19 -31.55
N PRO D 460 11.82 8.35 -30.63
CA PRO D 460 12.25 8.92 -29.37
C PRO D 460 13.31 10.01 -29.57
N PRO D 461 13.12 11.18 -28.95
CA PRO D 461 14.14 12.21 -29.04
C PRO D 461 15.55 11.74 -28.60
N ILE D 462 16.54 12.52 -28.98
CA ILE D 462 17.93 12.33 -28.56
C ILE D 462 18.35 13.34 -27.48
N VAL D 463 17.41 14.13 -26.97
CA VAL D 463 17.69 15.14 -25.96
C VAL D 463 16.42 15.40 -25.18
N THR D 464 16.55 15.60 -23.87
CA THR D 464 15.43 15.72 -22.92
C THR D 464 14.94 17.18 -22.68
N HIS D 465 15.79 18.16 -23.05
CA HIS D 465 15.55 19.58 -22.81
C HIS D 465 15.33 20.35 -24.12
N ASN D 466 14.81 21.57 -24.01
CA ASN D 466 14.90 22.53 -25.10
C ASN D 466 16.20 23.26 -24.95
N MET D 467 16.98 23.25 -26.03
CA MET D 467 18.31 23.82 -26.03
C MET D 467 18.17 25.28 -26.46
N VAL D 468 19.01 26.14 -25.90
CA VAL D 468 19.12 27.53 -26.31
C VAL D 468 19.62 27.58 -27.78
N ASP D 469 20.75 26.93 -28.06
CA ASP D 469 21.25 26.87 -29.43
C ASP D 469 21.49 25.42 -29.91
N ASP D 470 20.36 24.76 -30.15
CA ASP D 470 20.33 23.39 -30.70
C ASP D 470 21.22 23.21 -31.94
N ALA D 471 21.12 24.13 -32.91
CA ALA D 471 21.78 23.94 -34.20
C ALA D 471 23.29 23.94 -34.12
N ASN D 472 23.83 24.71 -33.17
CA ASN D 472 25.26 24.84 -32.95
C ASN D 472 25.82 24.02 -31.80
N ASP D 473 25.02 23.18 -31.16
CA ASP D 473 25.54 22.39 -30.05
C ASP D 473 26.45 21.28 -30.59
N LEU D 474 27.61 21.11 -29.99
CA LEU D 474 28.58 20.14 -30.51
C LEU D 474 28.12 18.70 -30.36
N ILE D 475 27.61 18.36 -29.18
CA ILE D 475 27.07 17.02 -28.90
C ILE D 475 25.98 16.68 -29.92
N LEU D 476 25.00 17.56 -30.04
CA LEU D 476 23.89 17.30 -30.95
C LEU D 476 24.29 17.28 -32.42
N ASN D 477 25.26 18.10 -32.81
CA ASN D 477 25.78 18.01 -34.18
C ASN D 477 26.46 16.65 -34.46
N LYS D 478 27.19 16.15 -33.48
CA LYS D 478 27.88 14.89 -33.64
C LYS D 478 26.90 13.72 -33.70
N ILE D 479 25.88 13.71 -32.81
CA ILE D 479 24.85 12.66 -32.83
C ILE D 479 24.06 12.69 -34.14
N ARG D 480 23.77 13.87 -34.69
CA ARG D 480 23.12 13.98 -36.02
C ARG D 480 24.00 13.45 -37.16
N GLN D 481 25.27 13.79 -37.08
CA GLN D 481 26.24 13.47 -38.08
C GLN D 481 26.35 11.93 -38.15
N VAL D 482 26.50 11.26 -37.00
CA VAL D 482 26.55 9.77 -36.98
C VAL D 482 25.19 9.08 -37.10
N GLN D 483 24.13 9.88 -37.09
CA GLN D 483 22.75 9.42 -37.33
C GLN D 483 22.18 8.43 -36.29
N LEU D 484 22.49 8.65 -35.01
CA LEU D 484 21.87 7.88 -33.95
C LEU D 484 20.54 8.55 -33.51
N PHE D 485 19.45 8.18 -34.18
CA PHE D 485 18.12 8.76 -33.92
C PHE D 485 17.14 7.82 -33.24
N ASN D 486 17.62 6.88 -32.43
CA ASN D 486 16.75 6.02 -31.64
C ASN D 486 15.67 5.35 -32.46
N SER D 487 16.02 4.94 -33.67
CA SER D 487 15.09 4.15 -34.46
C SER D 487 15.00 2.73 -33.87
N PRO D 488 13.87 2.05 -34.09
CA PRO D 488 13.71 0.69 -33.59
C PRO D 488 14.86 -0.30 -33.97
N SER D 489 15.40 -0.20 -35.18
CA SER D 489 16.51 -1.07 -35.58
C SER D 489 17.85 -0.72 -34.96
N ASP D 490 17.98 0.44 -34.34
CA ASP D 490 19.21 0.76 -33.62
C ASP D 490 19.30 0.02 -32.32
N ARG D 491 20.43 -0.64 -32.11
CA ARG D 491 20.70 -1.33 -30.84
C ARG D 491 21.31 -0.40 -29.80
N VAL D 492 21.80 0.77 -30.23
CA VAL D 492 22.33 1.76 -29.32
C VAL D 492 21.43 2.96 -29.41
N LYS D 493 20.99 3.46 -28.24
CA LYS D 493 20.10 4.61 -28.14
C LYS D 493 20.84 5.77 -27.48
N MET D 494 20.59 6.98 -27.97
CA MET D 494 21.24 8.17 -27.45
C MET D 494 20.24 9.00 -26.67
N ILE D 495 20.63 9.36 -25.45
CA ILE D 495 19.93 10.33 -24.66
C ILE D 495 20.88 11.40 -24.10
N PHE D 496 20.73 12.62 -24.60
CA PHE D 496 21.51 13.75 -24.13
C PHE D 496 20.68 14.46 -23.09
N HIS D 497 21.23 14.60 -21.88
CA HIS D 497 20.53 15.26 -20.78
C HIS D 497 21.39 16.44 -20.37
N PRO D 498 21.17 17.60 -21.00
CA PRO D 498 22.13 18.68 -20.88
C PRO D 498 22.10 19.44 -19.55
N GLU D 499 22.24 18.71 -18.45
CA GLU D 499 22.13 19.28 -17.13
C GLU D 499 22.59 18.31 -16.05
N PHE D 500 23.16 18.82 -14.96
CA PHE D 500 23.56 17.97 -13.86
C PHE D 500 22.34 17.26 -13.26
N LEU D 501 22.52 16.01 -12.85
CA LEU D 501 21.44 15.24 -12.28
C LEU D 501 21.16 15.70 -10.87
N ASN D 502 19.92 15.53 -10.45
CA ASN D 502 19.46 16.02 -9.18
C ASN D 502 18.13 15.30 -8.92
N ALA D 503 17.92 14.87 -7.68
CA ALA D 503 16.68 14.19 -7.27
C ALA D 503 15.41 15.06 -7.35
N ASN D 504 15.56 16.39 -7.44
CA ASN D 504 14.45 17.28 -7.75
C ASN D 504 14.02 17.25 -9.20
N ASN D 505 14.79 16.68 -10.11
CA ASN D 505 14.28 16.52 -11.46
C ASN D 505 12.91 15.85 -11.52
N PRO D 506 12.03 16.39 -12.39
CA PRO D 506 10.74 15.78 -12.69
C PRO D 506 10.75 14.55 -13.59
N ILE D 507 11.81 14.28 -14.35
CA ILE D 507 11.80 13.08 -15.22
C ILE D 507 12.74 11.93 -14.82
N LEU D 508 13.92 12.27 -14.31
CA LEU D 508 14.87 11.28 -13.84
C LEU D 508 15.24 11.78 -12.45
N GLY D 509 14.43 11.37 -11.47
CA GLY D 509 14.50 11.90 -10.11
C GLY D 509 15.61 11.28 -9.28
N LEU D 510 16.86 11.41 -9.74
CA LEU D 510 18.02 10.79 -9.10
C LEU D 510 19.17 11.78 -8.91
N ASP D 511 19.80 11.75 -7.74
CA ASP D 511 21.09 12.42 -7.58
C ASP D 511 22.12 11.69 -8.44
N TYR D 512 23.19 12.39 -8.80
CA TYR D 512 24.23 11.85 -9.69
C TYR D 512 24.78 10.49 -9.22
N ASP D 513 25.14 10.41 -7.94
CA ASP D 513 25.68 9.17 -7.36
C ASP D 513 24.69 8.02 -7.48
N GLU D 514 23.39 8.30 -7.36
CA GLU D 514 22.36 7.23 -7.50
C GLU D 514 22.23 6.75 -8.94
N PHE D 515 22.22 7.68 -9.88
CA PHE D 515 22.23 7.34 -11.30
C PHE D 515 23.41 6.47 -11.69
N VAL D 516 24.62 6.82 -11.20
CA VAL D 516 25.81 6.05 -11.54
C VAL D 516 25.58 4.61 -11.07
N ARG D 517 25.22 4.45 -9.80
CA ARG D 517 24.97 3.11 -9.25
C ARG D 517 24.11 2.22 -10.13
N GLY D 518 23.02 2.77 -10.64
CA GLY D 518 22.06 2.01 -11.45
C GLY D 518 22.51 1.73 -12.87
N CYS D 519 23.54 2.44 -13.34
CA CYS D 519 24.10 2.17 -14.65
C CYS D 519 24.96 0.91 -14.66
N HIS D 520 25.37 0.50 -15.85
CA HIS D 520 26.27 -0.64 -16.01
C HIS D 520 27.71 -0.28 -16.34
N LEU D 521 27.94 0.79 -17.11
CA LEU D 521 29.30 1.14 -17.57
C LEU D 521 29.50 2.65 -17.68
N GLY D 522 30.54 3.16 -17.02
CA GLY D 522 30.94 4.55 -17.21
C GLY D 522 31.95 4.59 -18.34
N VAL D 523 31.88 5.63 -19.17
CA VAL D 523 32.72 5.71 -20.37
C VAL D 523 33.25 7.12 -20.45
N PHE D 524 34.54 7.28 -20.17
CA PHE D 524 35.17 8.59 -19.99
C PHE D 524 36.46 8.65 -20.80
N PRO D 525 36.32 8.77 -22.15
CA PRO D 525 37.49 8.67 -23.01
C PRO D 525 38.31 9.96 -23.12
N SER D 526 38.78 10.45 -21.97
CA SER D 526 39.34 11.79 -21.84
C SER D 526 40.70 11.95 -22.57
N TYR D 527 40.97 13.18 -22.99
CA TYR D 527 42.22 13.57 -23.66
C TYR D 527 43.12 14.32 -22.70
N TYR D 528 42.59 15.36 -22.07
CA TYR D 528 43.30 16.07 -21.02
C TYR D 528 42.50 15.92 -19.72
N GLU D 529 43.14 15.37 -18.70
CA GLU D 529 42.45 15.01 -17.46
C GLU D 529 43.56 14.62 -16.47
N PRO D 530 44.16 15.62 -15.79
CA PRO D 530 45.26 15.32 -14.88
C PRO D 530 44.92 14.37 -13.76
N TRP D 531 43.67 14.40 -13.27
CA TRP D 531 43.16 13.31 -12.41
C TRP D 531 42.00 12.51 -13.00
N GLY D 532 40.80 13.04 -13.00
CA GLY D 532 39.67 12.22 -13.42
C GLY D 532 38.95 11.62 -12.22
N TYR D 533 38.13 12.48 -11.62
CA TYR D 533 37.38 12.16 -10.45
C TYR D 533 36.21 11.27 -10.85
N THR D 534 35.73 11.43 -12.09
CA THR D 534 34.53 10.72 -12.54
C THR D 534 34.76 9.20 -12.67
N PRO D 535 35.85 8.74 -13.34
CA PRO D 535 36.05 7.28 -13.26
C PRO D 535 36.38 6.75 -11.86
N ALA D 536 37.09 7.54 -11.05
CA ALA D 536 37.35 7.18 -9.66
C ALA D 536 36.08 7.02 -8.84
N GLU D 537 35.17 7.99 -8.94
CA GLU D 537 33.87 7.88 -8.25
C GLU D 537 33.12 6.66 -8.74
N CYS D 538 33.04 6.54 -10.06
CA CYS D 538 32.34 5.45 -10.71
C CYS D 538 32.85 4.09 -10.20
N THR D 539 34.15 3.98 -10.02
CA THR D 539 34.76 2.77 -9.46
C THR D 539 34.32 2.55 -8.02
N VAL D 540 34.29 3.62 -7.25
CA VAL D 540 33.83 3.57 -5.83
C VAL D 540 32.36 3.12 -5.67
N MET D 541 31.52 3.44 -6.65
CA MET D 541 30.11 2.98 -6.71
C MET D 541 29.95 1.55 -7.23
N GLY D 542 31.06 0.85 -7.47
CA GLY D 542 31.02 -0.52 -8.00
C GLY D 542 30.71 -0.62 -9.49
N VAL D 543 30.91 0.46 -10.22
CA VAL D 543 30.55 0.47 -11.62
C VAL D 543 31.83 0.44 -12.47
N PRO D 544 31.96 -0.57 -13.35
CA PRO D 544 33.14 -0.62 -14.21
C PRO D 544 33.15 0.54 -15.17
N SER D 545 34.33 0.93 -15.64
CA SER D 545 34.46 2.13 -16.47
C SER D 545 35.62 2.09 -17.45
N ILE D 546 35.42 2.77 -18.57
CA ILE D 546 36.43 2.95 -19.59
C ILE D 546 37.08 4.31 -19.37
N THR D 547 38.41 4.32 -19.32
CA THR D 547 39.19 5.55 -19.08
C THR D 547 40.30 5.56 -20.10
N THR D 548 41.27 6.48 -19.98
CA THR D 548 42.41 6.51 -20.90
C THR D 548 43.77 6.58 -20.23
N ASN D 549 44.80 6.18 -20.97
CA ASN D 549 46.18 6.21 -20.45
C ASN D 549 46.77 7.63 -20.40
N VAL D 550 46.07 8.60 -20.97
CA VAL D 550 46.39 10.04 -20.80
C VAL D 550 45.57 10.73 -19.69
N SER D 551 44.71 9.98 -19.01
CA SER D 551 43.95 10.45 -17.87
C SER D 551 44.72 10.05 -16.62
N GLY D 552 44.83 10.99 -15.68
CA GLY D 552 45.52 10.73 -14.42
C GLY D 552 45.06 9.49 -13.67
N PHE D 553 43.76 9.23 -13.71
CA PHE D 553 43.18 8.04 -13.10
C PHE D 553 43.63 6.79 -13.87
N GLY D 554 43.59 6.85 -15.20
CA GLY D 554 44.00 5.70 -16.00
C GLY D 554 45.49 5.42 -15.93
N SER D 555 46.30 6.48 -15.88
CA SER D 555 47.74 6.35 -15.73
C SER D 555 48.09 5.69 -14.39
N TYR D 556 47.32 6.02 -13.36
CA TYR D 556 47.49 5.45 -12.03
C TYR D 556 47.07 3.98 -11.94
N MET D 557 45.94 3.61 -12.56
CA MET D 557 45.49 2.21 -12.56
C MET D 557 46.32 1.31 -13.49
N GLU D 558 46.91 1.90 -14.52
CA GLU D 558 47.75 1.19 -15.49
C GLU D 558 49.10 0.77 -14.88
N ASP D 559 49.61 1.57 -13.94
CA ASP D 559 50.83 1.27 -13.17
C ASP D 559 50.55 0.41 -11.93
N LEU D 560 49.29 0.17 -11.60
CA LEU D 560 48.90 -0.60 -10.42
C LEU D 560 48.35 -1.99 -10.74
N ILE D 561 47.99 -2.24 -12.00
CA ILE D 561 47.44 -3.53 -12.42
C ILE D 561 47.93 -3.80 -13.83
N GLU D 562 48.39 -5.02 -14.09
CA GLU D 562 48.72 -5.46 -15.46
C GLU D 562 47.48 -5.26 -16.34
N THR D 563 47.64 -4.60 -17.49
CA THR D 563 46.52 -3.91 -18.19
C THR D 563 45.40 -4.82 -18.74
N ASN D 564 45.69 -6.10 -18.96
CA ASN D 564 44.68 -7.10 -19.37
C ASN D 564 43.87 -7.65 -18.17
N GLN D 565 44.53 -7.85 -17.03
CA GLN D 565 43.83 -8.22 -15.78
C GLN D 565 42.90 -7.09 -15.26
N ALA D 566 43.24 -5.83 -15.56
CA ALA D 566 42.41 -4.67 -15.19
C ALA D 566 40.97 -4.73 -15.69
N LYS D 567 40.77 -5.33 -16.86
CA LYS D 567 39.43 -5.53 -17.42
C LYS D 567 38.53 -6.47 -16.58
N ASP D 568 39.11 -7.41 -15.84
CA ASP D 568 38.33 -8.27 -14.93
C ASP D 568 37.93 -7.52 -13.68
N TYR D 569 38.72 -6.51 -13.30
CA TYR D 569 38.34 -5.56 -12.25
C TYR D 569 37.43 -4.40 -12.75
N GLY D 570 37.05 -4.40 -14.03
CA GLY D 570 36.18 -3.38 -14.59
C GLY D 570 36.83 -2.05 -14.97
N ILE D 571 38.15 -2.01 -14.96
CA ILE D 571 38.91 -0.85 -15.41
C ILE D 571 39.39 -1.14 -16.85
N TYR D 572 38.72 -0.54 -17.83
CA TYR D 572 39.15 -0.62 -19.22
C TYR D 572 39.95 0.67 -19.51
N ILE D 573 41.13 0.54 -20.11
CA ILE D 573 42.01 1.69 -20.34
C ILE D 573 42.33 1.77 -21.82
N VAL D 574 41.89 2.86 -22.44
CA VAL D 574 42.05 3.09 -23.88
C VAL D 574 43.37 3.85 -24.09
N ASP D 575 44.07 3.47 -25.15
CA ASP D 575 45.33 4.08 -25.53
C ASP D 575 45.10 5.33 -26.39
N ARG D 576 45.35 6.50 -25.82
CA ARG D 576 45.33 7.74 -26.60
C ARG D 576 46.71 8.41 -26.76
N ARG D 577 47.76 7.66 -26.41
CA ARG D 577 49.13 8.16 -26.40
C ARG D 577 49.97 7.60 -27.57
N PHE D 578 49.94 6.28 -27.74
CA PHE D 578 50.75 5.55 -28.72
C PHE D 578 49.90 4.90 -29.82
N LYS D 579 48.78 5.52 -30.15
CA LYS D 579 47.86 5.00 -31.15
C LYS D 579 47.25 6.14 -31.92
N ALA D 580 46.95 5.90 -33.20
CA ALA D 580 46.26 6.89 -34.03
C ALA D 580 44.84 7.08 -33.51
N PRO D 581 44.24 8.26 -33.73
CA PRO D 581 42.90 8.48 -33.15
C PRO D 581 41.83 7.47 -33.61
N ASP D 582 41.90 7.00 -34.85
CA ASP D 582 40.94 6.01 -35.33
C ASP D 582 41.19 4.63 -34.70
N GLU D 583 42.45 4.35 -34.35
CA GLU D 583 42.78 3.12 -33.64
C GLU D 583 42.25 3.14 -32.20
N SER D 584 42.38 4.30 -31.53
CA SER D 584 41.75 4.56 -30.22
C SER D 584 40.23 4.33 -30.17
N VAL D 585 39.54 4.73 -31.24
CA VAL D 585 38.09 4.63 -31.32
C VAL D 585 37.71 3.18 -31.39
N GLU D 586 38.38 2.46 -32.29
CA GLU D 586 38.18 1.04 -32.45
C GLU D 586 38.39 0.28 -31.14
N GLN D 587 39.43 0.69 -30.38
CA GLN D 587 39.70 0.07 -29.08
C GLN D 587 38.54 0.31 -28.10
N LEU D 588 38.03 1.54 -28.11
CA LEU D 588 36.87 1.90 -27.32
C LEU D 588 35.64 1.07 -27.70
N VAL D 589 35.39 0.95 -29.00
CA VAL D 589 34.30 0.07 -29.47
C VAL D 589 34.55 -1.38 -28.99
N ASP D 590 35.79 -1.89 -29.10
CA ASP D 590 36.13 -3.28 -28.72
C ASP D 590 35.75 -3.57 -27.28
N TYR D 591 36.16 -2.67 -26.39
CA TYR D 591 35.80 -2.74 -24.98
C TYR D 591 34.29 -2.71 -24.73
N MET D 592 33.58 -1.80 -25.38
CA MET D 592 32.13 -1.74 -25.18
C MET D 592 31.53 -3.08 -25.61
N GLU D 593 31.92 -3.55 -26.81
CA GLU D 593 31.38 -4.79 -27.35
C GLU D 593 31.69 -5.94 -26.43
N GLU D 594 32.93 -5.97 -25.95
CA GLU D 594 33.37 -6.97 -24.98
C GLU D 594 32.46 -7.00 -23.77
N PHE D 595 32.20 -5.81 -23.22
CA PHE D 595 31.25 -5.63 -22.10
C PHE D 595 29.79 -6.04 -22.40
N VAL D 596 29.29 -5.78 -23.60
CA VAL D 596 27.88 -6.09 -23.93
C VAL D 596 27.63 -7.60 -23.99
N LYS D 597 28.66 -8.36 -24.37
CA LYS D 597 28.52 -9.81 -24.49
C LYS D 597 28.43 -10.50 -23.12
N LYS D 598 28.85 -9.82 -22.05
CA LYS D 598 28.85 -10.44 -20.74
C LYS D 598 27.46 -10.90 -20.34
N THR D 599 27.40 -11.97 -19.56
CA THR D 599 26.15 -12.43 -18.95
C THR D 599 25.83 -11.60 -17.70
N ARG D 600 24.62 -11.77 -17.17
CA ARG D 600 24.26 -11.14 -15.90
C ARG D 600 25.23 -11.55 -14.77
N ARG D 601 25.50 -12.85 -14.64
CA ARG D 601 26.48 -13.36 -13.66
C ARG D 601 27.83 -12.66 -13.79
N GLN D 602 28.33 -12.62 -15.00
CA GLN D 602 29.63 -12.00 -15.25
C GLN D 602 29.67 -10.49 -14.86
N ARG D 603 28.57 -9.77 -15.11
CA ARG D 603 28.48 -8.35 -14.72
C ARG D 603 28.43 -8.12 -13.20
N ILE D 604 27.72 -9.03 -12.53
CA ILE D 604 27.67 -9.04 -11.07
C ILE D 604 29.07 -9.27 -10.48
N ASN D 605 29.78 -10.30 -10.96
CA ASN D 605 31.12 -10.58 -10.48
C ASN D 605 32.08 -9.45 -10.82
N GLN D 606 32.00 -8.93 -12.06
CA GLN D 606 32.87 -7.86 -12.44
C GLN D 606 32.66 -6.64 -11.54
N ARG D 607 31.40 -6.32 -11.20
CA ARG D 607 31.10 -5.22 -10.29
C ARG D 607 31.68 -5.46 -8.89
N ASN D 608 31.59 -6.69 -8.38
CA ASN D 608 32.22 -7.03 -7.09
C ASN D 608 33.72 -6.78 -7.12
N ARG D 609 34.38 -7.20 -8.20
CA ARG D 609 35.79 -6.93 -8.39
C ARG D 609 36.05 -5.41 -8.35
N THR D 610 35.31 -4.68 -9.18
CA THR D 610 35.40 -3.22 -9.18
C THR D 610 35.26 -2.62 -7.78
N GLU D 611 34.28 -3.11 -7.03
CA GLU D 611 34.00 -2.58 -5.70
C GLU D 611 35.18 -2.79 -4.77
N ARG D 612 35.69 -4.02 -4.76
CA ARG D 612 36.89 -4.38 -3.98
C ARG D 612 38.08 -3.47 -4.27
N LEU D 613 38.25 -3.13 -5.54
CA LEU D 613 39.28 -2.18 -5.97
C LEU D 613 39.18 -0.80 -5.32
N SER D 614 37.96 -0.41 -4.94
CA SER D 614 37.69 0.92 -4.43
C SER D 614 38.42 1.25 -3.13
N ASP D 615 38.79 0.24 -2.38
CA ASP D 615 39.61 0.45 -1.17
C ASP D 615 40.92 1.17 -1.47
N LEU D 616 41.51 0.89 -2.63
CA LEU D 616 42.76 1.52 -3.06
C LEU D 616 42.65 2.99 -3.46
N LEU D 617 41.43 3.49 -3.68
CA LEU D 617 41.18 4.90 -3.94
C LEU D 617 40.71 5.67 -2.69
N ASP D 618 40.73 5.02 -1.53
CA ASP D 618 40.30 5.62 -0.26
C ASP D 618 41.47 6.42 0.33
N TRP D 619 41.18 7.54 0.99
CA TRP D 619 42.23 8.33 1.66
C TRP D 619 42.97 7.56 2.76
N LYS D 620 42.37 6.49 3.28
CA LYS D 620 43.06 5.58 4.22
C LYS D 620 44.23 4.85 3.58
N ARG D 621 44.27 4.77 2.26
CA ARG D 621 45.48 4.33 1.56
C ARG D 621 46.20 5.47 0.85
N MET D 622 45.47 6.32 0.13
CA MET D 622 46.08 7.34 -0.74
C MET D 622 46.73 8.48 0.05
N GLY D 623 46.25 8.68 1.28
CA GLY D 623 46.83 9.64 2.22
C GLY D 623 48.19 9.27 2.80
N LEU D 624 48.60 8.00 2.66
CA LEU D 624 49.97 7.56 2.97
C LEU D 624 51.00 8.23 2.06
N GLU D 625 50.62 8.49 0.81
CA GLU D 625 51.48 9.21 -0.12
C GLU D 625 51.72 10.66 0.32
N TYR D 626 50.69 11.30 0.90
CA TYR D 626 50.84 12.63 1.52
C TYR D 626 51.76 12.60 2.76
N VAL D 627 51.78 11.48 3.49
CA VAL D 627 52.77 11.25 4.54
C VAL D 627 54.17 11.15 3.93
N LYS D 628 54.33 10.33 2.89
CA LYS D 628 55.63 10.19 2.20
C LYS D 628 56.19 11.50 1.63
N ALA D 629 55.32 12.37 1.13
CA ALA D 629 55.73 13.70 0.67
C ALA D 629 56.28 14.49 1.85
N ARG D 630 55.57 14.47 2.97
CA ARG D 630 56.00 15.17 4.19
C ARG D 630 57.25 14.59 4.85
N GLN D 631 57.45 13.27 4.76
CA GLN D 631 58.70 12.64 5.25
C GLN D 631 59.90 13.05 4.42
N LEU D 632 59.72 13.17 3.09
CA LEU D 632 60.79 13.61 2.19
C LEU D 632 61.16 15.08 2.38
N ALA D 633 60.17 15.91 2.73
CA ALA D 633 60.41 17.33 3.03
C ALA D 633 61.24 17.50 4.31
N LEU D 634 60.92 16.71 5.34
CA LEU D 634 61.68 16.72 6.61
C LEU D 634 63.07 16.07 6.48
N ARG D 635 63.20 15.06 5.61
CA ARG D 635 64.50 14.45 5.28
C ARG D 635 65.46 15.41 4.57
N ARG D 636 64.94 16.26 3.69
CA ARG D 636 65.75 17.21 2.92
C ARG D 636 66.09 18.49 3.71
N GLY D 637 65.13 19.00 4.48
CA GLY D 637 65.28 20.26 5.22
C GLY D 637 66.11 20.21 6.49
N TYR D 638 66.14 19.05 7.17
CA TYR D 638 66.92 18.85 8.40
C TYR D 638 67.66 17.49 8.39
N PRO D 639 68.57 17.25 7.41
CA PRO D 639 69.11 15.89 7.13
C PRO D 639 69.79 15.16 8.29
N ASP D 640 70.51 15.90 9.15
CA ASP D 640 71.22 15.31 10.29
C ASP D 640 70.27 14.73 11.34
N GLN D 641 69.23 15.48 11.69
CA GLN D 641 68.27 15.07 12.72
C GLN D 641 67.43 13.85 12.31
N PHE D 642 67.22 13.68 11.01
CA PHE D 642 66.43 12.56 10.45
C PHE D 642 67.25 11.27 10.42
N ARG D 643 68.51 11.35 9.97
CA ARG D 643 69.43 10.21 10.01
C ARG D 643 69.59 9.65 11.42
N GLU D 644 69.66 10.54 12.40
CA GLU D 644 69.79 10.15 13.81
C GLU D 644 68.52 9.52 14.40
N LEU D 645 67.36 10.09 14.07
CA LEU D 645 66.07 9.55 14.54
C LEU D 645 65.76 8.15 13.96
N VAL D 646 66.06 7.94 12.68
CA VAL D 646 65.81 6.65 12.00
C VAL D 646 66.96 5.65 12.21
N GLY D 647 68.20 6.15 12.26
CA GLY D 647 69.39 5.32 12.46
C GLY D 647 70.11 4.91 11.18
N GLU D 648 69.89 5.66 10.10
CA GLU D 648 70.57 5.41 8.82
C GLU D 648 70.31 6.56 7.85
N GLU D 649 71.20 6.73 6.86
CA GLU D 649 70.95 7.64 5.73
C GLU D 649 70.37 6.82 4.57
N LEU D 650 69.08 6.97 4.32
CA LEU D 650 68.42 6.39 3.15
C LEU D 650 68.34 7.42 2.02
N ASN D 651 67.97 6.96 0.84
CA ASN D 651 68.07 7.73 -0.42
C ASN D 651 67.33 9.09 -0.37
N ASP D 652 67.89 10.05 -1.09
CA ASP D 652 67.48 11.45 -1.03
C ASP D 652 66.55 11.89 -2.18
N SER D 653 66.59 11.19 -3.32
CA SER D 653 66.06 11.69 -4.59
C SER D 653 64.59 11.37 -4.95
N ASN D 654 63.95 10.48 -4.19
CA ASN D 654 62.56 10.04 -4.45
C ASN D 654 61.71 9.98 -3.17
N MET D 655 60.39 9.98 -3.35
CA MET D 655 59.44 9.66 -2.26
C MET D 655 59.38 8.15 -2.00
N ASP D 656 59.43 7.36 -3.07
CA ASP D 656 59.39 5.88 -2.98
C ASP D 656 60.64 5.29 -2.31
N ALA D 657 61.80 5.88 -2.59
CA ALA D 657 63.09 5.39 -2.09
C ALA D 657 63.30 5.56 -0.58
N LEU D 658 62.54 6.47 0.03
CA LEU D 658 62.50 6.65 1.49
C LEU D 658 61.58 5.58 2.14
N ALA D 659 61.38 5.68 3.44
CA ALA D 659 60.39 4.86 4.16
C ALA D 659 58.96 5.23 3.76
N1 UDP E . 12.10 -30.87 8.55
C2 UDP E . 10.89 -30.40 7.98
N3 UDP E . 10.16 -29.44 8.58
C4 UDP E . 10.55 -28.90 9.75
C5 UDP E . 11.73 -29.36 10.36
C6 UDP E . 12.50 -30.34 9.72
O2 UDP E . 10.48 -30.85 6.89
O4 UDP E . 9.85 -28.01 10.30
C1' UDP E . 12.90 -31.93 7.89
C2' UDP E . 14.24 -31.40 7.36
O2' UDP E . 14.08 -30.89 6.03
C3' UDP E . 15.16 -32.60 7.43
C4' UDP E . 14.51 -33.56 8.40
O4' UDP E . 13.25 -32.99 8.79
O3' UDP E . 15.30 -33.25 6.16
C5' UDP E . 15.35 -33.85 9.63
O5' UDP E . 14.99 -35.15 10.11
PA UDP E . 15.85 -35.97 11.19
O1A UDP E . 15.09 -35.93 12.50
O2A UDP E . 16.18 -37.32 10.59
O3A UDP E . 17.19 -35.10 11.38
PB UDP E . 18.61 -35.61 10.79
O1B UDP E . 19.56 -34.31 10.87
O2B UDP E . 19.16 -36.64 11.75
O3B UDP E . 18.41 -35.97 9.34
C1 G6P F . 21.82 -9.57 5.03
C2 G6P F . 21.30 -8.27 4.43
C3 G6P F . 21.88 -7.04 5.14
C4 G6P F . 21.70 -7.18 6.64
C5 G6P F . 22.23 -8.51 7.15
C6 G6P F . 21.87 -8.78 8.60
O1 G6P F . 23.21 -9.81 4.74
O2 G6P F . 21.58 -8.26 3.03
O3 G6P F . 21.24 -5.85 4.68
O4 G6P F . 22.36 -6.08 7.26
O5 G6P F . 21.61 -9.58 6.44
O6 G6P F . 22.63 -9.89 9.08
P G6P F . 22.28 -10.49 10.53
O1P G6P F . 20.94 -11.16 10.39
O2P G6P F . 23.40 -11.49 10.78
O3P G6P F . 22.26 -9.29 11.45
C1' UDX G . -24.35 25.03 -28.60
C2' UDX G . -25.51 25.79 -29.25
O2' UDX G . -26.05 26.77 -28.37
C3' UDX G . -26.58 24.78 -29.65
O3' UDX G . -27.76 25.46 -30.10
C4' UDX G . -25.97 23.86 -30.73
O4' UDX G . -26.89 22.83 -31.09
C5' UDX G . -24.68 23.22 -30.22
O5' UDX G . -23.79 24.19 -29.64
PB UDX G . -23.84 24.06 -26.12
O1B UDX G . -22.67 25.02 -26.02
O2B UDX G . -24.78 23.95 -24.93
O3B UDX G . -24.74 24.28 -27.45
O3A UDX G . -23.24 22.60 -26.46
PA UDX G . -21.89 22.37 -27.32
O1A UDX G . -22.03 21.04 -28.03
O2A UDX G . -21.55 23.59 -28.15
O5D UDX G . -20.72 22.27 -26.22
C5D UDX G . -20.96 21.85 -24.86
C4D UDX G . -21.02 20.33 -24.82
O4D UDX G . -19.69 19.84 -25.02
C3D UDX G . -21.55 19.80 -23.48
O3D UDX G . -22.84 19.21 -23.63
C2D UDX G . -20.49 18.82 -23.02
O2D UDX G . -21.02 17.49 -22.83
C1D UDX G . -19.39 18.82 -24.08
N1 UDX G . -18.07 19.06 -23.48
C6 UDX G . -17.76 20.26 -22.94
C2 UDX G . -17.08 18.03 -23.47
O2 UDX G . -17.32 16.91 -23.95
N3 UDX G . -15.87 18.25 -22.92
C4 UDX G . -15.55 19.43 -22.36
O4 UDX G . -14.41 19.60 -21.87
C5 UDX G . -16.50 20.47 -22.37
C1 G6P H . -20.25 15.59 -0.17
C2 G6P H . -19.53 14.64 0.76
C3 G6P H . -19.30 15.31 2.08
C4 G6P H . -18.51 16.56 1.85
C5 G6P H . -19.28 17.50 0.97
C6 G6P H . -18.49 18.77 0.68
O1 G6P H . -21.55 15.80 0.38
O2 G6P H . -20.34 13.48 0.97
O3 G6P H . -18.55 14.39 2.89
O4 G6P H . -18.18 17.16 3.11
O5 G6P H . -19.55 16.84 -0.27
O6 G6P H . -19.20 19.58 -0.27
P G6P H . -18.55 21.00 -0.71
O1P G6P H . -17.81 21.59 0.49
O2P G6P H . -17.60 20.54 -1.83
O3P G6P H . -19.74 21.79 -1.21
C1' UDX I . -31.09 -3.36 31.65
C2' UDX I . -32.28 -3.29 32.61
O2' UDX I . -33.52 -3.32 31.90
C3' UDX I . -32.15 -2.03 33.48
O3' UDX I . -33.12 -2.05 34.54
C4' UDX I . -30.75 -1.87 34.10
O4' UDX I . -30.47 -0.46 34.21
C5' UDX I . -29.60 -2.53 33.34
O5' UDX I . -29.96 -3.63 32.50
PB UDX I . -29.89 -1.84 29.70
O1B UDX I . -30.51 -0.85 28.74
O2B UDX I . -28.50 -1.55 30.27
O3B UDX I . -30.94 -2.13 30.90
O3A UDX I . -29.84 -3.24 28.92
PA UDX I . -28.54 -4.20 28.94
O1A UDX I . -28.04 -4.38 30.36
O2A UDX I . -28.98 -5.40 28.16
O5D UDX I . -27.39 -3.37 28.15
C5D UDX I . -27.57 -2.54 27.00
C4D UDX I . -26.33 -1.66 26.89
O4D UDX I . -25.20 -2.49 26.59
C3D UDX I . -26.39 -0.59 25.80
O3D UDX I . -26.20 0.69 26.42
C2D UDX I . -25.26 -0.92 24.83
O2D UDX I . -24.52 0.22 24.38
C1D UDX I . -24.34 -1.77 25.68
N1 UDX I . -23.50 -2.70 24.92
C6 UDX I . -24.07 -3.71 24.24
C2 UDX I . -22.08 -2.57 24.89
O2 UDX I . -21.50 -1.65 25.52
N3 UDX I . -21.32 -3.43 24.20
C4 UDX I . -21.88 -4.44 23.51
O4 UDX I . -21.16 -5.25 22.86
C5 UDX I . -23.28 -4.61 23.52
C1 G6P J . -24.96 3.00 2.03
C2 G6P J . -23.86 3.25 1.00
C3 G6P J . -24.28 2.63 -0.33
C4 G6P J . -24.57 1.15 -0.14
C5 G6P J . -25.55 0.92 1.01
C6 G6P J . -25.66 -0.54 1.36
O1 G6P J . -26.21 3.57 1.61
O2 G6P J . -23.63 4.65 0.84
O3 G6P J . -23.27 2.81 -1.31
O4 G6P J . -25.15 0.71 -1.37
O5 G6P J . -25.14 1.60 2.20
O6 G6P J . -26.87 -0.74 2.08
P G6P J . -27.26 -2.24 2.52
O1P G6P J . -27.25 -3.09 1.26
O2P G6P J . -26.16 -2.59 3.49
O3P G6P J . -28.64 -2.07 3.11
N1 UDP K . 28.93 15.65 -11.28
C2 UDP K . 27.78 15.98 -10.54
N3 UDP K . 26.54 15.82 -11.07
C4 UDP K . 26.39 15.35 -12.32
C5 UDP K . 27.51 15.03 -13.08
C6 UDP K . 28.80 15.19 -12.54
O2 UDP K . 27.89 16.42 -9.36
O4 UDP K . 25.23 15.21 -12.80
C1' UDP K . 30.27 15.84 -10.68
C2' UDP K . 31.13 14.58 -10.60
O2' UDP K . 30.82 13.88 -9.39
C3' UDP K . 32.55 15.14 -10.64
C4' UDP K . 32.38 16.63 -10.92
O4' UDP K . 31.05 16.79 -11.41
O3' UDP K . 33.28 14.94 -9.42
C5' UDP K . 33.40 17.21 -11.88
O5' UDP K . 33.26 16.63 -13.17
PA UDP K . 34.42 16.92 -14.25
O1A UDP K . 34.66 18.42 -14.27
O2A UDP K . 34.17 16.15 -15.53
O3A UDP K . 35.65 16.18 -13.51
PB UDP K . 37.18 16.70 -13.59
O1B UDP K . 37.48 17.43 -12.30
O2B UDP K . 37.40 17.42 -14.91
O3B UDP K . 37.93 15.28 -13.67
C1 G6P L . 22.03 -6.91 -8.48
C2 G6P L . 20.81 -7.47 -7.80
C3 G6P L . 20.39 -8.71 -8.56
C4 G6P L . 20.10 -8.31 -10.00
C5 G6P L . 21.36 -7.77 -10.62
C6 G6P L . 21.13 -7.28 -12.05
O1 G6P L . 23.04 -7.89 -8.29
O2 G6P L . 21.12 -7.78 -6.43
O3 G6P L . 19.19 -9.19 -7.97
O4 G6P L . 19.64 -9.45 -10.75
O5 G6P L . 21.81 -6.66 -9.87
O6 G6P L . 22.37 -6.71 -12.52
P G6P L . 22.50 -6.18 -14.04
O1P G6P L . 21.70 -7.16 -14.90
O2P G6P L . 24.02 -6.12 -14.26
O3P G6P L . 21.86 -4.81 -13.91
#